data_8QLP
#
_entry.id   8QLP
#
_cell.length_a   1.00
_cell.length_b   1.00
_cell.length_c   1.00
_cell.angle_alpha   90.00
_cell.angle_beta   90.00
_cell.angle_gamma   90.00
#
_symmetry.space_group_name_H-M   'P 1'
#
loop_
_entity.id
_entity.type
_entity.pdbx_description
1 polymer 'Toll/interleukin-1 receptor domain-containing protein'
2 polymer 'Short prokaryotic Argonaute'
3 polymer "RNA (5'-R(*AP*UP*GP*AP*CP*GP*GP*CP*UP*CP*UP*AP*AP*UP*CP*UP*AP*UP*UP*AP*GP*U)-3')"
4 polymer "DNA (5'-D(*AP*CP*TP*AP*AP*TP*AP*GP*AP*TP*TP*AP*GP*AP*GP*CP*CP*GP*TP*C)-3')"
5 non-polymer 'MAGNESIUM ION'
#
loop_
_entity_poly.entity_id
_entity_poly.type
_entity_poly.pdbx_seq_one_letter_code
_entity_poly.pdbx_strand_id
1 'polypeptide(L)'
;SNARNKIFISHAAPDDNDFTKWLALKLIALGYEVWCDVLFLDKGADFWKVIDKEIREGAIKFLLATSEIAIKRDGVLKEI
AVAEKVKKQLKDDNFIIPLIIDENLSYDDLPPEIIRLNAVDFKKSWAVGLQDLLKALDDQKVEKNSPDPDKSNALYQQIF
LHNKGIIEREEIYDSNWFSILSFPKELRFHDYEKLMPKGFDVRELTYPAVRYKNYLCTFAWEYDFMHQLPKTETYNSSQT
IRIPTEEILSGKYDSPFIGNFECQRLIVQLLNKAFELRMKEKGVREYPMSNKMGYWFEKGKLEKDKFNKVLLVGKQKDKH
WHFGISAAGKLYPFPVLMISSHIFFTKDGKELIESKKIQHAARRRQGKNWWNDDWRNKLLAFVKYLSDDENSFYLEVGSE
EKIYISNEPVQFVGKVSYNMPEKNNLKDEAEISDLNDLNEFDGEIFEETDSE
;
A,E,I,M
2 'polypeptide(L)'
;MKELIYIHEPNILFANGQKCADPRDGLALFGPFTKIYGIKSGVVGTQYGLSIFKNYINHIQKPIYNANNITRPMFPGFEA
VFGCKWDADNVVFKEVTKEEIEKILYTESNHKRTYDLVSLFINKIITANKNEDEKVDVWFLVIPDEIYQYCRPNSVLPKD
LVQTKSLITKSKAKSFRYEPTLFENINKELKEQEKEAITYNYDAQFHDQLKARLLEHTIPTQILRESTLAWRDFKNKFGA
PKRDFSKIEGHLAWTISTAAFYKAGGKPWKLSDIRSGVCYLGLVYKQIEKSSNPKNACCAAQMFLDNGDGTVFKGEVGPW
YNQEKHEFHLNPKEAKALLTQALNSYKEQNGVFPKEIFIHAKTKFNGQEWNAFQEVTPEGTNLVGVTITKTKPLKLFKSE
GNYPIMRGNAFIVNERSAFLWTVGYVPKTESTLSMEVPNPIFIEINKGEADIEQVLKDVLALTKLNYNACIYADGVPVTL
RFADKIGEILTASTELKAPPLAFKYYI
;
B,F,J,N
3 'polyribonucleotide' UGACGGCUCUAAUCUAUUAGU C,G,K,O
4 'polydeoxyribonucleotide'
;(DC)(DA)(DA)(DC)(DT)(DA)(DA)(DT)(DA)(DG)(DA)(DT)(DT)(DA)(DG)(DA)(DG)(DC)(DC)(DG)
(DT)(DC)(DA)(DA)(DT)
;
D,H,L,P
#
# COMPACT_ATOMS: atom_id res chain seq x y z
N ALA A 3 -22.17 -1.81 38.78
CA ALA A 3 -21.94 -1.76 37.34
C ALA A 3 -20.53 -1.28 37.02
N ARG A 4 -20.10 -1.51 35.79
CA ARG A 4 -18.79 -1.04 35.35
C ARG A 4 -18.84 0.45 35.06
N ASN A 5 -18.28 1.25 35.97
CA ASN A 5 -18.21 2.70 35.80
C ASN A 5 -16.85 3.20 36.22
N LYS A 6 -15.80 2.44 35.93
CA LYS A 6 -14.46 2.78 36.33
C LYS A 6 -13.53 2.68 35.13
N ILE A 7 -12.50 3.52 35.13
CA ILE A 7 -11.54 3.61 34.03
C ILE A 7 -10.21 3.07 34.52
N PHE A 8 -9.88 1.84 34.12
CA PHE A 8 -8.62 1.25 34.53
C PHE A 8 -7.45 1.96 33.85
N ILE A 9 -6.40 2.20 34.61
CA ILE A 9 -5.18 2.82 34.11
C ILE A 9 -4.02 1.88 34.42
N SER A 10 -3.39 1.36 33.37
CA SER A 10 -2.27 0.44 33.53
C SER A 10 -0.98 1.11 33.07
N HIS A 11 0.13 0.69 33.68
CA HIS A 11 1.42 1.33 33.37
C HIS A 11 2.55 0.68 34.14
N ALA A 12 3.78 1.12 33.87
CA ALA A 12 4.94 0.62 34.57
C ALA A 12 4.93 1.14 36.01
N ALA A 13 5.20 0.25 36.96
CA ALA A 13 5.11 0.62 38.37
C ALA A 13 6.11 1.69 38.79
N PRO A 14 7.42 1.59 38.49
CA PRO A 14 8.37 2.52 39.12
C PRO A 14 8.61 3.81 38.35
N ASP A 15 8.20 3.88 37.09
CA ASP A 15 8.56 4.99 36.23
C ASP A 15 7.37 5.82 35.76
N ASP A 16 6.32 5.18 35.26
CA ASP A 16 5.17 5.91 34.72
C ASP A 16 4.28 6.49 35.81
N ASN A 17 4.73 6.51 37.06
CA ASN A 17 3.92 7.00 38.16
C ASN A 17 3.47 8.44 37.94
N ASP A 18 4.41 9.29 37.53
CA ASP A 18 4.15 10.73 37.39
C ASP A 18 3.00 11.00 36.43
N PHE A 19 3.05 10.41 35.24
CA PHE A 19 1.98 10.61 34.27
C PHE A 19 0.65 10.11 34.80
N THR A 20 0.61 8.87 35.27
CA THR A 20 -0.65 8.28 35.70
C THR A 20 -1.22 9.03 36.89
N LYS A 21 -0.36 9.48 37.80
CA LYS A 21 -0.85 10.22 38.96
C LYS A 21 -1.52 11.51 38.53
N TRP A 22 -0.90 12.25 37.61
CA TRP A 22 -1.51 13.48 37.12
C TRP A 22 -2.82 13.19 36.40
N LEU A 23 -2.82 12.21 35.50
CA LEU A 23 -4.01 11.94 34.69
C LEU A 23 -5.14 11.40 35.54
N ALA A 24 -4.83 10.47 36.45
CA ALA A 24 -5.86 9.92 37.31
C ALA A 24 -6.50 11.01 38.15
N LEU A 25 -5.66 11.86 38.76
CA LEU A 25 -6.18 12.97 39.53
C LEU A 25 -6.96 13.94 38.63
N LYS A 26 -6.47 14.15 37.42
CA LYS A 26 -7.18 15.00 36.48
C LYS A 26 -8.56 14.42 36.14
N LEU A 27 -8.61 13.10 35.88
CA LEU A 27 -9.88 12.48 35.55
C LEU A 27 -10.80 12.45 36.76
N ILE A 28 -10.25 12.19 37.95
CA ILE A 28 -11.06 12.23 39.16
C ILE A 28 -11.64 13.61 39.38
N ALA A 29 -10.84 14.65 39.14
CA ALA A 29 -11.32 16.01 39.32
C ALA A 29 -12.46 16.34 38.37
N LEU A 30 -12.63 15.56 37.31
CA LEU A 30 -13.69 15.80 36.34
C LEU A 30 -14.94 14.98 36.58
N GLY A 31 -14.99 14.19 37.65
CA GLY A 31 -16.15 13.39 37.99
C GLY A 31 -16.04 11.93 37.64
N TYR A 32 -14.98 11.52 36.97
CA TYR A 32 -14.82 10.11 36.63
C TYR A 32 -14.46 9.29 37.87
N GLU A 33 -14.58 7.97 37.72
CA GLU A 33 -14.15 7.01 38.73
C GLU A 33 -12.95 6.28 38.16
N VAL A 34 -11.78 6.55 38.71
CA VAL A 34 -10.52 6.02 38.20
C VAL A 34 -9.99 4.97 39.15
N TRP A 35 -9.41 3.92 38.56
CA TRP A 35 -8.80 2.84 39.36
C TRP A 35 -7.36 2.65 38.93
N CYS A 36 -6.45 3.16 39.74
CA CYS A 36 -5.02 3.02 39.47
C CYS A 36 -4.36 2.33 40.66
N ASP A 37 -3.39 1.46 40.36
CA ASP A 37 -2.67 0.78 41.43
C ASP A 37 -1.92 1.77 42.30
N VAL A 38 -1.37 2.82 41.68
CA VAL A 38 -0.69 3.89 42.47
C VAL A 38 -1.76 4.63 43.28
N LEU A 39 -2.89 4.95 42.64
CA LEU A 39 -4.00 5.64 43.34
C LEU A 39 -4.53 4.73 44.46
N PHE A 40 -4.68 3.43 44.17
CA PHE A 40 -5.17 2.46 45.19
C PHE A 40 -3.98 1.80 45.88
N PHE A 47 -2.67 -9.73 44.94
CA PHE A 47 -3.18 -8.44 44.39
C PHE A 47 -3.56 -8.65 42.92
N TRP A 48 -2.86 -9.57 42.23
CA TRP A 48 -3.15 -9.83 40.80
C TRP A 48 -4.62 -10.20 40.62
N LYS A 49 -5.14 -11.06 41.50
CA LYS A 49 -6.59 -11.42 41.44
C LYS A 49 -7.39 -10.12 41.40
N VAL A 50 -7.11 -9.19 42.32
CA VAL A 50 -7.88 -7.92 42.39
C VAL A 50 -7.74 -7.19 41.06
N ILE A 51 -6.51 -7.03 40.55
CA ILE A 51 -6.30 -6.28 39.28
C ILE A 51 -7.19 -6.88 38.20
N ASP A 52 -7.16 -8.20 38.04
CA ASP A 52 -7.98 -8.88 37.01
C ASP A 52 -9.46 -8.58 37.28
N LYS A 53 -9.90 -8.74 38.53
CA LYS A 53 -11.32 -8.50 38.90
C LYS A 53 -11.81 -7.21 38.23
N GLU A 54 -11.18 -6.08 38.52
CA GLU A 54 -11.68 -4.79 37.98
C GLU A 54 -11.77 -4.90 36.45
N ILE A 55 -10.68 -5.29 35.80
CA ILE A 55 -10.65 -5.34 34.31
C ILE A 55 -11.77 -6.26 33.82
N ARG A 56 -12.12 -7.27 34.62
CA ARG A 56 -13.13 -8.28 34.18
C ARG A 56 -14.56 -7.82 34.49
N GLU A 57 -14.77 -6.97 35.51
CA GLU A 57 -16.17 -6.65 35.87
C GLU A 57 -16.35 -5.16 36.13
N GLY A 58 -15.38 -4.52 36.77
CA GLY A 58 -15.51 -3.12 37.14
C GLY A 58 -15.09 -2.11 36.09
N ALA A 59 -14.10 -2.46 35.27
CA ALA A 59 -13.55 -1.50 34.33
C ALA A 59 -14.50 -1.27 33.16
N ILE A 60 -14.62 -0.02 32.74
CA ILE A 60 -15.35 0.32 31.52
C ILE A 60 -14.43 0.78 30.40
N LYS A 61 -13.25 1.27 30.72
CA LYS A 61 -12.23 1.60 29.73
C LYS A 61 -10.90 1.09 30.24
N PHE A 62 -9.98 0.82 29.31
CA PHE A 62 -8.64 0.37 29.66
C PHE A 62 -7.64 1.31 29.02
N LEU A 63 -7.20 2.31 29.77
CA LEU A 63 -6.23 3.27 29.27
C LEU A 63 -4.83 2.74 29.53
N LEU A 64 -4.06 2.59 28.47
CA LEU A 64 -2.72 2.03 28.55
C LEU A 64 -1.71 3.15 28.45
N ALA A 65 -1.04 3.45 29.56
CA ALA A 65 0.05 4.42 29.53
C ALA A 65 1.24 3.77 28.82
N THR A 66 1.32 3.98 27.52
CA THR A 66 2.24 3.24 26.66
C THR A 66 3.56 3.98 26.57
N SER A 67 4.66 3.26 26.79
CA SER A 67 6.00 3.84 26.71
C SER A 67 6.96 2.74 26.32
N GLU A 68 8.23 3.11 26.13
CA GLU A 68 9.24 2.14 25.72
C GLU A 68 9.49 1.07 26.76
N ILE A 69 9.02 1.25 27.99
CA ILE A 69 9.15 0.24 29.02
C ILE A 69 7.82 -0.41 29.38
N ALA A 70 6.70 0.30 29.21
CA ALA A 70 5.40 -0.29 29.52
C ALA A 70 5.03 -1.41 28.56
N ILE A 71 5.68 -1.48 27.40
CA ILE A 71 5.45 -2.56 26.45
C ILE A 71 6.46 -3.68 26.58
N LYS A 72 7.51 -3.49 27.38
CA LYS A 72 8.45 -4.55 27.71
C LYS A 72 8.23 -5.08 29.12
N ARG A 73 7.17 -4.64 29.79
CA ARG A 73 6.89 -5.05 31.15
C ARG A 73 5.94 -6.24 31.12
N ASP A 74 6.39 -7.37 31.68
CA ASP A 74 5.63 -8.61 31.59
C ASP A 74 4.28 -8.48 32.26
N GLY A 75 4.22 -7.80 33.41
CA GLY A 75 2.96 -7.65 34.11
C GLY A 75 1.96 -6.76 33.41
N VAL A 76 2.42 -5.82 32.58
CA VAL A 76 1.50 -4.96 31.85
C VAL A 76 0.84 -5.71 30.70
N LEU A 77 1.63 -6.48 29.96
CA LEU A 77 1.08 -7.24 28.84
C LEU A 77 0.02 -8.22 29.30
N LYS A 78 0.15 -8.76 30.51
CA LYS A 78 -0.90 -9.60 31.06
C LYS A 78 -2.19 -8.82 31.27
N GLU A 79 -2.07 -7.58 31.75
CA GLU A 79 -3.25 -6.73 31.87
C GLU A 79 -3.82 -6.39 30.50
N ILE A 80 -2.96 -6.24 29.50
CA ILE A 80 -3.44 -6.06 28.13
C ILE A 80 -4.17 -7.32 27.66
N ALA A 81 -3.58 -8.48 27.93
CA ALA A 81 -4.14 -9.74 27.45
C ALA A 81 -5.53 -9.97 28.00
N VAL A 82 -5.73 -9.74 29.31
CA VAL A 82 -7.07 -9.83 29.86
C VAL A 82 -7.95 -8.71 29.33
N ALA A 83 -7.38 -7.53 29.11
CA ALA A 83 -8.16 -6.44 28.54
C ALA A 83 -8.66 -6.78 27.14
N GLU A 84 -7.79 -7.36 26.32
CA GLU A 84 -8.24 -7.82 24.97
C GLU A 84 -9.44 -8.74 25.17
N LYS A 85 -9.34 -9.70 26.09
CA LYS A 85 -10.42 -10.68 26.32
C LYS A 85 -11.71 -9.98 26.73
N VAL A 86 -11.66 -9.08 27.73
CA VAL A 86 -12.88 -8.40 28.22
C VAL A 86 -13.48 -7.57 27.10
N LYS A 87 -12.64 -6.90 26.31
CA LYS A 87 -13.13 -6.03 25.21
C LYS A 87 -14.08 -6.83 24.31
N LYS A 88 -13.75 -8.09 24.01
CA LYS A 88 -14.57 -8.91 23.09
C LYS A 88 -15.96 -9.15 23.68
N GLN A 89 -16.04 -9.57 24.95
CA GLN A 89 -17.35 -9.92 25.58
C GLN A 89 -18.26 -8.69 25.60
N LEU A 90 -17.69 -7.50 25.81
CA LEU A 90 -18.47 -6.27 25.88
C LEU A 90 -18.94 -5.78 24.52
N LYS A 91 -18.46 -6.39 23.44
CA LYS A 91 -18.77 -5.96 22.08
C LYS A 91 -18.45 -4.47 21.90
N ASP A 92 -17.34 -4.03 22.48
CA ASP A 92 -16.88 -2.64 22.38
C ASP A 92 -15.49 -2.65 21.77
N ASP A 93 -15.39 -2.23 20.51
CA ASP A 93 -14.07 -2.05 19.91
C ASP A 93 -13.27 -1.01 20.65
N ASN A 94 -13.94 0.01 21.20
CA ASN A 94 -13.27 1.11 21.87
C ASN A 94 -13.16 0.83 23.37
N PHE A 95 -12.34 -0.18 23.69
CA PHE A 95 -12.08 -0.52 25.08
C PHE A 95 -10.67 -0.18 25.52
N ILE A 96 -9.67 -0.49 24.71
CA ILE A 96 -8.28 -0.19 25.04
C ILE A 96 -7.88 1.08 24.31
N ILE A 97 -7.42 2.07 25.06
CA ILE A 97 -7.04 3.37 24.49
C ILE A 97 -5.56 3.62 24.79
N PRO A 98 -4.68 3.44 23.82
CA PRO A 98 -3.21 3.52 24.03
C PRO A 98 -2.65 4.93 24.17
N LEU A 99 -2.63 5.44 25.39
CA LEU A 99 -2.00 6.74 25.62
C LEU A 99 -0.50 6.65 25.41
N ILE A 100 -0.01 7.17 24.28
CA ILE A 100 1.41 7.15 23.99
C ILE A 100 2.05 8.39 24.59
N ILE A 101 3.02 8.20 25.48
CA ILE A 101 3.65 9.30 26.19
C ILE A 101 5.13 9.42 25.86
N ASP A 102 5.82 8.30 25.66
CA ASP A 102 7.26 8.35 25.45
C ASP A 102 7.59 9.06 24.15
N GLU A 103 8.65 9.86 24.17
CA GLU A 103 9.07 10.58 22.97
C GLU A 103 9.51 9.62 21.88
N ASN A 104 10.32 8.62 22.23
CA ASN A 104 10.98 7.76 21.26
C ASN A 104 10.15 6.58 20.82
N LEU A 105 8.96 6.41 21.39
CA LEU A 105 8.03 5.37 20.95
C LEU A 105 7.33 5.86 19.68
N SER A 106 7.69 5.27 18.53
CA SER A 106 7.12 5.69 17.26
C SER A 106 6.57 4.48 16.51
N TYR A 107 5.37 4.05 16.91
CA TYR A 107 4.44 3.28 16.09
C TYR A 107 5.10 2.21 15.23
N ASP A 108 6.22 1.67 15.70
CA ASP A 108 6.90 0.58 15.00
C ASP A 108 7.40 -0.47 15.98
N ASP A 109 7.27 -0.23 17.28
CA ASP A 109 7.70 -1.19 18.29
C ASP A 109 6.55 -1.58 19.20
N LEU A 110 5.38 -1.00 18.88
CA LEU A 110 4.16 -1.24 19.68
C LEU A 110 3.89 -2.74 19.75
N PRO A 111 3.28 -3.23 20.82
CA PRO A 111 3.09 -4.63 20.96
C PRO A 111 1.92 -4.98 20.02
N PRO A 112 1.81 -6.22 19.47
CA PRO A 112 0.79 -6.53 18.45
C PRO A 112 -0.67 -6.37 18.93
N GLU A 113 -0.90 -6.36 20.25
CA GLU A 113 -2.29 -6.28 20.76
C GLU A 113 -2.75 -4.82 20.77
N ILE A 114 -1.86 -3.88 20.45
CA ILE A 114 -2.21 -2.43 20.52
C ILE A 114 -1.90 -1.77 19.17
N ILE A 115 -1.06 -2.39 18.34
CA ILE A 115 -0.64 -1.75 17.06
C ILE A 115 -1.87 -1.45 16.19
N ARG A 116 -2.84 -2.36 16.14
CA ARG A 116 -4.05 -2.17 15.27
C ARG A 116 -4.85 -0.97 15.75
N LEU A 117 -4.56 -0.44 16.94
CA LEU A 117 -5.40 0.62 17.48
C LEU A 117 -4.76 1.99 17.25
N ASN A 118 -5.59 3.03 17.26
CA ASN A 118 -5.11 4.40 17.16
C ASN A 118 -4.89 4.96 18.55
N ALA A 119 -3.70 5.51 18.79
CA ALA A 119 -3.34 6.01 20.09
C ALA A 119 -3.99 7.36 20.36
N VAL A 120 -3.85 7.83 21.60
CA VAL A 120 -4.10 9.22 21.96
C VAL A 120 -2.74 9.85 22.24
N ASP A 121 -2.42 10.92 21.53
CA ASP A 121 -1.06 11.43 21.50
C ASP A 121 -0.80 12.29 22.73
N PHE A 122 0.19 11.90 23.53
CA PHE A 122 0.71 12.72 24.61
C PHE A 122 2.17 13.07 24.42
N LYS A 123 2.74 12.77 23.25
CA LYS A 123 4.17 12.97 23.05
C LYS A 123 4.55 14.45 23.02
N LYS A 124 3.73 15.31 22.45
CA LYS A 124 4.07 16.71 22.28
C LYS A 124 3.59 17.61 23.41
N SER A 125 2.43 17.35 23.99
CA SER A 125 2.02 18.09 25.20
C SER A 125 0.90 17.32 25.86
N TRP A 126 0.96 17.25 27.20
CA TRP A 126 -0.05 16.51 27.95
C TRP A 126 -1.42 17.16 27.85
N ALA A 127 -1.46 18.48 27.71
CA ALA A 127 -2.74 19.18 27.78
C ALA A 127 -3.63 18.84 26.58
N VAL A 128 -3.05 18.79 25.39
CA VAL A 128 -3.84 18.42 24.22
C VAL A 128 -4.24 16.95 24.30
N GLY A 129 -3.36 16.11 24.83
CA GLY A 129 -3.72 14.70 24.99
C GLY A 129 -4.89 14.51 25.91
N LEU A 130 -4.88 15.20 27.05
CA LEU A 130 -6.04 15.16 27.94
C LEU A 130 -7.26 15.73 27.25
N GLN A 131 -7.07 16.77 26.44
CA GLN A 131 -8.17 17.28 25.62
C GLN A 131 -8.63 16.21 24.64
N ASP A 132 -7.69 15.47 24.05
CA ASP A 132 -8.06 14.37 23.17
C ASP A 132 -8.76 13.26 23.94
N LEU A 133 -8.20 12.90 25.10
CA LEU A 133 -8.79 11.80 25.91
C LEU A 133 -10.24 12.13 26.25
N LEU A 134 -10.48 13.33 26.80
CA LEU A 134 -11.87 13.73 27.21
C LEU A 134 -12.79 13.64 25.99
N LYS A 135 -12.31 14.08 24.82
CA LYS A 135 -13.13 14.02 23.59
C LYS A 135 -13.54 12.56 23.34
N ALA A 136 -12.58 11.64 23.39
CA ALA A 136 -12.88 10.20 23.17
C ALA A 136 -13.89 9.72 24.21
N LEU A 137 -13.70 10.10 25.48
CA LEU A 137 -14.59 9.62 26.57
C LEU A 137 -16.02 10.06 26.28
N ASP A 138 -16.23 11.33 25.92
CA ASP A 138 -17.60 11.83 25.64
C ASP A 138 -18.11 11.20 24.34
N ASP A 139 -17.23 11.09 23.32
CA ASP A 139 -17.63 10.43 22.06
C ASP A 139 -18.13 9.03 22.37
N GLN A 140 -17.55 8.37 23.38
CA GLN A 140 -17.94 7.02 23.74
C GLN A 140 -18.91 6.99 24.92
N LYS A 141 -19.41 8.15 25.35
CA LYS A 141 -20.51 8.26 26.31
C LYS A 141 -20.18 7.56 27.63
N VAL A 142 -18.93 7.69 28.08
CA VAL A 142 -18.57 7.18 29.39
C VAL A 142 -19.20 8.06 30.46
N GLU A 143 -20.00 7.45 31.34
CA GLU A 143 -20.67 8.22 32.37
C GLU A 143 -19.67 8.74 33.39
N LYS A 144 -19.99 9.89 33.96
CA LYS A 144 -19.13 10.51 34.95
C LYS A 144 -19.99 11.27 35.95
N ASN A 145 -19.58 11.24 37.21
CA ASN A 145 -20.32 11.91 38.27
C ASN A 145 -20.03 13.40 38.22
N SER A 146 -20.56 14.15 39.18
CA SER A 146 -20.20 15.55 39.31
C SER A 146 -18.79 15.67 39.87
N PRO A 147 -17.96 16.62 39.38
CA PRO A 147 -16.57 16.75 39.83
C PRO A 147 -16.49 17.39 41.22
N ASP A 148 -17.42 17.03 42.11
CA ASP A 148 -17.45 17.64 43.46
C ASP A 148 -16.04 17.59 44.06
N PRO A 149 -15.52 18.69 44.65
CA PRO A 149 -14.21 18.68 45.29
C PRO A 149 -14.33 18.20 46.74
N ASP A 150 -15.25 17.27 47.00
CA ASP A 150 -15.43 16.72 48.38
C ASP A 150 -14.85 15.31 48.42
N LYS A 151 -15.60 14.31 47.95
CA LYS A 151 -15.04 12.93 47.89
C LYS A 151 -13.77 12.98 47.05
N SER A 152 -13.78 13.78 45.98
CA SER A 152 -12.57 13.95 45.15
C SER A 152 -11.46 14.55 46.02
N ASN A 153 -11.82 15.52 46.88
CA ASN A 153 -10.82 16.12 47.80
C ASN A 153 -10.19 15.01 48.63
N ALA A 154 -11.02 14.06 49.10
CA ALA A 154 -10.50 12.94 49.92
C ALA A 154 -9.37 12.24 49.16
N LEU A 155 -9.63 11.87 47.91
CA LEU A 155 -8.59 11.16 47.10
C LEU A 155 -7.38 12.07 46.97
N TYR A 156 -7.61 13.37 46.72
CA TYR A 156 -6.48 14.32 46.53
C TYR A 156 -5.57 14.27 47.77
N GLN A 157 -6.16 14.39 48.95
CA GLN A 157 -5.36 14.38 50.20
C GLN A 157 -4.76 12.99 50.39
N GLN A 158 -5.60 11.95 50.31
CA GLN A 158 -5.10 10.56 50.43
C GLN A 158 -3.87 10.41 49.54
N ILE A 159 -3.82 11.18 48.46
CA ILE A 159 -2.67 11.09 47.50
C ILE A 159 -1.58 12.07 47.93
N PHE A 160 -1.91 13.35 48.19
CA PHE A 160 -0.83 14.33 48.47
C PHE A 160 -1.19 15.22 49.66
N LEU A 161 -2.39 15.77 49.70
CA LEU A 161 -2.79 16.69 50.77
C LEU A 161 -3.13 15.99 52.09
N HIS A 162 -2.67 14.77 52.30
CA HIS A 162 -2.86 14.11 53.60
C HIS A 162 -1.43 13.85 53.96
N ASN A 163 -0.62 13.63 52.93
CA ASN A 163 0.83 13.50 53.21
C ASN A 163 1.31 14.74 53.96
N LYS A 164 0.67 15.88 53.73
CA LYS A 164 1.06 17.16 54.40
C LYS A 164 1.07 16.92 55.92
N GLY A 165 0.52 15.79 56.37
CA GLY A 165 0.42 15.52 57.82
C GLY A 165 1.72 15.78 58.55
N ILE A 166 1.64 16.33 59.77
CA ILE A 166 2.86 16.64 60.57
C ILE A 166 2.93 15.67 61.76
N ILE A 167 3.89 14.74 61.74
CA ILE A 167 4.06 13.79 62.84
C ILE A 167 4.10 14.57 64.14
N GLU A 168 3.29 14.15 65.10
CA GLU A 168 3.05 14.91 66.32
C GLU A 168 3.81 14.32 67.51
N ARG A 169 5.05 13.87 67.28
CA ARG A 169 5.88 13.42 68.38
C ARG A 169 6.82 14.53 68.83
N GLU A 170 7.42 14.35 70.00
CA GLU A 170 8.21 15.37 70.65
C GLU A 170 9.69 15.18 70.32
N GLU A 171 10.35 16.25 69.87
CA GLU A 171 11.76 16.22 69.57
C GLU A 171 12.51 17.17 70.49
N ILE A 172 13.82 16.97 70.59
CA ILE A 172 14.71 17.79 71.39
C ILE A 172 15.69 18.48 70.45
N TYR A 173 15.75 19.80 70.52
CA TYR A 173 16.64 20.59 69.69
C TYR A 173 17.73 21.21 70.54
N ASP A 174 18.97 21.04 70.09
CA ASP A 174 20.14 21.62 70.74
C ASP A 174 20.49 22.92 70.04
N SER A 175 20.31 24.04 70.74
CA SER A 175 20.57 25.35 70.17
C SER A 175 22.04 25.71 70.35
N ASN A 176 22.38 26.97 70.13
CA ASN A 176 23.73 27.47 70.39
C ASN A 176 23.74 28.54 71.49
N TRP A 177 22.75 28.52 72.37
CA TRP A 177 22.69 29.43 73.51
C TRP A 177 23.21 28.73 74.76
N PHE A 178 24.23 29.31 75.38
CA PHE A 178 24.80 28.80 76.62
C PHE A 178 24.51 29.78 77.73
N SER A 179 23.63 29.40 78.64
CA SER A 179 23.17 30.32 79.69
C SER A 179 24.29 30.61 80.68
N ILE A 180 24.25 31.80 81.27
CA ILE A 180 25.16 32.16 82.35
C ILE A 180 24.62 31.55 83.63
N LEU A 181 25.37 30.61 84.22
CA LEU A 181 24.89 29.95 85.42
C LEU A 181 24.87 30.92 86.61
N SER A 182 25.90 31.74 86.76
CA SER A 182 25.99 32.61 87.93
C SER A 182 26.68 33.92 87.58
N PHE A 183 26.31 34.96 88.32
CA PHE A 183 26.88 36.29 88.36
C PHE A 183 27.23 36.65 89.80
N PRO A 184 28.22 37.51 90.01
CA PRO A 184 28.41 38.10 91.34
C PRO A 184 27.14 38.84 91.76
N LYS A 185 26.82 38.73 93.05
CA LYS A 185 25.55 39.25 93.55
C LYS A 185 25.52 40.78 93.60
N GLU A 186 26.67 41.43 93.47
CA GLU A 186 26.75 42.87 93.65
C GLU A 186 27.61 43.48 92.56
N LEU A 187 27.19 44.63 92.04
CA LEU A 187 27.96 45.39 91.08
C LEU A 187 28.54 46.61 91.76
N ARG A 188 29.82 46.88 91.51
CA ARG A 188 30.59 47.88 92.26
C ARG A 188 31.07 48.96 91.32
N PHE A 189 30.92 50.21 91.74
CA PHE A 189 31.37 51.37 90.98
C PHE A 189 32.48 52.07 91.76
N HIS A 190 33.73 51.76 91.42
CA HIS A 190 34.88 52.33 92.08
C HIS A 190 35.18 53.73 91.54
N ASP A 191 36.04 54.45 92.25
CA ASP A 191 36.43 55.80 91.85
C ASP A 191 37.95 55.89 91.83
N TYR A 192 38.52 55.94 90.62
CA TYR A 192 39.94 56.17 90.46
C TYR A 192 40.22 57.32 89.49
N GLU A 193 39.31 58.29 89.40
CA GLU A 193 39.50 59.40 88.47
C GLU A 193 40.75 60.18 88.79
N LYS A 194 41.00 60.45 90.07
CA LYS A 194 42.25 61.04 90.51
C LYS A 194 43.41 60.05 90.48
N LEU A 195 43.11 58.75 90.34
CA LEU A 195 44.13 57.71 90.37
C LEU A 195 44.36 57.09 89.00
N MET A 196 43.72 57.61 87.96
CA MET A 196 43.84 57.04 86.63
C MET A 196 44.77 57.91 85.80
N PRO A 197 46.00 57.45 85.52
CA PRO A 197 46.93 58.29 84.74
C PRO A 197 46.41 58.55 83.33
N LYS A 198 46.72 59.73 82.82
CA LYS A 198 46.24 60.13 81.50
C LYS A 198 46.79 59.19 80.43
N GLY A 199 45.94 58.86 79.47
CA GLY A 199 46.33 58.02 78.35
C GLY A 199 46.28 56.53 78.63
N PHE A 200 45.83 56.11 79.79
CA PHE A 200 45.80 54.68 80.11
C PHE A 200 44.50 54.06 79.59
N ASP A 201 44.64 52.92 78.92
CA ASP A 201 43.50 52.20 78.35
C ASP A 201 42.86 51.35 79.44
N VAL A 202 41.55 51.47 79.62
CA VAL A 202 40.84 50.60 80.55
C VAL A 202 40.82 49.16 80.05
N ARG A 203 41.08 48.94 78.77
CA ARG A 203 41.09 47.59 78.20
C ARG A 203 42.35 46.82 78.54
N GLU A 204 43.41 47.48 78.99
CA GLU A 204 44.67 46.82 79.30
C GLU A 204 44.74 46.29 80.73
N LEU A 205 43.71 46.53 81.54
CA LEU A 205 43.68 46.02 82.89
C LEU A 205 43.57 44.49 82.88
N THR A 206 44.12 43.87 83.93
CA THR A 206 44.10 42.41 84.01
C THR A 206 42.69 41.87 84.13
N TYR A 207 41.79 42.66 84.72
CA TYR A 207 40.40 42.27 84.86
C TYR A 207 39.49 43.20 84.06
N PRO A 208 38.36 42.70 83.56
CA PRO A 208 37.45 43.58 82.81
C PRO A 208 36.95 44.73 83.67
N ALA A 209 36.84 45.90 83.05
CA ALA A 209 36.41 47.10 83.74
C ALA A 209 36.03 48.14 82.69
N VAL A 210 35.02 48.95 83.00
CA VAL A 210 34.52 49.97 82.09
C VAL A 210 34.50 51.30 82.81
N ARG A 211 34.94 52.36 82.13
CA ARG A 211 34.97 53.70 82.71
C ARG A 211 33.66 54.40 82.40
N TYR A 212 32.73 54.34 83.34
CA TYR A 212 31.43 54.99 83.21
C TYR A 212 31.41 56.24 84.07
N LYS A 213 31.07 57.38 83.45
CA LYS A 213 31.09 58.67 84.11
C LYS A 213 32.45 58.93 84.74
N ASN A 214 32.46 59.54 85.92
CA ASN A 214 33.69 59.74 86.69
C ASN A 214 33.92 58.60 87.68
N TYR A 215 33.82 57.37 87.17
CA TYR A 215 33.97 56.17 87.99
C TYR A 215 34.60 55.08 87.14
N LEU A 216 34.78 53.92 87.76
CA LEU A 216 35.24 52.72 87.06
C LEU A 216 34.38 51.56 87.52
N CYS A 217 33.54 51.06 86.62
CA CYS A 217 32.61 49.98 86.92
C CYS A 217 33.25 48.65 86.56
N THR A 218 33.30 47.74 87.51
CA THR A 218 33.84 46.40 87.30
C THR A 218 33.30 45.48 88.37
N PHE A 219 33.49 44.18 88.15
CA PHE A 219 33.03 43.19 89.12
C PHE A 219 34.13 42.78 90.09
N ALA A 220 35.33 43.35 89.93
CA ALA A 220 36.41 43.06 90.83
C ALA A 220 36.33 43.98 92.04
N TRP A 221 37.07 43.68 93.11
CA TRP A 221 37.09 44.61 94.25
C TRP A 221 38.16 45.68 94.05
N GLU A 222 38.20 46.66 94.95
CA GLU A 222 39.16 47.79 94.83
C GLU A 222 40.61 47.28 94.71
N TYR A 223 41.08 46.53 95.71
CA TYR A 223 42.51 46.10 95.72
C TYR A 223 42.79 45.07 94.60
N ASP A 224 41.75 44.53 93.96
CA ASP A 224 41.98 43.61 92.82
C ASP A 224 42.81 44.34 91.77
N PHE A 225 42.58 45.65 91.59
CA PHE A 225 43.39 46.45 90.64
C PHE A 225 44.49 47.17 91.43
N MET A 226 45.72 46.66 91.40
CA MET A 226 46.83 47.26 92.19
C MET A 226 48.03 47.50 91.28
N HIS A 227 48.50 46.46 90.58
CA HIS A 227 49.63 46.63 89.63
C HIS A 227 49.15 47.44 88.43
N GLN A 228 48.03 47.04 87.83
CA GLN A 228 47.47 47.74 86.66
C GLN A 228 47.08 49.17 87.06
N LEU A 229 46.30 49.32 88.14
CA LEU A 229 45.85 50.67 88.58
C LEU A 229 46.69 51.11 89.78
N PRO A 230 47.67 52.02 89.61
CA PRO A 230 48.51 52.48 90.71
C PRO A 230 47.77 53.44 91.65
N LYS A 231 48.29 53.66 92.85
CA LYS A 231 47.67 54.62 93.82
C LYS A 231 46.33 54.05 94.32
N THR A 232 45.96 52.85 93.87
CA THR A 232 44.71 52.21 94.36
C THR A 232 44.99 51.68 95.77
N GLU A 233 46.26 51.49 96.12
CA GLU A 233 46.61 51.06 97.50
C GLU A 233 46.18 52.17 98.47
N THR A 234 46.52 53.42 98.15
CA THR A 234 46.13 54.57 99.00
C THR A 234 44.63 54.82 98.87
N TYR A 235 44.05 54.45 97.73
CA TYR A 235 42.60 54.67 97.48
C TYR A 235 41.78 54.07 98.60
N ASN A 236 40.76 54.79 99.06
CA ASN A 236 39.85 54.25 100.11
C ASN A 236 38.89 53.26 99.44
N SER A 237 38.93 52.01 99.88
CA SER A 237 38.05 50.97 99.28
C SER A 237 36.58 51.33 99.53
N SER A 238 36.33 52.44 100.24
CA SER A 238 34.94 52.90 100.47
C SER A 238 34.60 53.96 99.43
N GLN A 239 35.48 54.13 98.45
CA GLN A 239 35.16 55.08 97.35
C GLN A 239 34.54 54.27 96.20
N THR A 240 33.45 53.55 96.47
CA THR A 240 32.83 52.68 95.45
C THR A 240 31.31 52.60 95.65
N ILE A 241 30.54 52.56 94.56
CA ILE A 241 29.06 52.45 94.64
C ILE A 241 28.64 50.99 94.40
N ARG A 242 27.89 50.39 95.33
CA ARG A 242 27.51 48.95 95.21
C ARG A 242 26.10 48.84 94.63
N ILE A 243 25.87 47.88 93.72
CA ILE A 243 24.55 47.70 93.06
C ILE A 243 24.22 46.22 92.89
N PRO A 244 23.22 45.64 93.60
CA PRO A 244 22.84 44.24 93.39
C PRO A 244 22.55 43.97 91.91
N THR A 245 23.29 43.03 91.31
CA THR A 245 23.12 42.73 89.86
C THR A 245 21.71 42.21 89.60
N GLU A 246 21.22 41.30 90.45
CA GLU A 246 19.87 40.70 90.25
C GLU A 246 18.83 41.82 90.16
N GLU A 247 19.01 42.89 90.93
CA GLU A 247 18.07 44.05 90.88
C GLU A 247 18.06 44.61 89.45
N ILE A 248 19.23 44.81 88.86
CA ILE A 248 19.33 45.35 87.47
C ILE A 248 18.89 44.27 86.48
N LEU A 249 19.22 43.00 86.77
CA LEU A 249 18.78 41.89 85.88
C LEU A 249 17.25 41.93 85.78
N SER A 250 16.57 42.22 86.90
CA SER A 250 15.09 42.34 86.88
C SER A 250 14.70 43.71 86.32
N GLY A 251 15.67 44.63 86.19
CA GLY A 251 15.38 45.98 85.67
C GLY A 251 14.91 46.92 86.76
N LYS A 252 14.82 46.41 88.00
CA LYS A 252 14.32 47.23 89.13
C LYS A 252 15.26 48.42 89.35
N TYR A 253 16.57 48.19 89.31
CA TYR A 253 17.55 49.27 89.56
C TYR A 253 17.46 50.31 88.45
N ASP A 254 17.06 51.54 88.78
CA ASP A 254 17.01 52.64 87.78
C ASP A 254 17.21 53.97 88.50
N SER A 255 18.45 54.26 88.93
CA SER A 255 18.72 55.50 89.69
C SER A 255 19.19 56.60 88.72
N PRO A 256 19.15 57.90 89.10
CA PRO A 256 19.69 58.96 88.24
C PRO A 256 21.17 58.83 87.97
N PHE A 257 21.91 58.12 88.83
CA PHE A 257 23.32 57.87 88.55
C PHE A 257 23.49 57.04 87.28
N ILE A 258 22.70 55.98 87.13
CA ILE A 258 22.80 55.11 85.97
C ILE A 258 21.48 54.37 85.82
N GLY A 259 21.02 54.25 84.58
CA GLY A 259 19.80 53.54 84.28
C GLY A 259 20.02 52.04 84.16
N ASN A 260 18.90 51.31 84.18
CA ASN A 260 18.97 49.87 84.05
C ASN A 260 19.54 49.46 82.70
N PHE A 261 19.12 50.15 81.63
CA PHE A 261 19.60 49.84 80.30
C PHE A 261 21.11 50.01 80.21
N GLU A 262 21.62 51.14 80.72
CA GLU A 262 23.05 51.38 80.68
C GLU A 262 23.81 50.38 81.55
N CYS A 263 23.26 50.04 82.71
CA CYS A 263 23.93 49.08 83.57
C CYS A 263 24.02 47.71 82.91
N GLN A 264 22.94 47.25 82.28
CA GLN A 264 23.01 45.99 81.55
C GLN A 264 23.98 46.08 80.38
N ARG A 265 24.05 47.24 79.72
CA ARG A 265 25.04 47.43 78.67
C ARG A 265 26.45 47.24 79.20
N LEU A 266 26.75 47.83 80.35
CA LEU A 266 28.08 47.67 80.95
C LEU A 266 28.33 46.22 81.34
N ILE A 267 27.29 45.52 81.83
CA ILE A 267 27.43 44.11 82.16
C ILE A 267 27.78 43.31 80.91
N VAL A 268 27.13 43.59 79.80
CA VAL A 268 27.44 42.91 78.54
C VAL A 268 28.86 43.18 78.12
N GLN A 269 29.30 44.45 78.24
CA GLN A 269 30.67 44.78 77.87
C GLN A 269 31.68 44.02 78.72
N LEU A 270 31.42 43.94 80.03
CA LEU A 270 32.29 43.17 80.91
C LEU A 270 32.29 41.71 80.52
N LEU A 271 31.13 41.15 80.16
CA LEU A 271 31.05 39.75 79.75
C LEU A 271 31.90 39.50 78.52
N ASN A 272 31.76 40.36 77.50
CA ASN A 272 32.52 40.16 76.28
C ASN A 272 34.02 40.30 76.53
N LYS A 273 34.43 41.30 77.31
CA LYS A 273 35.85 41.47 77.60
C LYS A 273 36.39 40.29 78.40
N ALA A 274 35.60 39.78 79.35
CA ALA A 274 36.04 38.62 80.12
C ALA A 274 36.18 37.39 79.24
N PHE A 275 35.24 37.19 78.32
CA PHE A 275 35.38 36.08 77.38
C PHE A 275 36.63 36.22 76.54
N GLU A 276 36.90 37.43 76.05
CA GLU A 276 38.11 37.64 75.26
C GLU A 276 39.36 37.36 76.08
N LEU A 277 39.38 37.80 77.33
CA LEU A 277 40.55 37.59 78.18
C LEU A 277 40.77 36.12 78.47
N ARG A 278 39.72 35.40 78.88
CA ARG A 278 39.87 33.99 79.21
C ARG A 278 40.38 33.19 78.02
N MET A 279 39.96 33.56 76.81
CA MET A 279 40.47 32.88 75.62
C MET A 279 41.98 32.99 75.52
N LYS A 280 42.55 34.10 76.01
CA LYS A 280 44.00 34.23 76.02
C LYS A 280 44.66 33.23 76.96
N GLU A 281 44.07 32.98 78.12
CA GLU A 281 44.60 31.94 79.01
C GLU A 281 44.09 30.56 78.65
N LYS A 282 42.97 30.46 77.94
CA LYS A 282 42.50 29.16 77.46
C LYS A 282 43.36 28.58 76.37
N GLY A 283 44.31 29.35 75.83
CA GLY A 283 45.15 28.84 74.77
C GLY A 283 44.43 28.56 73.48
N VAL A 284 43.64 29.52 72.99
CA VAL A 284 42.99 29.42 71.69
C VAL A 284 43.51 30.55 70.80
N ARG A 285 43.77 30.22 69.55
CA ARG A 285 44.29 31.21 68.60
C ARG A 285 43.15 32.05 68.04
N GLU A 286 43.36 33.36 68.00
CA GLU A 286 42.35 34.32 67.63
C GLU A 286 42.47 34.72 66.17
N TYR A 287 41.33 34.82 65.50
CA TYR A 287 41.24 35.36 64.14
C TYR A 287 40.21 36.49 64.14
N PRO A 288 40.60 37.72 63.76
CA PRO A 288 39.66 38.85 63.82
C PRO A 288 38.64 38.79 62.69
N MET A 289 37.38 39.02 63.02
CA MET A 289 36.32 39.18 62.05
C MET A 289 36.07 40.67 61.77
N SER A 290 35.03 40.95 61.00
CA SER A 290 34.69 42.34 60.70
C SER A 290 34.22 43.08 61.95
N ASN A 291 33.28 42.49 62.68
CA ASN A 291 32.69 43.13 63.85
C ASN A 291 32.53 42.16 65.01
N LYS A 292 33.30 41.07 65.01
CA LYS A 292 33.25 40.12 66.10
C LYS A 292 34.61 39.45 66.22
N MET A 293 34.73 38.58 67.21
CA MET A 293 36.01 37.96 67.55
C MET A 293 35.88 36.46 67.42
N GLY A 294 36.70 35.87 66.54
CA GLY A 294 36.69 34.43 66.32
C GLY A 294 37.83 33.74 67.04
N TYR A 295 37.57 32.49 67.46
CA TYR A 295 38.55 31.71 68.21
C TYR A 295 38.60 30.29 67.65
N TRP A 296 39.81 29.79 67.43
CA TRP A 296 40.03 28.47 66.85
C TRP A 296 41.31 27.86 67.43
N PHE A 297 41.49 26.57 67.20
CA PHE A 297 42.62 25.83 67.73
C PHE A 297 43.77 25.80 66.74
N GLU A 298 44.93 26.27 67.18
CA GLU A 298 46.17 26.00 66.46
C GLU A 298 46.38 24.50 66.32
N LYS A 299 46.81 24.08 65.13
CA LYS A 299 46.99 22.65 64.88
C LYS A 299 48.03 22.08 65.83
N GLY A 300 47.70 20.96 66.46
CA GLY A 300 48.55 20.31 67.43
C GLY A 300 48.20 20.58 68.88
N LYS A 301 47.42 21.63 69.16
CA LYS A 301 47.04 21.90 70.55
C LYS A 301 46.16 20.78 71.10
N LEU A 302 45.24 20.28 70.30
CA LEU A 302 44.41 19.16 70.71
C LEU A 302 45.18 17.85 70.52
N GLU A 303 44.71 16.81 71.21
CA GLU A 303 45.27 15.48 71.03
C GLU A 303 44.80 14.93 69.68
N LYS A 304 45.76 14.61 68.81
CA LYS A 304 45.48 14.22 67.43
C LYS A 304 44.59 15.24 66.72
N ASP A 305 44.66 16.50 67.16
CA ASP A 305 43.87 17.59 66.60
C ASP A 305 42.38 17.26 66.57
N LYS A 306 41.89 16.66 67.66
CA LYS A 306 40.47 16.37 67.78
C LYS A 306 40.13 16.17 69.26
N PHE A 307 38.86 16.38 69.58
CA PHE A 307 38.38 16.28 70.94
C PHE A 307 37.01 15.63 70.95
N ASN A 308 36.75 14.82 71.98
CA ASN A 308 35.46 14.15 72.16
C ASN A 308 35.07 13.35 70.93
N LYS A 309 36.09 12.74 70.30
CA LYS A 309 35.91 11.94 69.08
C LYS A 309 35.24 12.74 67.97
N VAL A 310 35.49 14.06 67.95
CA VAL A 310 34.99 14.94 66.91
C VAL A 310 36.15 15.79 66.42
N LEU A 311 36.41 15.72 65.11
CA LEU A 311 37.53 16.47 64.54
C LEU A 311 37.19 17.95 64.48
N LEU A 312 38.04 18.77 65.10
CA LEU A 312 37.84 20.22 65.10
C LEU A 312 38.84 20.96 64.22
N VAL A 313 39.97 20.36 63.89
CA VAL A 313 40.91 20.91 62.92
C VAL A 313 41.22 19.82 61.91
N GLY A 314 41.05 20.14 60.63
CA GLY A 314 41.29 19.18 59.57
C GLY A 314 42.00 19.77 58.38
N LYS A 315 41.97 19.07 57.25
CA LYS A 315 42.65 19.50 56.05
C LYS A 315 41.70 19.50 54.87
N GLN A 316 41.80 20.54 54.04
CA GLN A 316 41.04 20.66 52.79
C GLN A 316 42.03 20.97 51.67
N LYS A 317 42.31 19.97 50.83
CA LYS A 317 43.27 20.12 49.74
C LYS A 317 44.61 20.61 50.27
N ASP A 318 45.06 21.76 49.80
CA ASP A 318 46.32 22.33 50.25
C ASP A 318 46.19 23.17 51.51
N LYS A 319 44.98 23.50 51.93
CA LYS A 319 44.76 24.35 53.09
C LYS A 319 44.19 23.53 54.24
N HIS A 320 44.33 24.06 55.46
CA HIS A 320 43.84 23.43 56.67
C HIS A 320 42.66 24.23 57.19
N TRP A 321 41.51 23.57 57.33
CA TRP A 321 40.33 24.21 57.85
C TRP A 321 40.30 24.10 59.37
N HIS A 322 39.90 25.17 60.04
CA HIS A 322 39.82 25.21 61.49
C HIS A 322 38.44 25.67 61.92
N PHE A 323 37.71 24.80 62.61
CA PHE A 323 36.44 25.17 63.19
C PHE A 323 36.62 26.29 64.20
N GLY A 324 35.80 27.34 64.09
CA GLY A 324 35.93 28.48 64.96
C GLY A 324 34.58 28.98 65.42
N ILE A 325 34.61 29.68 66.55
CA ILE A 325 33.41 30.21 67.18
C ILE A 325 33.61 31.66 67.54
N SER A 326 32.51 32.38 67.68
CA SER A 326 32.51 33.77 68.14
C SER A 326 31.37 33.94 69.13
N ALA A 327 31.66 34.58 70.27
CA ALA A 327 30.72 34.65 71.38
C ALA A 327 30.26 36.08 71.59
N ALA A 328 28.95 36.26 71.73
CA ALA A 328 28.35 37.53 72.12
C ALA A 328 27.29 37.24 73.17
N GLY A 329 27.52 37.71 74.39
CA GLY A 329 26.58 37.43 75.47
C GLY A 329 25.45 38.44 75.50
N LYS A 330 24.23 37.93 75.65
CA LYS A 330 23.04 38.77 75.67
C LYS A 330 22.24 38.49 76.94
N LEU A 331 21.55 39.52 77.42
CA LEU A 331 20.68 39.41 78.58
C LEU A 331 19.21 39.23 78.20
N TYR A 332 18.87 39.40 76.94
CA TYR A 332 17.51 39.19 76.46
C TYR A 332 17.48 37.99 75.54
N PRO A 333 16.49 37.10 75.65
CA PRO A 333 15.37 37.09 76.61
C PRO A 333 15.82 36.89 78.03
N PHE A 334 16.82 36.02 78.19
CA PHE A 334 17.41 35.68 79.48
C PHE A 334 18.91 35.55 79.28
N PRO A 335 19.71 35.77 80.33
CA PRO A 335 21.17 35.75 80.16
C PRO A 335 21.70 34.47 79.55
N VAL A 336 22.20 34.57 78.32
CA VAL A 336 22.81 33.46 77.60
C VAL A 336 24.03 33.98 76.85
N LEU A 337 24.83 33.04 76.36
CA LEU A 337 26.01 33.33 75.56
C LEU A 337 25.75 32.79 74.16
N MET A 338 25.33 33.67 73.25
CA MET A 338 25.08 33.28 71.88
C MET A 338 26.41 32.97 71.20
N ILE A 339 26.55 31.75 70.70
CA ILE A 339 27.77 31.32 70.03
C ILE A 339 27.46 31.09 68.57
N SER A 340 28.38 31.46 67.69
CA SER A 340 28.21 31.35 66.25
C SER A 340 29.34 30.53 65.68
N SER A 341 29.01 29.66 64.73
CA SER A 341 29.99 28.77 64.12
C SER A 341 30.70 29.45 62.96
N HIS A 342 31.97 29.12 62.80
CA HIS A 342 32.80 29.67 61.74
C HIS A 342 33.80 28.63 61.29
N ILE A 343 34.41 28.87 60.13
CA ILE A 343 35.48 28.03 59.61
C ILE A 343 36.65 28.93 59.22
N PHE A 344 37.82 28.67 59.77
CA PHE A 344 39.04 29.42 59.49
C PHE A 344 40.03 28.52 58.77
N PHE A 345 40.81 29.11 57.86
CA PHE A 345 41.69 28.36 56.99
C PHE A 345 43.13 28.83 57.11
N THR A 346 44.05 27.87 57.18
CA THR A 346 45.48 28.14 57.28
C THR A 346 46.21 27.33 56.22
N LYS A 347 47.45 27.76 55.94
CA LYS A 347 48.24 27.11 54.89
C LYS A 347 48.75 25.75 55.37
N ASP A 348 49.63 25.74 56.37
CA ASP A 348 50.20 24.51 56.89
C ASP A 348 49.76 24.27 58.33
N GLY A 349 48.58 24.77 58.70
CA GLY A 349 48.12 24.65 60.06
C GLY A 349 48.77 25.60 61.04
N LYS A 350 49.59 26.53 60.55
CA LYS A 350 50.34 27.44 61.41
C LYS A 350 49.84 28.88 61.33
N GLU A 351 49.82 29.47 60.14
CA GLU A 351 49.47 30.86 59.97
C GLU A 351 48.27 31.00 59.03
N LEU A 352 47.49 32.04 59.27
CA LEU A 352 46.21 32.23 58.61
C LEU A 352 46.39 32.83 57.22
N ILE A 353 45.57 32.37 56.28
CA ILE A 353 45.55 32.95 54.95
C ILE A 353 45.05 34.38 55.04
N GLU A 354 45.80 35.30 54.45
CA GLU A 354 45.55 36.73 54.62
C GLU A 354 44.62 37.29 53.57
N SER A 355 43.90 36.46 52.83
CA SER A 355 42.95 36.89 51.82
C SER A 355 41.55 36.54 52.29
N LYS A 356 40.74 37.58 52.57
CA LYS A 356 39.38 37.35 53.00
C LYS A 356 38.56 36.64 51.93
N LYS A 357 38.76 37.01 50.66
CA LYS A 357 38.05 36.34 49.58
C LYS A 357 38.42 34.86 49.49
N ILE A 358 39.71 34.54 49.63
CA ILE A 358 40.13 33.15 49.59
C ILE A 358 39.55 32.37 50.76
N GLN A 359 39.58 32.97 51.95
CA GLN A 359 39.00 32.32 53.13
C GLN A 359 37.51 32.07 52.93
N HIS A 360 36.78 33.05 52.41
CA HIS A 360 35.35 32.88 52.19
C HIS A 360 35.07 31.80 51.14
N ALA A 361 35.85 31.79 50.06
CA ALA A 361 35.66 30.79 49.02
C ALA A 361 35.93 29.38 49.54
N ALA A 362 37.01 29.24 50.32
CA ALA A 362 37.37 27.91 50.87
C ALA A 362 36.24 27.42 51.78
N ARG A 363 35.69 28.33 52.61
CA ARG A 363 34.61 27.95 53.56
C ARG A 363 33.35 27.55 52.78
N ARG A 364 32.96 28.35 51.78
CA ARG A 364 31.70 28.07 51.03
C ARG A 364 31.76 26.65 50.44
N ARG A 365 32.95 26.19 50.05
CA ARG A 365 33.08 24.83 49.53
C ARG A 365 33.09 23.82 50.66
N GLN A 366 33.79 24.12 51.76
CA GLN A 366 33.84 23.22 52.90
C GLN A 366 32.48 23.07 53.57
N GLY A 367 31.62 24.08 53.46
CA GLY A 367 30.30 23.99 54.08
C GLY A 367 29.39 22.94 53.48
N LYS A 368 29.61 22.59 52.20
CA LYS A 368 28.78 21.57 51.57
C LYS A 368 28.89 20.23 52.29
N ASN A 369 30.11 19.86 52.69
CA ASN A 369 30.32 18.55 53.28
C ASN A 369 29.60 18.41 54.62
N TRP A 370 29.69 19.44 55.47
CA TRP A 370 29.16 19.31 56.82
C TRP A 370 27.63 19.37 56.82
N TRP A 371 27.03 18.68 57.78
CA TRP A 371 25.59 18.52 57.89
C TRP A 371 25.11 19.06 59.23
N ASN A 372 23.82 18.85 59.51
CA ASN A 372 23.25 19.25 60.79
C ASN A 372 23.99 18.61 61.95
N ASP A 373 24.11 17.27 61.92
CA ASP A 373 24.82 16.57 62.99
C ASP A 373 26.29 16.95 63.02
N ASP A 374 26.89 17.16 61.84
CA ASP A 374 28.30 17.55 61.80
C ASP A 374 28.54 18.88 62.47
N TRP A 375 27.67 19.87 62.24
CA TRP A 375 27.82 21.15 62.91
C TRP A 375 27.54 21.04 64.40
N ARG A 376 26.50 20.28 64.78
CA ARG A 376 26.17 20.16 66.19
C ARG A 376 27.31 19.51 66.97
N ASN A 377 27.84 18.41 66.44
CA ASN A 377 28.92 17.71 67.13
C ASN A 377 30.14 18.59 67.27
N LYS A 378 30.52 19.28 66.20
CA LYS A 378 31.69 20.15 66.26
C LYS A 378 31.50 21.27 67.27
N LEU A 379 30.33 21.91 67.26
CA LEU A 379 30.08 23.00 68.20
C LEU A 379 30.13 22.51 69.64
N LEU A 380 29.45 21.39 69.91
CA LEU A 380 29.39 20.90 71.28
C LEU A 380 30.76 20.43 71.76
N ALA A 381 31.51 19.74 70.90
CA ALA A 381 32.85 19.29 71.28
C ALA A 381 33.78 20.47 71.51
N PHE A 382 33.67 21.51 70.68
CA PHE A 382 34.53 22.68 70.84
C PHE A 382 34.19 23.41 72.13
N VAL A 383 32.92 23.46 72.50
CA VAL A 383 32.54 24.09 73.76
C VAL A 383 33.01 23.25 74.95
N LYS A 384 32.90 21.93 74.85
CA LYS A 384 33.29 21.07 75.97
C LYS A 384 34.76 21.19 76.30
N TYR A 385 35.59 21.60 75.32
CA TYR A 385 36.99 21.87 75.62
C TYR A 385 37.13 23.00 76.61
N LEU A 386 36.26 24.00 76.53
CA LEU A 386 36.30 25.13 77.45
C LEU A 386 36.02 24.71 78.89
N SER A 387 35.42 23.54 79.10
CA SER A 387 34.98 23.15 80.43
C SER A 387 36.14 23.11 81.42
N ASP A 388 35.95 23.76 82.56
CA ASP A 388 36.93 23.70 83.65
C ASP A 388 36.55 22.60 84.64
N ASP A 389 35.34 22.66 85.19
CA ASP A 389 34.83 21.59 86.02
C ASP A 389 34.05 20.60 85.14
N GLU A 390 33.30 19.70 85.77
CA GLU A 390 32.60 18.66 85.04
C GLU A 390 31.49 19.19 84.16
N ASN A 391 30.74 20.20 84.59
CA ASN A 391 29.50 20.57 83.94
C ASN A 391 29.40 22.04 83.56
N SER A 392 30.51 22.77 83.55
CA SER A 392 30.47 24.19 83.25
C SER A 392 31.88 24.68 82.96
N PHE A 393 32.03 26.00 82.88
CA PHE A 393 33.33 26.65 82.83
C PHE A 393 33.15 28.10 83.23
N TYR A 394 34.14 28.64 83.92
CA TYR A 394 34.04 29.95 84.55
C TYR A 394 34.82 30.97 83.75
N LEU A 395 34.34 32.21 83.79
CA LEU A 395 35.00 33.35 83.17
C LEU A 395 35.46 34.28 84.27
N GLU A 396 36.74 34.68 84.24
CA GLU A 396 37.32 35.49 85.29
C GLU A 396 36.87 36.93 85.11
N VAL A 397 36.35 37.53 86.18
CA VAL A 397 36.03 38.95 86.16
C VAL A 397 36.60 39.68 87.38
N GLY A 398 36.96 38.95 88.42
CA GLY A 398 37.59 39.52 89.60
C GLY A 398 38.52 38.50 90.22
N SER A 399 39.20 38.92 91.29
CA SER A 399 40.13 38.01 91.96
C SER A 399 39.39 36.82 92.57
N GLU A 400 38.22 37.07 93.16
CA GLU A 400 37.40 36.00 93.73
C GLU A 400 35.99 36.00 93.16
N GLU A 401 35.72 36.80 92.13
CA GLU A 401 34.39 36.90 91.55
C GLU A 401 34.36 36.18 90.22
N LYS A 402 33.47 35.19 90.11
CA LYS A 402 33.42 34.31 88.96
C LYS A 402 32.04 34.41 88.32
N ILE A 403 31.98 34.13 87.03
CA ILE A 403 30.73 33.95 86.30
C ILE A 403 30.78 32.59 85.62
N TYR A 404 29.75 31.79 85.83
CA TYR A 404 29.74 30.38 85.43
C TYR A 404 28.87 30.20 84.19
N ILE A 405 29.40 29.49 83.20
CA ILE A 405 28.71 29.24 81.94
C ILE A 405 28.48 27.75 81.81
N SER A 406 27.23 27.36 81.56
CA SER A 406 26.95 25.97 81.26
C SER A 406 27.68 25.55 79.99
N ASN A 407 28.36 24.41 80.05
CA ASN A 407 29.09 23.91 78.89
C ASN A 407 28.19 23.21 77.89
N GLU A 408 26.93 22.97 78.25
CA GLU A 408 25.94 22.44 77.33
C GLU A 408 24.97 23.54 76.93
N PRO A 409 24.57 23.60 75.66
CA PRO A 409 23.63 24.63 75.25
C PRO A 409 22.24 24.35 75.79
N VAL A 410 21.39 25.38 75.74
CA VAL A 410 20.02 25.22 76.19
C VAL A 410 19.31 24.25 75.25
N GLN A 411 18.59 23.29 75.81
CA GLN A 411 17.74 22.39 75.04
C GLN A 411 16.38 23.03 74.79
N PHE A 412 15.93 22.94 73.55
CA PHE A 412 14.60 23.34 73.15
C PHE A 412 13.83 22.11 72.69
N VAL A 413 12.62 21.94 73.23
CA VAL A 413 11.79 20.79 72.86
C VAL A 413 10.64 21.27 71.99
N GLY A 414 10.27 20.48 71.01
CA GLY A 414 9.18 20.85 70.12
C GLY A 414 8.16 19.76 70.06
N LYS A 415 6.91 20.12 69.81
CA LYS A 415 5.82 19.14 69.78
C LYS A 415 5.68 18.58 68.39
N VAL A 416 6.55 18.99 67.48
CA VAL A 416 6.41 18.59 66.10
C VAL A 416 7.65 17.90 65.49
N SER A 417 7.44 16.90 64.65
CA SER A 417 8.55 16.19 63.99
C SER A 417 8.17 15.75 62.58
N TYR A 418 9.15 15.28 61.80
CA TYR A 418 8.84 14.77 60.44
C TYR A 418 9.16 13.27 60.43
N ASN A 419 9.08 12.62 59.26
CA ASN A 419 9.42 11.18 59.15
C ASN A 419 10.91 11.00 59.50
N MET A 420 11.75 11.94 59.07
CA MET A 420 13.21 11.85 59.34
C MET A 420 13.75 10.56 58.72
N MET B 1 13.79 23.68 80.44
CA MET B 1 13.29 23.10 79.20
C MET B 1 12.40 24.11 78.48
N LYS B 2 12.79 24.48 77.26
CA LYS B 2 12.13 25.54 76.51
C LYS B 2 11.14 24.94 75.51
N GLU B 3 9.92 25.45 75.54
CA GLU B 3 8.82 24.93 74.74
C GLU B 3 8.66 25.73 73.46
N LEU B 4 8.57 25.04 72.33
CA LEU B 4 8.39 25.71 71.04
C LEU B 4 6.99 25.48 70.54
N ILE B 5 6.19 26.54 70.44
CA ILE B 5 4.86 26.41 69.87
C ILE B 5 4.98 26.18 68.36
N TYR B 6 3.98 25.56 67.76
CA TYR B 6 4.04 25.30 66.33
C TYR B 6 2.98 26.06 65.55
N ILE B 7 3.37 26.72 64.47
CA ILE B 7 2.40 27.41 63.64
C ILE B 7 2.18 26.58 62.37
N HIS B 8 0.93 26.18 62.14
CA HIS B 8 0.63 25.33 60.99
C HIS B 8 0.69 26.03 59.63
N GLU B 9 0.95 25.28 58.58
CA GLU B 9 1.06 25.86 57.24
C GLU B 9 -0.24 26.48 56.70
N PRO B 10 -0.20 27.75 56.19
CA PRO B 10 -1.47 28.25 55.65
C PRO B 10 -1.73 27.72 54.25
N ASN B 11 -3.00 27.75 53.86
CA ASN B 11 -3.44 27.28 52.56
C ASN B 11 -3.67 28.46 51.62
N ILE B 12 -3.24 28.28 50.37
CA ILE B 12 -3.36 29.30 49.34
C ILE B 12 -4.40 28.84 48.33
N LEU B 13 -5.29 29.74 47.96
CA LEU B 13 -6.36 29.39 47.03
C LEU B 13 -5.83 29.16 45.62
N PHE B 14 -6.45 28.21 44.94
CA PHE B 14 -6.17 27.90 43.54
C PHE B 14 -7.46 27.93 42.74
N ALA B 15 -7.43 27.40 41.52
CA ALA B 15 -8.61 27.40 40.67
C ALA B 15 -9.82 26.86 41.41
N ASN B 16 -10.95 27.51 41.21
CA ASN B 16 -12.22 27.15 41.85
C ASN B 16 -12.16 27.23 43.36
N GLY B 17 -11.21 27.99 43.91
CA GLY B 17 -11.11 28.13 45.35
C GLY B 17 -10.55 26.93 46.07
N GLN B 18 -9.96 25.98 45.35
CA GLN B 18 -9.40 24.81 46.00
C GLN B 18 -8.08 25.15 46.66
N LYS B 19 -7.81 24.52 47.79
CA LYS B 19 -6.70 24.90 48.67
C LYS B 19 -5.62 23.84 48.63
N CYS B 20 -4.37 24.28 48.69
CA CYS B 20 -3.22 23.41 48.86
C CYS B 20 -2.11 24.21 49.52
N ALA B 21 -1.01 23.53 49.85
CA ALA B 21 0.09 24.16 50.56
C ALA B 21 1.32 24.43 49.70
N ASP B 22 1.40 23.83 48.51
CA ASP B 22 2.54 24.02 47.63
C ASP B 22 2.08 24.59 46.31
N PRO B 23 2.60 25.75 45.88
CA PRO B 23 2.28 26.21 44.53
C PRO B 23 2.70 25.22 43.45
N ARG B 24 3.86 24.58 43.59
CA ARG B 24 4.32 23.64 42.57
C ARG B 24 3.41 22.43 42.45
N ASP B 25 2.64 22.13 43.49
CA ASP B 25 1.66 21.06 43.45
C ASP B 25 0.25 21.59 43.20
N GLY B 26 -0.11 22.69 43.87
CA GLY B 26 -1.43 23.24 43.69
C GLY B 26 -1.70 23.65 42.26
N LEU B 27 -0.72 24.27 41.61
CA LEU B 27 -0.90 24.66 40.21
C LEU B 27 -0.97 23.44 39.30
N ALA B 28 -0.04 22.51 39.47
CA ALA B 28 -0.01 21.34 38.60
C ALA B 28 -1.25 20.49 38.74
N LEU B 29 -1.93 20.56 39.89
CA LEU B 29 -3.09 19.72 40.12
C LEU B 29 -4.39 20.43 39.82
N PHE B 30 -4.51 21.69 40.23
CA PHE B 30 -5.76 22.43 40.18
C PHE B 30 -5.81 23.47 39.07
N GLY B 31 -4.74 24.25 38.91
CA GLY B 31 -4.74 25.32 37.94
C GLY B 31 -4.78 26.68 38.60
N PRO B 32 -4.46 27.72 37.85
CA PRO B 32 -4.38 29.06 38.44
C PRO B 32 -5.72 29.59 38.88
N PHE B 33 -5.68 30.54 39.82
CA PHE B 33 -6.90 31.14 40.33
C PHE B 33 -7.67 31.86 39.23
N THR B 34 -6.96 32.62 38.39
CA THR B 34 -7.53 33.28 37.24
C THR B 34 -6.78 32.86 35.99
N LYS B 35 -7.52 32.47 34.96
CA LYS B 35 -6.94 31.97 33.73
C LYS B 35 -6.95 33.07 32.68
N ILE B 36 -5.86 33.17 31.93
CA ILE B 36 -5.78 34.11 30.82
C ILE B 36 -5.93 33.33 29.52
N TYR B 37 -6.33 34.03 28.46
CA TYR B 37 -6.56 33.38 27.18
C TYR B 37 -5.27 32.85 26.57
N GLY B 38 -4.18 33.59 26.74
CA GLY B 38 -2.90 33.16 26.20
C GLY B 38 -1.89 34.26 26.41
N ILE B 39 -0.64 33.94 26.06
CA ILE B 39 0.48 34.85 26.26
C ILE B 39 1.15 35.10 24.93
N LYS B 40 1.10 36.34 24.46
CA LYS B 40 1.84 36.76 23.26
C LYS B 40 3.26 37.11 23.68
N SER B 41 4.23 36.35 23.20
CA SER B 41 5.61 36.61 23.57
C SER B 41 6.12 37.88 22.88
N GLY B 42 7.20 38.42 23.43
CA GLY B 42 7.94 39.48 22.80
C GLY B 42 9.41 39.36 23.15
N VAL B 43 10.28 39.29 22.15
CA VAL B 43 11.69 38.98 22.36
C VAL B 43 12.54 40.12 21.82
N VAL B 44 13.51 40.55 22.62
CA VAL B 44 14.49 41.54 22.20
C VAL B 44 15.86 40.88 22.39
N GLY B 45 16.35 40.24 21.34
CA GLY B 45 17.60 39.53 21.42
C GLY B 45 18.24 39.39 20.06
N THR B 46 19.30 38.58 20.01
CA THR B 46 19.95 38.27 18.75
C THR B 46 19.21 37.13 18.05
N GLN B 47 19.67 36.77 16.86
CA GLN B 47 19.18 35.54 16.24
C GLN B 47 19.50 34.34 17.12
N TYR B 48 20.70 34.31 17.69
CA TYR B 48 21.05 33.28 18.66
C TYR B 48 20.09 33.31 19.84
N GLY B 49 19.81 34.49 20.37
CA GLY B 49 18.90 34.60 21.50
C GLY B 49 17.49 34.19 21.15
N LEU B 50 17.01 34.59 19.96
CA LEU B 50 15.68 34.19 19.54
C LEU B 50 15.58 32.69 19.37
N SER B 51 16.60 32.07 18.78
CA SER B 51 16.61 30.62 18.64
C SER B 51 16.58 29.94 19.99
N ILE B 52 17.38 30.44 20.94
CA ILE B 52 17.39 29.86 22.27
C ILE B 52 16.02 29.97 22.92
N PHE B 53 15.40 31.15 22.81
CA PHE B 53 14.10 31.36 23.43
C PHE B 53 13.04 30.45 22.85
N LYS B 54 13.02 30.31 21.53
CA LYS B 54 12.06 29.42 20.90
C LYS B 54 12.30 27.98 21.30
N ASN B 55 13.58 27.56 21.36
CA ASN B 55 13.90 26.22 21.81
C ASN B 55 13.39 25.98 23.22
N TYR B 56 13.61 26.94 24.13
CA TYR B 56 13.19 26.75 25.51
C TYR B 56 11.68 26.73 25.64
N ILE B 57 10.97 27.57 24.89
CA ILE B 57 9.52 27.57 24.96
C ILE B 57 8.97 26.23 24.48
N ASN B 58 9.48 25.73 23.36
CA ASN B 58 9.02 24.43 22.88
C ASN B 58 9.43 23.32 23.85
N HIS B 59 10.54 23.49 24.54
CA HIS B 59 10.98 22.49 25.52
C HIS B 59 10.03 22.44 26.71
N ILE B 60 9.59 23.60 27.20
CA ILE B 60 8.65 23.62 28.31
C ILE B 60 7.23 23.34 27.85
N GLN B 61 6.99 23.29 26.53
CA GLN B 61 5.73 22.73 26.06
C GLN B 61 5.58 21.29 26.50
N LYS B 62 6.65 20.50 26.31
CA LYS B 62 6.68 19.12 26.75
C LYS B 62 6.89 19.05 28.26
N PRO B 63 6.50 17.94 28.89
CA PRO B 63 6.79 17.77 30.32
C PRO B 63 8.27 17.77 30.58
N ILE B 64 8.67 18.34 31.73
CA ILE B 64 10.06 18.41 32.13
C ILE B 64 10.25 17.54 33.36
N TYR B 65 11.20 16.61 33.27
CA TYR B 65 11.49 15.68 34.35
C TYR B 65 12.85 16.01 34.93
N ASN B 66 12.87 16.39 36.21
CA ASN B 66 14.11 16.64 36.91
C ASN B 66 14.55 15.37 37.63
N ALA B 67 15.84 15.30 37.98
CA ALA B 67 16.43 14.06 38.44
C ALA B 67 15.71 13.50 39.66
N ASN B 68 15.52 14.33 40.68
CA ASN B 68 14.87 13.89 41.92
C ASN B 68 13.40 14.30 41.89
N ASN B 69 12.64 13.60 41.05
CA ASN B 69 11.22 13.89 40.87
C ASN B 69 10.43 13.80 42.16
N ILE B 70 10.87 12.96 43.09
CA ILE B 70 10.12 12.75 44.33
C ILE B 70 10.18 13.99 45.20
N THR B 71 11.36 14.60 45.34
CA THR B 71 11.50 15.72 46.26
C THR B 71 11.04 17.03 45.61
N ARG B 72 11.29 17.20 44.31
CA ARG B 72 10.83 18.42 43.65
C ARG B 72 9.88 18.04 42.53
N PRO B 73 8.63 18.50 42.58
CA PRO B 73 7.62 18.02 41.62
C PRO B 73 8.01 18.36 40.19
N MET B 74 7.66 17.46 39.28
CA MET B 74 7.97 17.61 37.86
C MET B 74 7.07 18.67 37.22
N PHE B 75 7.46 19.08 36.01
CA PHE B 75 6.72 20.09 35.28
C PHE B 75 5.88 19.44 34.21
N PRO B 76 4.55 19.44 34.32
CA PRO B 76 3.71 18.82 33.28
C PRO B 76 3.87 19.44 31.91
N GLY B 77 4.12 20.74 31.83
CA GLY B 77 4.14 21.45 30.57
C GLY B 77 3.33 22.71 30.80
N PHE B 78 3.63 23.76 30.04
CA PHE B 78 3.04 25.06 30.33
C PHE B 78 1.53 25.03 30.23
N GLU B 79 0.99 24.53 29.11
CA GLU B 79 -0.45 24.55 28.93
C GLU B 79 -1.12 23.54 29.84
N ALA B 80 -0.41 22.49 30.24
CA ALA B 80 -0.97 21.48 31.14
C ALA B 80 -1.21 22.03 32.53
N VAL B 81 -0.46 23.05 32.94
CA VAL B 81 -0.60 23.60 34.30
C VAL B 81 -1.59 24.74 34.29
N PHE B 82 -1.31 25.77 33.48
CA PHE B 82 -2.01 27.03 33.55
C PHE B 82 -3.26 27.09 32.69
N GLY B 83 -3.37 26.24 31.68
CA GLY B 83 -4.54 26.18 30.84
C GLY B 83 -4.56 27.15 29.67
N CYS B 84 -3.57 28.03 29.58
CA CYS B 84 -3.45 28.94 28.46
C CYS B 84 -2.39 28.43 27.48
N LYS B 85 -2.32 29.08 26.33
CA LYS B 85 -1.36 28.74 25.30
C LYS B 85 -0.17 29.70 25.35
N TRP B 86 1.03 29.15 25.20
CA TRP B 86 2.25 29.94 25.10
C TRP B 86 3.13 29.33 24.01
N ASP B 87 2.91 29.78 22.78
CA ASP B 87 3.60 29.24 21.62
C ASP B 87 4.87 30.03 21.35
N ALA B 88 5.89 29.34 20.85
CA ALA B 88 7.14 29.99 20.47
C ALA B 88 7.12 30.57 19.07
N ASP B 89 6.03 30.40 18.34
CA ASP B 89 5.92 30.89 16.97
C ASP B 89 5.27 32.26 16.87
N ASN B 90 4.76 32.79 17.98
CA ASN B 90 4.05 34.07 18.00
C ASN B 90 4.96 35.19 18.49
N VAL B 91 6.24 35.10 18.19
CA VAL B 91 7.25 36.00 18.73
C VAL B 91 7.34 37.23 17.85
N VAL B 92 7.15 38.40 18.47
CA VAL B 92 7.37 39.68 17.79
C VAL B 92 8.83 40.03 18.04
N PHE B 93 9.72 39.48 17.21
CA PHE B 93 11.14 39.55 17.47
C PHE B 93 11.74 40.86 16.99
N LYS B 94 12.51 41.51 17.86
CA LYS B 94 13.22 42.74 17.54
C LYS B 94 14.71 42.47 17.70
N GLU B 95 15.42 42.41 16.58
CA GLU B 95 16.81 41.96 16.57
C GLU B 95 17.74 43.01 17.16
N VAL B 96 18.68 42.57 18.00
CA VAL B 96 19.75 43.41 18.50
C VAL B 96 21.07 42.83 17.98
N THR B 97 21.87 43.66 17.35
CA THR B 97 23.12 43.23 16.75
C THR B 97 24.24 43.29 17.79
N LYS B 98 25.14 42.30 17.73
CA LYS B 98 26.26 42.31 18.65
C LYS B 98 27.18 43.51 18.40
N GLU B 99 27.17 44.05 17.18
CA GLU B 99 28.04 45.17 16.85
C GLU B 99 27.65 46.45 17.57
N GLU B 100 26.35 46.77 17.66
CA GLU B 100 25.94 47.96 18.38
C GLU B 100 26.21 47.82 19.86
N ILE B 101 26.02 46.62 20.42
CA ILE B 101 26.44 46.35 21.78
C ILE B 101 27.94 46.59 21.92
N GLU B 102 28.73 46.15 20.94
CA GLU B 102 30.17 46.34 21.01
C GLU B 102 30.54 47.82 21.01
N LYS B 103 29.90 48.63 20.14
CA LYS B 103 30.28 50.04 20.12
C LYS B 103 29.83 50.73 21.40
N ILE B 104 28.72 50.28 21.98
CA ILE B 104 28.33 50.81 23.29
C ILE B 104 29.37 50.47 24.35
N LEU B 105 29.85 49.22 24.35
CA LEU B 105 30.77 48.78 25.41
C LEU B 105 32.10 49.50 25.35
N TYR B 106 32.49 50.01 24.18
CA TYR B 106 33.80 50.65 24.05
C TYR B 106 33.82 52.08 24.57
N THR B 107 32.69 52.65 24.97
CA THR B 107 32.69 54.01 25.50
C THR B 107 33.38 54.06 26.86
N GLU B 108 34.15 55.12 27.08
CA GLU B 108 34.93 55.25 28.30
C GLU B 108 34.03 55.35 29.54
N SER B 109 32.95 56.11 29.44
CA SER B 109 32.11 56.35 30.60
C SER B 109 31.27 55.13 30.93
N ASN B 110 31.50 54.57 32.12
CA ASN B 110 30.75 53.40 32.55
C ASN B 110 29.27 53.72 32.76
N HIS B 111 28.98 54.87 33.36
CA HIS B 111 27.58 55.27 33.55
C HIS B 111 26.90 55.46 32.21
N LYS B 112 27.59 56.10 31.26
CA LYS B 112 27.03 56.22 29.92
C LYS B 112 26.94 54.86 29.23
N ARG B 113 27.90 53.97 29.50
CA ARG B 113 27.83 52.62 28.93
C ARG B 113 26.55 51.91 29.37
N THR B 114 26.28 51.90 30.68
CA THR B 114 25.09 51.22 31.17
C THR B 114 23.81 51.94 30.73
N TYR B 115 23.84 53.27 30.69
CA TYR B 115 22.67 54.01 30.22
C TYR B 115 22.37 53.66 28.77
N ASP B 116 23.40 53.57 27.93
CA ASP B 116 23.18 53.26 26.52
C ASP B 116 22.75 51.82 26.33
N LEU B 117 23.29 50.90 27.14
CA LEU B 117 22.84 49.51 27.05
C LEU B 117 21.38 49.38 27.42
N VAL B 118 20.96 50.08 28.48
CA VAL B 118 19.53 50.09 28.82
C VAL B 118 18.73 50.73 27.69
N SER B 119 19.24 51.84 27.15
CA SER B 119 18.49 52.62 26.18
C SER B 119 18.24 51.83 24.91
N LEU B 120 19.24 51.07 24.44
CA LEU B 120 19.06 50.24 23.27
C LEU B 120 17.81 49.38 23.39
N PHE B 121 17.79 48.53 24.43
CA PHE B 121 16.68 47.60 24.60
C PHE B 121 15.37 48.33 24.84
N ILE B 122 15.37 49.35 25.70
CA ILE B 122 14.09 49.96 26.04
C ILE B 122 13.54 50.73 24.85
N ASN B 123 14.39 51.38 24.06
CA ASN B 123 13.90 52.10 22.90
C ASN B 123 13.39 51.14 21.84
N LYS B 124 14.05 50.00 21.66
CA LYS B 124 13.49 49.00 20.74
C LYS B 124 12.14 48.50 21.25
N ILE B 125 12.03 48.27 22.55
CA ILE B 125 10.74 47.82 23.13
C ILE B 125 9.67 48.89 22.86
N ILE B 126 9.97 50.15 23.18
CA ILE B 126 8.98 51.25 22.99
C ILE B 126 8.56 51.31 21.53
N THR B 127 9.53 51.25 20.61
CA THR B 127 9.22 51.37 19.16
C THR B 127 8.21 50.28 18.78
N ALA B 128 8.48 49.03 19.15
CA ALA B 128 7.58 47.91 18.78
C ALA B 128 6.20 48.13 19.39
N ASN B 129 6.14 48.52 20.66
CA ASN B 129 4.83 48.70 21.36
C ASN B 129 4.01 49.75 20.60
N LYS B 130 4.65 50.82 20.13
CA LYS B 130 3.89 51.93 19.48
C LYS B 130 3.67 51.65 17.98
N ASN B 131 4.48 50.76 17.38
CA ASN B 131 4.36 50.54 15.91
C ASN B 131 3.72 49.18 15.63
N GLU B 132 4.25 48.10 16.21
CA GLU B 132 3.72 46.74 15.91
C GLU B 132 2.30 46.60 16.45
N ASP B 133 1.34 46.34 15.56
CA ASP B 133 -0.07 46.13 15.99
C ASP B 133 -0.14 44.80 16.75
N GLU B 134 0.79 43.89 16.46
CA GLU B 134 0.83 42.60 17.19
C GLU B 134 0.87 42.90 18.69
N LYS B 135 -0.19 42.51 19.42
CA LYS B 135 -0.25 42.76 20.87
C LYS B 135 0.82 41.92 21.56
N VAL B 136 1.65 42.54 22.42
CA VAL B 136 2.63 41.79 23.18
C VAL B 136 2.30 41.92 24.65
N ASP B 137 2.15 40.79 25.33
CA ASP B 137 1.80 40.82 26.75
C ASP B 137 3.05 40.98 27.62
N VAL B 138 4.08 40.16 27.38
CA VAL B 138 5.32 40.22 28.14
C VAL B 138 6.47 40.29 27.15
N TRP B 139 7.42 41.19 27.42
CA TRP B 139 8.61 41.34 26.59
C TRP B 139 9.77 40.61 27.26
N PHE B 140 10.31 39.61 26.58
CA PHE B 140 11.36 38.76 27.14
C PHE B 140 12.70 39.18 26.55
N LEU B 141 13.60 39.63 27.41
CA LEU B 141 14.88 40.20 26.97
C LEU B 141 15.97 39.15 27.16
N VAL B 142 16.35 38.50 26.06
CA VAL B 142 17.42 37.51 26.07
C VAL B 142 18.74 38.27 25.91
N ILE B 143 19.41 38.55 27.02
CA ILE B 143 20.65 39.33 26.98
C ILE B 143 21.84 38.38 26.93
N PRO B 144 22.92 38.76 26.25
CA PRO B 144 24.11 37.91 26.23
C PRO B 144 24.96 38.11 27.48
N ASP B 145 25.97 37.24 27.61
CA ASP B 145 26.81 37.28 28.79
C ASP B 145 27.68 38.52 28.84
N GLU B 146 28.04 39.08 27.68
CA GLU B 146 28.86 40.28 27.66
C GLU B 146 28.16 41.42 28.40
N ILE B 147 26.85 41.55 28.20
CA ILE B 147 26.10 42.57 28.91
C ILE B 147 26.20 42.35 30.42
N TYR B 148 26.03 41.09 30.86
CA TYR B 148 26.00 40.82 32.29
C TYR B 148 27.35 41.09 32.94
N GLN B 149 28.44 40.69 32.29
CA GLN B 149 29.73 40.75 32.97
C GLN B 149 30.48 42.05 32.70
N TYR B 150 30.46 42.55 31.46
CA TYR B 150 31.12 43.83 31.19
C TYR B 150 30.44 44.98 31.92
N CYS B 151 29.10 45.01 31.89
CA CYS B 151 28.34 46.15 32.40
C CYS B 151 28.09 45.95 33.89
N ARG B 152 28.80 46.72 34.72
CA ARG B 152 28.63 46.69 36.17
C ARG B 152 29.02 48.02 36.80
N ALA B 204 22.97 52.36 38.96
CA ALA B 204 23.87 52.19 37.82
C ALA B 204 23.97 50.72 37.43
N GLN B 205 22.85 50.02 37.53
CA GLN B 205 22.76 48.61 37.19
C GLN B 205 21.86 48.44 35.97
N PHE B 206 22.21 47.49 35.10
CA PHE B 206 21.45 47.27 33.88
C PHE B 206 20.00 46.90 34.19
N HIS B 207 19.80 45.89 35.03
CA HIS B 207 18.45 45.40 35.31
C HIS B 207 17.61 46.48 35.99
N ASP B 208 18.17 47.16 36.98
CA ASP B 208 17.40 48.12 37.75
C ASP B 208 16.96 49.29 36.88
N GLN B 209 17.87 49.88 36.12
CA GLN B 209 17.49 50.97 35.25
C GLN B 209 16.54 50.51 34.16
N LEU B 210 16.78 49.34 33.58
CA LEU B 210 15.92 48.84 32.51
C LEU B 210 14.49 48.68 33.00
N LYS B 211 14.30 48.11 34.18
CA LYS B 211 12.96 48.03 34.73
C LYS B 211 12.43 49.40 35.12
N ALA B 212 13.32 50.31 35.52
CA ALA B 212 12.87 51.62 35.97
C ALA B 212 12.47 52.51 34.80
N ARG B 213 13.25 52.51 33.73
CA ARG B 213 13.00 53.43 32.62
C ARG B 213 11.80 53.03 31.77
N LEU B 214 11.25 51.85 32.00
CA LEU B 214 10.04 51.43 31.31
C LEU B 214 8.78 51.63 32.15
N LEU B 215 8.91 52.18 33.35
CA LEU B 215 7.76 52.28 34.25
C LEU B 215 6.75 53.29 33.74
N GLU B 216 7.20 54.40 33.15
CA GLU B 216 6.29 55.40 32.64
C GLU B 216 5.44 54.89 31.49
N HIS B 217 5.88 53.83 30.81
CA HIS B 217 5.12 53.26 29.70
C HIS B 217 4.31 52.03 30.10
N THR B 218 4.55 51.48 31.30
CA THR B 218 3.81 50.35 31.84
C THR B 218 3.89 49.13 30.91
N ILE B 219 5.10 48.61 30.76
CA ILE B 219 5.33 47.44 29.91
C ILE B 219 5.88 46.29 30.75
N PRO B 220 5.14 45.21 30.95
CA PRO B 220 5.69 44.05 31.66
C PRO B 220 6.87 43.46 30.89
N THR B 221 7.95 43.19 31.62
CA THR B 221 9.18 42.71 31.02
C THR B 221 9.75 41.58 31.86
N GLN B 222 10.55 40.74 31.22
CA GLN B 222 11.19 39.60 31.86
C GLN B 222 12.57 39.43 31.27
N ILE B 223 13.60 39.69 32.05
CA ILE B 223 14.98 39.50 31.59
C ILE B 223 15.37 38.05 31.80
N LEU B 224 15.88 37.42 30.74
CA LEU B 224 16.36 36.05 30.80
C LEU B 224 17.76 36.01 30.20
N ARG B 225 18.78 35.95 31.04
CA ARG B 225 20.14 35.82 30.54
C ARG B 225 20.27 34.51 29.77
N GLU B 226 20.93 34.57 28.61
CA GLU B 226 21.05 33.38 27.79
C GLU B 226 21.82 32.27 28.48
N SER B 227 22.56 32.59 29.53
CA SER B 227 23.18 31.55 30.35
C SER B 227 22.15 30.67 31.02
N THR B 228 20.98 31.21 31.36
CA THR B 228 19.93 30.42 31.98
C THR B 228 19.22 29.53 30.97
N LEU B 229 18.85 30.08 29.82
CA LEU B 229 18.07 29.34 28.84
C LEU B 229 18.91 28.33 28.07
N ALA B 230 20.20 28.62 27.88
CA ALA B 230 21.11 27.74 27.16
C ALA B 230 22.22 27.25 28.07
N TRP B 231 21.86 26.85 29.30
CA TRP B 231 22.85 26.46 30.29
C TRP B 231 23.70 25.29 29.83
N ARG B 232 23.16 24.43 28.98
CA ARG B 232 23.94 23.30 28.49
C ARG B 232 25.13 23.76 27.65
N ASP B 233 24.92 24.76 26.79
CA ASP B 233 25.96 25.26 25.92
C ASP B 233 26.70 26.45 26.51
N PHE B 234 26.70 26.59 27.82
CA PHE B 234 27.45 27.65 28.51
C PHE B 234 28.31 26.96 29.57
N LYS B 235 29.53 26.63 29.20
CA LYS B 235 30.40 25.81 30.03
C LYS B 235 31.62 26.60 30.46
N ASN B 236 32.10 26.31 31.66
CA ASN B 236 33.25 26.99 32.23
C ASN B 236 34.55 26.25 31.88
N LYS B 237 34.69 25.98 30.58
CA LYS B 237 35.90 25.48 29.93
C LYS B 237 36.36 24.13 30.49
N PHE B 238 35.60 23.58 31.44
CA PHE B 238 35.91 22.25 31.97
C PHE B 238 35.21 21.17 31.17
N GLY B 239 34.21 21.56 30.39
CA GLY B 239 33.36 20.61 29.70
C GLY B 239 32.01 20.38 30.36
N ALA B 240 31.74 21.06 31.48
CA ALA B 240 30.48 20.95 32.18
C ALA B 240 29.84 22.32 32.27
N PRO B 241 28.52 22.43 32.41
CA PRO B 241 27.88 23.76 32.48
C PRO B 241 28.41 24.61 33.61
N LYS B 242 28.44 25.93 33.41
CA LYS B 242 28.91 26.85 34.44
C LYS B 242 28.07 26.73 35.70
N ARG B 243 26.75 26.62 35.55
CA ARG B 243 25.87 26.25 36.64
C ARG B 243 24.94 25.16 36.14
N ASP B 244 24.89 24.04 36.87
CA ASP B 244 24.25 22.82 36.37
C ASP B 244 22.79 22.83 36.80
N PHE B 245 21.90 22.93 35.81
CA PHE B 245 20.45 22.84 36.05
C PHE B 245 19.90 21.44 35.88
N SER B 246 20.76 20.45 35.64
CA SER B 246 20.30 19.13 35.21
C SER B 246 19.32 18.53 36.19
N LYS B 247 19.66 18.54 37.48
CA LYS B 247 18.79 17.97 38.49
C LYS B 247 17.65 18.89 38.89
N ILE B 248 17.66 20.13 38.42
CA ILE B 248 16.67 21.13 38.84
C ILE B 248 16.04 21.79 37.63
N GLU B 249 16.07 21.10 36.48
CA GLU B 249 15.49 21.66 35.27
C GLU B 249 13.99 21.88 35.42
N GLY B 250 13.28 20.94 36.04
CA GLY B 250 11.86 21.10 36.25
C GLY B 250 11.52 22.31 37.10
N HIS B 251 12.30 22.54 38.15
CA HIS B 251 12.04 23.68 39.01
C HIS B 251 12.34 24.99 38.28
N LEU B 252 13.35 24.99 37.42
CA LEU B 252 13.61 26.15 36.56
C LEU B 252 12.41 26.43 35.65
N ALA B 253 11.86 25.39 35.03
CA ALA B 253 10.68 25.59 34.21
C ALA B 253 9.53 26.14 35.04
N TRP B 254 9.36 25.62 36.25
CA TRP B 254 8.33 26.12 37.14
C TRP B 254 8.49 27.62 37.39
N THR B 255 9.70 28.03 37.74
CA THR B 255 9.94 29.43 38.11
C THR B 255 9.71 30.35 36.91
N ILE B 256 10.29 29.99 35.76
CA ILE B 256 10.18 30.85 34.59
C ILE B 256 8.73 30.92 34.12
N SER B 257 8.04 29.79 34.07
CA SER B 257 6.65 29.79 33.63
C SER B 257 5.76 30.57 34.58
N THR B 258 6.00 30.44 35.89
CA THR B 258 5.20 31.20 36.84
C THR B 258 5.44 32.70 36.69
N ALA B 259 6.70 33.10 36.51
CA ALA B 259 6.99 34.52 36.32
C ALA B 259 6.32 35.05 35.06
N ALA B 260 6.41 34.29 33.96
CA ALA B 260 5.77 34.72 32.72
C ALA B 260 4.26 34.80 32.85
N PHE B 261 3.65 33.79 33.50
CA PHE B 261 2.21 33.80 33.67
C PHE B 261 1.76 34.98 34.51
N TYR B 262 2.49 35.29 35.58
CA TYR B 262 2.07 36.41 36.42
C TYR B 262 2.16 37.73 35.67
N LYS B 263 3.25 37.96 34.94
CA LYS B 263 3.46 39.23 34.27
C LYS B 263 2.51 39.42 33.10
N ALA B 264 1.81 38.39 32.66
CA ALA B 264 0.94 38.47 31.50
C ALA B 264 -0.53 38.67 31.88
N GLY B 265 -0.81 38.96 33.14
CA GLY B 265 -2.17 39.18 33.57
C GLY B 265 -2.83 38.02 34.28
N GLY B 266 -2.11 36.95 34.55
CA GLY B 266 -2.67 35.83 35.27
C GLY B 266 -2.28 35.83 36.74
N LYS B 267 -3.15 35.29 37.57
CA LYS B 267 -2.90 35.15 39.00
C LYS B 267 -2.74 33.66 39.31
N PRO B 268 -1.50 33.15 39.39
CA PRO B 268 -1.34 31.71 39.59
C PRO B 268 -1.98 31.20 40.86
N TRP B 269 -1.91 31.95 41.94
CA TRP B 269 -2.55 31.56 43.19
C TRP B 269 -2.74 32.81 44.05
N LYS B 270 -3.71 32.75 44.94
CA LYS B 270 -3.97 33.84 45.86
C LYS B 270 -4.02 33.29 47.27
N LEU B 271 -3.94 34.19 48.27
CA LEU B 271 -3.91 33.72 49.67
C LEU B 271 -5.33 33.83 50.26
N SER B 272 -5.64 33.07 51.31
CA SER B 272 -6.97 33.19 51.95
C SER B 272 -6.83 33.02 53.47
N ASP B 273 -5.67 32.57 53.92
CA ASP B 273 -5.47 32.31 55.35
C ASP B 273 -4.88 33.52 56.05
N ILE B 274 -5.54 34.68 55.88
CA ILE B 274 -5.18 35.90 56.57
C ILE B 274 -6.45 36.53 57.12
N ARG B 275 -6.27 37.33 58.16
CA ARG B 275 -7.41 37.96 58.83
C ARG B 275 -7.99 39.06 57.94
N SER B 276 -9.30 39.06 57.79
CA SER B 276 -9.98 40.08 57.03
C SER B 276 -9.98 41.40 57.79
N GLY B 277 -10.12 42.49 57.05
CA GLY B 277 -10.18 43.81 57.63
C GLY B 277 -8.85 44.37 58.06
N VAL B 278 -7.74 43.70 57.74
CA VAL B 278 -6.41 44.14 58.14
C VAL B 278 -5.60 44.42 56.89
N CYS B 279 -4.86 45.53 56.91
CA CYS B 279 -4.04 45.96 55.78
C CYS B 279 -2.58 45.70 56.13
N TYR B 280 -2.10 44.52 55.75
CA TYR B 280 -0.71 44.15 56.03
C TYR B 280 0.21 45.01 55.18
N LEU B 281 0.94 45.90 55.83
CA LEU B 281 1.68 46.97 55.16
C LEU B 281 3.15 46.86 55.52
N GLY B 282 4.01 46.93 54.51
CA GLY B 282 5.43 46.78 54.74
C GLY B 282 6.26 47.92 54.19
N LEU B 283 7.23 48.38 54.97
CA LEU B 283 8.14 49.46 54.60
C LEU B 283 9.54 48.93 54.39
N VAL B 284 10.22 49.47 53.38
CA VAL B 284 11.64 49.20 53.17
C VAL B 284 12.34 50.52 52.90
N TYR B 285 13.50 50.69 53.52
CA TYR B 285 14.33 51.88 53.33
C TYR B 285 15.56 51.53 52.51
N LYS B 286 15.86 52.37 51.53
CA LYS B 286 16.98 52.18 50.62
C LYS B 286 17.90 53.40 50.66
N GLN B 287 19.20 53.14 50.55
CA GLN B 287 20.21 54.19 50.70
C GLN B 287 20.49 54.86 49.36
N ILE B 288 20.60 56.19 49.36
CA ILE B 288 21.04 56.96 48.21
C ILE B 288 22.15 57.88 48.68
N GLU B 289 23.33 57.74 48.09
CA GLU B 289 24.48 58.54 48.48
C GLU B 289 24.94 59.45 47.33
N PRO B 294 23.20 61.62 51.12
CA PRO B 294 22.82 60.95 52.37
C PRO B 294 21.32 60.92 52.57
N LYS B 295 20.61 60.25 51.66
CA LYS B 295 19.16 60.21 51.66
C LYS B 295 18.68 58.77 51.83
N ASN B 296 17.50 58.61 52.42
CA ASN B 296 16.84 57.30 52.45
C ASN B 296 15.53 57.36 51.68
N ALA B 297 15.05 56.20 51.25
CA ALA B 297 13.87 56.14 50.38
C ALA B 297 12.93 55.05 50.84
N CYS B 298 11.80 55.45 51.43
CA CYS B 298 10.84 54.48 51.94
C CYS B 298 9.89 53.95 50.87
N CYS B 299 9.68 52.65 50.84
CA CYS B 299 8.75 52.05 49.88
C CYS B 299 7.75 51.16 50.60
N ALA B 300 6.47 51.26 50.25
CA ALA B 300 5.44 50.49 50.95
C ALA B 300 4.69 49.47 50.10
N ALA B 301 4.45 48.27 50.64
CA ALA B 301 3.66 47.26 49.93
C ALA B 301 2.50 46.82 50.80
N GLN B 302 1.28 46.77 50.26
CA GLN B 302 0.12 46.43 51.09
C GLN B 302 -0.70 45.22 50.65
N MET B 303 -1.06 44.36 51.60
CA MET B 303 -1.88 43.19 51.28
C MET B 303 -3.13 43.16 52.16
N PHE B 304 -4.31 42.98 51.54
CA PHE B 304 -5.55 42.95 52.30
C PHE B 304 -6.68 42.14 51.65
N LEU B 305 -7.65 41.69 52.46
CA LEU B 305 -8.80 40.97 51.91
C LEU B 305 -9.92 41.90 51.49
N ASP B 306 -10.48 41.69 50.31
CA ASP B 306 -11.56 42.55 49.82
C ASP B 306 -12.98 42.13 50.21
N ASN B 307 -13.99 42.81 49.65
CA ASN B 307 -15.40 42.49 49.95
C ASN B 307 -15.74 41.07 49.54
N GLY B 308 -15.15 40.60 48.45
CA GLY B 308 -15.42 39.26 47.96
C GLY B 308 -14.49 38.27 48.63
N ASP B 309 -13.78 38.70 49.67
CA ASP B 309 -12.82 37.85 50.40
C ASP B 309 -11.69 37.41 49.50
N GLY B 310 -11.24 38.31 48.63
CA GLY B 310 -10.12 37.99 47.78
C GLY B 310 -8.94 38.84 48.19
N THR B 311 -7.80 38.20 48.45
CA THR B 311 -6.61 38.92 48.85
C THR B 311 -6.19 39.83 47.72
N VAL B 312 -5.92 41.09 48.03
CA VAL B 312 -5.42 42.00 47.02
C VAL B 312 -4.01 42.32 47.45
N PHE B 313 -3.04 42.01 46.62
CA PHE B 313 -1.67 42.36 46.94
C PHE B 313 -1.22 43.39 45.94
N LYS B 314 -0.90 44.58 46.43
CA LYS B 314 -0.47 45.65 45.54
C LYS B 314 0.54 46.52 46.25
N GLY B 315 1.38 47.20 45.48
CA GLY B 315 2.32 48.12 46.09
C GLY B 315 1.59 49.36 46.54
N GLU B 316 2.14 50.08 47.51
CA GLU B 316 1.55 51.35 47.90
C GLU B 316 2.71 52.33 47.97
N VAL B 317 3.27 52.69 46.82
CA VAL B 317 4.46 53.54 46.84
C VAL B 317 4.27 54.98 46.40
N GLY B 318 4.83 55.91 47.17
CA GLY B 318 4.77 57.31 46.82
C GLY B 318 6.17 57.81 47.15
N PRO B 319 6.61 58.90 46.51
CA PRO B 319 7.96 59.30 46.91
C PRO B 319 8.00 59.78 48.35
N TRP B 320 8.92 59.27 49.15
CA TRP B 320 9.05 59.69 50.55
C TRP B 320 10.54 59.78 50.85
N TYR B 321 11.18 60.85 50.37
CA TYR B 321 12.62 60.97 50.54
C TYR B 321 12.96 61.73 51.80
N ASN B 322 13.83 61.16 52.64
CA ASN B 322 14.26 61.86 53.83
C ASN B 322 15.76 61.94 53.88
N GLN B 323 16.30 63.15 54.07
CA GLN B 323 17.74 63.27 54.24
C GLN B 323 17.91 63.60 55.70
N GLU B 324 18.54 62.71 56.45
CA GLU B 324 18.67 62.92 57.88
C GLU B 324 19.95 62.32 58.42
N LYS B 325 20.47 62.86 59.51
CA LYS B 325 21.65 62.28 60.14
C LYS B 325 21.19 60.94 60.64
N HIS B 326 20.13 60.92 61.42
CA HIS B 326 19.58 59.67 61.92
C HIS B 326 18.86 58.95 60.79
N GLU B 327 19.48 57.88 60.27
CA GLU B 327 19.01 57.24 59.06
C GLU B 327 17.91 56.22 59.40
N PHE B 328 17.20 55.80 58.35
CA PHE B 328 16.16 54.78 58.46
C PHE B 328 15.02 55.22 59.38
N HIS B 329 14.69 56.50 59.33
CA HIS B 329 13.54 57.04 60.03
C HIS B 329 12.84 58.05 59.13
N LEU B 330 11.54 58.19 59.33
CA LEU B 330 10.72 59.10 58.52
C LEU B 330 10.33 60.33 59.31
N ASN B 331 10.32 61.47 58.62
CA ASN B 331 9.75 62.69 59.18
C ASN B 331 8.24 62.57 59.25
N PRO B 332 7.59 63.33 60.14
CA PRO B 332 6.14 63.20 60.30
C PRO B 332 5.35 63.41 59.02
N LYS B 333 5.79 64.32 58.14
CA LYS B 333 5.04 64.58 56.92
C LYS B 333 5.04 63.36 56.01
N GLU B 334 6.21 62.75 55.84
CA GLU B 334 6.36 61.57 54.99
C GLU B 334 5.55 60.40 55.52
N ALA B 335 5.55 60.21 56.84
CA ALA B 335 4.78 59.14 57.46
C ALA B 335 3.29 59.36 57.31
N LYS B 336 2.84 60.60 57.52
CA LYS B 336 1.42 60.92 57.37
C LYS B 336 0.97 60.70 55.94
N ALA B 337 1.79 61.11 54.98
CA ALA B 337 1.52 60.86 53.58
C ALA B 337 1.40 59.36 53.34
N LEU B 338 2.42 58.62 53.76
CA LEU B 338 2.45 57.17 53.63
C LEU B 338 1.14 56.53 54.04
N LEU B 339 0.73 56.81 55.28
CA LEU B 339 -0.42 56.18 55.89
C LEU B 339 -1.72 56.67 55.25
N THR B 340 -1.80 57.95 54.87
CA THR B 340 -2.99 58.45 54.19
C THR B 340 -3.17 57.75 52.85
N GLN B 341 -2.08 57.57 52.13
CA GLN B 341 -2.13 56.87 50.85
C GLN B 341 -2.65 55.44 51.01
N ALA B 342 -2.12 54.72 52.00
CA ALA B 342 -2.53 53.33 52.21
C ALA B 342 -3.98 53.25 52.64
N LEU B 343 -4.39 54.12 53.57
CA LEU B 343 -5.77 54.10 54.05
C LEU B 343 -6.75 54.47 52.94
N ASN B 344 -6.38 55.44 52.10
CA ASN B 344 -7.26 55.81 51.00
C ASN B 344 -7.35 54.68 49.97
N SER B 345 -6.24 53.97 49.75
CA SER B 345 -6.28 52.82 48.85
C SER B 345 -7.21 51.74 49.38
N TYR B 346 -7.12 51.45 50.67
CA TYR B 346 -8.04 50.47 51.24
C TYR B 346 -9.47 50.95 51.15
N LYS B 347 -9.70 52.24 51.39
CA LYS B 347 -11.05 52.79 51.34
C LYS B 347 -11.63 52.67 49.93
N GLU B 348 -10.83 52.96 48.91
CA GLU B 348 -11.36 52.88 47.55
C GLU B 348 -11.53 51.44 47.10
N GLN B 349 -10.73 50.51 47.63
CA GLN B 349 -10.90 49.12 47.26
C GLN B 349 -12.10 48.48 47.96
N ASN B 350 -12.38 48.86 49.21
CA ASN B 350 -13.40 48.19 50.00
C ASN B 350 -14.49 49.10 50.54
N GLY B 351 -14.38 50.42 50.40
CA GLY B 351 -15.39 51.30 50.92
C GLY B 351 -15.11 51.73 52.34
N VAL B 352 -15.17 50.79 53.28
CA VAL B 352 -14.96 51.11 54.68
C VAL B 352 -13.47 51.08 55.01
N PHE B 353 -13.13 51.66 56.15
CA PHE B 353 -11.75 51.74 56.60
C PHE B 353 -11.32 50.42 57.25
N PRO B 354 -10.03 50.13 57.27
CA PRO B 354 -9.54 48.90 57.88
C PRO B 354 -9.80 48.87 59.38
N LYS B 355 -9.95 47.66 59.91
CA LYS B 355 -10.03 47.46 61.35
C LYS B 355 -8.66 47.32 61.99
N GLU B 356 -7.58 47.31 61.20
CA GLU B 356 -6.24 47.18 61.73
C GLU B 356 -5.25 47.52 60.63
N ILE B 357 -4.20 48.23 60.99
CA ILE B 357 -3.13 48.60 60.05
C ILE B 357 -1.87 47.88 60.54
N PHE B 358 -1.62 46.69 60.01
CA PHE B 358 -0.52 45.85 60.47
C PHE B 358 0.76 46.29 59.76
N ILE B 359 1.36 47.36 60.26
CA ILE B 359 2.58 47.89 59.69
C ILE B 359 3.74 47.02 60.15
N HIS B 360 4.50 46.48 59.21
CA HIS B 360 5.71 45.74 59.53
C HIS B 360 6.88 46.30 58.74
N ALA B 361 8.08 46.12 59.27
CA ALA B 361 9.28 46.62 58.63
C ALA B 361 10.48 45.90 59.22
N LYS B 362 11.63 46.05 58.56
CA LYS B 362 12.88 45.50 59.08
C LYS B 362 13.54 46.39 60.10
N THR B 363 12.95 47.54 60.40
CA THR B 363 13.50 48.50 61.34
C THR B 363 12.45 48.84 62.38
N LYS B 364 12.88 49.48 63.47
CA LYS B 364 11.98 49.88 64.54
C LYS B 364 11.58 51.34 64.38
N PHE B 365 10.31 51.63 64.69
CA PHE B 365 9.75 52.96 64.57
C PHE B 365 10.08 53.79 65.79
N ASN B 366 10.32 55.08 65.57
CA ASN B 366 10.51 56.00 66.67
C ASN B 366 9.18 56.62 67.07
N GLY B 367 9.21 57.46 68.09
CA GLY B 367 7.97 58.01 68.63
C GLY B 367 7.26 58.93 67.65
N GLN B 368 8.01 59.83 67.01
CA GLN B 368 7.39 60.91 66.23
C GLN B 368 6.58 60.35 65.07
N GLU B 369 7.16 59.41 64.32
CA GLU B 369 6.46 58.88 63.17
C GLU B 369 5.25 58.06 63.60
N TRP B 370 5.33 57.39 64.76
CA TRP B 370 4.15 56.69 65.24
C TRP B 370 3.05 57.65 65.66
N ASN B 371 3.41 58.77 66.29
CA ASN B 371 2.41 59.77 66.62
C ASN B 371 1.76 60.33 65.37
N ALA B 372 2.55 60.58 64.33
CA ALA B 372 1.98 61.02 63.06
C ALA B 372 1.03 59.96 62.49
N PHE B 373 1.45 58.69 62.52
CA PHE B 373 0.62 57.60 62.06
C PHE B 373 -0.73 57.61 62.78
N GLN B 374 -0.69 57.74 64.11
CA GLN B 374 -1.93 57.76 64.87
C GLN B 374 -2.76 58.99 64.55
N GLU B 375 -2.10 60.12 64.33
CA GLU B 375 -2.82 61.37 64.07
C GLU B 375 -3.60 61.30 62.77
N VAL B 376 -3.00 60.74 61.71
CA VAL B 376 -3.75 60.60 60.47
C VAL B 376 -4.69 59.42 60.44
N THR B 377 -4.58 58.52 61.42
CA THR B 377 -5.47 57.37 61.45
C THR B 377 -6.85 57.78 61.94
N PRO B 378 -7.93 57.32 61.29
CA PRO B 378 -9.27 57.57 61.82
C PRO B 378 -9.55 56.78 63.09
N GLU B 379 -10.77 56.89 63.60
CA GLU B 379 -11.15 56.18 64.81
C GLU B 379 -11.60 54.76 64.50
N GLY B 380 -11.48 53.87 65.48
CA GLY B 380 -11.86 52.49 65.32
C GLY B 380 -10.82 51.60 64.67
N THR B 381 -9.67 52.15 64.29
CA THR B 381 -8.62 51.40 63.62
C THR B 381 -7.39 51.33 64.51
N ASN B 382 -6.90 50.12 64.74
CA ASN B 382 -5.71 49.92 65.55
C ASN B 382 -4.47 49.84 64.67
N LEU B 383 -3.35 50.28 65.22
CA LEU B 383 -2.07 50.23 64.52
C LEU B 383 -1.14 49.29 65.25
N VAL B 384 -0.53 48.38 64.50
CA VAL B 384 0.44 47.43 65.04
C VAL B 384 1.72 47.57 64.23
N GLY B 385 2.79 47.98 64.89
CA GLY B 385 4.08 48.09 64.25
C GLY B 385 4.99 46.96 64.66
N VAL B 386 5.42 46.16 63.70
CA VAL B 386 6.15 44.92 63.93
C VAL B 386 7.50 45.02 63.23
N THR B 387 8.56 44.69 63.95
CA THR B 387 9.91 44.67 63.39
C THR B 387 10.37 43.24 63.20
N ILE B 388 10.81 42.91 61.99
CA ILE B 388 11.26 41.58 61.64
C ILE B 388 12.75 41.64 61.35
N THR B 389 13.54 40.97 62.19
CA THR B 389 14.99 41.01 62.09
C THR B 389 15.53 39.60 61.95
N LYS B 390 16.61 39.47 61.16
CA LYS B 390 17.19 38.18 60.83
C LYS B 390 18.71 38.23 61.05
N THR B 391 19.12 38.68 62.23
CA THR B 391 20.55 38.83 62.53
C THR B 391 21.04 38.01 63.70
N LYS B 392 20.25 37.81 64.76
CA LYS B 392 20.73 37.08 65.92
C LYS B 392 20.76 35.59 65.63
N PRO B 393 21.92 34.95 65.67
CA PRO B 393 21.98 33.53 65.31
C PRO B 393 21.45 32.63 66.41
N LEU B 394 20.27 32.04 66.19
CA LEU B 394 19.70 31.04 67.09
C LEU B 394 19.56 29.78 66.25
N LYS B 395 20.64 29.02 66.15
CA LYS B 395 20.69 27.82 65.32
C LYS B 395 20.35 26.61 66.18
N LEU B 396 19.23 25.97 65.86
CA LEU B 396 18.76 24.78 66.58
C LEU B 396 19.24 23.55 65.84
N PHE B 397 19.97 22.70 66.55
CA PHE B 397 20.43 21.43 66.01
C PHE B 397 19.54 20.34 66.58
N LYS B 398 19.03 19.47 65.72
CA LYS B 398 18.26 18.34 66.24
C LYS B 398 19.20 17.36 66.92
N SER B 399 18.71 16.72 67.98
CA SER B 399 19.58 15.88 68.80
C SER B 399 20.11 14.70 68.00
N GLU B 400 19.23 13.82 67.54
CA GLU B 400 19.61 12.64 66.78
C GLU B 400 19.01 12.75 65.37
N GLY B 401 19.88 12.87 64.37
CA GLY B 401 19.41 12.93 63.01
C GLY B 401 20.28 13.74 62.07
N ASN B 402 19.79 13.96 60.84
CA ASN B 402 20.60 14.60 59.82
C ASN B 402 19.82 15.62 58.98
N TYR B 403 18.62 16.01 59.42
CA TYR B 403 17.80 16.94 58.67
C TYR B 403 17.29 18.06 59.57
N PRO B 404 17.32 19.31 59.11
CA PRO B 404 17.12 20.44 60.03
C PRO B 404 15.75 20.51 60.67
N ILE B 405 15.57 21.52 61.53
CA ILE B 405 14.29 21.72 62.22
C ILE B 405 13.19 21.98 61.20
N MET B 406 12.01 21.45 61.47
CA MET B 406 10.89 21.64 60.56
C MET B 406 10.51 23.10 60.45
N ARG B 407 10.14 23.52 59.25
CA ARG B 407 9.66 24.88 59.04
C ARG B 407 8.33 25.07 59.74
N GLY B 408 8.16 26.24 60.35
CA GLY B 408 6.93 26.56 61.05
C GLY B 408 7.03 26.53 62.56
N ASN B 409 8.11 25.97 63.10
CA ASN B 409 8.34 26.02 64.54
C ASN B 409 8.54 27.47 64.98
N ALA B 410 8.03 27.79 66.17
CA ALA B 410 8.10 29.15 66.65
C ALA B 410 8.48 29.17 68.12
N PHE B 411 9.45 30.01 68.47
CA PHE B 411 9.89 30.20 69.84
C PHE B 411 9.37 31.55 70.34
N ILE B 412 8.49 31.50 71.34
CA ILE B 412 7.93 32.73 71.91
C ILE B 412 8.88 33.21 73.01
N VAL B 413 9.50 34.36 72.80
CA VAL B 413 10.30 34.98 73.84
C VAL B 413 9.41 35.44 74.99
N ASN B 414 8.44 36.29 74.68
CA ASN B 414 7.53 36.85 75.67
C ASN B 414 6.29 37.33 74.94
N GLU B 415 5.49 38.15 75.61
CA GLU B 415 4.27 38.69 75.02
C GLU B 415 4.56 39.67 73.89
N ARG B 416 5.79 40.18 73.77
CA ARG B 416 6.10 41.19 72.77
C ARG B 416 7.17 40.76 71.77
N SER B 417 7.58 39.49 71.76
CA SER B 417 8.59 39.03 70.83
C SER B 417 8.41 37.54 70.57
N ALA B 418 9.01 37.09 69.47
CA ALA B 418 9.00 35.67 69.14
C ALA B 418 10.08 35.39 68.11
N PHE B 419 10.42 34.12 67.99
CA PHE B 419 11.25 33.62 66.90
C PHE B 419 10.37 32.76 66.01
N LEU B 420 10.48 32.94 64.70
CA LEU B 420 9.69 32.16 63.77
C LEU B 420 10.62 31.53 62.73
N TRP B 421 10.48 30.23 62.52
CA TRP B 421 11.29 29.51 61.54
C TRP B 421 10.54 29.47 60.22
N THR B 422 10.56 30.59 59.51
CA THR B 422 9.99 30.63 58.18
C THR B 422 10.81 29.82 57.19
N VAL B 423 12.04 29.47 57.53
CA VAL B 423 12.84 28.54 56.75
C VAL B 423 13.09 27.31 57.61
N GLY B 424 12.85 26.13 57.05
CA GLY B 424 13.10 24.91 57.76
C GLY B 424 13.14 23.69 56.85
N TYR B 425 12.64 22.56 57.34
CA TYR B 425 12.55 21.33 56.55
C TYR B 425 11.06 21.05 56.34
N VAL B 426 10.61 21.15 55.10
CA VAL B 426 9.19 21.00 54.77
C VAL B 426 8.95 19.57 54.31
N PRO B 427 8.17 18.78 55.04
CA PRO B 427 7.91 17.40 54.60
C PRO B 427 7.20 17.30 53.26
N LYS B 428 6.40 18.32 52.90
CA LYS B 428 5.62 18.29 51.67
C LYS B 428 6.51 17.98 50.47
N THR B 429 7.61 18.72 50.33
CA THR B 429 8.58 18.41 49.29
C THR B 429 9.66 17.47 49.76
N GLU B 430 9.71 17.15 51.05
CA GLU B 430 10.80 16.36 51.66
C GLU B 430 12.13 17.09 51.53
N SER B 431 12.13 18.27 50.93
CA SER B 431 13.35 19.06 50.70
C SER B 431 13.31 20.27 51.61
N THR B 432 14.26 20.34 52.54
CA THR B 432 14.40 21.53 53.38
C THR B 432 14.74 22.74 52.53
N LEU B 433 14.19 23.90 52.92
CA LEU B 433 14.46 25.14 52.20
C LEU B 433 15.85 25.70 52.48
N SER B 434 16.60 25.14 53.43
CA SER B 434 17.92 25.64 53.75
C SER B 434 18.95 24.51 53.66
N MET B 435 20.05 24.79 52.97
CA MET B 435 21.15 23.84 52.88
C MET B 435 21.77 23.65 54.27
N GLU B 436 22.10 24.77 54.92
CA GLU B 436 22.68 24.76 56.25
C GLU B 436 21.57 24.93 57.29
N VAL B 437 21.95 25.18 58.54
CA VAL B 437 20.98 25.38 59.61
C VAL B 437 20.24 26.69 59.36
N PRO B 438 18.92 26.69 59.37
CA PRO B 438 18.17 27.91 59.03
C PRO B 438 18.06 28.89 60.18
N ASN B 439 18.47 30.14 59.95
CA ASN B 439 18.30 31.17 60.96
C ASN B 439 16.87 31.66 60.97
N PRO B 440 16.20 31.65 62.12
CA PRO B 440 14.83 32.13 62.20
C PRO B 440 14.76 33.65 62.21
N ILE B 441 13.58 34.16 61.88
CA ILE B 441 13.32 35.59 61.88
C ILE B 441 12.79 36.00 63.25
N PHE B 442 13.33 37.09 63.79
CA PHE B 442 12.89 37.61 65.07
C PHE B 442 11.75 38.60 64.85
N ILE B 443 10.54 38.20 65.25
CA ILE B 443 9.36 39.03 65.08
C ILE B 443 9.07 39.72 66.40
N GLU B 444 9.22 41.04 66.42
CA GLU B 444 9.04 41.85 67.62
C GLU B 444 7.88 42.80 67.42
N ILE B 445 6.89 42.73 68.31
CA ILE B 445 5.77 43.66 68.24
C ILE B 445 6.26 44.97 68.83
N ASN B 446 6.79 45.85 67.97
CA ASN B 446 7.40 47.08 68.44
C ASN B 446 6.36 47.99 69.10
N LYS B 447 5.23 48.20 68.45
CA LYS B 447 4.25 49.16 68.94
C LYS B 447 2.84 48.61 68.72
N GLY B 448 1.93 49.01 69.59
CA GLY B 448 0.56 48.57 69.53
C GLY B 448 0.33 47.32 70.35
N GLU B 449 -0.90 46.80 70.26
CA GLU B 449 -1.30 45.60 70.96
C GLU B 449 -1.60 44.50 69.96
N ALA B 450 -1.08 43.30 70.21
CA ALA B 450 -1.27 42.17 69.31
C ALA B 450 -1.01 40.88 70.06
N ASP B 451 -1.49 39.79 69.49
CA ASP B 451 -1.24 38.45 70.01
C ASP B 451 -0.02 37.88 69.31
N ILE B 452 1.01 37.54 70.10
CA ILE B 452 2.29 37.14 69.52
C ILE B 452 2.19 35.90 68.65
N GLU B 453 1.24 35.01 68.92
CA GLU B 453 1.01 33.88 68.02
C GLU B 453 0.25 34.27 66.76
N GLN B 454 -0.73 35.17 66.88
CA GLN B 454 -1.44 35.64 65.71
C GLN B 454 -0.51 36.35 64.75
N VAL B 455 0.43 37.13 65.28
CA VAL B 455 1.40 37.79 64.42
C VAL B 455 2.29 36.77 63.73
N LEU B 456 2.67 35.70 64.43
CA LEU B 456 3.48 34.66 63.81
C LEU B 456 2.76 34.00 62.65
N LYS B 457 1.49 33.63 62.85
CA LYS B 457 0.75 32.99 61.78
C LYS B 457 0.51 33.96 60.62
N ASP B 458 0.31 35.24 60.94
CA ASP B 458 0.13 36.23 59.88
C ASP B 458 1.40 36.39 59.06
N VAL B 459 2.56 36.45 59.71
CA VAL B 459 3.82 36.57 58.99
C VAL B 459 4.06 35.32 58.14
N LEU B 460 3.80 34.15 58.71
CA LEU B 460 3.99 32.92 57.95
C LEU B 460 3.08 32.89 56.72
N ALA B 461 1.83 33.38 56.87
CA ALA B 461 0.95 33.49 55.72
C ALA B 461 1.51 34.45 54.69
N LEU B 462 2.04 35.60 55.14
CA LEU B 462 2.62 36.57 54.22
C LEU B 462 3.89 36.06 53.55
N THR B 463 4.48 34.98 54.04
CA THR B 463 5.67 34.41 53.41
C THR B 463 5.37 33.50 52.23
N LYS B 464 4.11 33.45 51.78
CA LYS B 464 3.68 32.47 50.79
C LYS B 464 3.13 33.10 49.52
N LEU B 465 3.50 34.33 49.19
CA LEU B 465 2.94 35.01 48.04
C LEU B 465 4.02 35.52 47.10
N ASN B 466 5.17 34.87 47.08
CA ASN B 466 6.24 35.26 46.17
C ASN B 466 5.90 34.76 44.77
N TYR B 467 5.50 35.68 43.89
CA TYR B 467 5.19 35.31 42.52
C TYR B 467 6.41 35.30 41.62
N ASN B 468 7.54 35.85 42.08
CA ASN B 468 8.76 35.82 41.28
C ASN B 468 9.41 34.45 41.27
N ALA B 469 9.06 33.57 42.22
CA ALA B 469 9.58 32.22 42.25
C ALA B 469 8.49 31.30 42.78
N CYS B 470 8.45 30.09 42.25
CA CYS B 470 7.42 29.12 42.61
C CYS B 470 7.92 28.15 43.67
N ILE B 471 8.73 28.64 44.60
CA ILE B 471 9.25 27.85 45.71
C ILE B 471 8.12 27.56 46.69
N TYR B 472 8.38 26.68 47.65
CA TYR B 472 7.36 26.35 48.64
C TYR B 472 6.93 27.59 49.42
N ALA B 473 7.88 28.34 49.94
CA ALA B 473 7.57 29.55 50.69
C ALA B 473 8.82 30.41 50.81
N ASP B 474 8.61 31.69 51.06
CA ASP B 474 9.69 32.65 51.16
C ASP B 474 10.20 32.75 52.60
N GLY B 475 11.51 32.96 52.72
CA GLY B 475 12.11 33.07 54.04
C GLY B 475 11.66 34.32 54.79
N VAL B 476 11.52 35.44 54.09
CA VAL B 476 11.03 36.68 54.68
C VAL B 476 9.66 36.95 54.09
N PRO B 477 8.81 37.69 54.79
CA PRO B 477 7.48 37.98 54.27
C PRO B 477 7.57 38.68 52.91
N VAL B 478 6.62 38.35 52.03
CA VAL B 478 6.70 38.76 50.64
C VAL B 478 6.57 40.27 50.51
N THR B 479 5.69 40.89 51.30
CA THR B 479 5.51 42.34 51.20
C THR B 479 6.84 43.07 51.37
N LEU B 480 7.65 42.64 52.34
CA LEU B 480 8.95 43.27 52.53
C LEU B 480 9.88 43.03 51.37
N ARG B 481 9.92 41.80 50.83
CA ARG B 481 10.84 41.52 49.72
C ARG B 481 10.43 42.26 48.46
N PHE B 482 9.13 42.33 48.17
CA PHE B 482 8.70 43.05 46.98
C PHE B 482 8.85 44.55 47.16
N ALA B 483 8.65 45.08 48.37
CA ALA B 483 8.95 46.48 48.61
C ALA B 483 10.44 46.75 48.44
N ASP B 484 11.28 45.79 48.82
CA ASP B 484 12.71 45.92 48.57
C ASP B 484 12.99 45.99 47.07
N LYS B 485 12.36 45.14 46.28
CA LYS B 485 12.55 45.19 44.84
C LYS B 485 12.09 46.54 44.28
N ILE B 486 10.94 47.02 44.74
CA ILE B 486 10.45 48.33 44.29
C ILE B 486 11.47 49.41 44.61
N GLY B 487 12.00 49.40 45.84
CA GLY B 487 12.97 50.40 46.22
C GLY B 487 14.24 50.31 45.39
N GLU B 488 14.65 49.09 45.03
CA GLU B 488 15.81 48.95 44.15
C GLU B 488 15.51 49.50 42.77
N ILE B 489 14.26 49.40 42.32
CA ILE B 489 13.92 49.87 40.98
C ILE B 489 13.53 51.34 41.00
N LEU B 490 12.62 51.74 41.89
CA LEU B 490 12.14 53.12 41.91
C LEU B 490 13.24 54.13 42.21
N THR B 491 14.37 53.67 42.75
CA THR B 491 15.51 54.54 43.01
C THR B 491 16.61 54.38 41.98
N ALA B 492 16.32 53.74 40.84
CA ALA B 492 17.31 53.52 39.79
C ALA B 492 17.16 54.49 38.63
N SER B 493 16.28 55.47 38.73
CA SER B 493 16.10 56.45 37.66
C SER B 493 15.51 57.72 38.25
N THR B 494 15.04 58.61 37.39
CA THR B 494 14.48 59.88 37.84
C THR B 494 13.18 59.65 38.59
N GLU B 495 12.83 60.61 39.46
CA GLU B 495 11.58 60.47 40.26
C GLU B 495 10.36 60.39 39.34
N LEU B 496 9.44 59.46 39.63
CA LEU B 496 8.21 59.34 38.81
C LEU B 496 7.07 60.11 39.48
N LYS B 497 6.26 60.82 38.69
CA LYS B 497 5.10 61.56 39.26
C LYS B 497 4.16 60.54 39.94
N ALA B 498 3.91 59.41 39.27
CA ALA B 498 3.05 58.36 39.86
C ALA B 498 3.53 56.98 39.38
N PRO B 499 4.37 56.31 40.22
CA PRO B 499 4.76 54.96 39.82
C PRO B 499 3.59 53.96 39.76
N PRO B 500 3.62 52.95 38.83
CA PRO B 500 2.56 51.95 38.80
C PRO B 500 2.55 51.14 40.11
N LEU B 501 1.35 50.75 40.58
CA LEU B 501 1.25 50.04 41.89
C LEU B 501 1.09 48.53 41.64
N ALA B 502 1.41 48.06 40.44
CA ALA B 502 1.35 46.60 40.15
C ALA B 502 2.76 46.04 40.12
N PHE B 503 3.01 44.98 40.90
CA PHE B 503 4.36 44.36 40.96
C PHE B 503 4.76 43.81 39.59
N LYS B 504 3.77 43.46 38.76
CA LYS B 504 4.06 42.86 37.43
C LYS B 504 5.16 43.68 36.73
N TYR B 505 5.15 45.01 36.90
CA TYR B 505 6.14 45.82 36.19
C TYR B 505 7.51 45.82 36.85
N TYR B 506 7.63 45.29 38.07
CA TYR B 506 8.86 45.39 38.82
C TYR B 506 9.61 44.06 38.91
N ILE B 507 8.94 42.99 39.31
CA ILE B 507 9.62 41.73 39.56
C ILE B 507 10.11 41.07 38.27
N ALA E 3 -27.78 3.34 5.54
CA ALA E 3 -27.48 3.43 4.11
C ALA E 3 -26.23 4.26 3.88
N ARG E 4 -25.57 4.03 2.75
CA ARG E 4 -24.36 4.78 2.40
C ARG E 4 -24.74 6.21 2.04
N ASN E 5 -24.60 7.11 3.01
CA ASN E 5 -24.91 8.52 2.80
C ASN E 5 -23.86 9.39 3.47
N LYS E 6 -22.60 8.98 3.37
CA LYS E 6 -21.49 9.68 4.00
C LYS E 6 -20.41 9.95 2.97
N ILE E 7 -19.80 11.13 3.06
CA ILE E 7 -18.77 11.56 2.12
C ILE E 7 -17.42 11.35 2.78
N PHE E 8 -16.70 10.32 2.36
CA PHE E 8 -15.38 10.05 2.90
C PHE E 8 -14.39 11.10 2.41
N ILE E 9 -13.38 11.38 3.23
CA ILE E 9 -12.30 12.29 2.87
C ILE E 9 -10.98 11.60 3.21
N SER E 10 -10.10 11.51 2.22
CA SER E 10 -8.74 11.04 2.42
C SER E 10 -7.77 12.21 2.27
N HIS E 11 -6.70 12.18 3.04
CA HIS E 11 -5.72 13.26 3.00
C HIS E 11 -4.44 12.78 3.66
N ALA E 12 -3.35 13.51 3.38
CA ALA E 12 -2.13 13.29 4.12
C ALA E 12 -2.37 13.59 5.59
N ALA E 13 -1.70 12.85 6.48
CA ALA E 13 -1.99 13.01 7.93
C ALA E 13 -1.56 14.37 8.49
N PRO E 14 -0.29 14.83 8.38
CA PRO E 14 0.15 16.07 9.06
C PRO E 14 -0.29 17.45 8.54
N ASP E 15 -0.17 17.72 7.23
CA ASP E 15 -0.44 19.09 6.74
C ASP E 15 -1.87 19.25 6.21
N ASP E 16 -2.42 18.22 5.55
CA ASP E 16 -3.75 18.37 4.90
C ASP E 16 -4.83 18.73 5.93
N ASN E 17 -4.58 18.50 7.22
CA ASN E 17 -5.62 18.75 8.26
C ASN E 17 -6.26 20.12 8.03
N ASP E 18 -5.46 21.19 7.93
CA ASP E 18 -6.01 22.56 7.80
C ASP E 18 -7.08 22.59 6.71
N PHE E 19 -6.71 22.26 5.46
CA PHE E 19 -7.67 22.30 4.36
C PHE E 19 -8.86 21.40 4.63
N THR E 20 -8.60 20.16 5.04
CA THR E 20 -9.68 19.20 5.25
C THR E 20 -10.60 19.64 6.37
N LYS E 21 -10.05 20.21 7.43
CA LYS E 21 -10.88 20.70 8.53
C LYS E 21 -11.85 21.76 8.04
N TRP E 22 -11.36 22.72 7.27
CA TRP E 22 -12.27 23.71 6.69
C TRP E 22 -13.25 23.04 5.74
N LEU E 23 -12.75 22.13 4.91
CA LEU E 23 -13.62 21.43 3.98
C LEU E 23 -14.65 20.59 4.71
N ALA E 24 -14.23 19.87 5.75
CA ALA E 24 -15.15 19.01 6.48
C ALA E 24 -16.27 19.81 7.13
N LEU E 25 -15.92 20.91 7.80
CA LEU E 25 -16.93 21.69 8.51
C LEU E 25 -17.93 22.34 7.56
N LYS E 26 -17.45 22.86 6.43
CA LYS E 26 -18.35 23.46 5.46
C LYS E 26 -19.35 22.45 4.92
N LEU E 27 -18.87 21.25 4.57
CA LEU E 27 -19.77 20.22 4.09
C LEU E 27 -20.77 19.80 5.17
N ILE E 28 -20.30 19.67 6.42
CA ILE E 28 -21.22 19.38 7.50
C ILE E 28 -22.22 20.52 7.67
N ALA E 29 -21.75 21.76 7.58
CA ALA E 29 -22.66 22.90 7.74
C ALA E 29 -23.70 22.94 6.64
N LEU E 30 -23.36 22.41 5.47
CA LEU E 30 -24.32 22.36 4.34
C LEU E 30 -25.27 21.18 4.52
N GLY E 31 -24.94 20.27 5.45
CA GLY E 31 -25.79 19.09 5.71
C GLY E 31 -25.22 17.82 5.12
N TYR E 32 -24.11 17.93 4.39
CA TYR E 32 -23.44 16.73 3.82
C TYR E 32 -22.78 15.93 4.94
N GLU E 33 -23.19 14.68 5.11
CA GLU E 33 -22.56 13.82 6.14
C GLU E 33 -21.11 13.58 5.74
N VAL E 34 -20.16 13.76 6.67
CA VAL E 34 -18.72 13.65 6.29
C VAL E 34 -17.97 12.78 7.31
N TRP E 35 -17.06 11.91 6.83
CA TRP E 35 -16.24 11.11 7.71
C TRP E 35 -14.77 11.43 7.42
N CYS E 36 -14.13 12.09 8.38
CA CYS E 36 -12.71 12.41 8.30
C CYS E 36 -11.92 11.50 9.23
N ASP E 37 -10.73 11.11 8.78
CA ASP E 37 -9.95 10.12 9.51
C ASP E 37 -9.38 10.67 10.81
N VAL E 38 -9.48 11.98 11.03
CA VAL E 38 -9.04 12.58 12.29
C VAL E 38 -10.19 13.21 13.07
N LEU E 39 -11.28 13.59 12.43
CA LEU E 39 -12.37 14.29 13.09
C LEU E 39 -13.50 13.35 13.50
N PHE E 40 -13.63 12.19 12.87
CA PHE E 40 -14.68 11.26 13.27
C PHE E 40 -14.15 9.87 13.66
N LEU E 41 -12.85 9.70 13.84
CA LEU E 41 -12.28 8.41 14.21
C LEU E 41 -12.19 8.34 15.73
N ASP E 42 -12.93 7.41 16.32
CA ASP E 42 -12.89 7.23 17.77
C ASP E 42 -11.52 6.75 18.20
N LYS E 43 -11.08 7.21 19.37
CA LYS E 43 -9.78 6.81 19.90
C LYS E 43 -9.84 5.36 20.38
N GLY E 44 -8.77 4.64 20.10
CA GLY E 44 -8.65 3.25 20.51
C GLY E 44 -9.32 2.25 19.60
N ALA E 45 -9.94 2.67 18.52
CA ALA E 45 -10.53 1.75 17.58
C ALA E 45 -9.47 1.16 16.67
N ASP E 46 -9.82 0.05 16.02
CA ASP E 46 -8.99 -0.53 14.97
C ASP E 46 -9.29 0.25 13.70
N PHE E 47 -8.46 1.24 13.40
CA PHE E 47 -8.82 2.23 12.40
C PHE E 47 -8.96 1.60 11.01
N TRP E 48 -8.06 0.70 10.62
CA TRP E 48 -8.26 0.13 9.26
C TRP E 48 -9.54 -0.68 9.29
N LYS E 49 -9.80 -1.37 10.37
CA LYS E 49 -11.05 -2.12 10.38
C LYS E 49 -12.24 -1.23 10.13
N VAL E 50 -12.21 0.00 10.67
CA VAL E 50 -13.34 0.90 10.48
C VAL E 50 -13.16 1.82 9.28
N ILE E 51 -11.94 2.11 8.88
CA ILE E 51 -11.71 2.83 7.63
C ILE E 51 -12.13 2.00 6.42
N ASP E 52 -11.63 0.77 6.34
CA ASP E 52 -12.04 -0.10 5.22
C ASP E 52 -13.55 -0.28 5.25
N LYS E 53 -14.12 -0.61 6.40
CA LYS E 53 -15.54 -0.96 6.45
C LYS E 53 -16.41 0.19 5.94
N GLU E 54 -16.09 1.42 6.33
CA GLU E 54 -16.95 2.53 5.95
C GLU E 54 -16.74 2.94 4.49
N ILE E 55 -15.54 2.76 3.95
CA ILE E 55 -15.35 2.99 2.52
C ILE E 55 -16.21 2.02 1.72
N ARG E 56 -16.23 0.75 2.11
CA ARG E 56 -17.11 -0.21 1.43
C ARG E 56 -18.57 0.13 1.68
N GLU E 57 -18.94 0.43 2.92
CA GLU E 57 -20.33 0.43 3.33
C GLU E 57 -20.91 1.80 3.61
N GLY E 58 -20.16 2.70 4.23
CA GLY E 58 -20.72 3.98 4.60
C GLY E 58 -20.59 5.08 3.57
N ALA E 59 -19.60 4.95 2.69
CA ALA E 59 -19.29 6.05 1.77
C ALA E 59 -20.17 6.01 0.55
N ILE E 60 -20.74 7.16 0.19
CA ILE E 60 -21.41 7.34 -1.08
C ILE E 60 -20.63 8.24 -2.03
N LYS E 61 -19.73 9.07 -1.52
CA LYS E 61 -18.79 9.82 -2.33
C LYS E 61 -17.42 9.66 -1.71
N PHE E 62 -16.38 9.82 -2.52
CA PHE E 62 -15.00 9.70 -2.05
C PHE E 62 -14.25 10.94 -2.50
N LEU E 63 -13.84 11.77 -1.55
CA LEU E 63 -13.13 13.00 -1.83
C LEU E 63 -11.67 12.84 -1.43
N LEU E 64 -10.76 13.08 -2.37
CA LEU E 64 -9.32 12.95 -2.12
C LEU E 64 -8.69 14.33 -2.15
N ALA E 65 -8.19 14.78 -1.02
CA ALA E 65 -7.43 16.03 -0.98
C ALA E 65 -6.08 15.78 -1.62
N THR E 66 -6.00 16.05 -2.92
CA THR E 66 -4.82 15.69 -3.71
C THR E 66 -3.72 16.72 -3.48
N SER E 67 -2.53 16.25 -3.15
CA SER E 67 -1.39 17.13 -2.91
C SER E 67 -0.12 16.36 -3.25
N GLU E 68 0.99 17.08 -3.30
CA GLU E 68 2.27 16.49 -3.68
C GLU E 68 2.70 15.38 -2.73
N ILE E 69 2.20 15.38 -1.50
CA ILE E 69 2.49 14.29 -0.57
C ILE E 69 1.32 13.36 -0.36
N ALA E 70 0.08 13.82 -0.61
CA ALA E 70 -1.07 12.94 -0.44
C ALA E 70 -1.11 11.83 -1.48
N ILE E 71 -0.32 11.94 -2.55
CA ILE E 71 -0.22 10.87 -3.53
C ILE E 71 1.00 10.00 -3.30
N LYS E 72 1.94 10.45 -2.47
CA LYS E 72 3.09 9.63 -2.09
C LYS E 72 2.93 9.03 -0.71
N ARG E 73 1.77 9.20 -0.09
CA ARG E 73 1.52 8.70 1.25
C ARG E 73 0.95 7.28 1.15
N ASP E 74 1.62 6.32 1.80
CA ASP E 74 1.22 4.93 1.69
C ASP E 74 -0.19 4.70 2.24
N GLY E 75 -0.52 5.36 3.35
CA GLY E 75 -1.81 5.15 3.97
C GLY E 75 -2.98 5.75 3.21
N VAL E 76 -2.73 6.67 2.29
CA VAL E 76 -3.80 7.26 1.51
C VAL E 76 -4.13 6.42 0.28
N LEU E 77 -3.10 5.99 -0.45
CA LEU E 77 -3.33 5.13 -1.61
C LEU E 77 -4.11 3.88 -1.24
N LYS E 78 -4.04 3.50 0.03
CA LYS E 78 -4.74 2.28 0.44
C LYS E 78 -6.21 2.63 0.49
N GLU E 79 -6.52 3.83 0.92
CA GLU E 79 -7.90 4.28 0.84
C GLU E 79 -8.34 4.48 -0.61
N ILE E 80 -7.41 4.86 -1.48
CA ILE E 80 -7.71 4.95 -2.91
C ILE E 80 -7.97 3.57 -3.48
N ALA E 81 -7.08 2.62 -3.15
CA ALA E 81 -7.17 1.28 -3.73
C ALA E 81 -8.48 0.61 -3.38
N VAL E 82 -8.92 0.72 -2.14
CA VAL E 82 -10.24 0.22 -1.78
C VAL E 82 -11.33 1.08 -2.39
N ALA E 83 -11.07 2.38 -2.57
CA ALA E 83 -12.07 3.25 -3.18
C ALA E 83 -12.37 2.82 -4.61
N GLU E 84 -11.35 2.46 -5.37
CA GLU E 84 -11.59 1.99 -6.73
C GLU E 84 -12.42 0.71 -6.73
N LYS E 85 -12.14 -0.19 -5.80
CA LYS E 85 -12.86 -1.46 -5.76
C LYS E 85 -14.34 -1.25 -5.44
N VAL E 86 -14.64 -0.44 -4.44
CA VAL E 86 -16.04 -0.17 -4.10
C VAL E 86 -16.70 0.63 -5.21
N LYS E 87 -15.91 1.40 -5.97
CA LYS E 87 -16.45 2.10 -7.13
C LYS E 87 -16.93 1.11 -8.18
N LYS E 88 -16.19 0.03 -8.38
CA LYS E 88 -16.53 -0.95 -9.40
C LYS E 88 -17.88 -1.60 -9.13
N GLN E 89 -18.07 -2.05 -7.88
CA GLN E 89 -19.34 -2.74 -7.52
C GLN E 89 -20.50 -1.74 -7.55
N LEU E 90 -20.23 -0.48 -7.21
CA LEU E 90 -21.29 0.52 -7.14
C LEU E 90 -21.64 1.10 -8.50
N LYS E 91 -20.96 0.66 -9.56
CA LYS E 91 -21.18 1.10 -10.94
C LYS E 91 -21.36 2.60 -11.05
N ASP E 92 -20.65 3.35 -10.21
CA ASP E 92 -20.70 4.80 -10.18
C ASP E 92 -19.32 5.33 -10.58
N ASP E 93 -19.21 5.81 -11.81
CA ASP E 93 -17.93 6.36 -12.26
C ASP E 93 -17.61 7.66 -11.53
N ASN E 94 -18.63 8.44 -11.16
CA ASN E 94 -18.43 9.67 -10.41
C ASN E 94 -18.45 9.37 -8.91
N PHE E 95 -17.40 8.68 -8.46
CA PHE E 95 -17.22 8.32 -7.06
C PHE E 95 -15.99 8.96 -6.45
N ILE E 96 -14.84 8.82 -7.09
CA ILE E 96 -13.59 9.39 -6.60
C ILE E 96 -13.43 10.77 -7.23
N ILE E 97 -13.29 11.79 -6.38
CA ILE E 97 -13.19 13.17 -6.82
C ILE E 97 -11.88 13.76 -6.30
N PRO E 98 -10.80 13.68 -7.06
CA PRO E 98 -9.47 14.10 -6.56
C PRO E 98 -9.27 15.61 -6.51
N LEU E 99 -9.72 16.22 -5.41
CA LEU E 99 -9.57 17.65 -5.20
C LEU E 99 -8.11 18.05 -5.15
N ILE E 100 -7.64 18.80 -6.15
CA ILE E 100 -6.25 19.20 -6.23
C ILE E 100 -6.10 20.55 -5.53
N ILE E 101 -5.23 20.61 -4.53
CA ILE E 101 -5.00 21.82 -3.75
C ILE E 101 -3.59 22.37 -3.94
N ASP E 102 -2.60 21.49 -4.06
CA ASP E 102 -1.22 21.95 -4.12
C ASP E 102 -0.95 22.73 -5.40
N GLU E 103 -0.23 23.84 -5.26
CA GLU E 103 0.11 24.67 -6.42
C GLU E 103 1.03 23.94 -7.38
N ASN E 104 2.02 23.22 -6.84
CA ASN E 104 3.06 22.61 -7.68
C ASN E 104 2.63 21.32 -8.33
N LEU E 105 1.48 20.76 -7.94
CA LEU E 105 0.96 19.54 -8.53
C LEU E 105 0.04 19.90 -9.70
N SER E 106 0.47 19.57 -10.93
CA SER E 106 -0.29 19.90 -12.12
C SER E 106 -0.41 18.66 -13.01
N TYR E 107 -1.36 17.78 -12.68
CA TYR E 107 -1.90 16.77 -13.58
C TYR E 107 -0.86 16.03 -14.41
N ASP E 108 0.37 15.93 -13.91
CA ASP E 108 1.41 15.24 -14.64
C ASP E 108 2.29 14.38 -13.75
N ASP E 109 2.02 14.34 -12.45
CA ASP E 109 2.62 13.35 -11.56
C ASP E 109 1.55 12.60 -10.78
N LEU E 110 0.30 12.69 -11.25
CA LEU E 110 -0.84 12.03 -10.55
C LEU E 110 -0.83 10.52 -10.82
N PRO E 111 -1.17 9.66 -9.84
CA PRO E 111 -1.25 8.22 -10.06
C PRO E 111 -2.25 7.86 -11.16
N PRO E 112 -1.99 6.81 -11.98
CA PRO E 112 -2.88 6.43 -13.08
C PRO E 112 -4.32 6.19 -12.60
N GLU E 113 -4.48 5.76 -11.35
CA GLU E 113 -5.83 5.46 -10.80
C GLU E 113 -6.71 6.71 -10.89
N ILE E 114 -6.17 7.87 -10.52
CA ILE E 114 -7.00 9.12 -10.49
C ILE E 114 -6.68 9.97 -11.74
N ILE E 115 -5.67 9.57 -12.52
CA ILE E 115 -5.27 10.40 -13.70
C ILE E 115 -6.40 10.36 -14.74
N ARG E 116 -7.15 9.26 -14.80
CA ARG E 116 -8.30 9.17 -15.70
C ARG E 116 -9.48 9.99 -15.21
N LEU E 117 -9.47 10.44 -13.96
CA LEU E 117 -10.60 11.10 -13.35
C LEU E 117 -10.49 12.61 -13.47
N ASN E 118 -11.65 13.28 -13.39
CA ASN E 118 -11.71 14.72 -13.49
C ASN E 118 -11.60 15.35 -12.11
N ALA E 119 -10.55 16.14 -11.91
CA ALA E 119 -10.29 16.76 -10.63
C ALA E 119 -11.14 18.02 -10.46
N VAL E 120 -11.16 18.53 -9.23
CA VAL E 120 -11.76 19.81 -8.91
C VAL E 120 -10.66 20.73 -8.41
N ASP E 121 -10.52 21.89 -9.03
CA ASP E 121 -9.36 22.74 -8.82
C ASP E 121 -9.54 23.61 -7.58
N PHE E 122 -8.61 23.49 -6.65
CA PHE E 122 -8.53 24.36 -5.49
C PHE E 122 -7.21 25.13 -5.44
N LYS E 123 -6.35 24.95 -6.45
CA LYS E 123 -5.01 25.52 -6.41
C LYS E 123 -4.99 27.03 -6.29
N LYS E 124 -5.96 27.71 -6.87
CA LYS E 124 -6.01 29.17 -6.86
C LYS E 124 -6.94 29.74 -5.80
N SER E 125 -8.06 29.10 -5.54
CA SER E 125 -9.05 29.66 -4.61
C SER E 125 -9.93 28.54 -4.08
N TRP E 126 -10.05 28.46 -2.76
CA TRP E 126 -10.82 27.39 -2.15
C TRP E 126 -12.32 27.62 -2.30
N ALA E 127 -12.76 28.87 -2.27
CA ALA E 127 -14.20 29.13 -2.35
C ALA E 127 -14.76 28.72 -3.69
N VAL E 128 -14.05 29.03 -4.77
CA VAL E 128 -14.52 28.64 -6.10
C VAL E 128 -14.40 27.13 -6.28
N GLY E 129 -13.30 26.54 -5.83
CA GLY E 129 -13.17 25.09 -5.90
C GLY E 129 -14.29 24.38 -5.17
N LEU E 130 -14.69 24.91 -4.02
CA LEU E 130 -15.84 24.34 -3.31
C LEU E 130 -17.13 24.62 -4.07
N GLN E 131 -17.19 25.73 -4.79
CA GLN E 131 -18.34 25.99 -5.65
C GLN E 131 -18.43 24.95 -6.76
N ASP E 132 -17.29 24.52 -7.28
CA ASP E 132 -17.27 23.44 -8.27
C ASP E 132 -17.82 22.15 -7.67
N LEU E 133 -17.43 21.83 -6.45
CA LEU E 133 -17.89 20.59 -5.81
C LEU E 133 -19.39 20.61 -5.60
N LEU E 134 -19.93 21.72 -5.13
CA LEU E 134 -21.38 21.79 -4.92
C LEU E 134 -22.14 21.57 -6.21
N LYS E 135 -21.59 22.07 -7.32
CA LYS E 135 -22.16 21.73 -8.62
C LYS E 135 -22.03 20.24 -8.91
N ALA E 136 -20.87 19.66 -8.61
CA ALA E 136 -20.66 18.24 -8.86
C ALA E 136 -21.56 17.38 -7.98
N LEU E 137 -21.70 17.74 -6.70
CA LEU E 137 -22.51 16.94 -5.80
C LEU E 137 -23.99 17.09 -6.10
N ASP E 138 -24.44 18.31 -6.40
CA ASP E 138 -25.86 18.52 -6.69
C ASP E 138 -26.24 17.90 -8.02
N ASP E 139 -25.32 17.87 -8.98
CA ASP E 139 -25.59 17.21 -10.25
C ASP E 139 -25.91 15.74 -10.06
N GLN E 140 -25.18 15.07 -9.18
CA GLN E 140 -25.36 13.66 -8.90
C GLN E 140 -26.42 13.38 -7.85
N LYS E 141 -27.10 14.42 -7.38
CA LYS E 141 -28.22 14.28 -6.44
C LYS E 141 -27.78 13.59 -5.16
N VAL E 142 -26.59 13.94 -4.66
CA VAL E 142 -26.14 13.43 -3.37
C VAL E 142 -27.01 14.01 -2.27
N GLU E 143 -27.73 13.15 -1.57
CA GLU E 143 -28.69 13.62 -0.53
C GLU E 143 -27.95 14.20 0.67
N LYS E 144 -28.40 15.34 1.17
CA LYS E 144 -27.80 15.93 2.41
C LYS E 144 -28.95 16.34 3.35
N ASN E 145 -28.77 16.12 4.65
CA ASN E 145 -29.84 16.43 5.63
C ASN E 145 -29.90 17.95 5.85
N SER E 146 -30.88 18.42 6.62
CA SER E 146 -30.99 19.87 6.92
C SER E 146 -30.94 20.09 8.44
N PRO E 147 -29.76 19.94 9.10
CA PRO E 147 -29.67 20.08 10.56
C PRO E 147 -30.07 21.46 11.04
N ASP E 148 -29.45 22.51 10.50
CA ASP E 148 -29.83 23.89 10.79
C ASP E 148 -30.14 24.55 9.45
N PRO E 149 -31.41 24.57 9.04
CA PRO E 149 -31.74 25.02 7.67
C PRO E 149 -31.26 26.42 7.36
N ASP E 150 -31.31 27.34 8.33
CA ASP E 150 -30.89 28.71 8.07
C ASP E 150 -29.41 28.78 7.72
N LYS E 151 -28.57 28.06 8.47
CA LYS E 151 -27.14 28.07 8.19
C LYS E 151 -26.84 27.43 6.84
N SER E 152 -27.55 26.34 6.51
CA SER E 152 -27.30 25.66 5.25
C SER E 152 -27.61 26.56 4.06
N ASN E 153 -28.76 27.22 4.09
CA ASN E 153 -29.13 28.10 2.97
C ASN E 153 -28.18 29.28 2.88
N ALA E 154 -27.89 29.92 4.01
CA ALA E 154 -27.04 31.10 3.99
C ALA E 154 -25.64 30.77 3.52
N LEU E 155 -25.04 29.71 4.08
CA LEU E 155 -23.70 29.32 3.66
C LEU E 155 -23.67 28.91 2.20
N TYR E 156 -24.74 28.27 1.73
CA TYR E 156 -24.83 27.92 0.32
C TYR E 156 -24.82 29.17 -0.54
N GLN E 157 -25.57 30.19 -0.14
CA GLN E 157 -25.59 31.43 -0.91
C GLN E 157 -24.24 32.12 -0.89
N GLN E 158 -23.56 32.11 0.26
CA GLN E 158 -22.24 32.73 0.36
C GLN E 158 -21.28 32.07 -0.61
N ILE E 159 -21.31 30.74 -0.69
CA ILE E 159 -20.48 30.03 -1.65
C ILE E 159 -20.99 30.27 -3.07
N PHE E 160 -22.31 30.25 -3.25
CA PHE E 160 -22.89 30.40 -4.59
C PHE E 160 -22.50 31.73 -5.23
N LEU E 161 -22.67 32.82 -4.48
CA LEU E 161 -22.38 34.15 -5.01
C LEU E 161 -21.00 34.60 -4.53
N HIS E 162 -19.98 33.95 -5.10
CA HIS E 162 -18.60 34.32 -4.78
C HIS E 162 -17.93 35.09 -5.91
N ASN E 163 -17.98 34.56 -7.14
CA ASN E 163 -17.54 35.28 -8.33
C ASN E 163 -18.70 35.32 -9.32
N LYS E 164 -19.55 36.32 -9.16
CA LYS E 164 -20.71 36.52 -10.02
C LYS E 164 -21.10 37.99 -9.96
N GLY E 165 -21.79 38.46 -11.00
CA GLY E 165 -22.29 39.81 -11.05
C GLY E 165 -21.57 40.73 -12.00
N ILE E 166 -20.57 40.25 -12.72
CA ILE E 166 -19.91 41.07 -13.72
C ILE E 166 -20.21 40.52 -15.12
N ILE E 167 -21.27 41.02 -15.73
CA ILE E 167 -21.66 40.59 -17.06
C ILE E 167 -20.94 41.45 -18.10
N GLU E 168 -20.59 40.82 -19.22
CA GLU E 168 -19.90 41.49 -20.31
C GLU E 168 -20.82 42.36 -21.15
N ARG E 169 -22.08 42.49 -20.77
CA ARG E 169 -23.04 43.27 -21.52
C ARG E 169 -22.65 44.74 -21.54
N GLU E 170 -22.87 45.38 -22.69
CA GLU E 170 -22.65 46.81 -22.85
C GLU E 170 -23.80 47.59 -22.20
N GLU E 171 -23.47 48.75 -21.66
CA GLU E 171 -24.47 49.62 -21.07
C GLU E 171 -24.14 51.07 -21.40
N ILE E 172 -25.18 51.89 -21.54
CA ILE E 172 -25.06 53.29 -21.92
C ILE E 172 -25.41 54.15 -20.71
N TYR E 173 -24.56 55.12 -20.40
CA TYR E 173 -24.75 55.99 -19.27
C TYR E 173 -25.01 57.41 -19.74
N ASP E 174 -26.00 58.06 -19.14
CA ASP E 174 -26.34 59.45 -19.44
C ASP E 174 -25.68 60.35 -18.40
N SER E 175 -24.81 61.25 -18.86
CA SER E 175 -24.08 62.12 -17.95
C SER E 175 -24.85 63.41 -17.71
N ASN E 176 -24.32 64.24 -16.82
CA ASN E 176 -24.78 65.60 -16.71
C ASN E 176 -23.96 66.56 -17.55
N TRP E 177 -22.97 66.05 -18.28
CA TRP E 177 -22.17 66.86 -19.18
C TRP E 177 -22.95 67.13 -20.47
N PHE E 178 -22.94 68.38 -20.91
CA PHE E 178 -23.55 68.77 -22.18
C PHE E 178 -22.48 69.49 -23.01
N SER E 179 -21.91 68.77 -23.97
CA SER E 179 -20.83 69.32 -24.78
C SER E 179 -21.33 70.46 -25.65
N ILE E 180 -20.48 71.47 -25.84
CA ILE E 180 -20.86 72.62 -26.65
C ILE E 180 -20.75 72.24 -28.12
N LEU E 181 -21.77 72.58 -28.90
CA LEU E 181 -21.72 72.31 -30.33
C LEU E 181 -21.06 73.45 -31.09
N SER E 182 -21.49 74.69 -30.81
CA SER E 182 -20.99 75.84 -31.55
C SER E 182 -20.42 76.86 -30.57
N PHE E 183 -19.55 77.71 -31.11
CA PHE E 183 -18.87 78.77 -30.39
C PHE E 183 -18.37 79.78 -31.41
N PRO E 184 -18.23 81.06 -31.03
CA PRO E 184 -17.81 82.07 -31.99
C PRO E 184 -16.44 81.77 -32.55
N LYS E 185 -16.23 82.16 -33.81
CA LYS E 185 -14.96 81.87 -34.48
C LYS E 185 -13.84 82.80 -34.02
N GLU E 186 -14.17 84.02 -33.59
CA GLU E 186 -13.17 85.01 -33.25
C GLU E 186 -13.49 85.61 -31.89
N LEU E 187 -12.46 85.71 -31.05
CA LEU E 187 -12.57 86.32 -29.73
C LEU E 187 -11.84 87.65 -29.75
N ARG E 188 -12.50 88.70 -29.27
CA ARG E 188 -12.08 90.08 -29.55
C ARG E 188 -11.87 90.84 -28.25
N PHE E 189 -10.78 91.61 -28.20
CA PHE E 189 -10.47 92.49 -27.06
C PHE E 189 -10.80 93.92 -27.46
N HIS E 190 -11.86 94.46 -26.88
CA HIS E 190 -12.24 95.84 -27.18
C HIS E 190 -11.55 96.79 -26.21
N ASP E 191 -10.93 97.84 -26.75
CA ASP E 191 -10.25 98.81 -25.90
C ASP E 191 -11.24 99.94 -25.65
N TYR E 192 -12.41 99.60 -25.14
CA TYR E 192 -13.41 100.68 -24.97
C TYR E 192 -12.93 101.54 -23.84
N GLU E 193 -11.75 101.22 -23.29
CA GLU E 193 -11.26 101.96 -22.10
C GLU E 193 -11.39 103.46 -22.35
N LYS E 194 -10.71 103.93 -23.38
CA LYS E 194 -10.72 105.38 -23.68
C LYS E 194 -12.18 105.85 -23.67
N LEU E 195 -13.09 104.95 -24.07
CA LEU E 195 -14.52 105.32 -24.15
C LEU E 195 -15.26 104.70 -22.96
N MET E 196 -14.55 104.10 -22.01
CA MET E 196 -15.27 103.40 -20.90
C MET E 196 -15.22 104.25 -19.62
N PRO E 197 -16.36 104.46 -18.92
CA PRO E 197 -16.36 105.19 -17.65
C PRO E 197 -15.54 104.44 -16.61
N LYS E 198 -14.92 105.18 -15.67
CA LYS E 198 -14.08 104.55 -14.63
C LYS E 198 -14.88 103.45 -13.91
N GLY E 199 -14.36 102.22 -13.87
CA GLY E 199 -15.04 101.11 -13.20
C GLY E 199 -16.47 100.93 -13.71
N PHE E 200 -16.67 101.09 -15.01
CA PHE E 200 -18.02 100.90 -15.62
C PHE E 200 -18.43 99.43 -15.43
N ASP E 201 -19.47 99.18 -14.62
CA ASP E 201 -19.88 97.79 -14.33
C ASP E 201 -19.98 97.03 -15.66
N VAL E 202 -19.14 96.01 -15.85
CA VAL E 202 -19.13 95.26 -17.14
C VAL E 202 -20.24 94.20 -17.08
N ARG E 203 -20.84 93.99 -15.90
CA ARG E 203 -21.86 92.96 -15.78
C ARG E 203 -23.22 93.44 -16.28
N GLU E 204 -23.41 94.76 -16.37
CA GLU E 204 -24.69 95.29 -16.80
C GLU E 204 -24.87 95.20 -18.31
N LEU E 205 -23.80 94.88 -19.04
CA LEU E 205 -23.86 94.79 -20.50
C LEU E 205 -24.83 93.69 -20.93
N THR E 206 -25.46 93.91 -22.08
CA THR E 206 -26.37 92.90 -22.63
C THR E 206 -25.63 91.60 -22.93
N TYR E 207 -24.44 91.71 -23.52
CA TYR E 207 -23.60 90.56 -23.83
C TYR E 207 -22.39 90.50 -22.90
N PRO E 208 -21.86 89.29 -22.58
CA PRO E 208 -20.77 89.18 -21.60
C PRO E 208 -19.46 89.80 -22.12
N ALA E 209 -18.84 90.66 -21.32
CA ALA E 209 -17.54 91.27 -21.72
C ALA E 209 -16.66 91.46 -20.48
N VAL E 210 -15.43 90.93 -20.50
CA VAL E 210 -14.53 91.03 -19.33
C VAL E 210 -13.40 92.01 -19.67
N ARG E 211 -13.22 93.07 -18.87
CA ARG E 211 -12.20 94.10 -19.20
C ARG E 211 -10.81 93.59 -18.81
N TYR E 212 -10.30 92.57 -19.53
CA TYR E 212 -8.92 92.08 -19.26
C TYR E 212 -7.97 93.26 -19.43
N LYS E 213 -7.21 93.58 -18.39
CA LYS E 213 -6.32 94.77 -18.45
C LYS E 213 -7.17 95.98 -18.87
N ASN E 214 -6.93 96.52 -20.06
CA ASN E 214 -7.73 97.66 -20.57
C ASN E 214 -8.52 97.20 -21.80
N TYR E 215 -8.68 95.88 -21.96
CA TYR E 215 -9.38 95.35 -23.17
C TYR E 215 -10.62 94.57 -22.75
N LEU E 216 -11.79 94.97 -23.28
CA LEU E 216 -13.06 94.29 -22.95
C LEU E 216 -13.13 92.96 -23.72
N CYS E 217 -12.52 91.90 -23.16
CA CYS E 217 -12.49 90.58 -23.85
C CYS E 217 -13.91 90.05 -24.04
N THR E 218 -14.36 89.94 -25.30
CA THR E 218 -15.68 89.37 -25.59
C THR E 218 -15.72 88.92 -27.04
N PHE E 219 -16.62 87.99 -27.34
CA PHE E 219 -16.90 87.64 -28.72
C PHE E 219 -17.82 88.65 -29.40
N ALA E 220 -18.44 89.54 -28.63
CA ALA E 220 -19.44 90.45 -29.17
C ALA E 220 -18.83 91.38 -30.21
N TRP E 221 -19.63 91.71 -31.23
CA TRP E 221 -19.18 92.61 -32.27
C TRP E 221 -18.95 94.01 -31.68
N GLU E 222 -18.01 94.74 -32.27
CA GLU E 222 -17.54 96.00 -31.71
C GLU E 222 -18.67 96.98 -31.41
N TYR E 223 -19.47 97.33 -32.43
CA TYR E 223 -20.53 98.31 -32.26
C TYR E 223 -21.85 97.61 -31.96
N ASP E 224 -21.90 97.01 -30.77
CA ASP E 224 -23.08 96.28 -30.31
C ASP E 224 -23.75 96.98 -29.13
N PHE E 225 -22.95 97.50 -28.19
CA PHE E 225 -23.48 98.16 -26.99
C PHE E 225 -23.67 99.65 -27.25
N MET E 226 -24.40 99.95 -28.33
CA MET E 226 -24.64 101.35 -28.68
C MET E 226 -25.49 102.04 -27.62
N HIS E 227 -26.63 101.44 -27.27
CA HIS E 227 -27.50 102.05 -26.27
C HIS E 227 -26.90 101.96 -24.87
N GLN E 228 -26.38 100.78 -24.52
CA GLN E 228 -25.87 100.58 -23.17
C GLN E 228 -24.61 101.41 -22.91
N LEU E 229 -23.69 101.41 -23.88
CA LEU E 229 -22.44 102.14 -23.73
C LEU E 229 -22.40 103.30 -24.71
N PRO E 230 -22.35 104.54 -24.25
CA PRO E 230 -22.40 105.68 -25.18
C PRO E 230 -21.14 105.76 -26.02
N LYS E 231 -21.25 106.53 -27.12
CA LYS E 231 -20.17 106.72 -28.09
C LYS E 231 -19.52 105.40 -28.51
N THR E 232 -20.31 104.34 -28.53
CA THR E 232 -19.81 103.03 -28.97
C THR E 232 -19.37 103.08 -30.43
N GLU E 233 -20.15 103.75 -31.28
CA GLU E 233 -19.83 103.79 -32.70
C GLU E 233 -18.55 104.57 -32.96
N THR E 234 -18.22 105.52 -32.08
CA THR E 234 -17.01 106.31 -32.25
C THR E 234 -15.75 105.49 -32.10
N TYR E 235 -15.85 104.30 -31.52
CA TYR E 235 -14.71 103.41 -31.35
C TYR E 235 -14.14 103.03 -32.71
N ASN E 236 -12.82 102.90 -32.77
CA ASN E 236 -12.15 102.45 -33.99
C ASN E 236 -11.87 100.96 -33.87
N SER E 237 -12.27 100.20 -34.90
CA SER E 237 -12.13 98.75 -34.86
C SER E 237 -10.67 98.33 -34.92
N SER E 238 -9.76 99.26 -35.22
CA SER E 238 -8.34 98.94 -35.25
C SER E 238 -7.83 98.49 -33.89
N GLN E 239 -8.32 99.11 -32.80
CA GLN E 239 -7.82 98.76 -31.48
C GLN E 239 -8.38 97.44 -30.98
N THR E 240 -9.38 96.88 -31.66
CA THR E 240 -9.88 95.56 -31.26
C THR E 240 -8.89 94.48 -31.66
N ILE E 241 -8.62 93.55 -30.74
CA ILE E 241 -7.62 92.48 -30.98
C ILE E 241 -8.41 91.22 -31.30
N ARG E 242 -8.30 90.78 -32.54
CA ARG E 242 -8.97 89.55 -32.98
C ARG E 242 -8.13 88.32 -32.61
N ILE E 243 -8.77 87.33 -32.02
CA ILE E 243 -8.08 86.06 -31.69
C ILE E 243 -8.93 84.88 -32.18
N PRO E 244 -8.33 83.92 -32.90
CA PRO E 244 -9.07 82.71 -33.27
C PRO E 244 -9.44 81.87 -32.05
N THR E 245 -10.73 81.67 -31.82
CA THR E 245 -11.18 80.95 -30.63
C THR E 245 -10.73 79.49 -30.66
N GLU E 246 -10.82 78.85 -31.83
CA GLU E 246 -10.43 77.45 -31.91
C GLU E 246 -8.94 77.26 -31.63
N GLU E 247 -8.13 78.26 -31.98
CA GLU E 247 -6.70 78.20 -31.67
C GLU E 247 -6.47 78.17 -30.17
N ILE E 248 -7.25 78.95 -29.41
CA ILE E 248 -7.15 78.93 -27.96
C ILE E 248 -7.55 77.57 -27.42
N LEU E 249 -8.67 77.03 -27.91
CA LEU E 249 -9.15 75.75 -27.40
C LEU E 249 -8.17 74.63 -27.69
N SER E 250 -7.36 74.79 -28.76
CA SER E 250 -6.27 73.87 -29.02
C SER E 250 -5.05 74.15 -28.16
N GLY E 251 -5.06 75.23 -27.39
CA GLY E 251 -3.93 75.56 -26.54
C GLY E 251 -2.68 75.97 -27.30
N LYS E 252 -2.83 76.70 -28.40
CA LYS E 252 -1.69 77.12 -29.20
C LYS E 252 -1.45 78.63 -29.17
N TYR E 253 -2.42 79.41 -28.73
CA TYR E 253 -2.28 80.87 -28.70
C TYR E 253 -1.56 81.29 -27.42
N ASP E 254 -0.24 81.08 -27.44
CA ASP E 254 0.61 81.49 -26.33
C ASP E 254 1.19 82.88 -26.55
N SER E 255 0.30 83.85 -26.78
CA SER E 255 0.74 85.19 -27.12
C SER E 255 1.38 85.86 -25.90
N PRO E 256 2.39 86.71 -26.12
CA PRO E 256 2.94 87.48 -24.99
C PRO E 256 1.92 88.42 -24.36
N PHE E 257 0.97 88.93 -25.15
CA PHE E 257 -0.04 89.83 -24.60
C PHE E 257 -0.90 89.11 -23.57
N ILE E 258 -1.34 87.89 -23.86
CA ILE E 258 -2.12 87.11 -22.92
C ILE E 258 -1.70 85.65 -23.05
N GLY E 259 -1.38 85.03 -21.91
CA GLY E 259 -1.10 83.61 -21.91
C GLY E 259 -2.35 82.81 -22.22
N ASN E 260 -2.15 81.66 -22.85
CA ASN E 260 -3.28 80.86 -23.29
C ASN E 260 -4.18 80.49 -22.12
N PHE E 261 -3.57 80.15 -20.98
CA PHE E 261 -4.32 79.68 -19.82
C PHE E 261 -5.37 80.69 -19.39
N GLU E 262 -5.01 81.97 -19.36
CA GLU E 262 -5.95 83.01 -18.93
C GLU E 262 -7.13 83.09 -19.88
N CYS E 263 -6.91 82.83 -21.16
CA CYS E 263 -7.97 83.00 -22.15
C CYS E 263 -9.14 82.05 -21.90
N GLN E 264 -8.84 80.77 -21.61
CA GLN E 264 -9.92 79.83 -21.36
C GLN E 264 -10.74 80.25 -20.14
N ARG E 265 -10.06 80.66 -19.07
CA ARG E 265 -10.76 81.07 -17.86
C ARG E 265 -11.68 82.23 -18.15
N LEU E 266 -11.24 83.15 -19.00
CA LEU E 266 -12.13 84.21 -19.48
C LEU E 266 -13.28 83.64 -20.28
N ILE E 267 -12.99 82.67 -21.15
CA ILE E 267 -14.03 82.04 -21.96
C ILE E 267 -15.07 81.38 -21.06
N VAL E 268 -14.60 80.65 -20.05
CA VAL E 268 -15.51 80.08 -19.06
C VAL E 268 -16.26 81.20 -18.34
N GLN E 269 -15.55 82.27 -17.96
CA GLN E 269 -16.21 83.41 -17.34
C GLN E 269 -17.27 83.97 -18.28
N LEU E 270 -16.92 84.11 -19.56
CA LEU E 270 -17.92 84.50 -20.55
C LEU E 270 -19.00 83.45 -20.66
N LEU E 271 -18.63 82.16 -20.64
CA LEU E 271 -19.58 81.09 -20.85
C LEU E 271 -20.62 81.04 -19.72
N ASN E 272 -20.17 81.11 -18.47
CA ASN E 272 -21.11 81.08 -17.35
C ASN E 272 -21.99 82.32 -17.35
N LYS E 273 -21.42 83.48 -17.62
CA LYS E 273 -22.22 84.70 -17.68
C LYS E 273 -23.24 84.63 -18.79
N ALA E 274 -22.84 84.14 -19.97
CA ALA E 274 -23.77 84.04 -21.09
C ALA E 274 -24.92 83.11 -20.76
N PHE E 275 -24.62 81.98 -20.08
CA PHE E 275 -25.68 81.08 -19.65
C PHE E 275 -26.64 81.79 -18.71
N GLU E 276 -26.09 82.56 -17.76
CA GLU E 276 -26.95 83.31 -16.85
C GLU E 276 -27.78 84.34 -17.60
N LEU E 277 -27.16 85.02 -18.57
CA LEU E 277 -27.90 86.01 -19.36
C LEU E 277 -29.02 85.35 -20.14
N ARG E 278 -28.77 84.16 -20.69
CA ARG E 278 -29.82 83.44 -21.39
C ARG E 278 -30.98 83.07 -20.48
N MET E 279 -30.68 82.84 -19.19
CA MET E 279 -31.73 82.43 -18.25
C MET E 279 -32.76 83.54 -18.08
N LYS E 280 -32.32 84.79 -18.00
CA LYS E 280 -33.26 85.90 -17.94
C LYS E 280 -34.13 85.93 -19.19
N GLU E 281 -33.53 85.67 -20.35
CA GLU E 281 -34.32 85.54 -21.57
C GLU E 281 -35.32 84.39 -21.46
N LYS E 282 -34.88 83.25 -20.92
CA LYS E 282 -35.80 82.14 -20.68
C LYS E 282 -36.69 82.38 -19.47
N GLY E 283 -36.40 83.38 -18.66
CA GLY E 283 -37.26 83.75 -17.54
C GLY E 283 -37.40 82.68 -16.49
N VAL E 284 -36.30 82.02 -16.14
CA VAL E 284 -36.31 81.02 -15.08
C VAL E 284 -36.01 81.73 -13.76
N ARG E 285 -36.75 81.37 -12.71
CA ARG E 285 -36.51 81.96 -11.41
C ARG E 285 -35.20 81.42 -10.83
N GLU E 286 -34.38 82.32 -10.31
CA GLU E 286 -33.06 81.99 -9.83
C GLU E 286 -33.05 81.86 -8.31
N TYR E 287 -31.96 81.30 -7.80
CA TYR E 287 -31.80 81.08 -6.35
C TYR E 287 -30.33 81.17 -5.99
N PRO E 288 -29.94 82.10 -5.12
CA PRO E 288 -28.55 82.15 -4.67
C PRO E 288 -28.19 80.93 -3.85
N MET E 289 -26.92 80.56 -3.90
CA MET E 289 -26.40 79.38 -3.21
C MET E 289 -25.23 79.78 -2.32
N SER E 290 -24.60 78.76 -1.74
CA SER E 290 -23.39 79.01 -0.95
C SER E 290 -22.25 79.50 -1.83
N ASN E 291 -22.07 78.88 -3.00
CA ASN E 291 -21.00 79.29 -3.91
C ASN E 291 -21.44 79.19 -5.37
N LYS E 292 -22.74 79.27 -5.63
CA LYS E 292 -23.21 79.07 -7.00
C LYS E 292 -24.55 79.79 -7.15
N MET E 293 -25.16 79.63 -8.33
CA MET E 293 -26.40 80.31 -8.69
C MET E 293 -27.40 79.25 -9.17
N GLY E 294 -28.58 79.21 -8.53
CA GLY E 294 -29.59 78.24 -8.90
C GLY E 294 -30.57 78.76 -9.93
N TYR E 295 -31.30 77.83 -10.54
CA TYR E 295 -32.31 78.16 -11.54
C TYR E 295 -33.43 77.14 -11.49
N TRP E 296 -34.66 77.59 -11.75
CA TRP E 296 -35.80 76.70 -11.77
C TRP E 296 -36.99 77.44 -12.40
N PHE E 297 -38.12 76.75 -12.49
CA PHE E 297 -39.35 77.29 -13.05
C PHE E 297 -40.35 77.54 -11.94
N GLU E 298 -40.98 78.72 -11.97
CA GLU E 298 -41.97 79.05 -10.96
C GLU E 298 -43.21 78.18 -11.09
N LYS E 299 -43.93 78.08 -9.98
CA LYS E 299 -45.19 77.29 -9.98
C LYS E 299 -46.13 77.92 -11.00
N GLY E 300 -46.76 77.09 -11.82
CA GLY E 300 -47.73 77.54 -12.78
C GLY E 300 -47.13 78.04 -14.08
N LYS E 301 -45.83 78.37 -14.09
CA LYS E 301 -45.17 78.78 -15.32
C LYS E 301 -45.16 77.64 -16.33
N LEU E 302 -44.75 76.45 -15.89
CA LEU E 302 -44.73 75.28 -16.76
C LEU E 302 -46.09 74.62 -16.78
N GLU E 303 -46.45 74.07 -17.93
CA GLU E 303 -47.76 73.46 -18.11
C GLU E 303 -47.94 72.31 -17.12
N LYS E 304 -48.88 72.48 -16.18
CA LYS E 304 -49.09 71.53 -15.08
C LYS E 304 -47.81 71.31 -14.28
N ASP E 305 -46.90 72.29 -14.33
CA ASP E 305 -45.59 72.20 -13.69
C ASP E 305 -44.86 70.93 -14.09
N LYS E 306 -44.98 70.59 -15.37
CA LYS E 306 -44.39 69.36 -15.90
C LYS E 306 -44.10 69.55 -17.38
N PHE E 307 -43.03 68.90 -17.85
CA PHE E 307 -42.60 69.01 -19.23
C PHE E 307 -41.97 67.70 -19.65
N ASN E 308 -42.14 67.34 -20.92
CA ASN E 308 -41.57 66.05 -21.43
C ASN E 308 -42.05 64.92 -20.52
N LYS E 309 -43.31 64.96 -20.10
CA LYS E 309 -43.89 63.91 -19.22
C LYS E 309 -43.07 63.81 -17.93
N VAL E 310 -42.49 64.93 -17.48
CA VAL E 310 -41.71 64.94 -16.21
C VAL E 310 -42.09 66.20 -15.43
N LEU E 311 -42.52 66.04 -14.18
CA LEU E 311 -42.87 67.22 -13.33
C LEU E 311 -41.58 67.87 -12.83
N LEU E 312 -41.07 68.87 -13.56
CA LEU E 312 -39.86 69.61 -13.10
C LEU E 312 -40.20 70.31 -11.78
N VAL E 313 -41.47 70.67 -11.59
CA VAL E 313 -41.91 71.34 -10.33
C VAL E 313 -42.89 70.43 -9.59
N GLY E 314 -42.63 70.17 -8.30
CA GLY E 314 -43.55 69.35 -7.50
C GLY E 314 -43.82 70.01 -6.16
N LYS E 315 -44.35 69.26 -5.18
CA LYS E 315 -44.62 69.81 -3.84
C LYS E 315 -44.23 68.77 -2.77
N GLN E 316 -43.61 69.20 -1.67
CA GLN E 316 -43.31 68.26 -0.55
C GLN E 316 -43.72 68.92 0.77
N LYS E 317 -44.36 68.16 1.66
CA LYS E 317 -44.78 68.70 2.98
C LYS E 317 -45.66 69.93 2.75
N ASP E 318 -45.26 71.09 3.32
CA ASP E 318 -46.08 72.32 3.20
C ASP E 318 -45.51 73.23 2.10
N LYS E 319 -44.45 72.78 1.41
CA LYS E 319 -43.81 73.64 0.39
C LYS E 319 -43.84 72.96 -0.99
N HIS E 320 -43.21 73.58 -1.99
CA HIS E 320 -43.19 73.00 -3.37
C HIS E 320 -41.74 72.70 -3.75
N TRP E 321 -41.42 71.42 -3.97
CA TRP E 321 -40.04 71.07 -4.41
C TRP E 321 -39.84 71.51 -5.85
N HIS E 322 -38.66 72.08 -6.15
CA HIS E 322 -38.37 72.57 -7.53
C HIS E 322 -37.04 71.97 -8.00
N PHE E 323 -37.04 71.36 -9.18
CA PHE E 323 -35.77 70.82 -9.72
C PHE E 323 -34.81 71.99 -9.98
N GLY E 324 -33.83 72.18 -9.10
CA GLY E 324 -32.85 73.26 -9.26
C GLY E 324 -31.69 72.85 -10.14
N ILE E 325 -31.09 73.79 -10.87
CA ILE E 325 -29.91 73.48 -11.72
C ILE E 325 -28.84 74.56 -11.50
N SER E 326 -27.57 74.24 -11.78
CA SER E 326 -26.47 75.23 -11.65
C SER E 326 -25.41 74.92 -12.71
N ALA E 327 -25.69 75.24 -13.98
CA ALA E 327 -24.76 74.89 -15.08
C ALA E 327 -23.40 75.56 -14.85
N ALA E 328 -22.31 74.79 -15.00
CA ALA E 328 -20.94 75.35 -14.85
C ALA E 328 -20.13 75.01 -16.10
N GLY E 329 -19.26 75.94 -16.54
CA GLY E 329 -18.50 75.71 -17.78
C GLY E 329 -17.16 75.04 -17.54
N LYS E 330 -16.69 74.22 -18.49
CA LYS E 330 -15.36 73.56 -18.39
C LYS E 330 -14.81 73.37 -19.81
N LEU E 331 -13.49 73.53 -19.99
CA LEU E 331 -12.92 73.43 -21.36
C LEU E 331 -11.95 72.24 -21.45
N TYR E 332 -11.32 71.86 -20.33
CA TYR E 332 -10.37 70.75 -20.34
C TYR E 332 -11.11 69.42 -20.21
N PRO E 333 -10.84 68.45 -21.12
CA PRO E 333 -10.15 68.62 -22.40
C PRO E 333 -11.15 68.95 -23.49
N PHE E 334 -12.37 68.44 -23.31
CA PHE E 334 -13.46 68.67 -24.24
C PHE E 334 -14.39 69.74 -23.66
N PRO E 335 -14.54 70.92 -24.31
CA PRO E 335 -15.36 72.00 -23.73
C PRO E 335 -16.78 71.49 -23.43
N VAL E 336 -17.15 71.43 -22.15
CA VAL E 336 -18.48 70.88 -21.75
C VAL E 336 -19.13 71.79 -20.72
N LEU E 337 -20.45 72.03 -20.84
CA LEU E 337 -21.17 72.82 -19.81
C LEU E 337 -21.89 71.85 -18.88
N MET E 338 -21.33 71.61 -17.69
CA MET E 338 -21.94 70.62 -16.75
C MET E 338 -23.26 71.18 -16.23
N ILE E 339 -24.33 70.38 -16.30
CA ILE E 339 -25.65 70.81 -15.75
C ILE E 339 -25.94 69.99 -14.49
N SER E 340 -25.87 70.61 -13.31
CA SER E 340 -26.05 69.86 -12.04
C SER E 340 -27.53 69.63 -11.72
N SER E 341 -27.83 68.97 -10.59
CA SER E 341 -29.23 68.67 -10.22
C SER E 341 -29.49 69.08 -8.77
N HIS E 342 -30.59 69.79 -8.51
CA HIS E 342 -30.88 70.29 -7.13
C HIS E 342 -32.38 70.24 -6.84
N ILE E 343 -32.76 70.44 -5.58
CA ILE E 343 -34.20 70.45 -5.21
C ILE E 343 -34.47 71.68 -4.32
N PHE E 344 -35.00 72.75 -4.91
CA PHE E 344 -35.36 73.95 -4.11
C PHE E 344 -36.78 73.80 -3.58
N PHE E 345 -37.12 74.52 -2.50
CA PHE E 345 -38.47 74.35 -1.88
C PHE E 345 -39.13 75.72 -1.70
N THR E 346 -40.43 75.81 -2.01
CA THR E 346 -41.17 77.09 -1.89
C THR E 346 -42.52 76.83 -1.22
N LYS E 347 -42.77 77.42 -0.06
CA LYS E 347 -44.03 77.16 0.69
C LYS E 347 -45.24 77.53 -0.19
N ASP E 348 -45.20 78.70 -0.82
CA ASP E 348 -46.36 79.15 -1.65
C ASP E 348 -46.15 78.75 -3.11
N GLY E 349 -45.01 78.14 -3.43
CA GLY E 349 -44.71 77.79 -4.82
C GLY E 349 -43.93 78.90 -5.51
N LYS E 350 -43.72 80.01 -4.81
CA LYS E 350 -43.00 81.17 -5.40
C LYS E 350 -41.76 81.50 -4.57
N GLU E 351 -41.94 82.07 -3.37
CA GLU E 351 -40.79 82.46 -2.51
C GLU E 351 -40.19 81.19 -1.90
N LEU E 352 -38.85 81.09 -1.89
CA LEU E 352 -38.18 79.89 -1.35
C LEU E 352 -38.01 80.04 0.17
N ILE E 353 -38.17 78.95 0.93
CA ILE E 353 -37.96 79.01 2.41
C ILE E 353 -36.61 79.69 2.66
N GLU E 354 -36.63 80.85 3.31
CA GLU E 354 -35.38 81.58 3.56
C GLU E 354 -34.49 80.81 4.53
N SER E 355 -35.08 80.08 5.46
CA SER E 355 -34.31 79.30 6.41
C SER E 355 -33.51 78.24 5.70
N LYS E 356 -32.18 78.36 5.74
CA LYS E 356 -31.31 77.39 5.09
C LYS E 356 -31.45 76.01 5.74
N LYS E 357 -31.72 75.99 7.05
CA LYS E 357 -31.90 74.73 7.74
C LYS E 357 -33.10 73.96 7.20
N ILE E 358 -34.22 74.66 7.00
CA ILE E 358 -35.44 73.98 6.57
C ILE E 358 -35.28 73.44 5.15
N GLN E 359 -34.68 74.24 4.26
CA GLN E 359 -34.47 73.79 2.89
C GLN E 359 -33.55 72.57 2.84
N HIS E 360 -32.43 72.63 3.58
CA HIS E 360 -31.46 71.54 3.54
C HIS E 360 -32.08 70.26 4.11
N ALA E 361 -32.82 70.38 5.21
CA ALA E 361 -33.54 69.24 5.73
C ALA E 361 -34.56 68.74 4.71
N ALA E 362 -35.26 69.68 4.06
CA ALA E 362 -36.23 69.29 3.03
C ALA E 362 -35.55 68.64 1.85
N ARG E 363 -34.38 69.14 1.46
CA ARG E 363 -33.68 68.61 0.30
C ARG E 363 -33.36 67.13 0.49
N ARG E 364 -32.91 66.76 1.68
CA ARG E 364 -32.60 65.36 1.95
C ARG E 364 -33.86 64.50 1.92
N ARG E 365 -34.96 65.03 2.47
CA ARG E 365 -36.23 64.26 2.52
C ARG E 365 -36.72 64.01 1.09
N GLN E 366 -36.61 65.01 0.23
CA GLN E 366 -37.02 64.81 -1.17
C GLN E 366 -36.05 63.83 -1.85
N GLY E 367 -34.75 63.98 -1.61
CA GLY E 367 -33.74 63.14 -2.29
C GLY E 367 -33.95 61.66 -2.00
N LYS E 368 -34.35 61.30 -0.77
CA LYS E 368 -34.48 59.87 -0.41
C LYS E 368 -35.70 59.28 -1.14
N ASN E 369 -36.38 60.11 -1.94
CA ASN E 369 -37.56 59.62 -2.72
C ASN E 369 -37.14 59.34 -4.16
N TRP E 370 -36.35 60.25 -4.76
CA TRP E 370 -35.94 60.08 -6.18
C TRP E 370 -34.85 59.01 -6.30
N TRP E 371 -34.81 58.31 -7.44
CA TRP E 371 -33.80 57.24 -7.66
C TRP E 371 -32.98 57.56 -8.89
N ASN E 372 -31.93 56.77 -9.14
CA ASN E 372 -31.06 56.99 -10.32
C ASN E 372 -31.93 57.35 -11.53
N ASP E 373 -32.92 56.51 -11.85
CA ASP E 373 -33.71 56.78 -13.05
C ASP E 373 -34.47 58.09 -12.92
N ASP E 374 -35.02 58.37 -11.74
CA ASP E 374 -35.79 59.60 -11.54
C ASP E 374 -34.92 60.83 -11.75
N TRP E 375 -33.69 60.82 -11.21
CA TRP E 375 -32.80 61.95 -11.39
C TRP E 375 -32.47 62.18 -12.86
N ARG E 376 -32.28 61.09 -13.60
CA ARG E 376 -32.03 61.20 -15.03
C ARG E 376 -33.23 61.84 -15.74
N ASN E 377 -34.44 61.37 -15.41
CA ASN E 377 -35.64 61.91 -16.07
C ASN E 377 -35.81 63.40 -15.75
N LYS E 378 -35.60 63.78 -14.49
CA LYS E 378 -35.80 65.17 -14.11
C LYS E 378 -34.81 66.09 -14.82
N LEU E 379 -33.54 65.70 -14.84
CA LEU E 379 -32.52 66.58 -15.42
C LEU E 379 -32.72 66.72 -16.92
N LEU E 380 -32.92 65.61 -17.62
CA LEU E 380 -33.00 65.67 -19.08
C LEU E 380 -34.25 66.40 -19.53
N ALA E 381 -35.33 66.29 -18.76
CA ALA E 381 -36.53 67.07 -19.07
C ALA E 381 -36.28 68.56 -18.89
N PHE E 382 -35.48 68.92 -17.89
CA PHE E 382 -35.20 70.34 -17.63
C PHE E 382 -34.48 70.98 -18.80
N VAL E 383 -33.39 70.36 -19.25
CA VAL E 383 -32.62 70.91 -20.36
C VAL E 383 -33.43 70.89 -21.64
N LYS E 384 -34.30 69.89 -21.80
CA LYS E 384 -35.14 69.82 -22.99
C LYS E 384 -36.07 71.01 -23.06
N TYR E 385 -36.57 71.47 -21.91
CA TYR E 385 -37.37 72.70 -21.90
C TYR E 385 -36.51 73.90 -22.30
N LEU E 386 -35.23 73.87 -21.98
CA LEU E 386 -34.31 74.95 -22.31
C LEU E 386 -33.76 74.84 -23.72
N SER E 387 -34.14 73.79 -24.46
CA SER E 387 -33.66 73.64 -25.83
C SER E 387 -34.26 74.71 -26.73
N ASP E 388 -33.41 75.61 -27.22
CA ASP E 388 -33.83 76.60 -28.19
C ASP E 388 -34.11 75.92 -29.51
N ASP E 389 -33.09 75.31 -30.10
CA ASP E 389 -33.26 74.46 -31.27
C ASP E 389 -33.73 73.07 -30.83
N GLU E 390 -34.21 72.29 -31.80
CA GLU E 390 -34.63 70.93 -31.49
C GLU E 390 -33.45 70.01 -31.22
N ASN E 391 -32.21 70.46 -31.46
CA ASN E 391 -31.03 69.65 -31.23
C ASN E 391 -29.96 70.38 -30.42
N SER E 392 -30.24 71.59 -29.96
CA SER E 392 -29.28 72.37 -29.19
C SER E 392 -29.99 73.59 -28.60
N PHE E 393 -29.24 74.35 -27.82
CA PHE E 393 -29.69 75.63 -27.28
C PHE E 393 -28.54 76.61 -27.37
N TYR E 394 -28.81 77.84 -27.80
CA TYR E 394 -27.74 78.79 -28.06
C TYR E 394 -27.46 79.67 -26.86
N LEU E 395 -26.29 80.31 -26.90
CA LEU E 395 -25.88 81.31 -25.90
C LEU E 395 -25.47 82.56 -26.66
N GLU E 396 -26.30 83.59 -26.59
CA GLU E 396 -26.01 84.85 -27.26
C GLU E 396 -24.89 85.59 -26.56
N VAL E 397 -23.75 85.74 -27.25
CA VAL E 397 -22.62 86.50 -26.75
C VAL E 397 -22.33 87.72 -27.61
N GLY E 398 -23.21 88.09 -28.51
CA GLY E 398 -23.00 89.24 -29.37
C GLY E 398 -24.21 89.44 -30.26
N SER E 399 -24.10 90.43 -31.13
CA SER E 399 -25.18 90.70 -32.09
C SER E 399 -25.37 89.53 -33.03
N GLU E 400 -24.28 88.98 -33.56
CA GLU E 400 -24.34 87.85 -34.50
C GLU E 400 -23.48 86.69 -34.04
N GLU E 401 -23.08 86.65 -32.78
CA GLU E 401 -22.26 85.59 -32.24
C GLU E 401 -23.08 84.76 -31.27
N LYS E 402 -23.02 83.43 -31.42
CA LYS E 402 -23.87 82.54 -30.66
C LYS E 402 -23.08 81.30 -30.25
N ILE E 403 -23.56 80.62 -29.22
CA ILE E 403 -22.93 79.41 -28.71
C ILE E 403 -24.02 78.35 -28.61
N TYR E 404 -24.16 77.55 -29.66
CA TYR E 404 -25.04 76.39 -29.57
C TYR E 404 -24.39 75.27 -28.75
N ILE E 405 -25.17 74.70 -27.84
CA ILE E 405 -24.71 73.60 -26.99
C ILE E 405 -25.73 72.47 -27.10
N SER E 406 -25.24 71.25 -27.27
CA SER E 406 -26.09 70.08 -27.42
C SER E 406 -27.09 69.98 -26.27
N ASN E 407 -28.38 69.95 -26.60
CA ASN E 407 -29.39 69.83 -25.57
C ASN E 407 -29.48 68.41 -25.01
N GLU E 408 -28.83 67.46 -25.63
CA GLU E 408 -28.76 66.13 -25.07
C GLU E 408 -27.44 65.94 -24.34
N PRO E 409 -27.45 65.20 -23.23
CA PRO E 409 -26.21 65.02 -22.45
C PRO E 409 -25.23 64.09 -23.15
N VAL E 410 -23.95 64.28 -22.83
CA VAL E 410 -22.91 63.40 -23.34
C VAL E 410 -23.13 62.00 -22.81
N GLN E 411 -23.00 61.01 -23.69
CA GLN E 411 -23.32 59.62 -23.37
C GLN E 411 -22.03 58.82 -23.27
N PHE E 412 -21.88 58.08 -22.18
CA PHE E 412 -20.74 57.21 -21.95
C PHE E 412 -21.17 55.76 -22.14
N VAL E 413 -20.25 54.94 -22.63
CA VAL E 413 -20.51 53.53 -22.92
C VAL E 413 -19.56 52.68 -22.11
N GLY E 414 -20.10 51.66 -21.45
CA GLY E 414 -19.29 50.74 -20.67
C GLY E 414 -19.49 49.30 -21.11
N LYS E 415 -18.45 48.47 -20.93
CA LYS E 415 -18.49 47.09 -21.41
C LYS E 415 -18.77 46.09 -20.31
N VAL E 416 -19.11 46.54 -19.10
CA VAL E 416 -19.46 45.65 -18.00
C VAL E 416 -20.74 46.14 -17.35
N SER E 417 -21.65 45.22 -17.05
CA SER E 417 -22.89 45.53 -16.36
C SER E 417 -23.12 44.49 -15.29
N TYR E 418 -24.30 44.53 -14.66
CA TYR E 418 -24.64 43.55 -13.59
C TYR E 418 -26.09 43.08 -13.76
N ASN E 419 -26.56 42.22 -12.85
CA ASN E 419 -27.94 41.67 -12.96
C ASN E 419 -28.96 42.81 -12.84
N MET E 420 -28.62 43.88 -12.11
CA MET E 420 -29.57 45.00 -11.89
C MET E 420 -30.92 44.41 -11.45
N PRO E 421 -30.98 43.62 -10.35
CA PRO E 421 -32.23 42.97 -9.93
C PRO E 421 -33.29 44.01 -9.56
N MET F 1 -19.44 58.85 -28.29
CA MET F 1 -19.39 57.79 -27.30
C MET F 1 -18.01 57.70 -26.66
N LYS F 2 -17.95 57.97 -25.36
CA LYS F 2 -16.73 57.81 -24.58
C LYS F 2 -16.75 56.46 -23.88
N GLU F 3 -15.65 55.72 -24.01
CA GLU F 3 -15.58 54.36 -23.51
C GLU F 3 -15.01 54.36 -22.09
N LEU F 4 -15.68 53.61 -21.20
CA LEU F 4 -15.25 53.47 -19.82
C LEU F 4 -14.55 52.14 -19.65
N ILE F 5 -13.33 52.19 -19.13
CA ILE F 5 -12.62 50.97 -18.78
C ILE F 5 -13.12 50.50 -17.43
N TYR F 6 -12.97 49.20 -17.16
CA TYR F 6 -13.37 48.61 -15.90
C TYR F 6 -12.15 48.15 -15.14
N ILE F 7 -12.08 48.51 -13.85
CA ILE F 7 -10.97 48.14 -12.99
C ILE F 7 -11.40 46.94 -12.16
N HIS F 8 -10.66 45.85 -12.28
CA HIS F 8 -10.98 44.64 -11.54
C HIS F 8 -10.77 44.86 -10.05
N GLU F 9 -11.64 44.25 -9.25
CA GLU F 9 -11.58 44.43 -7.81
C GLU F 9 -10.38 43.70 -7.22
N PRO F 10 -9.49 44.38 -6.52
CA PRO F 10 -8.36 43.69 -5.88
C PRO F 10 -8.84 42.80 -4.73
N ASN F 11 -8.04 41.79 -4.44
CA ASN F 11 -8.39 40.78 -3.46
C ASN F 11 -7.65 41.02 -2.15
N ILE F 12 -8.35 40.78 -1.05
CA ILE F 12 -7.80 40.95 0.30
C ILE F 12 -7.62 39.57 0.91
N LEU F 13 -6.43 39.34 1.46
CA LEU F 13 -6.09 38.03 1.99
C LEU F 13 -6.89 37.70 3.24
N PHE F 14 -6.96 36.41 3.55
CA PHE F 14 -7.58 35.91 4.77
C PHE F 14 -6.79 34.71 5.27
N ALA F 15 -7.39 33.91 6.13
CA ALA F 15 -6.71 32.73 6.64
C ALA F 15 -6.40 31.75 5.52
N ASN F 16 -5.28 31.05 5.65
CA ASN F 16 -4.83 30.02 4.72
C ASN F 16 -4.46 30.59 3.35
N GLY F 17 -4.14 31.88 3.28
CA GLY F 17 -3.85 32.49 2.00
C GLY F 17 -5.03 32.62 1.08
N GLN F 18 -6.24 32.37 1.57
CA GLN F 18 -7.43 32.44 0.73
C GLN F 18 -7.82 33.88 0.48
N LYS F 19 -8.39 34.13 -0.68
CA LYS F 19 -8.71 35.48 -1.14
C LYS F 19 -10.20 35.59 -1.42
N CYS F 20 -10.80 36.69 -0.97
CA CYS F 20 -12.17 37.02 -1.31
C CYS F 20 -12.26 38.52 -1.46
N ALA F 21 -13.26 38.98 -2.21
CA ALA F 21 -13.39 40.40 -2.49
C ALA F 21 -14.15 41.17 -1.41
N ASP F 22 -14.88 40.47 -0.54
CA ASP F 22 -15.64 41.11 0.51
C ASP F 22 -15.05 40.72 1.86
N PRO F 23 -14.66 41.68 2.71
CA PRO F 23 -14.20 41.29 4.05
C PRO F 23 -15.24 40.55 4.84
N ARG F 24 -16.53 40.89 4.68
CA ARG F 24 -17.57 40.18 5.41
C ARG F 24 -17.71 38.74 4.95
N ASP F 25 -17.24 38.41 3.75
CA ASP F 25 -17.31 37.04 3.26
C ASP F 25 -16.04 36.27 3.57
N GLY F 26 -14.88 36.86 3.26
CA GLY F 26 -13.62 36.19 3.56
C GLY F 26 -13.42 35.94 5.04
N LEU F 27 -13.96 36.81 5.88
CA LEU F 27 -13.94 36.55 7.31
C LEU F 27 -14.89 35.42 7.67
N ALA F 28 -16.12 35.48 7.17
CA ALA F 28 -17.11 34.47 7.53
C ALA F 28 -16.74 33.09 7.01
N LEU F 29 -16.21 33.02 5.79
CA LEU F 29 -15.87 31.72 5.20
C LEU F 29 -14.53 31.21 5.67
N PHE F 30 -13.54 32.10 5.80
CA PHE F 30 -12.16 31.69 6.01
C PHE F 30 -11.56 32.18 7.31
N GLY F 31 -12.00 33.32 7.84
CA GLY F 31 -11.50 33.81 9.11
C GLY F 31 -10.40 34.83 8.96
N PRO F 32 -9.96 35.39 10.08
CA PRO F 32 -8.95 36.44 10.04
C PRO F 32 -7.60 35.93 9.58
N PHE F 33 -6.79 36.86 9.07
CA PHE F 33 -5.46 36.50 8.58
C PHE F 33 -4.58 35.98 9.70
N THR F 34 -4.56 36.66 10.84
CA THR F 34 -3.89 36.18 12.04
C THR F 34 -4.85 36.24 13.21
N LYS F 35 -4.82 35.18 14.02
CA LYS F 35 -5.76 35.05 15.13
C LYS F 35 -5.08 35.47 16.43
N ILE F 36 -5.87 36.02 17.34
CA ILE F 36 -5.44 36.29 18.68
C ILE F 36 -6.07 35.27 19.62
N TYR F 37 -5.49 35.11 20.80
CA TYR F 37 -6.00 34.13 21.75
C TYR F 37 -7.38 34.52 22.26
N GLY F 38 -7.57 35.80 22.56
CA GLY F 38 -8.85 36.27 23.06
C GLY F 38 -8.74 37.74 23.41
N ILE F 39 -9.89 38.31 23.75
CA ILE F 39 -9.99 39.73 24.07
C ILE F 39 -10.49 39.88 25.50
N LYS F 40 -9.72 40.58 26.32
CA LYS F 40 -10.11 40.87 27.69
C LYS F 40 -10.69 42.28 27.73
N SER F 41 -12.01 42.37 27.85
CA SER F 41 -12.68 43.65 27.77
C SER F 41 -12.39 44.50 29.01
N GLY F 42 -12.59 45.80 28.85
CA GLY F 42 -12.52 46.74 29.97
C GLY F 42 -13.53 47.85 29.76
N VAL F 43 -14.41 48.05 30.74
CA VAL F 43 -15.54 48.97 30.59
C VAL F 43 -15.38 50.10 31.58
N VAL F 44 -15.50 51.32 31.10
CA VAL F 44 -15.44 52.52 31.93
C VAL F 44 -16.75 53.28 31.70
N GLY F 45 -17.73 53.02 32.55
CA GLY F 45 -19.01 53.66 32.39
C GLY F 45 -19.90 53.43 33.59
N THR F 46 -21.15 53.88 33.46
CA THR F 46 -22.11 53.74 34.54
C THR F 46 -22.55 52.27 34.66
N GLN F 47 -23.31 52.00 35.73
CA GLN F 47 -23.84 50.65 35.91
C GLN F 47 -24.76 50.27 34.76
N TYR F 48 -25.53 51.23 34.25
CA TYR F 48 -26.37 50.97 33.08
C TYR F 48 -25.52 50.57 31.88
N GLY F 49 -24.40 51.27 31.66
CA GLY F 49 -23.57 50.96 30.52
C GLY F 49 -22.95 49.58 30.59
N LEU F 50 -22.48 49.18 31.77
CA LEU F 50 -21.86 47.86 31.93
C LEU F 50 -22.86 46.75 31.63
N SER F 51 -24.10 46.90 32.11
CA SER F 51 -25.12 45.91 31.83
C SER F 51 -25.41 45.82 30.33
N ILE F 52 -25.47 46.97 29.66
CA ILE F 52 -25.70 46.98 28.22
C ILE F 52 -24.53 46.33 27.49
N PHE F 53 -23.31 46.70 27.86
CA PHE F 53 -22.13 46.13 27.21
C PHE F 53 -22.06 44.63 27.43
N LYS F 54 -22.30 44.18 28.65
CA LYS F 54 -22.33 42.74 28.92
C LYS F 54 -23.44 42.08 28.11
N ASN F 55 -24.57 42.77 27.95
CA ASN F 55 -25.64 42.22 27.13
C ASN F 55 -25.22 42.09 25.68
N TYR F 56 -24.56 43.11 25.13
CA TYR F 56 -24.26 43.13 23.71
C TYR F 56 -23.16 42.12 23.36
N ILE F 57 -22.10 42.06 24.16
CA ILE F 57 -21.02 41.12 23.88
C ILE F 57 -21.54 39.70 23.90
N ASN F 58 -22.39 39.37 24.88
CA ASN F 58 -23.01 38.06 24.90
C ASN F 58 -23.96 37.88 23.73
N HIS F 59 -24.56 38.97 23.25
CA HIS F 59 -25.47 38.89 22.12
C HIS F 59 -24.77 38.46 20.85
N ILE F 60 -23.55 38.98 20.61
CA ILE F 60 -22.89 38.76 19.33
C ILE F 60 -22.06 37.50 19.28
N GLN F 61 -22.05 36.69 20.34
CA GLN F 61 -21.40 35.40 20.26
C GLN F 61 -22.13 34.45 19.33
N LYS F 62 -23.45 34.49 19.35
CA LYS F 62 -24.32 33.65 18.54
C LYS F 62 -24.63 34.31 17.21
N PRO F 63 -24.99 33.53 16.20
CA PRO F 63 -25.29 34.13 14.89
C PRO F 63 -26.43 35.14 14.97
N ILE F 64 -26.32 36.19 14.16
CA ILE F 64 -27.27 37.28 14.14
C ILE F 64 -27.95 37.33 12.78
N TYR F 65 -29.28 37.48 12.79
CA TYR F 65 -30.10 37.53 11.60
C TYR F 65 -30.60 38.96 11.42
N ASN F 66 -30.30 39.54 10.25
CA ASN F 66 -30.93 40.79 9.83
C ASN F 66 -32.01 40.46 8.81
N ALA F 67 -32.92 41.43 8.60
CA ALA F 67 -34.08 41.18 7.75
C ALA F 67 -33.67 40.81 6.34
N ASN F 68 -32.70 41.52 5.77
CA ASN F 68 -32.25 41.29 4.40
C ASN F 68 -30.99 40.43 4.41
N ASN F 69 -31.19 39.14 4.70
CA ASN F 69 -30.08 38.19 4.73
C ASN F 69 -29.48 37.97 3.35
N ILE F 70 -30.25 38.18 2.28
CA ILE F 70 -29.76 37.91 0.94
C ILE F 70 -28.66 38.90 0.54
N THR F 71 -28.90 40.19 0.79
CA THR F 71 -27.98 41.20 0.27
C THR F 71 -26.73 41.31 1.13
N ARG F 72 -26.88 41.77 2.36
CA ARG F 72 -25.75 41.91 3.27
C ARG F 72 -25.62 40.66 4.12
N PRO F 73 -24.44 40.05 4.16
CA PRO F 73 -24.30 38.75 4.81
C PRO F 73 -24.61 38.81 6.30
N MET F 74 -25.10 37.70 6.83
CA MET F 74 -25.38 37.55 8.24
C MET F 74 -24.08 37.51 9.04
N PHE F 75 -24.21 37.66 10.36
CA PHE F 75 -23.08 37.55 11.26
C PHE F 75 -23.07 36.16 11.87
N PRO F 76 -22.09 35.32 11.56
CA PRO F 76 -22.05 33.97 12.16
C PRO F 76 -21.89 33.99 13.68
N GLY F 77 -21.22 34.98 14.23
CA GLY F 77 -20.93 35.02 15.66
C GLY F 77 -19.45 35.30 15.84
N PHE F 78 -19.11 35.96 16.95
CA PHE F 78 -17.75 36.46 17.11
C PHE F 78 -16.74 35.31 17.14
N GLU F 79 -16.95 34.33 18.01
CA GLU F 79 -16.00 33.22 18.07
C GLU F 79 -16.07 32.36 16.82
N ALA F 80 -17.20 32.39 16.11
CA ALA F 80 -17.34 31.63 14.88
C ALA F 80 -16.55 32.23 13.73
N VAL F 81 -16.41 33.55 13.69
CA VAL F 81 -15.75 34.24 12.60
C VAL F 81 -14.25 34.35 12.88
N PHE F 82 -13.93 34.89 14.05
CA PHE F 82 -12.55 35.25 14.37
C PHE F 82 -11.79 34.14 15.08
N GLY F 83 -12.48 33.19 15.69
CA GLY F 83 -11.86 32.06 16.33
C GLY F 83 -11.43 32.29 17.77
N CYS F 84 -11.38 33.54 18.19
CA CYS F 84 -11.00 33.86 19.57
C CYS F 84 -12.23 34.03 20.45
N LYS F 85 -11.98 34.16 21.74
CA LYS F 85 -13.03 34.33 22.73
C LYS F 85 -13.12 35.80 23.14
N TRP F 86 -14.36 36.28 23.24
CA TRP F 86 -14.62 37.65 23.72
C TRP F 86 -15.75 37.52 24.73
N ASP F 87 -15.38 37.32 26.00
CA ASP F 87 -16.34 37.02 27.05
C ASP F 87 -16.74 38.27 27.80
N ALA F 88 -18.04 38.39 28.09
CA ALA F 88 -18.57 39.50 28.86
C ALA F 88 -18.43 39.29 30.36
N ASP F 89 -17.97 38.13 30.79
CA ASP F 89 -17.74 37.85 32.20
C ASP F 89 -16.31 38.12 32.64
N ASN F 90 -15.47 38.58 31.74
CA ASN F 90 -14.08 38.89 32.04
C ASN F 90 -13.84 40.40 32.03
N VAL F 91 -14.88 41.16 32.32
CA VAL F 91 -14.87 42.62 32.20
C VAL F 91 -14.19 43.20 33.43
N VAL F 92 -13.13 43.98 33.20
CA VAL F 92 -12.48 44.72 34.27
C VAL F 92 -13.20 46.06 34.37
N PHE F 93 -14.34 46.04 35.07
CA PHE F 93 -15.21 47.20 35.10
C PHE F 93 -14.64 48.29 36.01
N LYS F 94 -14.67 49.52 35.52
CA LYS F 94 -14.26 50.69 36.29
C LYS F 94 -15.45 51.65 36.31
N GLU F 95 -16.16 51.69 37.43
CA GLU F 95 -17.40 52.45 37.49
C GLU F 95 -17.14 53.95 37.43
N VAL F 96 -17.98 54.65 36.66
CA VAL F 96 -18.05 56.10 36.68
C VAL F 96 -19.46 56.47 37.10
N THR F 97 -19.60 57.10 38.26
CA THR F 97 -20.90 57.38 38.84
C THR F 97 -21.57 58.50 38.07
N LYS F 98 -22.89 58.35 37.86
CA LYS F 98 -23.63 59.36 37.11
C LYS F 98 -23.58 60.71 37.81
N GLU F 99 -23.59 60.73 39.14
CA GLU F 99 -23.47 61.99 39.87
C GLU F 99 -22.13 62.66 39.60
N GLU F 100 -21.06 61.88 39.44
CA GLU F 100 -19.76 62.47 39.14
C GLU F 100 -19.80 63.23 37.82
N ILE F 101 -20.66 62.80 36.90
CA ILE F 101 -20.82 63.53 35.64
C ILE F 101 -21.43 64.90 35.90
N GLU F 102 -22.37 64.98 36.84
CA GLU F 102 -23.13 66.20 37.04
C GLU F 102 -22.23 67.36 37.47
N LYS F 103 -21.36 67.13 38.44
CA LYS F 103 -20.52 68.21 38.95
C LYS F 103 -19.59 68.76 37.87
N ILE F 104 -19.01 67.87 37.06
CA ILE F 104 -18.23 68.33 35.93
C ILE F 104 -19.12 68.98 34.89
N LEU F 105 -20.36 68.48 34.75
CA LEU F 105 -21.26 69.01 33.73
C LEU F 105 -21.59 70.49 33.97
N TYR F 106 -21.70 70.91 35.22
CA TYR F 106 -22.13 72.27 35.54
C TYR F 106 -21.02 73.31 35.45
N THR F 107 -19.79 72.99 35.04
CA THR F 107 -18.75 74.00 34.93
C THR F 107 -19.08 74.98 33.81
N GLU F 108 -18.83 76.27 34.07
CA GLU F 108 -19.20 77.31 33.12
C GLU F 108 -18.40 77.21 31.83
N SER F 109 -17.08 77.12 31.94
CA SER F 109 -16.22 77.17 30.76
C SER F 109 -16.29 75.85 29.99
N ASN F 110 -16.49 75.98 28.67
CA ASN F 110 -16.54 74.78 27.83
C ASN F 110 -15.20 74.06 27.80
N HIS F 111 -14.10 74.83 27.82
CA HIS F 111 -12.78 74.22 27.87
C HIS F 111 -12.61 73.38 29.13
N LYS F 112 -13.07 73.89 30.26
CA LYS F 112 -12.99 73.10 31.50
C LYS F 112 -13.96 71.93 31.47
N ARG F 113 -15.09 72.07 30.78
CA ARG F 113 -16.07 70.99 30.73
C ARG F 113 -15.52 69.79 29.98
N THR F 114 -15.01 70.00 28.77
CA THR F 114 -14.55 68.88 27.97
C THR F 114 -13.27 68.29 28.51
N TYR F 115 -12.40 69.12 29.09
CA TYR F 115 -11.13 68.61 29.60
C TYR F 115 -11.34 67.75 30.84
N ASP F 116 -12.24 68.16 31.73
CA ASP F 116 -12.48 67.38 32.93
C ASP F 116 -13.13 66.05 32.61
N LEU F 117 -14.07 66.02 31.66
CA LEU F 117 -14.68 64.76 31.25
C LEU F 117 -13.64 63.83 30.62
N VAL F 118 -12.75 64.37 29.79
CA VAL F 118 -11.68 63.55 29.25
C VAL F 118 -10.78 63.05 30.37
N SER F 119 -10.41 63.93 31.30
CA SER F 119 -9.57 63.53 32.41
C SER F 119 -10.30 62.53 33.32
N LEU F 120 -11.63 62.59 33.34
CA LEU F 120 -12.38 61.63 34.15
C LEU F 120 -12.18 60.21 33.63
N PHE F 121 -12.39 60.00 32.33
CA PHE F 121 -12.32 58.64 31.80
C PHE F 121 -10.90 58.13 31.73
N ILE F 122 -9.97 58.95 31.22
CA ILE F 122 -8.62 58.45 30.96
C ILE F 122 -7.90 58.15 32.27
N ASN F 123 -8.16 58.94 33.31
CA ASN F 123 -7.47 58.70 34.58
C ASN F 123 -7.82 57.33 35.14
N LYS F 124 -9.09 56.96 35.10
CA LYS F 124 -9.47 55.62 35.55
C LYS F 124 -8.81 54.54 34.70
N ILE F 125 -8.77 54.76 33.39
CA ILE F 125 -8.09 53.80 32.51
C ILE F 125 -6.60 53.76 32.81
N ILE F 126 -5.98 54.93 32.97
CA ILE F 126 -4.53 54.97 33.18
C ILE F 126 -4.18 54.34 34.53
N THR F 127 -4.93 54.68 35.58
CA THR F 127 -4.67 54.07 36.88
C THR F 127 -4.90 52.56 36.83
N ALA F 128 -5.97 52.14 36.17
CA ALA F 128 -6.30 50.70 36.08
C ALA F 128 -5.28 49.99 35.17
N ASN F 129 -4.40 50.75 34.53
CA ASN F 129 -3.35 50.15 33.68
C ASN F 129 -2.01 50.21 34.41
N LYS F 130 -2.03 50.62 35.68
CA LYS F 130 -0.78 50.74 36.48
C LYS F 130 -0.95 50.03 37.82
N ASN F 131 -2.19 50.00 38.35
CA ASN F 131 -2.44 49.39 39.68
C ASN F 131 -3.02 47.98 39.49
N GLU F 132 -3.96 47.82 38.56
CA GLU F 132 -4.62 46.51 38.35
C GLU F 132 -3.61 45.53 37.73
N ASP F 133 -3.64 44.26 38.17
CA ASP F 133 -2.73 43.25 37.57
C ASP F 133 -3.46 42.52 36.44
N GLU F 134 -4.58 43.09 35.98
CA GLU F 134 -5.35 42.48 34.85
C GLU F 134 -4.77 42.97 33.53
N LYS F 135 -4.51 42.06 32.59
CA LYS F 135 -3.99 42.45 31.25
C LYS F 135 -5.18 42.80 30.35
N VAL F 136 -5.74 44.01 30.51
CA VAL F 136 -6.90 44.44 29.68
C VAL F 136 -6.41 44.62 28.23
N ASP F 137 -7.21 44.17 27.26
CA ASP F 137 -6.80 44.25 25.86
C ASP F 137 -7.29 45.54 25.21
N VAL F 138 -8.60 45.76 25.21
CA VAL F 138 -9.20 46.96 24.65
C VAL F 138 -10.09 47.58 25.72
N TRP F 139 -9.93 48.88 25.94
CA TRP F 139 -10.72 49.61 26.92
C TRP F 139 -11.94 50.21 26.22
N PHE F 140 -13.12 49.70 26.56
CA PHE F 140 -14.36 50.13 25.94
C PHE F 140 -15.03 51.17 26.84
N LEU F 141 -15.19 52.38 26.32
CA LEU F 141 -15.73 53.50 27.08
C LEU F 141 -17.18 53.68 26.67
N VAL F 142 -18.08 53.04 27.41
CA VAL F 142 -19.51 53.16 27.10
C VAL F 142 -19.97 54.50 27.66
N ILE F 143 -19.86 55.55 26.86
CA ILE F 143 -20.12 56.91 27.31
C ILE F 143 -21.62 57.17 27.33
N PRO F 144 -22.14 57.76 28.40
CA PRO F 144 -23.57 58.10 28.44
C PRO F 144 -23.88 59.21 27.44
N ASP F 145 -25.15 59.24 27.00
CA ASP F 145 -25.53 60.14 25.93
C ASP F 145 -25.45 61.61 26.35
N GLU F 146 -25.56 61.89 27.65
CA GLU F 146 -25.41 63.27 28.11
C GLU F 146 -24.02 63.80 27.79
N ILE F 147 -23.03 62.92 27.78
CA ILE F 147 -21.66 63.34 27.48
C ILE F 147 -21.57 63.87 26.06
N TYR F 148 -22.28 63.23 25.13
CA TYR F 148 -22.14 63.60 23.72
C TYR F 148 -22.62 65.01 23.44
N GLN F 149 -23.83 65.35 23.87
CA GLN F 149 -24.46 66.56 23.34
C GLN F 149 -24.44 67.72 24.32
N TYR F 150 -24.50 67.46 25.63
CA TYR F 150 -24.24 68.53 26.60
C TYR F 150 -22.82 69.06 26.45
N CYS F 151 -21.85 68.17 26.29
CA CYS F 151 -20.47 68.57 26.02
C CYS F 151 -20.31 68.75 24.52
N ARG F 152 -20.54 69.98 24.04
CA ARG F 152 -20.47 70.28 22.62
C ARG F 152 -20.26 71.77 22.39
N ALA F 204 -11.18 70.55 20.83
CA ALA F 204 -12.34 70.96 21.62
C ALA F 204 -13.47 69.94 21.48
N GLN F 205 -13.11 68.72 21.09
CA GLN F 205 -14.05 67.62 20.98
C GLN F 205 -13.70 66.55 22.01
N PHE F 206 -14.73 65.99 22.65
CA PHE F 206 -14.51 64.95 23.64
C PHE F 206 -13.78 63.76 23.04
N HIS F 207 -14.29 63.22 21.93
CA HIS F 207 -13.69 62.05 21.33
C HIS F 207 -12.27 62.31 20.88
N ASP F 208 -12.03 63.46 20.25
CA ASP F 208 -10.70 63.75 19.72
C ASP F 208 -9.71 64.00 20.85
N GLN F 209 -10.15 64.71 21.90
CA GLN F 209 -9.26 64.99 23.02
C GLN F 209 -8.85 63.70 23.72
N LEU F 210 -9.80 62.78 23.91
CA LEU F 210 -9.53 61.57 24.68
C LEU F 210 -8.43 60.73 24.05
N LYS F 211 -8.49 60.55 22.73
CA LYS F 211 -7.54 59.66 22.08
C LYS F 211 -6.13 60.23 22.10
N ALA F 212 -5.98 61.55 21.99
CA ALA F 212 -4.65 62.15 21.93
C ALA F 212 -3.95 62.07 23.29
N ARG F 213 -4.69 62.25 24.38
CA ARG F 213 -4.08 62.19 25.70
C ARG F 213 -3.70 60.79 26.12
N LEU F 214 -4.30 59.76 25.53
CA LEU F 214 -3.94 58.38 25.81
C LEU F 214 -2.81 57.90 24.93
N LEU F 215 -2.35 58.72 23.98
CA LEU F 215 -1.28 58.31 23.08
C LEU F 215 0.03 58.11 23.82
N GLU F 216 0.29 58.95 24.82
CA GLU F 216 1.52 58.84 25.61
C GLU F 216 1.58 57.58 26.45
N HIS F 217 0.47 56.88 26.62
CA HIS F 217 0.44 55.63 27.37
C HIS F 217 0.24 54.40 26.48
N THR F 218 -0.11 54.60 25.21
CA THR F 218 -0.35 53.51 24.27
C THR F 218 -1.41 52.54 24.79
N ILE F 219 -2.62 53.07 24.93
CA ILE F 219 -3.76 52.27 25.41
C ILE F 219 -4.83 52.20 24.34
N PRO F 220 -5.05 51.05 23.70
CA PRO F 220 -6.14 50.96 22.73
C PRO F 220 -7.48 51.17 23.42
N THR F 221 -8.33 51.96 22.79
CA THR F 221 -9.66 52.25 23.30
C THR F 221 -10.68 52.16 22.18
N GLN F 222 -11.90 51.84 22.55
CA GLN F 222 -13.01 51.75 21.59
C GLN F 222 -14.23 52.41 22.21
N ILE F 223 -14.48 53.66 21.87
CA ILE F 223 -15.59 54.40 22.43
C ILE F 223 -16.88 53.90 21.80
N LEU F 224 -17.85 53.54 22.65
CA LEU F 224 -19.15 53.04 22.20
C LEU F 224 -20.22 53.85 22.89
N ARG F 225 -20.95 54.67 22.13
CA ARG F 225 -22.05 55.41 22.71
C ARG F 225 -23.15 54.46 23.14
N GLU F 226 -23.71 54.72 24.33
CA GLU F 226 -24.76 53.87 24.86
C GLU F 226 -25.97 53.83 23.95
N SER F 227 -26.21 54.88 23.18
CA SER F 227 -27.31 54.87 22.21
C SER F 227 -27.09 53.85 21.11
N THR F 228 -25.86 53.37 20.93
CA THR F 228 -25.58 52.39 19.90
C THR F 228 -25.81 50.96 20.39
N LEU F 229 -25.26 50.61 21.55
CA LEU F 229 -25.36 49.24 22.02
C LEU F 229 -26.77 48.88 22.49
N ALA F 230 -27.53 49.87 22.95
CA ALA F 230 -28.90 49.68 23.41
C ALA F 230 -29.88 50.45 22.53
N TRP F 231 -29.71 50.35 21.21
CA TRP F 231 -30.51 51.13 20.29
C TRP F 231 -32.00 50.84 20.43
N ARG F 232 -32.36 49.64 20.87
CA ARG F 232 -33.76 49.33 21.10
C ARG F 232 -34.33 50.16 22.25
N ASP F 233 -33.47 50.60 23.16
CA ASP F 233 -33.91 51.24 24.40
C ASP F 233 -33.72 52.76 24.38
N PHE F 234 -33.62 53.37 23.20
CA PHE F 234 -33.46 54.82 23.08
C PHE F 234 -34.36 55.30 21.94
N LYS F 235 -35.45 55.98 22.29
CA LYS F 235 -36.46 56.41 21.34
C LYS F 235 -36.72 57.90 21.52
N ASN F 236 -37.07 58.57 20.42
CA ASN F 236 -37.36 60.00 20.45
C ASN F 236 -38.84 60.27 20.67
N LYS F 237 -39.37 59.69 21.75
CA LYS F 237 -40.71 59.95 22.24
C LYS F 237 -41.79 59.46 21.29
N PHE F 238 -41.38 58.91 20.14
CA PHE F 238 -42.32 58.37 19.17
C PHE F 238 -42.56 56.90 19.47
N GLY F 239 -41.62 56.26 20.16
CA GLY F 239 -41.64 54.83 20.37
C GLY F 239 -40.75 54.06 19.42
N ALA F 240 -40.23 54.71 18.38
CA ALA F 240 -39.30 54.08 17.45
C ALA F 240 -37.89 54.53 17.79
N PRO F 241 -36.87 53.68 17.61
CA PRO F 241 -35.51 54.03 18.03
C PRO F 241 -34.99 55.29 17.34
N LYS F 242 -34.13 56.04 18.04
CA LYS F 242 -33.52 57.23 17.44
C LYS F 242 -32.81 56.87 16.14
N ARG F 243 -32.15 55.73 16.11
CA ARG F 243 -31.61 55.17 14.89
C ARG F 243 -32.01 53.70 14.84
N ASP F 244 -32.54 53.27 13.69
CA ASP F 244 -33.02 51.91 13.54
C ASP F 244 -31.96 50.97 12.98
N PHE F 245 -31.41 50.12 13.83
CA PHE F 245 -30.40 49.16 13.43
C PHE F 245 -31.00 47.79 13.09
N SER F 246 -32.33 47.68 13.02
CA SER F 246 -32.96 46.36 12.93
C SER F 246 -32.53 45.62 11.68
N LYS F 247 -32.52 46.30 10.54
CA LYS F 247 -32.16 45.66 9.28
C LYS F 247 -30.66 45.57 9.08
N ILE F 248 -29.86 46.17 9.96
CA ILE F 248 -28.41 46.19 9.80
C ILE F 248 -27.73 45.67 11.05
N GLU F 249 -28.41 44.80 11.80
CA GLU F 249 -27.81 44.26 13.02
C GLU F 249 -26.49 43.56 12.73
N GLY F 250 -26.47 42.69 11.73
CA GLY F 250 -25.23 42.04 11.37
C GLY F 250 -24.18 43.03 10.88
N HIS F 251 -24.61 44.06 10.16
CA HIS F 251 -23.70 45.11 9.75
C HIS F 251 -23.08 45.81 10.96
N LEU F 252 -23.90 46.09 11.98
CA LEU F 252 -23.37 46.69 13.20
C LEU F 252 -22.42 45.74 13.90
N ALA F 253 -22.81 44.48 14.05
CA ALA F 253 -21.99 43.51 14.77
C ALA F 253 -20.69 43.24 14.02
N TRP F 254 -20.74 43.25 12.69
CA TRP F 254 -19.53 43.05 11.91
C TRP F 254 -18.51 44.16 12.18
N THR F 255 -18.98 45.40 12.24
CA THR F 255 -18.08 46.54 12.34
C THR F 255 -17.43 46.62 13.72
N ILE F 256 -18.22 46.46 14.78
CA ILE F 256 -17.67 46.54 16.12
C ILE F 256 -16.69 45.40 16.37
N SER F 257 -17.05 44.19 15.92
CA SER F 257 -16.22 43.03 16.19
C SER F 257 -14.84 43.16 15.54
N THR F 258 -14.80 43.54 14.26
CA THR F 258 -13.51 43.66 13.60
C THR F 258 -12.71 44.84 14.14
N ALA F 259 -13.40 45.89 14.59
CA ALA F 259 -12.71 46.98 15.26
C ALA F 259 -12.09 46.51 16.56
N ALA F 260 -12.88 45.82 17.40
CA ALA F 260 -12.34 45.26 18.63
C ALA F 260 -11.28 44.22 18.34
N PHE F 261 -11.50 43.39 17.33
CA PHE F 261 -10.50 42.39 16.95
C PHE F 261 -9.21 43.06 16.50
N TYR F 262 -9.32 44.15 15.73
CA TYR F 262 -8.12 44.83 15.26
C TYR F 262 -7.37 45.50 16.40
N LYS F 263 -8.10 46.20 17.27
CA LYS F 263 -7.46 46.93 18.36
C LYS F 263 -6.83 46.01 19.40
N ALA F 264 -7.19 44.73 19.41
CA ALA F 264 -6.64 43.77 20.35
C ALA F 264 -5.43 43.04 19.78
N GLY F 265 -4.89 43.51 18.67
CA GLY F 265 -3.74 42.87 18.06
C GLY F 265 -4.05 41.93 16.93
N GLY F 266 -5.30 41.84 16.50
CA GLY F 266 -5.66 40.97 15.40
C GLY F 266 -5.56 41.68 14.06
N LYS F 267 -5.35 40.88 13.02
CA LYS F 267 -5.31 41.40 11.66
C LYS F 267 -6.43 40.75 10.86
N PRO F 268 -7.62 41.37 10.80
CA PRO F 268 -8.75 40.70 10.15
C PRO F 268 -8.51 40.35 8.69
N TRP F 269 -7.77 41.18 7.97
CA TRP F 269 -7.41 40.89 6.60
C TRP F 269 -6.25 41.78 6.19
N LYS F 270 -5.59 41.41 5.10
CA LYS F 270 -4.52 42.22 4.56
C LYS F 270 -4.61 42.18 3.04
N LEU F 271 -3.95 43.15 2.41
CA LEU F 271 -4.00 43.31 0.97
C LEU F 271 -2.81 42.61 0.31
N SER F 272 -3.03 42.12 -0.90
CA SER F 272 -1.96 41.52 -1.69
C SER F 272 -1.91 42.00 -3.13
N ASP F 273 -2.86 42.81 -3.57
CA ASP F 273 -2.91 43.28 -4.95
C ASP F 273 -2.28 44.67 -5.11
N ILE F 274 -1.01 44.79 -4.75
CA ILE F 274 -0.25 46.00 -5.01
C ILE F 274 1.07 45.62 -5.64
N ARG F 275 1.64 46.57 -6.37
CA ARG F 275 2.96 46.39 -6.94
C ARG F 275 3.98 46.39 -5.81
N SER F 276 4.86 45.39 -5.82
CA SER F 276 5.89 45.30 -4.80
C SER F 276 6.93 46.40 -4.99
N GLY F 277 7.60 46.75 -3.89
CA GLY F 277 8.61 47.79 -3.94
C GLY F 277 8.06 49.20 -4.00
N VAL F 278 6.79 49.40 -3.71
CA VAL F 278 6.16 50.71 -3.76
C VAL F 278 5.74 51.11 -2.35
N CYS F 279 6.02 52.37 -2.00
CA CYS F 279 5.67 52.91 -0.69
C CYS F 279 4.52 53.89 -0.88
N TYR F 280 3.30 53.40 -0.73
CA TYR F 280 2.11 54.23 -0.92
C TYR F 280 1.94 55.16 0.27
N LEU F 281 2.32 56.42 0.10
CA LEU F 281 2.31 57.40 1.17
C LEU F 281 1.21 58.42 0.92
N GLY F 282 0.37 58.65 1.92
CA GLY F 282 -0.75 59.56 1.76
C GLY F 282 -0.66 60.77 2.68
N LEU F 283 -0.90 61.96 2.13
CA LEU F 283 -0.72 63.20 2.87
C LEU F 283 -2.04 63.93 3.03
N VAL F 284 -2.32 64.37 4.26
CA VAL F 284 -3.53 65.13 4.57
C VAL F 284 -3.16 66.33 5.42
N TYR F 285 -3.68 67.49 5.06
CA TYR F 285 -3.41 68.74 5.77
C TYR F 285 -4.61 69.13 6.61
N LYS F 286 -4.35 69.57 7.83
CA LYS F 286 -5.39 69.97 8.77
C LYS F 286 -5.19 71.42 9.17
N GLN F 287 -6.30 72.15 9.25
CA GLN F 287 -6.26 73.55 9.65
C GLN F 287 -6.15 73.66 11.16
N ILE F 288 -5.22 74.49 11.63
CA ILE F 288 -5.03 74.76 13.04
C ILE F 288 -5.16 76.26 13.24
N GLU F 289 -6.03 76.66 14.17
CA GLU F 289 -6.24 78.06 14.46
C GLU F 289 -6.02 78.35 15.95
N PRO F 294 -3.12 80.31 11.68
CA PRO F 294 -2.86 80.01 10.27
C PRO F 294 -1.92 78.83 10.11
N LYS F 295 -2.13 77.79 10.91
CA LYS F 295 -1.22 76.65 10.96
C LYS F 295 -1.83 75.45 10.25
N ASN F 296 -1.00 74.76 9.48
CA ASN F 296 -1.40 73.55 8.78
C ASN F 296 -0.56 72.40 9.27
N ALA F 297 -1.17 71.28 9.66
CA ALA F 297 -0.41 70.06 9.97
C ALA F 297 -0.59 68.93 8.95
N CYS F 298 0.50 68.31 8.49
CA CYS F 298 0.42 67.30 7.44
C CYS F 298 0.85 65.89 7.76
N CYS F 299 0.03 65.10 8.44
CA CYS F 299 0.38 63.75 8.78
C CYS F 299 0.36 62.89 7.57
N ALA F 300 1.05 61.79 7.61
CA ALA F 300 1.20 60.83 6.52
C ALA F 300 0.91 59.42 7.01
N ALA F 301 0.35 58.62 6.12
CA ALA F 301 0.11 57.21 6.35
C ALA F 301 0.70 56.42 5.19
N GLN F 302 1.46 55.39 5.50
CA GLN F 302 2.14 54.62 4.48
C GLN F 302 1.64 53.19 4.49
N MET F 303 1.67 52.57 3.31
CA MET F 303 1.22 51.20 3.13
C MET F 303 2.09 50.56 2.06
N PHE F 304 2.65 49.40 2.37
CA PHE F 304 3.59 48.76 1.47
C PHE F 304 3.74 47.30 1.87
N LEU F 305 4.23 46.50 0.94
CA LEU F 305 4.51 45.10 1.17
C LEU F 305 5.91 44.93 1.76
N ASP F 306 6.04 44.05 2.73
CA ASP F 306 7.35 43.68 3.25
C ASP F 306 7.95 42.59 2.37
N ASN F 307 9.09 42.05 2.78
CA ASN F 307 9.71 40.98 2.00
C ASN F 307 8.85 39.73 1.99
N GLY F 308 8.14 39.46 3.08
CA GLY F 308 7.29 38.28 3.16
C GLY F 308 5.89 38.52 2.63
N ASP F 309 5.75 39.47 1.71
CA ASP F 309 4.45 39.81 1.12
C ASP F 309 3.43 40.17 2.19
N GLY F 310 3.88 40.93 3.19
CA GLY F 310 3.00 41.40 4.23
C GLY F 310 2.83 42.91 4.20
N THR F 311 1.58 43.38 4.15
CA THR F 311 1.30 44.81 4.22
C THR F 311 1.62 45.38 5.58
N VAL F 312 2.51 46.36 5.59
CA VAL F 312 2.79 47.11 6.80
C VAL F 312 2.05 48.44 6.74
N PHE F 313 0.78 48.40 7.10
CA PHE F 313 -0.06 49.58 7.09
C PHE F 313 0.11 50.34 8.40
N LYS F 314 1.03 51.30 8.40
CA LYS F 314 1.31 52.10 9.58
C LYS F 314 1.23 53.58 9.23
N GLY F 315 1.45 54.43 10.22
CA GLY F 315 1.53 55.86 9.96
C GLY F 315 2.96 56.27 9.70
N GLU F 316 3.15 57.54 9.36
CA GLU F 316 4.46 58.17 9.38
C GLU F 316 4.27 59.64 9.67
N VAL F 317 3.90 59.94 10.92
CA VAL F 317 3.12 61.13 11.23
C VAL F 317 3.89 62.20 11.99
N GLY F 318 3.18 63.28 12.30
CA GLY F 318 3.77 64.45 12.92
C GLY F 318 3.05 65.69 12.42
N PRO F 319 2.97 66.71 13.28
CA PRO F 319 2.39 68.00 12.87
C PRO F 319 3.40 68.86 12.13
N TRP F 320 3.70 68.51 10.89
CA TRP F 320 4.59 69.31 10.06
C TRP F 320 3.93 70.65 9.71
N TYR F 321 4.26 71.68 10.48
CA TYR F 321 3.48 72.91 10.48
C TYR F 321 3.80 73.87 9.34
N ASN F 322 2.76 74.50 8.82
CA ASN F 322 2.89 75.48 7.74
C ASN F 322 2.26 76.79 8.16
N GLN F 323 3.08 77.67 8.73
CA GLN F 323 2.63 78.97 9.18
C GLN F 323 2.62 79.97 8.03
N GLU F 324 2.48 79.47 6.81
CA GLU F 324 2.62 80.29 5.62
C GLU F 324 1.24 80.76 5.19
N LYS F 325 1.20 81.93 4.54
CA LYS F 325 -0.07 82.46 4.08
C LYS F 325 -0.66 81.56 3.00
N HIS F 326 0.21 81.04 2.14
CA HIS F 326 -0.28 80.03 1.16
C HIS F 326 -0.45 78.76 1.98
N GLU F 327 -1.61 78.12 1.91
CA GLU F 327 -1.95 76.98 2.75
C GLU F 327 -1.77 75.67 1.99
N PHE F 328 -1.83 74.57 2.76
CA PHE F 328 -1.84 73.22 2.20
C PHE F 328 -0.59 72.93 1.36
N HIS F 329 0.54 73.40 1.86
CA HIS F 329 1.81 73.00 1.20
C HIS F 329 2.85 72.87 2.31
N LEU F 330 4.02 72.39 1.97
CA LEU F 330 5.08 72.10 2.92
C LEU F 330 6.34 72.88 2.57
N ASN F 331 6.99 73.41 3.61
CA ASN F 331 8.27 74.07 3.42
C ASN F 331 9.33 73.05 3.02
N PRO F 332 10.41 73.49 2.39
CA PRO F 332 11.50 72.55 2.06
C PRO F 332 12.06 71.81 3.26
N LYS F 333 12.15 72.47 4.41
CA LYS F 333 12.64 71.80 5.62
C LYS F 333 11.70 70.71 6.08
N GLU F 334 10.41 71.04 6.21
CA GLU F 334 9.44 70.07 6.71
C GLU F 334 9.24 68.92 5.73
N ALA F 335 9.18 69.23 4.43
CA ALA F 335 8.91 68.21 3.42
C ALA F 335 10.02 67.18 3.37
N LYS F 336 11.28 67.62 3.52
CA LYS F 336 12.38 66.67 3.49
C LYS F 336 12.30 65.68 4.65
N ALA F 337 11.93 66.14 5.84
CA ALA F 337 11.82 65.25 6.98
C ALA F 337 10.72 64.23 6.77
N LEU F 338 9.59 64.65 6.20
CA LEU F 338 8.46 63.76 6.02
C LEU F 338 8.82 62.59 5.13
N LEU F 339 9.39 62.87 3.95
CA LEU F 339 9.72 61.78 3.04
C LEU F 339 10.89 60.95 3.55
N THR F 340 11.83 61.58 4.26
CA THR F 340 12.95 60.83 4.83
C THR F 340 12.46 59.80 5.84
N GLN F 341 11.47 60.17 6.67
CA GLN F 341 10.94 59.25 7.65
C GLN F 341 10.38 57.99 7.00
N ALA F 342 9.52 58.17 5.98
CA ALA F 342 8.94 57.03 5.30
C ALA F 342 10.00 56.21 4.59
N LEU F 343 11.01 56.87 4.04
CA LEU F 343 12.09 56.16 3.38
C LEU F 343 12.85 55.28 4.37
N ASN F 344 13.14 55.79 5.56
CA ASN F 344 13.82 54.99 6.57
C ASN F 344 12.93 53.85 7.04
N SER F 345 11.64 54.13 7.23
CA SER F 345 10.72 53.11 7.69
C SER F 345 10.67 51.93 6.72
N TYR F 346 10.58 52.23 5.41
CA TYR F 346 10.69 51.16 4.43
C TYR F 346 12.08 50.54 4.45
N LYS F 347 13.11 51.35 4.67
CA LYS F 347 14.47 50.85 4.70
C LYS F 347 14.65 49.81 5.80
N GLU F 348 14.14 50.11 7.00
CA GLU F 348 14.27 49.17 8.10
C GLU F 348 13.30 47.99 7.95
N GLN F 349 12.13 48.23 7.38
CA GLN F 349 11.13 47.16 7.26
C GLN F 349 11.50 46.16 6.17
N ASN F 350 12.28 46.58 5.17
CA ASN F 350 12.60 45.70 4.05
C ASN F 350 14.09 45.57 3.75
N GLY F 351 14.95 46.42 4.29
CA GLY F 351 16.36 46.32 4.00
C GLY F 351 16.77 47.19 2.82
N VAL F 352 16.06 47.07 1.70
CA VAL F 352 16.36 47.89 0.54
C VAL F 352 15.42 49.10 0.51
N PHE F 353 15.83 50.12 -0.24
CA PHE F 353 14.99 51.29 -0.43
C PHE F 353 13.88 51.01 -1.44
N PRO F 354 12.79 51.77 -1.38
CA PRO F 354 11.75 51.64 -2.41
C PRO F 354 12.30 52.03 -3.78
N LYS F 355 11.81 51.35 -4.81
CA LYS F 355 12.16 51.72 -6.17
C LYS F 355 11.22 52.76 -6.77
N GLU F 356 10.10 53.03 -6.12
CA GLU F 356 9.31 54.25 -6.38
C GLU F 356 8.43 54.51 -5.17
N ILE F 357 8.07 55.78 -4.98
CA ILE F 357 7.23 56.20 -3.87
C ILE F 357 5.95 56.78 -4.46
N PHE F 358 4.81 56.18 -4.11
CA PHE F 358 3.51 56.57 -4.64
C PHE F 358 2.89 57.56 -3.68
N ILE F 359 3.28 58.83 -3.80
CA ILE F 359 2.77 59.88 -2.92
C ILE F 359 1.43 60.35 -3.46
N HIS F 360 0.38 60.22 -2.66
CA HIS F 360 -0.95 60.65 -3.03
C HIS F 360 -1.48 61.62 -1.99
N ALA F 361 -2.37 62.51 -2.41
CA ALA F 361 -2.93 63.50 -1.51
C ALA F 361 -4.22 64.03 -2.11
N LYS F 362 -4.93 64.87 -1.35
CA LYS F 362 -6.16 65.51 -1.87
C LYS F 362 -5.79 66.91 -2.38
N THR F 363 -4.58 67.36 -2.04
CA THR F 363 -4.11 68.70 -2.49
C THR F 363 -3.00 68.52 -3.54
N LYS F 364 -2.88 69.48 -4.47
CA LYS F 364 -1.82 69.41 -5.50
C LYS F 364 -0.47 69.76 -4.84
N PHE F 365 0.64 69.39 -5.48
CA PHE F 365 1.98 69.72 -4.94
C PHE F 365 2.63 70.80 -5.82
N ASN F 366 3.23 71.82 -5.19
CA ASN F 366 3.94 72.88 -5.96
C ASN F 366 5.35 72.39 -6.31
N GLY F 367 6.23 73.29 -6.75
CA GLY F 367 7.55 72.83 -7.17
C GLY F 367 8.53 72.66 -6.03
N GLN F 368 8.58 73.62 -5.11
CA GLN F 368 9.63 73.62 -4.10
C GLN F 368 9.52 72.41 -3.17
N GLU F 369 8.31 72.05 -2.77
CA GLU F 369 8.16 70.87 -1.92
C GLU F 369 8.46 69.61 -2.71
N TRP F 370 8.07 69.58 -3.99
CA TRP F 370 8.44 68.44 -4.84
C TRP F 370 9.95 68.39 -5.05
N ASN F 371 10.59 69.55 -5.21
CA ASN F 371 12.04 69.57 -5.34
C ASN F 371 12.70 69.01 -4.09
N ALA F 372 12.17 69.34 -2.92
CA ALA F 372 12.71 68.80 -1.68
C ALA F 372 12.62 67.28 -1.67
N PHE F 373 11.51 66.73 -2.16
CA PHE F 373 11.39 65.28 -2.27
C PHE F 373 12.48 64.72 -3.18
N GLN F 374 12.72 65.39 -4.32
CA GLN F 374 13.73 64.93 -5.25
C GLN F 374 15.11 64.96 -4.62
N GLU F 375 15.41 65.99 -3.83
CA GLU F 375 16.73 66.14 -3.23
C GLU F 375 17.03 65.00 -2.26
N VAL F 376 16.04 64.63 -1.43
CA VAL F 376 16.25 63.56 -0.46
C VAL F 376 16.02 62.17 -1.02
N THR F 377 15.37 62.07 -2.18
CA THR F 377 15.09 60.76 -2.75
C THR F 377 16.37 60.09 -3.19
N PRO F 378 16.59 58.82 -2.85
CA PRO F 378 17.78 58.12 -3.31
C PRO F 378 17.72 57.80 -4.79
N GLU F 379 18.81 57.27 -5.33
CA GLU F 379 18.87 56.96 -6.76
C GLU F 379 18.07 55.70 -7.07
N GLY F 380 17.49 55.68 -8.26
CA GLY F 380 16.69 54.56 -8.69
C GLY F 380 15.27 54.54 -8.18
N THR F 381 14.87 55.54 -7.38
CA THR F 381 13.53 55.61 -6.82
C THR F 381 12.74 56.68 -7.56
N ASN F 382 11.59 56.28 -8.11
CA ASN F 382 10.72 57.21 -8.80
C ASN F 382 9.76 57.86 -7.83
N LEU F 383 9.16 58.97 -8.25
CA LEU F 383 8.11 59.64 -7.50
C LEU F 383 6.86 59.68 -8.36
N VAL F 384 5.72 59.47 -7.72
CA VAL F 384 4.42 59.64 -8.36
C VAL F 384 3.58 60.50 -7.44
N GLY F 385 3.11 61.64 -7.95
CA GLY F 385 2.22 62.48 -7.20
C GLY F 385 0.81 62.39 -7.71
N VAL F 386 -0.13 61.93 -6.89
CA VAL F 386 -1.50 61.70 -7.30
C VAL F 386 -2.42 62.57 -6.45
N THR F 387 -3.30 63.31 -7.12
CA THR F 387 -4.28 64.16 -6.44
C THR F 387 -5.66 63.52 -6.59
N ILE F 388 -6.26 63.16 -5.46
CA ILE F 388 -7.54 62.47 -5.43
C ILE F 388 -8.55 63.39 -4.78
N THR F 389 -9.48 63.91 -5.58
CA THR F 389 -10.48 64.83 -5.09
C THR F 389 -11.88 64.27 -5.36
N LYS F 390 -12.84 64.72 -4.57
CA LYS F 390 -14.21 64.24 -4.63
C LYS F 390 -15.16 65.42 -4.82
N THR F 391 -14.84 66.30 -5.77
CA THR F 391 -15.59 67.52 -5.97
C THR F 391 -16.20 67.68 -7.36
N LYS F 392 -15.53 67.20 -8.41
CA LYS F 392 -15.99 67.46 -9.77
C LYS F 392 -17.27 66.67 -10.04
N PRO F 393 -18.38 67.33 -10.37
CA PRO F 393 -19.63 66.59 -10.60
C PRO F 393 -19.66 65.92 -11.96
N LEU F 394 -19.53 64.59 -11.98
CA LEU F 394 -19.63 63.81 -13.21
C LEU F 394 -20.59 62.66 -12.90
N LYS F 395 -21.89 62.93 -13.00
CA LYS F 395 -22.93 61.97 -12.66
C LYS F 395 -23.32 61.21 -13.92
N LEU F 396 -23.08 59.91 -13.95
CA LEU F 396 -23.49 59.06 -15.06
C LEU F 396 -24.73 58.28 -14.68
N PHE F 397 -25.89 58.82 -15.05
CA PHE F 397 -27.16 58.13 -14.85
C PHE F 397 -27.23 56.92 -15.79
N LYS F 398 -27.69 55.79 -15.26
CA LYS F 398 -27.87 54.62 -16.11
C LYS F 398 -29.01 54.87 -17.08
N SER F 399 -28.92 54.24 -18.26
CA SER F 399 -29.93 54.46 -19.29
C SER F 399 -31.30 53.98 -18.83
N GLU F 400 -31.44 52.68 -18.61
CA GLU F 400 -32.71 52.07 -18.20
C GLU F 400 -32.46 51.22 -16.95
N GLY F 401 -33.25 51.49 -15.90
CA GLY F 401 -33.10 50.74 -14.67
C GLY F 401 -33.18 51.63 -13.44
N ASN F 402 -32.89 51.07 -12.27
CA ASN F 402 -33.02 51.83 -11.02
C ASN F 402 -31.82 51.64 -10.10
N TYR F 403 -30.80 50.90 -10.51
CA TYR F 403 -29.64 50.66 -9.68
C TYR F 403 -28.45 51.42 -10.25
N PRO F 404 -27.80 52.29 -9.47
CA PRO F 404 -26.80 53.21 -10.03
C PRO F 404 -25.62 52.52 -10.69
N ILE F 405 -24.74 53.32 -11.30
CA ILE F 405 -23.60 52.78 -12.00
C ILE F 405 -22.79 51.86 -11.10
N MET F 406 -22.31 50.77 -11.66
CA MET F 406 -21.58 49.78 -10.88
C MET F 406 -20.21 50.31 -10.51
N ARG F 407 -19.77 49.95 -9.30
CA ARG F 407 -18.44 50.34 -8.83
C ARG F 407 -17.38 49.73 -9.71
N GLY F 408 -16.31 50.48 -9.94
CA GLY F 408 -15.18 50.00 -10.71
C GLY F 408 -15.04 50.58 -12.09
N ASN F 409 -16.09 51.22 -12.61
CA ASN F 409 -15.99 51.90 -13.89
C ASN F 409 -15.01 53.06 -13.80
N ALA F 410 -14.26 53.27 -14.87
CA ALA F 410 -13.25 54.33 -14.88
C ALA F 410 -13.26 55.02 -16.24
N PHE F 411 -13.22 56.35 -16.21
CA PHE F 411 -13.15 57.16 -17.43
C PHE F 411 -11.75 57.74 -17.54
N ILE F 412 -10.99 57.26 -18.52
CA ILE F 412 -9.64 57.78 -18.77
C ILE F 412 -9.81 59.11 -19.51
N VAL F 413 -9.70 60.21 -18.78
CA VAL F 413 -9.79 61.53 -19.40
C VAL F 413 -8.63 61.73 -20.37
N ASN F 414 -7.43 61.44 -19.88
CA ASN F 414 -6.24 61.55 -20.73
C ASN F 414 -5.14 60.67 -20.15
N GLU F 415 -3.91 60.88 -20.61
CA GLU F 415 -2.77 60.10 -20.15
C GLU F 415 -2.36 60.41 -18.71
N ARG F 416 -2.81 61.53 -18.15
CA ARG F 416 -2.40 61.93 -16.81
C ARG F 416 -3.56 62.16 -15.85
N SER F 417 -4.78 61.76 -16.20
CA SER F 417 -5.93 61.94 -15.33
C SER F 417 -6.97 60.87 -15.63
N ALA F 418 -7.94 60.74 -14.74
CA ALA F 418 -9.02 59.78 -14.92
C ALA F 418 -10.13 60.08 -13.92
N PHE F 419 -11.31 59.52 -14.18
CA PHE F 419 -12.40 59.52 -13.22
C PHE F 419 -12.72 58.07 -12.86
N LEU F 420 -12.62 57.75 -11.58
CA LEU F 420 -12.76 56.38 -11.10
C LEU F 420 -13.95 56.30 -10.17
N TRP F 421 -14.78 55.29 -10.36
CA TRP F 421 -16.00 55.11 -9.55
C TRP F 421 -15.70 54.14 -8.42
N THR F 422 -15.22 54.68 -7.31
CA THR F 422 -15.02 53.85 -6.13
C THR F 422 -16.32 53.54 -5.42
N VAL F 423 -17.28 54.45 -5.45
CA VAL F 423 -18.60 54.22 -4.88
C VAL F 423 -19.58 54.05 -6.03
N GLY F 424 -20.42 53.03 -5.93
CA GLY F 424 -21.42 52.77 -6.96
C GLY F 424 -22.38 51.69 -6.51
N TYR F 425 -22.71 50.78 -7.43
CA TYR F 425 -23.49 49.59 -7.10
C TYR F 425 -22.53 48.41 -7.03
N VAL F 426 -22.53 47.72 -5.90
CA VAL F 426 -21.70 46.53 -5.70
C VAL F 426 -22.58 45.30 -5.89
N PRO F 427 -22.27 44.43 -6.85
CA PRO F 427 -23.17 43.29 -7.10
C PRO F 427 -23.24 42.31 -5.94
N LYS F 428 -22.10 41.93 -5.37
CA LYS F 428 -22.07 40.87 -4.36
C LYS F 428 -22.89 41.26 -3.13
N THR F 429 -22.72 42.49 -2.65
CA THR F 429 -23.50 42.95 -1.50
C THR F 429 -24.97 43.14 -1.85
N GLU F 430 -25.29 43.25 -3.15
CA GLU F 430 -26.68 43.34 -3.61
C GLU F 430 -27.41 44.54 -3.02
N SER F 431 -26.67 45.48 -2.43
CA SER F 431 -27.24 46.69 -1.85
C SER F 431 -26.13 47.72 -1.78
N THR F 432 -26.31 48.83 -2.50
CA THR F 432 -25.31 49.88 -2.56
C THR F 432 -24.96 50.39 -1.18
N LEU F 433 -23.67 50.58 -0.92
CA LEU F 433 -23.27 51.34 0.27
C LEU F 433 -23.76 52.78 0.15
N SER F 434 -23.98 53.26 -1.06
CA SER F 434 -24.58 54.56 -1.29
C SER F 434 -26.09 54.38 -1.47
N MET F 435 -26.78 55.45 -1.85
CA MET F 435 -28.21 55.44 -2.10
C MET F 435 -28.58 56.01 -3.46
N GLU F 436 -27.83 57.00 -3.94
CA GLU F 436 -28.20 57.72 -5.16
C GLU F 436 -27.02 57.62 -6.13
N VAL F 437 -27.07 58.42 -7.20
CA VAL F 437 -26.01 58.47 -8.18
C VAL F 437 -24.70 58.85 -7.49
N PRO F 438 -23.66 58.07 -7.64
CA PRO F 438 -22.42 58.33 -6.92
C PRO F 438 -21.45 59.22 -7.66
N ASN F 439 -20.92 60.22 -6.99
CA ASN F 439 -19.88 61.05 -7.58
C ASN F 439 -18.56 60.28 -7.63
N PRO F 440 -17.93 60.20 -8.79
CA PRO F 440 -16.59 59.58 -8.85
C PRO F 440 -15.53 60.50 -8.28
N ILE F 441 -14.36 59.93 -8.09
CA ILE F 441 -13.21 60.69 -7.60
C ILE F 441 -12.28 60.97 -8.76
N PHE F 442 -11.85 62.22 -8.89
CA PHE F 442 -10.92 62.63 -9.93
C PHE F 442 -9.49 62.27 -9.50
N ILE F 443 -8.85 61.42 -10.30
CA ILE F 443 -7.45 60.98 -9.97
C ILE F 443 -6.52 61.52 -11.05
N GLU F 444 -5.60 62.41 -10.69
CA GLU F 444 -4.71 63.03 -11.70
C GLU F 444 -3.24 62.80 -11.29
N ILE F 445 -2.40 62.40 -12.25
CA ILE F 445 -0.94 62.23 -11.95
C ILE F 445 -0.32 63.63 -11.90
N ASN F 446 -0.30 64.24 -10.72
CA ASN F 446 0.23 65.63 -10.60
C ASN F 446 1.69 65.67 -11.05
N LYS F 447 2.52 64.76 -10.55
CA LYS F 447 3.97 64.81 -10.89
C LYS F 447 4.55 63.40 -11.01
N GLY F 448 5.61 63.23 -11.79
CA GLY F 448 6.25 61.95 -11.96
C GLY F 448 5.65 61.19 -13.13
N GLU F 449 6.34 60.13 -13.52
CA GLU F 449 5.96 59.32 -14.66
C GLU F 449 5.35 58.01 -14.19
N ALA F 450 4.06 57.83 -14.44
CA ALA F 450 3.35 56.64 -14.02
C ALA F 450 2.23 56.36 -15.01
N ASP F 451 1.81 55.11 -15.06
CA ASP F 451 0.75 54.67 -15.96
C ASP F 451 -0.60 55.03 -15.37
N ILE F 452 -1.42 55.75 -16.15
CA ILE F 452 -2.72 56.17 -15.67
C ILE F 452 -3.66 55.01 -15.41
N GLU F 453 -3.43 53.86 -16.03
CA GLU F 453 -4.22 52.67 -15.74
C GLU F 453 -3.72 51.92 -14.52
N GLN F 454 -2.39 51.85 -14.34
CA GLN F 454 -1.84 51.19 -13.18
C GLN F 454 -2.12 51.97 -11.91
N VAL F 455 -2.12 53.30 -12.00
CA VAL F 455 -2.45 54.11 -10.84
C VAL F 455 -3.90 53.88 -10.41
N LEU F 456 -4.80 53.77 -11.39
CA LEU F 456 -6.20 53.54 -11.06
C LEU F 456 -6.38 52.25 -10.29
N LYS F 457 -5.68 51.19 -10.68
CA LYS F 457 -5.76 49.93 -9.97
C LYS F 457 -5.25 50.08 -8.54
N ASP F 458 -4.13 50.78 -8.37
CA ASP F 458 -3.56 50.95 -7.03
C ASP F 458 -4.48 51.80 -6.14
N VAL F 459 -5.06 52.85 -6.70
CA VAL F 459 -5.97 53.68 -5.91
C VAL F 459 -7.18 52.87 -5.46
N LEU F 460 -7.75 52.06 -6.35
CA LEU F 460 -8.83 51.19 -5.94
C LEU F 460 -8.34 50.15 -4.94
N ALA F 461 -7.09 49.73 -5.05
CA ALA F 461 -6.53 48.76 -4.12
C ALA F 461 -6.46 49.32 -2.71
N LEU F 462 -6.08 50.61 -2.58
CA LEU F 462 -5.93 51.20 -1.26
C LEU F 462 -7.27 51.39 -0.56
N THR F 463 -8.38 51.23 -1.24
CA THR F 463 -9.70 51.37 -0.64
C THR F 463 -10.16 50.11 0.09
N LYS F 464 -9.26 49.14 0.28
CA LYS F 464 -9.64 47.84 0.84
C LYS F 464 -8.95 47.59 2.18
N LEU F 465 -8.48 48.63 2.86
CA LEU F 465 -7.79 48.47 4.13
C LEU F 465 -8.46 49.27 5.24
N ASN F 466 -9.78 49.46 5.14
CA ASN F 466 -10.52 50.14 6.19
C ASN F 466 -10.82 49.14 7.30
N TYR F 467 -10.13 49.27 8.42
CA TYR F 467 -10.38 48.42 9.58
C TYR F 467 -11.42 49.02 10.52
N ASN F 468 -11.61 50.34 10.48
CA ASN F 468 -12.62 50.99 11.30
C ASN F 468 -14.03 50.61 10.88
N ALA F 469 -14.20 49.98 9.73
CA ALA F 469 -15.47 49.43 9.31
C ALA F 469 -15.21 48.26 8.38
N CYS F 470 -16.12 47.30 8.37
CA CYS F 470 -15.98 46.09 7.57
C CYS F 470 -16.83 46.18 6.31
N ILE F 471 -16.93 47.38 5.72
CA ILE F 471 -17.74 47.59 4.53
C ILE F 471 -17.05 46.97 3.32
N TYR F 472 -17.78 46.88 2.21
CA TYR F 472 -17.21 46.32 0.99
C TYR F 472 -15.97 47.09 0.57
N ALA F 473 -16.09 48.41 0.46
CA ALA F 473 -14.95 49.26 0.14
C ALA F 473 -15.30 50.71 0.51
N ASP F 474 -14.27 51.51 0.67
CA ASP F 474 -14.45 52.91 1.03
C ASP F 474 -14.36 53.80 -0.20
N GLY F 475 -15.05 54.93 -0.14
CA GLY F 475 -15.07 55.84 -1.28
C GLY F 475 -13.71 56.41 -1.61
N VAL F 476 -12.99 56.87 -0.60
CA VAL F 476 -11.65 57.43 -0.79
C VAL F 476 -10.65 56.38 -0.32
N PRO F 477 -9.42 56.43 -0.83
CA PRO F 477 -8.39 55.52 -0.32
C PRO F 477 -8.22 55.71 1.19
N VAL F 478 -8.08 54.59 1.89
CA VAL F 478 -8.06 54.63 3.35
C VAL F 478 -6.84 55.38 3.86
N THR F 479 -5.70 55.27 3.17
CA THR F 479 -4.52 56.00 3.58
C THR F 479 -4.79 57.50 3.65
N LEU F 480 -5.67 58.01 2.77
CA LEU F 480 -6.09 59.39 2.89
C LEU F 480 -7.16 59.57 3.96
N ARG F 481 -7.82 58.49 4.37
CA ARG F 481 -8.81 58.61 5.43
C ARG F 481 -8.19 58.41 6.81
N PHE F 482 -7.28 57.45 6.94
CA PHE F 482 -6.64 57.23 8.23
C PHE F 482 -5.72 58.38 8.61
N ALA F 483 -4.98 58.93 7.63
CA ALA F 483 -4.17 60.11 7.92
C ALA F 483 -5.04 61.30 8.30
N ASP F 484 -6.27 61.34 7.79
CA ASP F 484 -7.22 62.35 8.24
C ASP F 484 -7.58 62.14 9.70
N LYS F 485 -7.83 60.89 10.10
CA LYS F 485 -8.16 60.61 11.50
C LYS F 485 -6.97 60.92 12.40
N ILE F 486 -5.76 60.60 11.97
CA ILE F 486 -4.58 60.85 12.79
C ILE F 486 -4.41 62.34 13.03
N GLY F 487 -4.48 63.15 11.97
CA GLY F 487 -4.33 64.57 12.14
C GLY F 487 -5.41 65.16 13.02
N GLU F 488 -6.63 64.64 12.92
CA GLU F 488 -7.71 65.08 13.80
C GLU F 488 -7.39 64.78 15.25
N ILE F 489 -6.75 63.64 15.49
CA ILE F 489 -6.49 63.16 16.85
C ILE F 489 -5.29 63.87 17.45
N LEU F 490 -4.15 63.80 16.76
CA LEU F 490 -2.90 64.37 17.27
C LEU F 490 -3.05 65.81 17.74
N THR F 491 -3.57 66.67 16.86
CA THR F 491 -3.60 68.10 17.12
C THR F 491 -4.65 68.49 18.16
N ALA F 492 -5.47 67.52 18.56
CA ALA F 492 -6.50 67.75 19.56
C ALA F 492 -5.92 67.97 20.94
N SER F 493 -4.60 67.99 21.08
CA SER F 493 -3.96 68.22 22.37
C SER F 493 -2.54 68.74 22.11
N THR F 494 -1.73 68.75 23.16
CA THR F 494 -0.38 69.29 23.05
C THR F 494 0.49 68.39 22.17
N GLU F 495 1.60 68.96 21.73
CA GLU F 495 2.48 68.30 20.77
C GLU F 495 3.24 67.17 21.45
N LEU F 496 2.96 65.94 21.04
CA LEU F 496 3.67 64.77 21.61
C LEU F 496 5.01 64.60 20.85
N LYS F 497 6.09 64.31 21.58
CA LYS F 497 7.43 64.20 20.94
C LYS F 497 7.39 63.10 19.88
N ALA F 498 6.85 61.94 20.22
CA ALA F 498 6.70 60.88 19.23
C ALA F 498 5.34 60.23 19.37
N PRO F 499 4.48 60.49 18.32
CA PRO F 499 3.24 59.74 18.21
C PRO F 499 3.44 58.24 17.95
N PRO F 500 2.57 57.37 18.52
CA PRO F 500 2.56 55.95 18.14
C PRO F 500 2.26 55.77 16.66
N LEU F 501 2.78 54.74 16.03
CA LEU F 501 2.54 54.57 14.57
C LEU F 501 1.55 53.42 14.32
N ALA F 502 0.95 52.88 15.38
CA ALA F 502 -0.07 51.82 15.20
C ALA F 502 -1.46 52.46 15.17
N PHE F 503 -2.16 52.38 14.03
CA PHE F 503 -3.50 52.98 13.90
C PHE F 503 -4.40 52.50 15.05
N LYS F 504 -4.04 51.39 15.69
CA LYS F 504 -4.91 50.85 16.72
C LYS F 504 -5.22 51.87 17.81
N TYR F 505 -4.37 52.88 17.99
CA TYR F 505 -4.57 53.87 19.04
C TYR F 505 -5.34 55.09 18.55
N TYR F 506 -5.65 55.17 17.27
CA TYR F 506 -6.39 56.31 16.73
C TYR F 506 -7.78 55.95 16.25
N ILE F 507 -7.91 54.91 15.45
CA ILE F 507 -9.19 54.57 14.82
C ILE F 507 -10.17 54.07 15.87
N ALA I 3 20.00 -14.27 12.55
CA ALA I 3 19.49 -13.44 11.48
C ALA I 3 18.10 -13.88 11.04
N ARG I 4 17.39 -13.01 10.33
CA ARG I 4 16.08 -13.34 9.81
C ARG I 4 16.21 -14.24 8.59
N ASN I 5 15.88 -15.52 8.76
CA ASN I 5 15.92 -16.47 7.62
C ASN I 5 14.65 -17.32 7.67
N LYS I 6 13.60 -16.81 8.33
CA LYS I 6 12.36 -17.62 8.51
C LYS I 6 11.21 -17.02 7.69
N ILE I 7 10.35 -17.88 7.12
CA ILE I 7 9.21 -17.43 6.35
C ILE I 7 7.96 -17.63 7.20
N PHE I 8 7.44 -16.54 7.75
CA PHE I 8 6.23 -16.64 8.56
C PHE I 8 5.03 -16.97 7.69
N ILE I 9 4.18 -17.87 8.18
CA ILE I 9 2.95 -18.26 7.50
C ILE I 9 1.79 -18.01 8.45
N SER I 10 0.91 -17.09 8.09
CA SER I 10 -0.23 -16.74 8.92
C SER I 10 -1.51 -17.21 8.25
N HIS I 11 -2.51 -17.55 9.08
CA HIS I 11 -3.74 -18.15 8.57
C HIS I 11 -4.81 -18.25 9.64
N ALA I 12 -5.98 -18.75 9.25
CA ALA I 12 -7.02 -19.09 10.20
C ALA I 12 -6.66 -20.39 10.91
N ALA I 13 -6.82 -20.41 12.24
CA ALA I 13 -6.41 -21.57 13.02
C ALA I 13 -7.18 -22.84 12.69
N PRO I 14 -8.52 -22.86 12.64
CA PRO I 14 -9.22 -24.14 12.57
C PRO I 14 -9.50 -24.63 11.16
N ASP I 15 -9.34 -23.78 10.15
CA ASP I 15 -9.76 -24.13 8.80
C ASP I 15 -8.62 -24.17 7.79
N ASP I 16 -7.77 -23.15 7.77
CA ASP I 16 -6.69 -23.10 6.78
C ASP I 16 -5.55 -24.04 7.10
N ASN I 17 -5.72 -24.97 8.05
CA ASN I 17 -4.65 -25.86 8.46
C ASN I 17 -4.12 -26.68 7.28
N ASP I 18 -5.03 -27.24 6.49
CA ASP I 18 -4.67 -28.14 5.41
C ASP I 18 -3.72 -27.48 4.42
N PHE I 19 -4.08 -26.28 3.94
CA PHE I 19 -3.22 -25.58 3.00
C PHE I 19 -1.85 -25.28 3.61
N THR I 20 -1.84 -24.66 4.78
CA THR I 20 -0.59 -24.24 5.39
C THR I 20 0.29 -25.44 5.70
N LYS I 21 -0.32 -26.54 6.15
CA LYS I 21 0.47 -27.73 6.46
C LYS I 21 1.16 -28.25 5.22
N TRP I 22 0.44 -28.32 4.10
CA TRP I 22 1.05 -28.78 2.86
C TRP I 22 2.16 -27.83 2.40
N LEU I 23 1.87 -26.53 2.40
CA LEU I 23 2.83 -25.56 1.89
C LEU I 23 4.06 -25.47 2.78
N ALA I 24 3.84 -25.44 4.09
CA ALA I 24 4.98 -25.38 5.01
C ALA I 24 5.88 -26.59 4.84
N LEU I 25 5.27 -27.78 4.79
CA LEU I 25 6.05 -28.99 4.55
C LEU I 25 6.71 -28.95 3.19
N LYS I 26 6.01 -28.42 2.18
CA LYS I 26 6.59 -28.28 0.85
C LYS I 26 7.80 -27.35 0.88
N LEU I 27 7.66 -26.21 1.57
CA LEU I 27 8.78 -25.27 1.65
C LEU I 27 9.93 -25.84 2.47
N ILE I 28 9.61 -26.53 3.57
CA ILE I 28 10.65 -27.16 4.36
C ILE I 28 11.40 -28.21 3.53
N ALA I 29 10.66 -28.97 2.72
CA ALA I 29 11.31 -29.98 1.90
C ALA I 29 12.27 -29.37 0.89
N LEU I 30 12.13 -28.07 0.61
CA LEU I 30 12.97 -27.41 -0.35
C LEU I 30 14.16 -26.69 0.27
N GLY I 31 14.35 -26.80 1.58
CA GLY I 31 15.48 -26.19 2.27
C GLY I 31 15.15 -24.91 2.99
N TYR I 32 13.93 -24.39 2.88
CA TYR I 32 13.58 -23.18 3.59
C TYR I 32 13.41 -23.46 5.08
N GLU I 33 13.36 -22.37 5.85
CA GLU I 33 13.06 -22.42 7.28
C GLU I 33 11.70 -21.76 7.46
N VAL I 34 10.66 -22.56 7.70
CA VAL I 34 9.29 -21.98 7.76
C VAL I 34 8.72 -22.15 9.18
N TRP I 35 8.45 -21.03 9.85
CA TRP I 35 7.82 -21.10 11.19
C TRP I 35 6.30 -20.91 11.04
N CYS I 36 5.52 -21.93 11.39
CA CYS I 36 4.05 -21.81 11.36
C CYS I 36 3.51 -22.24 12.72
N ASP I 37 2.38 -21.67 13.16
CA ASP I 37 1.83 -22.02 14.47
C ASP I 37 1.37 -23.47 14.50
N VAL I 38 0.78 -23.95 13.41
CA VAL I 38 0.44 -25.36 13.29
C VAL I 38 1.71 -26.20 13.30
N LEU I 39 2.79 -25.61 12.80
CA LEU I 39 4.04 -26.39 12.70
C LEU I 39 4.94 -26.18 13.92
N PHE I 40 4.91 -25.02 14.57
CA PHE I 40 5.89 -24.79 15.65
C PHE I 40 5.34 -23.95 16.78
N LEU I 41 4.06 -24.08 17.10
CA LEU I 41 3.51 -23.36 18.28
C LEU I 41 3.56 -24.27 19.51
N ASP I 42 3.95 -23.73 20.68
CA ASP I 42 4.07 -24.53 21.91
C ASP I 42 4.12 -23.59 23.11
N ASP I 46 4.47 -14.68 26.02
CA ASP I 46 3.10 -14.76 25.42
C ASP I 46 3.22 -15.26 23.98
N PHE I 47 2.14 -15.86 23.46
CA PHE I 47 2.15 -16.33 22.04
C PHE I 47 2.37 -15.12 21.12
N TRP I 48 1.78 -13.97 21.46
CA TRP I 48 2.02 -12.75 20.66
C TRP I 48 3.50 -12.36 20.73
N LYS I 49 4.11 -12.49 21.92
CA LYS I 49 5.52 -12.08 22.10
C LYS I 49 6.44 -12.92 21.21
N VAL I 50 6.31 -14.25 21.25
CA VAL I 50 7.24 -15.13 20.48
C VAL I 50 7.08 -14.83 18.98
N ILE I 51 5.84 -14.79 18.49
CA ILE I 51 5.62 -14.55 17.03
C ILE I 51 6.11 -13.14 16.69
N ASP I 52 5.86 -12.17 17.57
CA ASP I 52 6.30 -10.77 17.34
C ASP I 52 7.82 -10.76 17.19
N LYS I 53 8.53 -11.41 18.12
CA LYS I 53 10.01 -11.42 18.08
C LYS I 53 10.37 -11.73 16.65
N GLU I 54 9.96 -12.93 16.18
CA GLU I 54 10.27 -13.35 14.79
C GLU I 54 9.77 -12.29 13.80
N ILE I 55 8.48 -11.94 13.84
CA ILE I 55 7.94 -10.99 12.82
C ILE I 55 8.86 -9.77 12.75
N ARG I 56 9.31 -9.26 13.90
CA ARG I 56 10.17 -8.04 13.91
C ARG I 56 11.65 -8.41 13.85
N GLU I 57 12.01 -9.69 13.98
CA GLU I 57 13.45 -10.06 14.02
C GLU I 57 13.71 -11.34 13.20
N GLY I 58 12.90 -12.38 13.41
CA GLY I 58 13.16 -13.68 12.74
C GLY I 58 12.54 -13.82 11.35
N ALA I 59 11.36 -13.25 11.12
CA ALA I 59 10.72 -13.46 9.82
C ALA I 59 11.43 -12.66 8.74
N ILE I 60 11.58 -13.27 7.57
CA ILE I 60 12.07 -12.59 6.39
C ILE I 60 11.00 -12.39 5.34
N LYS I 61 9.95 -13.21 5.34
CA LYS I 61 8.79 -13.04 4.47
C LYS I 61 7.55 -13.27 5.32
N PHE I 62 6.44 -12.73 4.85
CA PHE I 62 5.18 -12.88 5.60
C PHE I 62 4.11 -13.35 4.64
N LEU I 63 3.96 -14.65 4.47
CA LEU I 63 3.03 -15.23 3.54
C LEU I 63 1.67 -15.31 4.21
N LEU I 64 0.67 -14.67 3.61
CA LEU I 64 -0.68 -14.59 4.17
C LEU I 64 -1.57 -15.57 3.42
N ALA I 65 -1.96 -16.64 4.09
CA ALA I 65 -2.93 -17.57 3.52
C ALA I 65 -4.29 -16.89 3.54
N THR I 66 -4.62 -16.20 2.45
CA THR I 66 -5.77 -15.32 2.40
C THR I 66 -7.01 -16.08 1.95
N SER I 67 -8.10 -15.93 2.69
CA SER I 67 -9.36 -16.58 2.36
C SER I 67 -10.49 -15.73 2.91
N GLU I 68 -11.73 -16.15 2.62
CA GLU I 68 -12.88 -15.38 3.06
C GLU I 68 -13.02 -15.31 4.58
N ILE I 69 -12.29 -16.15 5.31
CA ILE I 69 -12.31 -16.10 6.76
C ILE I 69 -11.00 -15.58 7.34
N ALA I 70 -9.88 -15.75 6.65
CA ALA I 70 -8.61 -15.25 7.15
C ALA I 70 -8.55 -13.72 7.17
N ILE I 71 -9.43 -13.06 6.42
CA ILE I 71 -9.51 -11.60 6.43
C ILE I 71 -10.58 -11.08 7.37
N LYS I 72 -11.33 -11.99 7.99
CA LYS I 72 -12.31 -11.55 9.02
C LYS I 72 -11.76 -11.97 10.37
N ARG I 73 -10.60 -12.64 10.40
CA ARG I 73 -9.97 -13.05 11.69
C ARG I 73 -9.11 -11.89 12.20
N ASP I 74 -9.59 -11.16 13.21
CA ASP I 74 -8.84 -9.99 13.75
C ASP I 74 -7.45 -10.46 14.19
N GLY I 75 -7.37 -11.62 14.85
CA GLY I 75 -6.06 -12.18 15.23
C GLY I 75 -5.11 -12.16 14.05
N VAL I 76 -5.61 -12.53 12.86
CA VAL I 76 -4.79 -12.50 11.67
C VAL I 76 -4.46 -11.07 11.27
N LEU I 77 -5.45 -10.18 11.31
CA LEU I 77 -5.23 -8.79 10.96
C LEU I 77 -4.19 -8.15 11.85
N LYS I 78 -4.12 -8.60 13.11
CA LYS I 78 -3.07 -8.09 14.03
C LYS I 78 -1.72 -8.50 13.44
N GLU I 79 -1.58 -9.77 13.04
CA GLU I 79 -0.33 -10.22 12.45
C GLU I 79 -0.02 -9.45 11.17
N ILE I 80 -1.00 -9.03 10.39
CA ILE I 80 -0.57 -8.22 9.23
C ILE I 80 -0.17 -6.87 9.81
N ALA I 81 -1.00 -6.31 10.71
CA ALA I 81 -0.68 -4.96 11.15
C ALA I 81 0.78 -4.85 11.60
N VAL I 82 1.25 -5.82 12.38
CA VAL I 82 2.67 -5.83 12.73
C VAL I 82 3.53 -6.12 11.51
N ALA I 83 3.06 -6.95 10.60
CA ALA I 83 3.99 -7.21 9.49
C ALA I 83 4.23 -5.90 8.79
N GLU I 84 3.14 -5.30 8.35
CA GLU I 84 3.26 -4.02 7.61
C GLU I 84 4.27 -3.18 8.37
N LYS I 85 4.07 -3.02 9.68
CA LYS I 85 5.06 -2.06 10.23
C LYS I 85 6.42 -2.67 9.95
N VAL I 86 6.58 -3.94 10.30
CA VAL I 86 7.93 -4.44 10.11
C VAL I 86 8.40 -4.20 8.68
N LYS I 87 7.48 -4.27 7.73
CA LYS I 87 7.83 -4.00 6.33
C LYS I 87 8.46 -2.62 6.17
N LYS I 88 7.97 -1.67 6.97
CA LYS I 88 8.46 -0.27 6.89
C LYS I 88 9.86 -0.21 7.50
N GLN I 89 10.08 -0.97 8.58
CA GLN I 89 11.42 -1.10 9.21
C GLN I 89 12.38 -1.74 8.20
N LEU I 90 11.86 -2.63 7.34
CA LEU I 90 12.71 -3.36 6.35
C LEU I 90 12.68 -2.64 5.00
N LYS I 91 11.75 -1.69 4.84
CA LYS I 91 11.51 -1.02 3.53
C LYS I 91 11.32 -2.11 2.47
N ASP I 92 10.92 -3.31 2.90
CA ASP I 92 10.76 -4.47 1.98
C ASP I 92 9.35 -4.48 1.39
N ASP I 93 9.17 -3.81 0.25
CA ASP I 93 7.79 -3.72 -0.27
C ASP I 93 7.37 -5.14 -0.65
N ASN I 94 8.31 -5.95 -1.13
CA ASN I 94 7.99 -7.35 -1.44
C ASN I 94 8.13 -8.12 -0.13
N PHE I 95 7.32 -7.80 0.87
CA PHE I 95 7.33 -8.58 2.13
C PHE I 95 5.99 -9.29 2.17
N ILE I 96 4.95 -8.64 2.67
CA ILE I 96 3.66 -9.35 2.64
C ILE I 96 3.41 -9.81 1.20
N ILE I 97 3.32 -11.12 0.93
CA ILE I 97 3.07 -11.71 -0.42
C ILE I 97 1.81 -12.54 -0.30
N PRO I 98 0.59 -12.00 -0.36
CA PRO I 98 -0.63 -12.79 -0.11
C PRO I 98 -0.76 -14.18 -0.79
N LEU I 99 -1.56 -15.13 -0.26
CA LEU I 99 -1.79 -16.45 -0.91
C LEU I 99 -3.30 -16.71 -0.97
N ILE I 100 -3.94 -16.36 -2.08
CA ILE I 100 -5.43 -16.51 -2.19
C ILE I 100 -5.75 -17.91 -2.71
N ILE I 101 -6.31 -18.77 -1.83
CA ILE I 101 -6.67 -20.15 -2.23
C ILE I 101 -8.19 -20.23 -2.42
N ASP I 102 -8.92 -19.27 -1.85
CA ASP I 102 -10.42 -19.31 -1.92
C ASP I 102 -10.89 -18.75 -3.27
N GLU I 103 -11.42 -19.60 -4.14
CA GLU I 103 -12.00 -19.13 -5.42
C GLU I 103 -13.26 -18.32 -5.09
N ASN I 104 -13.88 -18.61 -3.95
CA ASN I 104 -15.08 -17.83 -3.51
C ASN I 104 -14.67 -16.39 -3.27
N LEU I 105 -13.50 -16.16 -2.67
CA LEU I 105 -13.00 -14.78 -2.47
C LEU I 105 -12.89 -14.09 -3.84
N SER I 106 -13.37 -12.85 -3.95
CA SER I 106 -13.39 -12.16 -5.26
C SER I 106 -12.01 -11.61 -5.61
N TYR I 107 -11.02 -11.80 -4.72
CA TYR I 107 -9.62 -11.34 -4.97
C TYR I 107 -9.61 -9.81 -4.84
N ASP I 108 -10.81 -9.22 -4.91
CA ASP I 108 -10.92 -7.74 -4.83
C ASP I 108 -11.86 -7.38 -3.69
N ASP I 109 -11.72 -8.07 -2.55
CA ASP I 109 -12.50 -7.74 -1.34
C ASP I 109 -11.56 -7.90 -0.15
N LEU I 110 -10.35 -7.33 -0.24
CA LEU I 110 -9.32 -7.51 0.82
C LEU I 110 -9.08 -6.19 1.56
N PRO I 111 -8.44 -6.22 2.76
CA PRO I 111 -8.15 -5.00 3.52
C PRO I 111 -7.23 -4.04 2.74
N PRO I 112 -7.32 -2.72 2.97
CA PRO I 112 -6.51 -1.75 2.22
C PRO I 112 -5.01 -2.08 2.30
N GLU I 113 -4.57 -2.62 3.44
CA GLU I 113 -3.14 -2.95 3.63
C GLU I 113 -2.68 -3.91 2.52
N ILE I 114 -3.52 -4.87 2.13
CA ILE I 114 -3.12 -5.90 1.14
C ILE I 114 -3.77 -5.60 -0.21
N ILE I 115 -4.93 -4.92 -0.21
CA ILE I 115 -5.66 -4.68 -1.49
C ILE I 115 -4.74 -4.04 -2.53
N ARG I 116 -3.61 -3.46 -2.11
CA ARG I 116 -2.77 -2.75 -3.09
C ARG I 116 -1.69 -3.71 -3.57
N LEU I 117 -1.58 -4.87 -2.95
CA LEU I 117 -0.46 -5.78 -3.29
C LEU I 117 -0.95 -6.94 -4.14
N ASN I 118 -0.12 -7.43 -5.04
CA ASN I 118 -0.48 -8.47 -6.00
C ASN I 118 -0.35 -9.83 -5.34
N ALA I 119 -1.39 -10.63 -5.43
CA ALA I 119 -1.43 -11.92 -4.77
C ALA I 119 -0.61 -12.94 -5.55
N VAL I 120 -0.44 -14.11 -4.94
CA VAL I 120 0.01 -15.32 -5.63
C VAL I 120 -1.19 -16.25 -5.73
N ASP I 121 -1.54 -16.63 -6.95
CA ASP I 121 -2.82 -17.27 -7.19
C ASP I 121 -2.73 -18.75 -6.85
N PHE I 122 -3.56 -19.20 -5.92
CA PHE I 122 -3.77 -20.61 -5.63
C PHE I 122 -5.20 -21.05 -5.87
N LYS I 123 -6.03 -20.19 -6.47
CA LYS I 123 -7.44 -20.52 -6.64
C LYS I 123 -7.67 -21.67 -7.62
N LYS I 124 -6.90 -21.74 -8.69
CA LYS I 124 -7.13 -22.74 -9.73
C LYS I 124 -6.35 -24.03 -9.54
N SER I 125 -5.12 -23.97 -9.04
CA SER I 125 -4.40 -25.20 -8.70
C SER I 125 -3.25 -24.84 -7.78
N TRP I 126 -3.03 -25.65 -6.75
CA TRP I 126 -1.97 -25.38 -5.79
C TRP I 126 -0.59 -25.51 -6.42
N ALA I 127 -0.44 -26.38 -7.42
CA ALA I 127 0.88 -26.67 -7.95
C ALA I 127 1.46 -25.46 -8.68
N VAL I 128 0.64 -24.77 -9.47
CA VAL I 128 1.14 -23.58 -10.15
C VAL I 128 1.41 -22.46 -9.14
N GLY I 129 0.57 -22.37 -8.10
CA GLY I 129 0.81 -21.37 -7.08
C GLY I 129 2.13 -21.59 -6.36
N LEU I 130 2.42 -22.83 -5.99
CA LEU I 130 3.73 -23.12 -5.42
C LEU I 130 4.84 -22.84 -6.42
N GLN I 131 4.59 -23.11 -7.70
CA GLN I 131 5.53 -22.72 -8.73
C GLN I 131 5.67 -21.21 -8.78
N ASP I 132 4.56 -20.49 -8.63
CA ASP I 132 4.63 -19.03 -8.56
C ASP I 132 5.36 -18.56 -7.32
N LEU I 133 5.05 -19.15 -6.16
CA LEU I 133 5.76 -18.79 -4.94
C LEU I 133 7.25 -19.07 -5.06
N LEU I 134 7.61 -20.28 -5.51
CA LEU I 134 9.02 -20.59 -5.68
C LEU I 134 9.68 -19.65 -6.67
N LYS I 135 8.93 -19.25 -7.70
CA LYS I 135 9.43 -18.25 -8.65
C LYS I 135 9.74 -16.94 -7.95
N ALA I 136 8.81 -16.45 -7.12
CA ALA I 136 9.02 -15.19 -6.44
C ALA I 136 10.17 -15.28 -5.45
N LEU I 137 10.27 -16.39 -4.73
CA LEU I 137 11.26 -16.47 -3.64
C LEU I 137 12.69 -16.44 -4.18
N ASP I 138 12.96 -17.09 -5.32
CA ASP I 138 14.28 -16.96 -5.90
C ASP I 138 14.50 -15.56 -6.45
N ASP I 139 13.43 -14.94 -6.97
CA ASP I 139 13.54 -13.59 -7.49
C ASP I 139 13.91 -12.61 -6.39
N GLN I 140 13.32 -12.76 -5.21
CA GLN I 140 13.65 -11.93 -4.07
C GLN I 140 14.83 -12.47 -3.26
N LYS I 141 15.51 -13.49 -3.78
CA LYS I 141 16.79 -13.95 -3.24
C LYS I 141 16.68 -14.36 -1.77
N VAL I 142 15.57 -15.02 -1.42
CA VAL I 142 15.44 -15.56 -0.08
C VAL I 142 16.36 -16.77 0.05
N GLU I 143 17.26 -16.71 1.03
CA GLU I 143 18.21 -17.80 1.22
C GLU I 143 17.50 -19.05 1.71
N LYS I 144 18.03 -20.20 1.32
CA LYS I 144 17.46 -21.48 1.71
C LYS I 144 18.58 -22.49 1.86
N ASN I 145 18.44 -23.38 2.84
CA ASN I 145 19.44 -24.39 3.11
C ASN I 145 19.30 -25.52 2.08
N SER I 146 20.08 -26.58 2.24
CA SER I 146 19.91 -27.76 1.42
C SER I 146 18.66 -28.51 1.88
N PRO I 147 17.87 -29.13 0.95
CA PRO I 147 16.63 -29.82 1.32
C PRO I 147 16.89 -31.18 1.96
N ASP I 148 17.89 -31.27 2.84
CA ASP I 148 18.24 -32.57 3.49
C ASP I 148 16.97 -33.22 4.06
N PRO I 149 16.68 -34.51 3.76
CA PRO I 149 15.53 -35.19 4.36
C PRO I 149 15.90 -35.75 5.73
N ASP I 150 16.75 -35.04 6.48
CA ASP I 150 17.17 -35.48 7.83
C ASP I 150 16.46 -34.60 8.87
N LYS I 151 17.00 -33.41 9.13
CA LYS I 151 16.30 -32.47 10.06
C LYS I 151 14.89 -32.24 9.51
N SER I 152 14.77 -32.13 8.19
CA SER I 152 13.42 -31.97 7.57
C SER I 152 12.59 -33.21 7.89
N ASN I 153 13.22 -34.39 7.85
CA ASN I 153 12.49 -35.65 8.20
C ASN I 153 11.95 -35.50 9.62
N ALA I 154 12.74 -34.94 10.53
CA ALA I 154 12.30 -34.76 11.93
C ALA I 154 10.97 -33.99 11.94
N LEU I 155 10.93 -32.86 11.24
CA LEU I 155 9.69 -32.04 11.21
C LEU I 155 8.56 -32.88 10.61
N TYR I 156 8.86 -33.62 9.54
CA TYR I 156 7.82 -34.44 8.86
C TYR I 156 7.18 -35.39 9.87
N GLN I 157 8.01 -36.12 10.62
CA GLN I 157 7.49 -37.09 11.62
C GLN I 157 6.81 -36.30 12.74
N GLN I 158 7.50 -35.32 13.30
CA GLN I 158 6.91 -34.49 14.38
C GLN I 158 5.51 -34.06 13.93
N ILE I 159 5.32 -33.94 12.61
CA ILE I 159 4.00 -33.50 12.06
C ILE I 159 3.11 -34.73 11.81
N PHE I 160 3.58 -35.73 11.06
CA PHE I 160 2.72 -36.87 10.67
C PHE I 160 3.31 -38.25 10.93
N LEU I 161 4.63 -38.39 10.84
CA LEU I 161 5.26 -39.71 10.99
C LEU I 161 5.76 -39.97 12.40
N HIS I 162 5.39 -39.13 13.37
CA HIS I 162 5.75 -39.43 14.74
C HIS I 162 4.38 -39.76 15.27
N ASN I 163 3.37 -39.29 14.54
CA ASN I 163 1.99 -39.69 14.94
C ASN I 163 1.81 -41.19 14.71
N LYS I 164 2.51 -41.74 13.71
CA LYS I 164 2.39 -43.20 13.39
C LYS I 164 2.66 -43.99 14.66
N GLY I 165 3.19 -43.35 15.70
CA GLY I 165 3.55 -44.06 16.95
C GLY I 165 2.46 -45.00 17.41
N ILE I 166 2.84 -46.16 17.96
CA ILE I 166 1.82 -47.17 18.41
C ILE I 166 1.86 -47.29 19.93
N ILE I 167 0.81 -46.80 20.61
CA ILE I 167 0.74 -46.92 22.10
C ILE I 167 1.23 -48.31 22.51
N GLU I 168 2.24 -48.39 23.37
CA GLU I 168 2.80 -49.68 23.73
C GLU I 168 2.24 -50.18 25.06
N ARG I 169 0.96 -49.97 25.31
CA ARG I 169 0.32 -50.52 26.50
C ARG I 169 -0.39 -51.83 26.15
N GLU I 170 -0.74 -52.57 27.19
CA GLU I 170 -1.29 -53.92 27.04
C GLU I 170 -2.80 -53.88 27.08
N GLU I 171 -3.43 -54.49 26.09
CA GLU I 171 -4.88 -54.59 26.00
C GLU I 171 -5.32 -56.05 26.11
N ILE I 172 -6.60 -56.22 26.43
CA ILE I 172 -7.21 -57.53 26.54
C ILE I 172 -8.29 -57.65 25.48
N TYR I 173 -8.21 -58.67 24.65
CA TYR I 173 -9.16 -58.90 23.58
C TYR I 173 -10.00 -60.13 23.88
N ASP I 174 -11.31 -59.98 23.78
CA ASP I 174 -12.25 -61.07 23.96
C ASP I 174 -12.62 -61.65 22.60
N SER I 175 -12.18 -62.88 22.35
CA SER I 175 -12.43 -63.53 21.07
C SER I 175 -13.79 -64.23 21.10
N ASN I 176 -14.04 -65.07 20.11
CA ASN I 176 -15.24 -65.90 20.08
C ASN I 176 -14.92 -67.39 20.17
N TRP I 177 -13.78 -67.74 20.75
CA TRP I 177 -13.40 -69.13 20.97
C TRP I 177 -13.71 -69.53 22.40
N PHE I 178 -14.52 -70.58 22.55
CA PHE I 178 -14.87 -71.12 23.86
C PHE I 178 -14.26 -72.50 23.98
N SER I 179 -13.25 -72.63 24.84
CA SER I 179 -12.50 -73.87 24.94
C SER I 179 -13.36 -74.97 25.57
N ILE I 180 -13.08 -76.21 25.21
CA ILE I 180 -13.71 -77.36 25.84
C ILE I 180 -12.97 -77.63 27.14
N LEU I 181 -13.67 -77.48 28.26
CA LEU I 181 -13.02 -77.69 29.56
C LEU I 181 -12.65 -79.15 29.78
N SER I 182 -13.57 -80.07 29.46
CA SER I 182 -13.25 -81.48 29.79
C SER I 182 -13.76 -82.46 28.73
N PHE I 183 -12.95 -83.48 28.41
CA PHE I 183 -13.39 -84.53 27.46
C PHE I 183 -13.46 -85.85 28.23
N PRO I 184 -14.34 -86.80 27.87
CA PRO I 184 -14.51 -88.05 28.62
C PRO I 184 -13.20 -88.84 28.76
N LYS I 185 -13.11 -89.69 29.80
CA LYS I 185 -11.85 -90.43 30.08
C LYS I 185 -11.40 -91.25 28.87
N GLU I 186 -12.32 -91.96 28.20
CA GLU I 186 -11.88 -92.86 27.10
C GLU I 186 -12.89 -92.88 25.95
N LEU I 187 -12.44 -93.20 24.74
CA LEU I 187 -13.32 -93.29 23.59
C LEU I 187 -13.62 -94.76 23.31
N ARG I 188 -14.90 -95.06 23.07
CA ARG I 188 -15.38 -96.43 23.01
C ARG I 188 -15.94 -96.72 21.62
N PHE I 189 -15.58 -97.89 21.08
CA PHE I 189 -16.07 -98.34 19.78
C PHE I 189 -16.92 -99.59 19.98
N HIS I 190 -18.23 -99.41 20.05
CA HIS I 190 -19.16 -100.50 20.26
C HIS I 190 -19.42 -101.23 18.95
N ASP I 191 -20.05 -102.42 19.04
CA ASP I 191 -20.38 -103.17 17.81
C ASP I 191 -21.88 -103.53 17.82
N TYR I 192 -22.69 -102.78 17.07
CA TYR I 192 -24.14 -103.09 16.97
C TYR I 192 -24.47 -103.41 15.52
N GLU I 193 -23.45 -103.68 14.70
CA GLU I 193 -23.68 -103.91 13.25
C GLU I 193 -24.84 -104.89 13.08
N LYS I 194 -24.76 -106.07 13.71
CA LYS I 194 -25.84 -107.08 13.62
C LYS I 194 -27.00 -106.67 14.53
N LEU I 195 -26.71 -106.06 15.68
CA LEU I 195 -27.77 -105.69 16.66
C LEU I 195 -28.65 -104.57 16.08
N MET I 196 -28.14 -103.84 15.10
CA MET I 196 -28.94 -102.76 14.45
C MET I 196 -30.17 -103.40 13.78
N PRO I 197 -31.41 -103.02 14.17
CA PRO I 197 -32.62 -103.64 13.61
C PRO I 197 -32.68 -103.45 12.08
N LYS I 198 -32.35 -102.25 11.60
CA LYS I 198 -32.38 -101.96 10.14
C LYS I 198 -31.23 -101.00 9.80
N GLY I 199 -30.09 -101.16 10.47
CA GLY I 199 -28.95 -100.26 10.24
C GLY I 199 -29.41 -98.82 10.10
N PHE I 200 -30.31 -98.37 10.98
CA PHE I 200 -30.85 -96.99 10.91
C PHE I 200 -29.78 -96.00 11.38
N ASP I 201 -30.00 -94.69 11.14
CA ASP I 201 -29.01 -93.65 11.54
C ASP I 201 -29.06 -93.46 13.05
N VAL I 202 -28.36 -92.44 13.57
CA VAL I 202 -28.29 -92.25 15.05
C VAL I 202 -29.29 -91.16 15.48
N ARG I 203 -30.21 -90.78 14.59
CA ARG I 203 -31.24 -89.77 14.94
C ARG I 203 -32.04 -90.29 16.15
N GLU I 204 -32.32 -91.60 16.17
CA GLU I 204 -33.06 -92.20 17.31
C GLU I 204 -32.17 -92.12 18.57
N LEU I 205 -30.86 -92.35 18.41
CA LEU I 205 -29.95 -92.36 19.58
C LEU I 205 -30.00 -90.99 20.27
N THR I 206 -30.11 -91.00 21.61
CA THR I 206 -30.15 -89.72 22.38
C THR I 206 -28.73 -89.29 22.75
N TYR I 207 -27.74 -90.16 22.52
CA TYR I 207 -26.33 -89.83 22.85
C TYR I 207 -25.52 -89.76 21.55
N PRO I 208 -24.60 -88.78 21.37
CA PRO I 208 -23.86 -88.64 20.12
C PRO I 208 -23.13 -89.94 19.76
N ALA I 209 -23.48 -90.56 18.62
CA ALA I 209 -22.84 -91.82 18.19
C ALA I 209 -22.55 -91.77 16.69
N VAL I 210 -21.44 -92.38 16.26
CA VAL I 210 -21.11 -92.45 14.80
C VAL I 210 -20.59 -93.85 14.50
N ARG I 211 -21.12 -94.51 13.48
CA ARG I 211 -20.70 -95.91 13.18
C ARG I 211 -19.43 -95.91 12.33
N TYR I 212 -18.27 -95.76 12.97
CA TYR I 212 -17.00 -95.85 12.19
C TYR I 212 -16.93 -97.26 11.60
N LYS I 213 -16.74 -97.36 10.29
CA LYS I 213 -16.78 -98.70 9.63
C LYS I 213 -18.10 -99.38 10.02
N ASN I 214 -18.03 -100.53 10.69
CA ASN I 214 -19.27 -101.22 11.15
C ASN I 214 -19.34 -101.13 12.69
N TYR I 215 -18.49 -100.31 13.30
CA TYR I 215 -18.50 -100.15 14.78
C TYR I 215 -19.09 -98.79 15.13
N LEU I 216 -20.26 -98.80 15.78
CA LEU I 216 -20.91 -97.52 16.20
C LEU I 216 -20.14 -96.95 17.39
N CYS I 217 -19.06 -96.20 17.13
CA CYS I 217 -18.26 -95.59 18.22
C CYS I 217 -19.04 -94.44 18.85
N THR I 218 -19.04 -94.34 20.18
CA THR I 218 -19.76 -93.25 20.88
C THR I 218 -19.17 -93.08 22.29
N PHE I 219 -19.34 -91.89 22.87
CA PHE I 219 -18.85 -91.66 24.25
C PHE I 219 -19.92 -92.17 25.23
N ALA I 220 -21.00 -92.76 24.71
CA ALA I 220 -22.01 -93.37 25.60
C ALA I 220 -21.65 -94.83 25.83
N TRP I 221 -21.94 -95.37 27.01
CA TRP I 221 -21.53 -96.77 27.32
C TRP I 221 -22.35 -97.76 26.49
N GLU I 222 -21.86 -98.99 26.33
CA GLU I 222 -22.55 -100.00 25.48
C GLU I 222 -24.00 -100.17 25.95
N TYR I 223 -24.26 -100.12 27.26
CA TYR I 223 -25.60 -100.34 27.77
C TYR I 223 -26.52 -99.13 27.67
N ASP I 224 -25.96 -97.95 27.37
CA ASP I 224 -26.77 -96.74 27.35
C ASP I 224 -27.90 -96.76 26.32
N PHE I 225 -27.63 -97.34 25.15
CA PHE I 225 -28.65 -97.43 24.10
C PHE I 225 -29.47 -98.69 24.27
N MET I 226 -30.70 -98.55 24.76
CA MET I 226 -31.53 -99.71 25.01
C MET I 226 -32.99 -99.40 24.70
N HIS I 227 -33.38 -98.14 24.88
CA HIS I 227 -34.79 -97.73 24.64
C HIS I 227 -35.04 -97.58 23.14
N GLN I 228 -34.23 -96.74 22.48
CA GLN I 228 -34.45 -96.46 21.04
C GLN I 228 -33.77 -97.53 20.17
N LEU I 229 -33.09 -98.50 20.79
CA LEU I 229 -32.34 -99.51 20.00
C LEU I 229 -32.79 -100.93 20.36
N PRO I 230 -33.75 -101.53 19.62
CA PRO I 230 -34.17 -102.91 19.86
C PRO I 230 -33.04 -103.86 19.43
N LYS I 231 -33.00 -105.07 19.99
CA LYS I 231 -31.92 -106.06 19.67
C LYS I 231 -30.60 -105.54 20.25
N THR I 232 -30.21 -104.31 19.92
CA THR I 232 -28.99 -103.71 20.51
C THR I 232 -29.13 -103.75 22.03
N GLU I 233 -30.36 -103.60 22.54
CA GLU I 233 -30.60 -103.68 24.00
C GLU I 233 -29.77 -104.82 24.59
N THR I 234 -29.79 -105.98 23.93
CA THR I 234 -28.99 -107.15 24.42
C THR I 234 -27.58 -107.10 23.80
N TYR I 235 -26.70 -106.25 24.33
CA TYR I 235 -25.30 -106.19 23.84
C TYR I 235 -24.37 -106.62 24.97
N ASN I 236 -23.44 -107.53 24.67
CA ASN I 236 -22.45 -107.99 25.70
C ASN I 236 -21.29 -107.00 25.75
N SER I 237 -20.63 -106.88 26.90
CA SER I 237 -19.44 -106.00 27.02
C SER I 237 -18.18 -106.79 26.68
N SER I 238 -16.99 -106.25 27.01
CA SER I 238 -15.70 -106.94 26.76
C SER I 238 -15.48 -107.14 25.26
N GLN I 239 -16.20 -106.38 24.42
CA GLN I 239 -16.00 -106.45 22.94
C GLN I 239 -16.10 -105.04 22.36
N THR I 240 -15.63 -104.04 23.11
CA THR I 240 -15.67 -102.63 22.63
C THR I 240 -14.25 -102.09 22.54
N ILE I 241 -13.87 -101.54 21.37
CA ILE I 241 -12.51 -100.93 21.21
C ILE I 241 -12.52 -99.59 21.95
N ARG I 242 -11.71 -99.46 23.00
CA ARG I 242 -11.74 -98.22 23.82
C ARG I 242 -10.41 -97.46 23.65
N ILE I 243 -10.45 -96.23 23.13
CA ILE I 243 -9.18 -95.51 22.86
C ILE I 243 -9.06 -94.36 23.86
N PRO I 244 -7.89 -94.11 24.49
CA PRO I 244 -7.75 -92.95 25.37
C PRO I 244 -7.88 -91.64 24.61
N THR I 245 -8.85 -90.83 25.00
CA THR I 245 -9.05 -89.53 24.36
C THR I 245 -7.87 -88.60 24.59
N GLU I 246 -7.20 -88.72 25.74
CA GLU I 246 -5.98 -87.95 25.96
C GLU I 246 -4.91 -88.32 24.93
N GLU I 247 -4.78 -89.61 24.64
CA GLU I 247 -3.84 -90.03 23.60
C GLU I 247 -4.27 -89.52 22.23
N ILE I 248 -5.58 -89.53 21.96
CA ILE I 248 -6.07 -89.06 20.66
C ILE I 248 -5.76 -87.58 20.47
N LEU I 249 -6.12 -86.76 21.46
CA LEU I 249 -5.91 -85.32 21.33
C LEU I 249 -4.43 -85.00 21.23
N SER I 250 -3.59 -85.77 21.91
CA SER I 250 -2.15 -85.62 21.75
C SER I 250 -1.67 -86.13 20.41
N GLY I 251 -2.54 -86.79 19.64
CA GLY I 251 -2.13 -87.34 18.36
C GLY I 251 -1.13 -88.46 18.53
N LYS I 252 -1.34 -89.30 19.55
CA LYS I 252 -0.43 -90.39 19.85
C LYS I 252 -1.00 -91.74 19.44
N TYR I 253 -2.31 -91.92 19.55
CA TYR I 253 -2.95 -93.15 19.11
C TYR I 253 -2.92 -93.24 17.59
N ASP I 254 -2.18 -94.20 17.06
CA ASP I 254 -2.10 -94.45 15.62
C ASP I 254 -2.17 -95.96 15.42
N SER I 255 -3.36 -96.44 15.05
CA SER I 255 -3.61 -97.86 14.88
C SER I 255 -4.17 -98.14 13.49
N PRO I 256 -3.92 -99.33 12.94
CA PRO I 256 -4.52 -99.66 11.63
C PRO I 256 -6.03 -99.71 11.66
N PHE I 257 -6.64 -99.89 12.83
CA PHE I 257 -8.10 -99.83 12.91
C PHE I 257 -8.61 -98.44 12.56
N ILE I 258 -7.97 -97.40 13.08
CA ILE I 258 -8.40 -96.03 12.84
C ILE I 258 -7.21 -95.11 13.11
N GLY I 259 -7.03 -94.12 12.24
CA GLY I 259 -5.97 -93.15 12.39
C GLY I 259 -6.37 -92.02 13.32
N ASN I 260 -5.35 -91.27 13.74
CA ASN I 260 -5.58 -90.13 14.62
C ASN I 260 -6.46 -89.09 13.95
N PHE I 261 -6.19 -88.81 12.66
CA PHE I 261 -6.98 -87.82 11.94
C PHE I 261 -8.45 -88.21 11.90
N GLU I 262 -8.73 -89.46 11.54
CA GLU I 262 -10.11 -89.92 11.49
C GLU I 262 -10.76 -89.92 12.86
N CYS I 263 -10.01 -90.30 13.90
CA CYS I 263 -10.59 -90.30 15.24
C CYS I 263 -10.95 -88.89 15.68
N GLN I 264 -10.07 -87.92 15.43
CA GLN I 264 -10.41 -86.53 15.74
C GLN I 264 -11.59 -86.04 14.92
N ARG I 265 -11.68 -86.49 13.66
CA ARG I 265 -12.85 -86.15 12.84
C ARG I 265 -14.13 -86.66 13.49
N LEU I 266 -14.12 -87.89 13.96
CA LEU I 266 -15.30 -88.44 14.62
C LEU I 266 -15.61 -87.69 15.91
N ILE I 267 -14.55 -87.28 16.62
CA ILE I 267 -14.74 -86.48 17.87
C ILE I 267 -15.42 -85.16 17.50
N VAL I 268 -14.90 -84.47 16.47
CA VAL I 268 -15.49 -83.17 16.03
C VAL I 268 -16.96 -83.40 15.67
N GLN I 269 -17.25 -84.45 14.90
CA GLN I 269 -18.64 -84.71 14.45
C GLN I 269 -19.53 -84.94 15.67
N LEU I 270 -19.07 -85.75 16.63
CA LEU I 270 -19.86 -86.03 17.86
C LEU I 270 -20.13 -84.72 18.59
N LEU I 271 -19.12 -83.87 18.73
CA LEU I 271 -19.29 -82.55 19.43
C LEU I 271 -20.35 -81.72 18.70
N ASN I 272 -20.27 -81.67 17.37
CA ASN I 272 -21.26 -80.88 16.58
C ASN I 272 -22.66 -81.44 16.83
N LYS I 273 -22.81 -82.76 16.80
CA LYS I 273 -24.15 -83.39 17.02
C LYS I 273 -24.62 -83.07 18.44
N ALA I 274 -23.74 -83.22 19.42
CA ALA I 274 -24.11 -82.97 20.81
C ALA I 274 -24.56 -81.52 21.00
N PHE I 275 -23.86 -80.58 20.37
CA PHE I 275 -24.29 -79.19 20.45
C PHE I 275 -25.68 -79.02 19.85
N GLU I 276 -25.90 -79.65 18.70
CA GLU I 276 -27.23 -79.57 18.05
C GLU I 276 -28.26 -80.24 18.97
N LEU I 277 -27.93 -81.40 19.54
CA LEU I 277 -28.85 -82.10 20.48
C LEU I 277 -29.19 -81.17 21.65
N ARG I 278 -28.19 -80.85 22.46
CA ARG I 278 -28.46 -80.06 23.69
C ARG I 278 -29.20 -78.81 23.26
N MET I 279 -28.88 -78.34 22.07
CA MET I 279 -29.52 -77.08 21.67
C MET I 279 -31.01 -77.32 21.79
N LYS I 280 -31.44 -78.52 21.38
CA LYS I 280 -32.89 -78.80 21.42
C LYS I 280 -33.31 -78.83 22.90
N GLU I 281 -32.43 -79.36 23.76
CA GLU I 281 -32.75 -79.41 25.20
C GLU I 281 -32.98 -77.97 25.67
N LYS I 282 -32.20 -77.02 25.15
CA LYS I 282 -32.29 -75.60 25.61
C LYS I 282 -33.52 -74.93 24.99
N GLY I 283 -34.07 -73.91 25.66
CA GLY I 283 -35.22 -73.19 25.12
C GLY I 283 -34.78 -72.10 24.15
N VAL I 284 -34.85 -72.38 22.85
CA VAL I 284 -34.45 -71.38 21.81
C VAL I 284 -34.90 -71.93 20.44
N ARG I 285 -35.44 -71.06 19.57
CA ARG I 285 -35.85 -71.49 18.21
C ARG I 285 -34.61 -71.52 17.31
N GLU I 286 -34.59 -72.40 16.31
CA GLU I 286 -33.39 -72.56 15.44
C GLU I 286 -33.64 -71.88 14.08
N TYR I 287 -32.57 -71.65 13.31
CA TYR I 287 -32.71 -71.05 11.95
C TYR I 287 -31.88 -71.89 10.98
N PRO I 288 -32.43 -72.28 9.82
CA PRO I 288 -31.67 -73.04 8.81
C PRO I 288 -30.86 -72.10 7.89
N MET I 289 -29.58 -71.91 8.19
CA MET I 289 -28.70 -71.07 7.33
C MET I 289 -28.23 -71.90 6.14
N SER I 290 -27.51 -71.27 5.19
CA SER I 290 -27.07 -71.99 3.96
C SER I 290 -26.22 -73.21 4.34
N ASN I 291 -25.26 -73.04 5.26
CA ASN I 291 -24.34 -74.17 5.59
C ASN I 291 -24.14 -74.26 7.12
N LYS I 292 -25.12 -73.78 7.90
CA LYS I 292 -25.03 -73.88 9.38
C LYS I 292 -26.44 -73.78 9.99
N MET I 293 -26.55 -74.02 11.30
CA MET I 293 -27.87 -73.89 11.98
C MET I 293 -27.79 -72.75 13.00
N GLY I 294 -28.45 -71.64 12.75
CA GLY I 294 -28.45 -70.58 13.77
C GLY I 294 -29.50 -70.85 14.82
N TYR I 295 -29.53 -70.03 15.87
CA TYR I 295 -30.55 -70.21 16.94
C TYR I 295 -31.26 -68.90 17.13
N TRP I 296 -32.32 -68.70 16.36
CA TRP I 296 -32.99 -67.38 16.42
C TRP I 296 -33.83 -67.30 17.69
N PHE I 297 -33.30 -66.59 18.67
CA PHE I 297 -34.02 -66.49 19.95
C PHE I 297 -35.38 -65.89 19.64
N GLU I 298 -36.41 -66.25 20.41
CA GLU I 298 -37.79 -65.79 20.13
C GLU I 298 -38.39 -65.17 21.40
N LYS I 299 -39.49 -64.42 21.27
CA LYS I 299 -40.17 -63.82 22.44
C LYS I 299 -40.56 -64.95 23.41
N GLY I 300 -40.50 -64.68 24.72
CA GLY I 300 -40.87 -65.69 25.73
C GLY I 300 -39.66 -66.38 26.31
N LYS I 301 -38.71 -66.76 25.44
CA LYS I 301 -37.47 -67.43 25.89
C LYS I 301 -36.55 -66.39 26.55
N LEU I 302 -36.81 -65.10 26.30
CA LEU I 302 -35.98 -64.02 26.90
C LEU I 302 -36.90 -62.98 27.56
N GLU I 303 -36.60 -62.62 28.82
CA GLU I 303 -37.38 -61.54 29.49
C GLU I 303 -37.07 -60.22 28.77
N LYS I 304 -38.11 -59.45 28.43
CA LYS I 304 -37.90 -58.17 27.69
C LYS I 304 -37.00 -58.44 26.48
N ASP I 305 -37.11 -59.62 25.88
CA ASP I 305 -36.28 -59.99 24.70
C ASP I 305 -34.81 -59.66 25.00
N LYS I 306 -34.34 -59.96 26.21
CA LYS I 306 -32.93 -59.67 26.59
C LYS I 306 -32.46 -60.66 27.65
N PHE I 307 -31.14 -60.77 27.85
CA PHE I 307 -30.60 -61.66 28.92
C PHE I 307 -29.22 -61.15 29.34
N ASN I 308 -28.74 -61.61 30.50
CA ASN I 308 -27.39 -61.21 30.98
C ASN I 308 -27.10 -59.76 30.63
N LYS I 309 -28.09 -58.88 30.76
CA LYS I 309 -27.85 -57.43 30.56
C LYS I 309 -27.54 -57.06 29.10
N VAL I 310 -27.58 -58.01 28.15
CA VAL I 310 -27.40 -57.61 26.73
C VAL I 310 -28.43 -58.32 25.86
N LEU I 311 -29.30 -57.59 25.16
CA LEU I 311 -30.37 -58.27 24.40
C LEU I 311 -29.73 -59.32 23.53
N LEU I 312 -30.52 -60.32 23.16
CA LEU I 312 -30.09 -61.38 22.21
C LEU I 312 -31.22 -61.43 21.19
N VAL I 313 -32.28 -60.64 21.43
CA VAL I 313 -33.46 -60.57 20.53
C VAL I 313 -33.75 -59.09 20.27
N GLY I 314 -34.61 -58.81 19.29
CA GLY I 314 -34.97 -57.42 19.00
C GLY I 314 -36.14 -57.36 18.04
N LYS I 315 -36.52 -56.14 17.61
CA LYS I 315 -37.60 -55.97 16.61
C LYS I 315 -37.20 -54.83 15.67
N GLN I 316 -37.33 -55.04 14.36
CA GLN I 316 -36.97 -53.99 13.36
C GLN I 316 -38.17 -53.09 13.07
N LYS I 317 -38.12 -52.32 11.98
CA LYS I 317 -39.22 -51.38 11.65
C LYS I 317 -40.53 -52.16 11.55
N ASP I 318 -40.54 -53.25 10.78
CA ASP I 318 -41.76 -54.09 10.64
C ASP I 318 -41.43 -55.52 11.05
N LYS I 319 -40.20 -55.95 10.79
CA LYS I 319 -39.76 -57.34 11.16
C LYS I 319 -39.13 -57.30 12.55
N HIS I 320 -38.40 -58.37 12.93
CA HIS I 320 -37.76 -58.45 14.27
C HIS I 320 -36.36 -59.03 14.09
N TRP I 321 -35.31 -58.31 14.50
CA TRP I 321 -33.94 -58.88 14.43
C TRP I 321 -33.73 -59.82 15.61
N HIS I 322 -33.06 -60.95 15.38
CA HIS I 322 -32.75 -61.90 16.49
C HIS I 322 -31.27 -62.30 16.41
N PHE I 323 -30.52 -61.98 17.46
CA PHE I 323 -29.07 -62.33 17.48
C PHE I 323 -28.94 -63.85 17.60
N GLY I 324 -28.47 -64.50 16.53
CA GLY I 324 -28.27 -65.96 16.56
C GLY I 324 -26.80 -66.31 16.42
N ILE I 325 -26.43 -67.56 16.73
CA ILE I 325 -25.00 -67.97 16.69
C ILE I 325 -24.88 -69.33 15.99
N SER I 326 -23.74 -69.59 15.34
CA SER I 326 -23.50 -70.92 14.74
C SER I 326 -22.22 -71.50 15.34
N ALA I 327 -22.29 -72.70 15.92
CA ALA I 327 -21.13 -73.27 16.59
C ALA I 327 -20.50 -74.36 15.75
N ALA I 328 -19.19 -74.30 15.61
CA ALA I 328 -18.40 -75.36 15.00
C ALA I 328 -17.16 -75.60 15.86
N GLY I 329 -17.11 -76.78 16.49
CA GLY I 329 -15.98 -77.10 17.39
C GLY I 329 -14.72 -77.44 16.60
N LYS I 330 -13.62 -76.76 16.90
CA LYS I 330 -12.34 -77.01 16.19
C LYS I 330 -11.26 -77.39 17.20
N LEU I 331 -10.74 -78.63 17.11
CA LEU I 331 -9.67 -79.09 18.02
C LEU I 331 -8.41 -78.25 17.78
N TYR I 332 -8.15 -77.89 16.52
CA TYR I 332 -6.98 -77.02 16.18
C TYR I 332 -7.35 -75.57 16.49
N PRO I 333 -6.39 -74.72 16.93
CA PRO I 333 -5.13 -75.16 17.54
C PRO I 333 -5.42 -75.87 18.87
N PHE I 334 -6.22 -75.22 19.72
CA PHE I 334 -6.60 -75.82 21.02
C PHE I 334 -8.11 -76.06 20.97
N PRO I 335 -8.60 -77.20 21.47
CA PRO I 335 -10.00 -77.53 21.36
C PRO I 335 -10.82 -76.29 21.69
N VAL I 336 -11.56 -75.78 20.73
CA VAL I 336 -12.44 -74.63 21.05
C VAL I 336 -13.79 -74.80 20.37
N LEU I 337 -14.77 -74.03 20.80
CA LEU I 337 -16.07 -74.07 20.09
C LEU I 337 -16.23 -72.75 19.32
N MET I 338 -15.60 -72.64 18.15
CA MET I 338 -15.68 -71.40 17.39
C MET I 338 -17.15 -71.02 17.20
N ILE I 339 -17.51 -69.83 17.67
CA ILE I 339 -18.88 -69.33 17.59
C ILE I 339 -18.89 -68.15 16.64
N SER I 340 -19.93 -68.06 15.82
CA SER I 340 -20.08 -67.01 14.83
C SER I 340 -21.39 -66.27 15.06
N SER I 341 -21.34 -64.95 14.92
CA SER I 341 -22.50 -64.11 15.17
C SER I 341 -23.37 -64.02 13.91
N HIS I 342 -24.68 -63.93 14.13
CA HIS I 342 -25.65 -63.84 13.05
C HIS I 342 -26.81 -62.99 13.51
N ILE I 343 -27.58 -62.55 12.52
CA ILE I 343 -28.79 -61.75 12.83
C ILE I 343 -29.91 -62.32 11.97
N PHE I 344 -30.99 -62.81 12.60
CA PHE I 344 -32.11 -63.40 11.85
C PHE I 344 -33.29 -62.45 12.03
N PHE I 345 -33.91 -62.09 10.91
CA PHE I 345 -35.03 -61.13 10.99
C PHE I 345 -36.32 -61.93 10.84
N THR I 346 -37.25 -61.78 11.80
CA THR I 346 -38.49 -62.58 11.75
C THR I 346 -39.67 -61.65 11.47
N LYS I 347 -40.71 -62.16 10.78
CA LYS I 347 -41.85 -61.31 10.37
C LYS I 347 -42.47 -60.63 11.60
N ASP I 348 -42.76 -61.40 12.66
CA ASP I 348 -43.43 -60.83 13.85
C ASP I 348 -42.80 -61.42 15.12
N GLY I 349 -41.50 -61.73 15.09
CA GLY I 349 -40.82 -62.31 16.26
C GLY I 349 -41.31 -63.71 16.54
N LYS I 350 -42.03 -64.31 15.59
CA LYS I 350 -42.60 -65.67 15.79
C LYS I 350 -42.20 -66.56 14.61
N GLU I 351 -42.01 -65.96 13.43
CA GLU I 351 -41.65 -66.75 12.21
C GLU I 351 -40.60 -65.98 11.40
N LEU I 352 -39.49 -66.63 11.04
CA LEU I 352 -38.42 -65.96 10.27
C LEU I 352 -38.89 -65.75 8.83
N ILE I 353 -38.54 -64.60 8.22
CA ILE I 353 -38.92 -64.32 6.81
C ILE I 353 -38.40 -65.47 5.93
N GLU I 354 -39.26 -66.00 5.05
CA GLU I 354 -38.84 -67.11 4.20
C GLU I 354 -38.09 -66.64 2.96
N SER I 355 -37.63 -65.39 2.93
CA SER I 355 -36.87 -64.86 1.80
C SER I 355 -35.45 -64.61 2.25
N LYS I 356 -34.50 -65.38 1.70
CA LYS I 356 -33.10 -65.19 2.05
C LYS I 356 -32.60 -63.81 1.66
N LYS I 357 -33.02 -63.31 0.51
CA LYS I 357 -32.62 -61.96 0.09
C LYS I 357 -33.14 -60.91 1.06
N ILE I 358 -34.40 -61.03 1.49
CA ILE I 358 -34.96 -60.07 2.43
C ILE I 358 -34.23 -60.15 3.76
N GLN I 359 -33.95 -61.37 4.24
CA GLN I 359 -33.20 -61.52 5.49
C GLN I 359 -31.83 -60.89 5.39
N HIS I 360 -31.13 -61.16 4.28
CA HIS I 360 -29.75 -60.62 4.10
C HIS I 360 -29.78 -59.09 4.10
N ALA I 361 -30.67 -58.50 3.28
CA ALA I 361 -30.72 -57.02 3.17
C ALA I 361 -31.01 -56.41 4.55
N ALA I 362 -31.81 -57.08 5.36
CA ALA I 362 -31.99 -56.55 6.72
C ALA I 362 -30.67 -56.70 7.49
N ARG I 363 -30.09 -57.92 7.52
CA ARG I 363 -28.87 -58.13 8.33
C ARG I 363 -27.95 -56.96 8.07
N ARG I 364 -27.79 -56.63 6.80
CA ARG I 364 -26.88 -55.52 6.42
C ARG I 364 -27.34 -54.22 7.08
N ARG I 365 -28.56 -53.76 6.83
CA ARG I 365 -28.92 -52.45 7.37
C ARG I 365 -28.80 -52.44 8.89
N GLN I 366 -29.23 -53.52 9.54
CA GLN I 366 -29.13 -53.61 10.99
C GLN I 366 -27.69 -53.64 11.47
N GLY I 367 -26.76 -54.14 10.64
CA GLY I 367 -25.36 -54.19 11.03
C GLY I 367 -24.71 -52.83 11.22
N LYS I 368 -25.22 -51.80 10.54
CA LYS I 368 -24.64 -50.46 10.68
C LYS I 368 -24.73 -49.98 12.12
N ASN I 369 -25.87 -50.22 12.77
CA ASN I 369 -26.08 -49.69 14.11
C ASN I 369 -25.12 -50.30 15.12
N TRP I 370 -24.92 -51.63 15.06
CA TRP I 370 -24.15 -52.29 16.09
C TRP I 370 -22.66 -52.01 15.92
N TRP I 371 -21.94 -51.99 17.04
CA TRP I 371 -20.53 -51.64 17.09
C TRP I 371 -19.73 -52.80 17.67
N ASN I 372 -18.44 -52.56 17.92
CA ASN I 372 -17.58 -53.57 18.53
C ASN I 372 -18.12 -53.99 19.89
N ASP I 373 -18.37 -53.02 20.76
CA ASP I 373 -18.91 -53.35 22.08
C ASP I 373 -20.30 -53.97 21.98
N ASP I 374 -21.12 -53.48 21.03
CA ASP I 374 -22.45 -54.04 20.85
C ASP I 374 -22.42 -55.50 20.47
N TRP I 375 -21.53 -55.89 19.57
CA TRP I 375 -21.40 -57.29 19.20
C TRP I 375 -20.83 -58.11 20.36
N ARG I 376 -19.81 -57.58 21.04
CA ARG I 376 -19.21 -58.34 22.14
C ARG I 376 -20.22 -58.61 23.24
N ASN I 377 -20.96 -57.57 23.65
CA ASN I 377 -21.93 -57.73 24.72
C ASN I 377 -23.01 -58.73 24.33
N LYS I 378 -23.54 -58.63 23.11
CA LYS I 378 -24.57 -59.54 22.68
C LYS I 378 -24.07 -60.97 22.64
N LEU I 379 -22.87 -61.19 22.11
CA LEU I 379 -22.33 -62.54 22.04
C LEU I 379 -22.12 -63.11 23.44
N LEU I 380 -21.51 -62.35 24.33
CA LEU I 380 -21.22 -62.85 25.66
C LEU I 380 -22.50 -63.11 26.45
N ALA I 381 -23.48 -62.21 26.36
CA ALA I 381 -24.75 -62.40 27.05
C ALA I 381 -25.50 -63.61 26.50
N PHE I 382 -25.45 -63.82 25.19
CA PHE I 382 -26.13 -64.96 24.59
C PHE I 382 -25.48 -66.26 25.02
N VAL I 383 -24.14 -66.27 25.15
CA VAL I 383 -23.47 -67.47 25.62
C VAL I 383 -23.76 -67.72 27.09
N LYS I 384 -23.80 -66.66 27.89
CA LYS I 384 -24.02 -66.84 29.33
C LYS I 384 -25.38 -67.45 29.62
N TYR I 385 -26.35 -67.29 28.70
CA TYR I 385 -27.63 -67.97 28.87
C TYR I 385 -27.45 -69.48 28.85
N LEU I 386 -26.51 -69.97 28.03
CA LEU I 386 -26.25 -71.41 27.95
C LEU I 386 -25.72 -71.97 29.26
N SER I 387 -25.21 -71.12 30.16
CA SER I 387 -24.54 -71.60 31.36
C SER I 387 -25.47 -72.45 32.21
N ASP I 388 -24.99 -73.63 32.60
CA ASP I 388 -25.72 -74.50 33.52
C ASP I 388 -25.26 -74.25 34.95
N ASP I 389 -23.97 -74.39 35.21
CA ASP I 389 -23.39 -74.04 36.50
C ASP I 389 -22.92 -72.58 36.45
N GLU I 390 -22.13 -72.18 37.45
CA GLU I 390 -21.72 -70.78 37.56
C GLU I 390 -20.76 -70.36 36.45
N ASN I 391 -19.84 -71.24 36.03
CA ASN I 391 -18.73 -70.82 35.19
C ASN I 391 -18.58 -71.62 33.91
N SER I 392 -19.59 -72.39 33.51
CA SER I 392 -19.47 -73.23 32.33
C SER I 392 -20.86 -73.70 31.91
N PHE I 393 -20.89 -74.65 30.97
CA PHE I 393 -22.10 -75.36 30.62
C PHE I 393 -21.70 -76.66 29.92
N TYR I 394 -22.47 -77.71 30.16
CA TYR I 394 -22.11 -79.05 29.72
C TYR I 394 -22.93 -79.45 28.51
N LEU I 395 -22.25 -80.16 27.60
CA LEU I 395 -22.96 -80.73 26.42
C LEU I 395 -22.81 -82.24 26.57
N GLU I 396 -23.90 -82.95 26.85
CA GLU I 396 -23.82 -84.40 27.11
C GLU I 396 -23.17 -85.10 25.91
N VAL I 397 -22.18 -85.96 26.15
CA VAL I 397 -21.59 -86.76 25.03
C VAL I 397 -21.95 -88.22 25.28
N GLY I 398 -22.59 -88.51 26.42
CA GLY I 398 -23.03 -89.87 26.78
C GLY I 398 -23.90 -89.78 28.04
N SER I 399 -24.61 -90.84 28.38
CA SER I 399 -25.40 -90.82 29.65
C SER I 399 -24.44 -90.60 30.81
N GLU I 400 -23.26 -91.21 30.74
CA GLU I 400 -22.24 -91.07 31.81
C GLU I 400 -21.23 -89.99 31.45
N GLU I 401 -20.73 -89.98 30.20
CA GLU I 401 -19.68 -89.02 29.81
C GLU I 401 -20.30 -87.79 29.14
N LYS I 402 -19.65 -86.63 29.19
CA LYS I 402 -20.17 -85.42 28.48
C LYS I 402 -19.05 -84.39 28.30
N ILE I 403 -19.30 -83.32 27.55
CA ILE I 403 -18.23 -82.31 27.30
C ILE I 403 -18.66 -80.96 27.90
N TYR I 404 -17.80 -80.37 28.73
CA TYR I 404 -18.12 -79.07 29.37
C TYR I 404 -17.41 -77.96 28.61
N ILE I 405 -18.07 -76.82 28.45
CA ILE I 405 -17.47 -75.70 27.65
C ILE I 405 -17.52 -74.39 28.44
N SER I 406 -16.35 -73.79 28.68
CA SER I 406 -16.28 -72.51 29.37
C SER I 406 -17.29 -71.53 28.78
N ASN I 407 -18.05 -70.88 29.65
CA ASN I 407 -19.05 -69.92 29.20
C ASN I 407 -18.45 -68.56 28.86
N GLU I 408 -17.18 -68.35 29.17
CA GLU I 408 -16.46 -67.16 28.76
C GLU I 408 -15.49 -67.50 27.64
N PRO I 409 -15.36 -66.65 26.65
CA PRO I 409 -14.42 -66.93 25.55
C PRO I 409 -12.99 -66.79 26.02
N VAL I 410 -12.07 -67.32 25.22
CA VAL I 410 -10.65 -67.20 25.53
C VAL I 410 -10.26 -65.74 25.43
N GLN I 411 -9.53 -65.25 26.43
CA GLN I 411 -8.95 -63.91 26.39
C GLN I 411 -7.62 -63.93 25.66
N PHE I 412 -7.45 -62.97 24.77
CA PHE I 412 -6.19 -62.72 24.08
C PHE I 412 -5.66 -61.36 24.51
N VAL I 413 -4.38 -61.33 24.88
CA VAL I 413 -3.75 -60.11 25.39
C VAL I 413 -2.70 -59.65 24.38
N GLY I 414 -2.76 -58.38 24.01
CA GLY I 414 -1.84 -57.88 23.00
C GLY I 414 -0.82 -56.89 23.51
N LYS I 415 0.33 -56.85 22.86
CA LYS I 415 1.39 -55.93 23.25
C LYS I 415 1.06 -54.46 23.13
N VAL I 416 0.31 -54.07 22.11
CA VAL I 416 0.07 -52.64 21.86
C VAL I 416 -1.37 -52.16 21.66
N SER I 417 -1.61 -50.86 21.84
CA SER I 417 -2.95 -50.28 21.64
C SER I 417 -2.89 -48.99 20.83
N TYR I 418 -4.01 -48.28 20.69
CA TYR I 418 -4.01 -46.99 20.00
C TYR I 418 -4.55 -45.93 20.92
N ASN I 419 -4.75 -44.73 20.42
CA ASN I 419 -5.29 -43.64 21.23
C ASN I 419 -6.81 -43.79 21.40
N MET J 1 -3.87 -67.51 29.15
CA MET J 1 -3.69 -66.18 28.58
C MET J 1 -2.87 -66.27 27.28
N LYS J 2 -3.48 -65.84 26.18
CA LYS J 2 -2.88 -65.98 24.86
C LYS J 2 -2.19 -64.69 24.44
N GLU J 3 -0.94 -64.82 24.01
CA GLU J 3 -0.09 -63.68 23.68
C GLU J 3 -0.12 -63.41 22.18
N LEU J 4 -0.33 -62.16 21.82
CA LEU J 4 -0.35 -61.78 20.41
C LEU J 4 0.90 -60.99 20.07
N ILE J 5 1.75 -61.55 19.22
CA ILE J 5 2.93 -60.81 18.79
C ILE J 5 2.50 -59.71 17.84
N TYR J 6 3.27 -58.64 17.75
CA TYR J 6 2.89 -57.53 16.89
C TYR J 6 3.83 -57.31 15.72
N ILE J 7 3.28 -57.17 14.52
CA ILE J 7 4.11 -56.88 13.35
C ILE J 7 3.87 -55.43 12.97
N HIS J 8 4.94 -54.65 12.88
CA HIS J 8 4.80 -53.22 12.56
C HIS J 8 4.50 -52.98 11.09
N GLU J 9 4.15 -51.75 10.73
CA GLU J 9 3.74 -51.49 9.35
C GLU J 9 4.96 -51.18 8.49
N PRO J 10 5.13 -51.86 7.36
CA PRO J 10 6.30 -51.60 6.52
C PRO J 10 6.21 -50.24 5.83
N ASN J 11 7.37 -49.76 5.41
CA ASN J 11 7.49 -48.47 4.73
C ASN J 11 7.63 -48.69 3.23
N ILE J 12 6.94 -47.83 2.47
CA ILE J 12 6.94 -47.89 1.01
C ILE J 12 7.70 -46.68 0.49
N LEU J 13 8.58 -46.90 -0.47
CA LEU J 13 9.39 -45.83 -1.01
C LEU J 13 8.56 -44.86 -1.83
N PHE J 14 8.94 -43.59 -1.76
CA PHE J 14 8.33 -42.53 -2.55
C PHE J 14 9.43 -41.76 -3.27
N ALA J 15 9.09 -40.59 -3.80
CA ALA J 15 10.07 -39.77 -4.53
C ALA J 15 11.34 -39.61 -3.73
N ASN J 16 12.48 -39.71 -4.41
CA ASN J 16 13.81 -39.60 -3.82
C ASN J 16 14.07 -40.65 -2.76
N GLY J 17 13.33 -41.76 -2.79
CA GLY J 17 13.54 -42.81 -1.82
C GLY J 17 13.04 -42.52 -0.43
N GLN J 18 12.23 -41.48 -0.26
CA GLN J 18 11.69 -41.16 1.05
C GLN J 18 10.57 -42.11 1.42
N LYS J 19 10.49 -42.44 2.71
CA LYS J 19 9.62 -43.52 3.18
C LYS J 19 8.46 -42.95 3.98
N CYS J 20 7.29 -43.58 3.82
CA CYS J 20 6.12 -43.29 4.64
C CYS J 20 5.26 -44.54 4.68
N ALA J 21 4.19 -44.49 5.47
CA ALA J 21 3.33 -45.65 5.66
C ALA J 21 1.98 -45.54 4.97
N ASP J 22 1.61 -44.35 4.51
CA ASP J 22 0.33 -44.17 3.83
C ASP J 22 0.56 -43.64 2.43
N PRO J 23 0.08 -44.31 1.39
CA PRO J 23 0.15 -43.70 0.05
C PRO J 23 -0.57 -42.37 -0.04
N ARG J 24 -1.74 -42.24 0.60
CA ARG J 24 -2.49 -40.99 0.53
C ARG J 24 -1.75 -39.84 1.19
N ASP J 25 -0.81 -40.12 2.07
CA ASP J 25 0.03 -39.10 2.69
C ASP J 25 1.39 -39.03 2.02
N GLY J 26 1.99 -40.19 1.74
CA GLY J 26 3.30 -40.20 1.12
C GLY J 26 3.31 -39.52 -0.23
N LEU J 27 2.27 -39.76 -1.04
CA LEU J 27 2.20 -39.12 -2.34
C LEU J 27 1.96 -37.61 -2.21
N ALA J 28 0.99 -37.24 -1.36
CA ALA J 28 0.67 -35.82 -1.22
C ALA J 28 1.83 -35.03 -0.65
N LEU J 29 2.73 -35.68 0.09
CA LEU J 29 3.82 -34.96 0.73
C LEU J 29 5.11 -35.02 -0.10
N PHE J 30 5.43 -36.18 -0.66
CA PHE J 30 6.71 -36.42 -1.30
C PHE J 30 6.63 -36.47 -2.82
N GLY J 31 5.64 -37.14 -3.37
CA GLY J 31 5.53 -37.31 -4.80
C GLY J 31 5.84 -38.73 -5.23
N PRO J 32 5.48 -39.07 -6.46
CA PRO J 32 5.65 -40.45 -6.92
C PRO J 32 7.11 -40.84 -7.07
N PHE J 33 7.35 -42.15 -7.02
CA PHE J 33 8.70 -42.66 -7.15
C PHE J 33 9.30 -42.32 -8.52
N THR J 34 8.50 -42.50 -9.58
CA THR J 34 8.90 -42.10 -10.92
C THR J 34 7.86 -41.14 -11.48
N LYS J 35 8.32 -40.04 -12.04
CA LYS J 35 7.46 -39.00 -12.57
C LYS J 35 7.36 -39.12 -14.08
N ILE J 36 6.15 -38.94 -14.61
CA ILE J 36 5.93 -38.93 -16.03
C ILE J 36 5.73 -37.48 -16.48
N TYR J 37 5.97 -37.23 -17.76
CA TYR J 37 5.88 -35.88 -18.29
C TYR J 37 4.44 -35.37 -18.26
N GLY J 38 3.48 -36.24 -18.53
CA GLY J 38 2.09 -35.86 -18.54
C GLY J 38 1.25 -37.01 -19.04
N ILE J 39 -0.06 -36.82 -18.97
CA ILE J 39 -1.03 -37.86 -19.34
C ILE J 39 -1.94 -37.31 -20.41
N LYS J 40 -1.86 -37.90 -21.60
CA LYS J 40 -2.78 -37.60 -22.70
C LYS J 40 -4.04 -38.43 -22.50
N SER J 41 -5.17 -37.76 -22.26
CA SER J 41 -6.40 -38.49 -22.05
C SER J 41 -6.91 -39.08 -23.35
N GLY J 42 -7.80 -40.05 -23.22
CA GLY J 42 -8.55 -40.58 -24.34
C GLY J 42 -9.91 -41.03 -23.86
N VAL J 43 -10.98 -40.52 -24.47
CA VAL J 43 -12.34 -40.73 -23.98
C VAL J 43 -13.17 -41.38 -25.07
N VAL J 44 -13.90 -42.43 -24.69
CA VAL J 44 -14.85 -43.09 -25.58
C VAL J 44 -16.20 -43.02 -24.89
N GLY J 45 -16.97 -41.97 -25.18
CA GLY J 45 -18.24 -41.77 -24.53
C GLY J 45 -19.15 -40.92 -25.37
N THR J 46 -20.27 -40.52 -24.77
CA THR J 46 -21.20 -39.62 -25.43
C THR J 46 -20.73 -38.18 -25.24
N GLN J 47 -21.46 -37.23 -25.83
CA GLN J 47 -21.23 -35.83 -25.51
C GLN J 47 -21.49 -35.58 -24.02
N TYR J 48 -22.54 -36.19 -23.48
CA TYR J 48 -22.78 -36.14 -22.04
C TYR J 48 -21.60 -36.72 -21.28
N GLY J 49 -21.10 -37.87 -21.71
CA GLY J 49 -19.97 -38.49 -21.03
C GLY J 49 -18.71 -37.66 -21.14
N LEU J 50 -18.44 -37.08 -22.32
CA LEU J 50 -17.28 -36.24 -22.48
C LEU J 50 -17.36 -35.01 -21.60
N SER J 51 -18.54 -34.38 -21.53
CA SER J 51 -18.73 -33.24 -20.66
C SER J 51 -18.48 -33.60 -19.21
N ILE J 52 -19.01 -34.75 -18.78
CA ILE J 52 -18.81 -35.18 -17.40
C ILE J 52 -17.33 -35.41 -17.13
N PHE J 53 -16.63 -36.06 -18.06
CA PHE J 53 -15.22 -36.35 -17.85
C PHE J 53 -14.40 -35.07 -17.76
N LYS J 54 -14.66 -34.12 -18.65
CA LYS J 54 -13.94 -32.85 -18.59
C LYS J 54 -14.23 -32.10 -17.30
N ASN J 55 -15.51 -32.11 -16.87
CA ASN J 55 -15.86 -31.48 -15.60
C ASN J 55 -15.10 -32.12 -14.44
N TYR J 56 -15.03 -33.45 -14.42
CA TYR J 56 -14.36 -34.13 -13.32
C TYR J 56 -12.86 -33.86 -13.33
N ILE J 57 -12.24 -33.86 -14.52
CA ILE J 57 -10.81 -33.59 -14.58
C ILE J 57 -10.51 -32.18 -14.08
N ASN J 58 -11.28 -31.19 -14.53
CA ASN J 58 -11.06 -29.84 -14.04
C ASN J 58 -11.37 -29.73 -12.55
N HIS J 59 -12.30 -30.55 -12.06
CA HIS J 59 -12.61 -30.54 -10.63
C HIS J 59 -11.45 -31.06 -9.80
N ILE J 60 -10.81 -32.14 -10.27
CA ILE J 60 -9.66 -32.67 -9.54
C ILE J 60 -8.40 -31.87 -9.82
N GLN J 61 -8.44 -30.94 -10.77
CA GLN J 61 -7.37 -29.95 -10.85
C GLN J 61 -7.29 -29.14 -9.57
N LYS J 62 -8.43 -28.67 -9.09
CA LYS J 62 -8.52 -27.95 -7.83
C LYS J 62 -8.42 -28.91 -6.66
N PRO J 63 -8.02 -28.43 -5.49
CA PRO J 63 -8.01 -29.29 -4.31
C PRO J 63 -9.41 -29.78 -3.97
N ILE J 64 -9.49 -31.01 -3.48
CA ILE J 64 -10.76 -31.62 -3.11
C ILE J 64 -10.77 -31.81 -1.61
N TYR J 65 -11.80 -31.28 -0.96
CA TYR J 65 -11.95 -31.36 0.48
C TYR J 65 -13.13 -32.27 0.80
N ASN J 66 -12.85 -33.37 1.49
CA ASN J 66 -13.88 -34.27 1.95
C ASN J 66 -14.29 -33.90 3.36
N ALA J 67 -15.47 -34.35 3.78
CA ALA J 67 -16.08 -33.86 5.01
C ALA J 67 -15.17 -34.09 6.22
N ASN J 68 -14.70 -35.32 6.40
CA ASN J 68 -13.85 -35.65 7.54
C ASN J 68 -12.39 -35.62 7.11
N ASN J 69 -11.89 -34.41 6.91
CA ASN J 69 -10.53 -34.20 6.45
C ASN J 69 -9.50 -34.81 7.39
N ILE J 70 -9.82 -34.89 8.69
CA ILE J 70 -8.84 -35.38 9.66
C ILE J 70 -8.60 -36.87 9.47
N THR J 71 -9.67 -37.65 9.27
CA THR J 71 -9.50 -39.09 9.20
C THR J 71 -9.05 -39.53 7.81
N ARG J 72 -9.56 -38.88 6.76
CA ARG J 72 -9.12 -39.23 5.41
C ARG J 72 -8.47 -38.04 4.75
N PRO J 73 -7.19 -38.14 4.38
CA PRO J 73 -6.47 -36.96 3.90
C PRO J 73 -7.10 -36.36 2.66
N MET J 74 -7.03 -35.04 2.57
CA MET J 74 -7.61 -34.31 1.46
C MET J 74 -6.76 -34.47 0.19
N PHE J 75 -7.35 -34.07 -0.93
CA PHE J 75 -6.69 -34.18 -2.22
C PHE J 75 -6.15 -32.83 -2.64
N PRO J 76 -4.83 -32.63 -2.68
CA PRO J 76 -4.29 -31.33 -3.09
C PRO J 76 -4.67 -30.93 -4.51
N GLY J 77 -4.81 -31.87 -5.42
CA GLY J 77 -5.01 -31.59 -6.83
C GLY J 77 -4.05 -32.49 -7.57
N PHE J 78 -4.40 -32.82 -8.81
CA PHE J 78 -3.65 -33.85 -9.52
C PHE J 78 -2.19 -33.44 -9.70
N GLU J 79 -1.95 -32.24 -10.25
CA GLU J 79 -0.58 -31.83 -10.52
C GLU J 79 0.17 -31.54 -9.22
N ALA J 80 -0.56 -31.17 -8.17
CA ALA J 80 0.07 -30.90 -6.88
C ALA J 80 0.65 -32.15 -6.24
N VAL J 81 0.11 -33.33 -6.56
CA VAL J 81 0.57 -34.56 -5.95
C VAL J 81 1.65 -35.19 -6.82
N PHE J 82 1.30 -35.48 -8.07
CA PHE J 82 2.14 -36.32 -8.93
C PHE J 82 3.17 -35.53 -9.72
N GLY J 83 2.99 -34.23 -9.90
CA GLY J 83 3.96 -33.40 -10.57
C GLY J 83 3.82 -33.34 -12.08
N CYS J 84 2.94 -34.14 -12.65
CA CYS J 84 2.67 -34.10 -14.08
C CYS J 84 1.39 -33.32 -14.37
N LYS J 85 1.15 -33.07 -15.64
CA LYS J 85 -0.04 -32.37 -16.08
C LYS J 85 -1.09 -33.35 -16.59
N TRP J 86 -2.34 -33.11 -16.22
CA TRP J 86 -3.48 -33.88 -16.72
C TRP J 86 -4.61 -32.91 -17.04
N ASP J 87 -4.62 -32.40 -18.26
CA ASP J 87 -5.58 -31.40 -18.68
C ASP J 87 -6.79 -32.07 -19.31
N ALA J 88 -7.95 -31.46 -19.12
CA ALA J 88 -9.19 -31.94 -19.72
C ALA J 88 -9.39 -31.47 -21.15
N ASP J 89 -8.50 -30.63 -21.66
CA ASP J 89 -8.64 -30.09 -23.01
C ASP J 89 -7.89 -30.89 -24.06
N ASN J 90 -7.10 -31.88 -23.65
CA ASN J 90 -6.29 -32.68 -24.56
C ASN J 90 -6.95 -34.02 -24.87
N VAL J 91 -8.28 -34.02 -24.92
CA VAL J 91 -9.06 -35.25 -25.02
C VAL J 91 -9.21 -35.61 -26.50
N VAL J 92 -8.79 -36.82 -26.86
CA VAL J 92 -9.01 -37.37 -28.19
C VAL J 92 -10.35 -38.10 -28.12
N PHE J 93 -11.43 -37.34 -28.28
CA PHE J 93 -12.77 -37.86 -28.01
C PHE J 93 -13.32 -38.64 -29.19
N LYS J 94 -13.82 -39.84 -28.92
CA LYS J 94 -14.46 -40.69 -29.92
C LYS J 94 -15.90 -40.91 -29.49
N GLU J 95 -16.83 -40.29 -30.21
CA GLU J 95 -18.22 -40.25 -29.79
C GLU J 95 -18.90 -41.60 -29.99
N VAL J 96 -19.68 -42.02 -28.99
CA VAL J 96 -20.55 -43.18 -29.09
C VAL J 96 -21.99 -42.70 -28.96
N THR J 97 -22.83 -43.07 -29.92
CA THR J 97 -24.22 -42.63 -29.96
C THR J 97 -25.07 -43.58 -29.14
N LYS J 98 -26.06 -43.01 -28.44
CA LYS J 98 -26.96 -43.85 -27.67
C LYS J 98 -27.79 -44.77 -28.58
N GLU J 99 -27.98 -44.38 -29.84
CA GLU J 99 -28.78 -45.16 -30.76
C GLU J 99 -28.13 -46.49 -31.13
N GLU J 100 -26.82 -46.49 -31.39
CA GLU J 100 -26.15 -47.75 -31.71
C GLU J 100 -26.11 -48.67 -30.50
N ILE J 101 -25.94 -48.10 -29.30
CA ILE J 101 -26.10 -48.87 -28.07
C ILE J 101 -27.50 -49.46 -28.00
N GLU J 102 -28.51 -48.67 -28.35
CA GLU J 102 -29.88 -49.16 -28.31
C GLU J 102 -30.09 -50.32 -29.27
N LYS J 103 -29.58 -50.22 -30.50
CA LYS J 103 -29.82 -51.32 -31.43
C LYS J 103 -29.04 -52.56 -31.00
N ILE J 104 -27.88 -52.37 -30.37
CA ILE J 104 -27.17 -53.51 -29.81
C ILE J 104 -28.00 -54.17 -28.71
N LEU J 105 -28.60 -53.36 -27.83
CA LEU J 105 -29.31 -53.91 -26.67
C LEU J 105 -30.56 -54.69 -27.08
N TYR J 106 -31.13 -54.40 -28.24
CA TYR J 106 -32.36 -55.05 -28.65
C TYR J 106 -32.13 -56.44 -29.23
N THR J 107 -30.89 -56.88 -29.43
CA THR J 107 -30.64 -58.21 -29.95
C THR J 107 -31.04 -59.28 -28.92
N GLU J 108 -31.63 -60.36 -29.41
CA GLU J 108 -32.13 -61.41 -28.53
C GLU J 108 -30.99 -62.08 -27.77
N SER J 109 -29.89 -62.36 -28.45
CA SER J 109 -28.79 -63.11 -27.84
C SER J 109 -28.03 -62.24 -26.84
N ASN J 110 -28.07 -62.65 -25.57
CA ASN J 110 -27.36 -61.92 -24.53
C ASN J 110 -25.86 -61.97 -24.72
N HIS J 111 -25.32 -63.15 -25.08
CA HIS J 111 -23.89 -63.27 -25.33
C HIS J 111 -23.48 -62.39 -26.51
N LYS J 112 -24.29 -62.39 -27.58
CA LYS J 112 -24.01 -61.50 -28.69
C LYS J 112 -24.21 -60.04 -28.30
N ARG J 113 -25.16 -59.76 -27.41
CA ARG J 113 -25.34 -58.39 -26.92
C ARG J 113 -24.08 -57.88 -26.23
N THR J 114 -23.54 -58.66 -25.29
CA THR J 114 -22.35 -58.22 -24.58
C THR J 114 -21.13 -58.20 -25.49
N TYR J 115 -21.03 -59.16 -26.42
CA TYR J 115 -19.93 -59.15 -27.37
C TYR J 115 -19.96 -57.89 -28.23
N ASP J 116 -21.14 -57.50 -28.69
CA ASP J 116 -21.25 -56.32 -29.53
C ASP J 116 -21.01 -55.04 -28.73
N LEU J 117 -21.47 -55.00 -27.49
CA LEU J 117 -21.19 -53.83 -26.65
C LEU J 117 -19.70 -53.68 -26.42
N VAL J 118 -19.00 -54.78 -26.15
CA VAL J 118 -17.55 -54.71 -26.03
C VAL J 118 -16.93 -54.28 -27.36
N SER J 119 -17.42 -54.86 -28.46
CA SER J 119 -16.82 -54.63 -29.77
C SER J 119 -16.92 -53.18 -30.20
N LEU J 120 -18.06 -52.54 -29.94
CA LEU J 120 -18.21 -51.12 -30.26
C LEU J 120 -17.06 -50.31 -29.68
N PHE J 121 -16.91 -50.36 -28.36
CA PHE J 121 -15.89 -49.55 -27.70
C PHE J 121 -14.49 -49.96 -28.13
N ILE J 122 -14.21 -51.26 -28.19
CA ILE J 122 -12.83 -51.67 -28.46
C ILE J 122 -12.46 -51.34 -29.90
N ASN J 123 -13.40 -51.48 -30.85
CA ASN J 123 -13.08 -51.16 -32.23
C ASN J 123 -12.91 -49.66 -32.41
N LYS J 124 -13.69 -48.85 -31.71
CA LYS J 124 -13.44 -47.41 -31.77
C LYS J 124 -12.07 -47.07 -31.18
N ILE J 125 -11.68 -47.69 -30.07
CA ILE J 125 -10.31 -47.44 -29.55
C ILE J 125 -9.35 -48.10 -30.52
N ILE J 126 -9.49 -49.39 -30.80
CA ILE J 126 -8.61 -50.02 -31.82
C ILE J 126 -8.43 -49.05 -32.99
N THR J 127 -9.52 -48.55 -33.58
CA THR J 127 -9.43 -47.67 -34.76
C THR J 127 -8.61 -46.42 -34.41
N ALA J 128 -8.99 -45.73 -33.33
CA ALA J 128 -8.27 -44.50 -32.93
C ALA J 128 -6.80 -44.83 -32.65
N ASN J 129 -6.55 -45.97 -32.00
CA ASN J 129 -5.16 -46.38 -31.66
C ASN J 129 -4.32 -46.42 -32.94
N LYS J 130 -4.92 -46.78 -34.07
CA LYS J 130 -4.14 -46.94 -35.33
C LYS J 130 -4.38 -45.77 -36.29
N ASN J 131 -5.47 -45.01 -36.11
CA ASN J 131 -5.79 -43.94 -37.11
C ASN J 131 -5.68 -42.55 -36.48
N GLU J 132 -5.25 -42.44 -35.22
CA GLU J 132 -5.06 -41.09 -34.61
C GLU J 132 -3.57 -40.86 -34.34
N ASP J 133 -3.01 -39.78 -34.89
CA ASP J 133 -1.59 -39.44 -34.63
C ASP J 133 -1.48 -38.92 -33.18
N GLU J 134 -2.47 -38.13 -32.73
CA GLU J 134 -2.46 -37.70 -31.32
C GLU J 134 -2.22 -38.92 -30.44
N LYS J 135 -1.09 -38.98 -29.72
CA LYS J 135 -0.79 -40.13 -28.83
C LYS J 135 -1.70 -40.10 -27.61
N VAL J 136 -2.20 -41.25 -27.22
CA VAL J 136 -3.07 -41.39 -26.07
C VAL J 136 -2.43 -42.38 -25.11
N ASP J 137 -2.26 -41.95 -23.86
CA ASP J 137 -1.63 -42.82 -22.87
C ASP J 137 -2.64 -43.76 -22.23
N VAL J 138 -3.77 -43.22 -21.77
CA VAL J 138 -4.81 -44.03 -21.15
C VAL J 138 -6.14 -43.68 -21.81
N TRP J 139 -6.91 -44.71 -22.14
CA TRP J 139 -8.23 -44.54 -22.73
C TRP J 139 -9.29 -44.69 -21.66
N PHE J 140 -10.07 -43.63 -21.43
CA PHE J 140 -11.05 -43.59 -20.36
C PHE J 140 -12.43 -43.79 -20.95
N LEU J 141 -13.09 -44.87 -20.55
CA LEU J 141 -14.37 -45.28 -21.14
C LEU J 141 -15.49 -44.86 -20.20
N VAL J 142 -16.15 -43.76 -20.53
CA VAL J 142 -17.29 -43.27 -19.76
C VAL J 142 -18.53 -43.99 -20.28
N ILE J 143 -18.93 -45.06 -19.60
CA ILE J 143 -20.06 -45.87 -20.04
C ILE J 143 -21.33 -45.39 -19.34
N PRO J 144 -22.48 -45.45 -19.99
CA PRO J 144 -23.73 -45.07 -19.33
C PRO J 144 -24.28 -46.21 -18.48
N ASP J 145 -25.32 -45.87 -17.71
CA ASP J 145 -25.90 -46.83 -16.78
C ASP J 145 -26.60 -47.96 -17.51
N GLU J 146 -27.15 -47.70 -18.70
CA GLU J 146 -27.83 -48.74 -19.45
C GLU J 146 -26.89 -49.90 -19.76
N ILE J 147 -25.64 -49.59 -20.09
CA ILE J 147 -24.65 -50.65 -20.32
C ILE J 147 -24.46 -51.48 -19.06
N TYR J 148 -24.33 -50.80 -17.91
CA TYR J 148 -24.03 -51.52 -16.68
C TYR J 148 -25.18 -52.42 -16.26
N GLN J 149 -26.42 -51.95 -16.37
CA GLN J 149 -27.52 -52.70 -15.79
C GLN J 149 -28.19 -53.64 -16.80
N TYR J 150 -28.38 -53.21 -18.05
CA TYR J 150 -28.95 -54.10 -19.06
C TYR J 150 -28.02 -55.27 -19.35
N CYS J 151 -26.72 -55.00 -19.52
CA CYS J 151 -25.76 -56.00 -19.96
C CYS J 151 -25.23 -56.76 -18.76
N ARG J 152 -25.67 -58.01 -18.62
CA ARG J 152 -25.21 -58.89 -17.55
C ARG J 152 -25.33 -60.35 -17.95
N ALA J 204 -18.56 -63.65 -19.82
CA ALA J 204 -19.69 -62.98 -20.45
C ALA J 204 -20.01 -61.67 -19.75
N GLN J 205 -18.96 -60.98 -19.29
CA GLN J 205 -19.10 -59.71 -18.61
C GLN J 205 -18.48 -58.61 -19.47
N PHE J 206 -19.10 -57.43 -19.44
CA PHE J 206 -18.64 -56.32 -20.26
C PHE J 206 -17.20 -55.93 -19.90
N HIS J 207 -16.92 -55.69 -18.62
CA HIS J 207 -15.61 -55.24 -18.21
C HIS J 207 -14.54 -56.28 -18.51
N ASP J 208 -14.82 -57.54 -18.18
CA ASP J 208 -13.81 -58.59 -18.34
C ASP J 208 -13.44 -58.78 -19.80
N GLN J 209 -14.44 -58.92 -20.67
CA GLN J 209 -14.14 -59.07 -22.09
C GLN J 209 -13.47 -57.83 -22.66
N LEU J 210 -13.95 -56.64 -22.27
CA LEU J 210 -13.38 -55.42 -22.80
C LEU J 210 -11.91 -55.30 -22.46
N LYS J 211 -11.53 -55.61 -21.23
CA LYS J 211 -10.12 -55.62 -20.88
C LYS J 211 -9.39 -56.76 -21.57
N ALA J 212 -10.08 -57.88 -21.81
CA ALA J 212 -9.43 -59.05 -22.41
C ALA J 212 -9.19 -58.85 -23.89
N ARG J 213 -10.17 -58.33 -24.61
CA ARG J 213 -10.07 -58.23 -26.06
C ARG J 213 -9.12 -57.14 -26.52
N LEU J 214 -8.64 -56.29 -25.61
CA LEU J 214 -7.65 -55.28 -25.94
C LEU J 214 -6.24 -55.71 -25.58
N LEU J 215 -6.06 -56.91 -25.05
CA LEU J 215 -4.75 -57.32 -24.56
C LEU J 215 -3.76 -57.52 -25.70
N GLU J 216 -4.23 -58.05 -26.84
CA GLU J 216 -3.33 -58.27 -27.97
C GLU J 216 -2.80 -56.96 -28.54
N HIS J 217 -3.46 -55.84 -28.30
CA HIS J 217 -3.01 -54.55 -28.78
C HIS J 217 -2.27 -53.73 -27.73
N THR J 218 -2.31 -54.15 -26.47
CA THR J 218 -1.59 -53.51 -25.38
C THR J 218 -1.97 -52.04 -25.23
N ILE J 219 -3.23 -51.81 -24.87
CA ILE J 219 -3.75 -50.46 -24.70
C ILE J 219 -4.23 -50.28 -23.27
N PRO J 220 -3.56 -49.46 -22.45
CA PRO J 220 -4.07 -49.18 -21.10
C PRO J 220 -5.44 -48.51 -21.17
N THR J 221 -6.36 -49.01 -20.36
CA THR J 221 -7.74 -48.53 -20.36
C THR J 221 -8.23 -48.36 -18.93
N GLN J 222 -9.22 -47.50 -18.77
CA GLN J 222 -9.83 -47.21 -17.47
C GLN J 222 -11.31 -47.00 -17.67
N ILE J 223 -12.13 -47.92 -17.18
CA ILE J 223 -13.57 -47.77 -17.27
C ILE J 223 -14.06 -46.93 -16.11
N LEU J 224 -14.84 -45.89 -16.41
CA LEU J 224 -15.43 -45.02 -15.40
C LEU J 224 -16.91 -44.90 -15.71
N ARG J 225 -17.74 -45.62 -14.95
CA ARG J 225 -19.18 -45.49 -15.10
C ARG J 225 -19.59 -44.06 -14.78
N GLU J 226 -20.48 -43.49 -15.61
CA GLU J 226 -20.87 -42.11 -15.41
C GLU J 226 -21.59 -41.90 -14.09
N SER J 227 -22.06 -42.98 -13.46
CA SER J 227 -22.60 -42.88 -12.11
C SER J 227 -21.54 -42.44 -11.11
N THR J 228 -20.29 -42.82 -11.34
CA THR J 228 -19.21 -42.42 -10.44
C THR J 228 -18.81 -40.97 -10.64
N LEU J 229 -18.63 -40.54 -11.89
CA LEU J 229 -18.15 -39.19 -12.17
C LEU J 229 -19.23 -38.14 -11.98
N ALA J 230 -20.49 -38.50 -12.21
CA ALA J 230 -21.63 -37.59 -12.07
C ALA J 230 -22.57 -38.05 -10.96
N TRP J 231 -22.00 -38.47 -9.84
CA TRP J 231 -22.79 -39.05 -8.75
C TRP J 231 -23.83 -38.07 -8.23
N ARG J 232 -23.57 -36.76 -8.32
CA ARG J 232 -24.54 -35.78 -7.85
C ARG J 232 -25.82 -35.83 -8.67
N ASP J 233 -25.70 -35.96 -9.99
CA ASP J 233 -26.85 -35.99 -10.89
C ASP J 233 -27.33 -37.40 -11.19
N PHE J 234 -27.04 -38.35 -10.31
CA PHE J 234 -27.51 -39.74 -10.45
C PHE J 234 -28.20 -40.10 -9.15
N LYS J 235 -29.51 -39.87 -9.08
CA LYS J 235 -30.26 -39.99 -7.84
C LYS J 235 -31.28 -41.11 -7.95
N ASN J 236 -31.53 -41.78 -6.83
CA ASN J 236 -32.46 -42.89 -6.76
C ASN J 236 -33.87 -42.39 -6.42
N LYS J 237 -34.31 -41.38 -7.17
CA LYS J 237 -35.67 -40.85 -7.21
C LYS J 237 -36.13 -40.31 -5.85
N PHE J 238 -35.25 -40.37 -4.84
CA PHE J 238 -35.57 -39.81 -3.53
C PHE J 238 -35.17 -38.35 -3.45
N GLY J 239 -34.30 -37.91 -4.38
CA GLY J 239 -33.72 -36.59 -4.32
C GLY J 239 -32.30 -36.57 -3.79
N ALA J 240 -31.74 -37.74 -3.45
CA ALA J 240 -30.36 -37.84 -2.99
C ALA J 240 -29.60 -38.77 -3.90
N PRO J 241 -28.26 -38.65 -3.99
CA PRO J 241 -27.50 -39.53 -4.88
C PRO J 241 -27.70 -41.01 -4.58
N LYS J 242 -27.63 -41.84 -5.62
CA LYS J 242 -27.79 -43.28 -5.44
C LYS J 242 -26.73 -43.84 -4.50
N ARG J 243 -25.49 -43.38 -4.65
CA ARG J 243 -24.43 -43.64 -3.68
C ARG J 243 -23.74 -42.32 -3.39
N ASP J 244 -23.66 -41.96 -2.12
CA ASP J 244 -23.26 -40.60 -1.72
C ASP J 244 -21.75 -40.57 -1.53
N PHE J 245 -21.07 -39.82 -2.40
CA PHE J 245 -19.63 -39.61 -2.31
C PHE J 245 -19.26 -38.35 -1.53
N SER J 246 -20.25 -37.65 -0.96
CA SER J 246 -20.02 -36.30 -0.44
C SER J 246 -18.91 -36.30 0.61
N LYS J 247 -18.98 -37.21 1.58
CA LYS J 247 -17.98 -37.26 2.64
C LYS J 247 -16.69 -37.94 2.19
N ILE J 248 -16.68 -38.56 1.02
CA ILE J 248 -15.53 -39.35 0.58
C ILE J 248 -15.11 -38.92 -0.82
N GLU J 249 -15.44 -37.68 -1.19
CA GLU J 249 -15.07 -37.17 -2.51
C GLU J 249 -13.55 -37.13 -2.68
N GLY J 250 -12.84 -36.69 -1.65
CA GLY J 250 -11.39 -36.63 -1.74
C GLY J 250 -10.77 -38.00 -1.96
N HIS J 251 -11.29 -39.02 -1.28
CA HIS J 251 -10.74 -40.35 -1.44
C HIS J 251 -11.05 -40.91 -2.82
N LEU J 252 -12.22 -40.55 -3.37
CA LEU J 252 -12.52 -40.90 -4.75
C LEU J 252 -11.53 -40.28 -5.72
N ALA J 253 -11.22 -38.99 -5.52
CA ALA J 253 -10.22 -38.36 -6.36
C ALA J 253 -8.88 -39.06 -6.23
N TRP J 254 -8.51 -39.42 -5.00
CA TRP J 254 -7.27 -40.14 -4.78
C TRP J 254 -7.23 -41.43 -5.58
N THR J 255 -8.30 -42.23 -5.49
CA THR J 255 -8.31 -43.53 -6.15
C THR J 255 -8.26 -43.39 -7.67
N ILE J 256 -9.09 -42.50 -8.23
CA ILE J 256 -9.13 -42.35 -9.67
C ILE J 256 -7.81 -41.80 -10.19
N SER J 257 -7.27 -40.78 -9.52
CA SER J 257 -6.00 -40.21 -9.97
C SER J 257 -4.87 -41.21 -9.87
N THR J 258 -4.85 -42.02 -8.80
CA THR J 258 -3.80 -43.02 -8.68
C THR J 258 -3.90 -44.06 -9.79
N ALA J 259 -5.13 -44.52 -10.08
CA ALA J 259 -5.31 -45.49 -11.15
C ALA J 259 -4.87 -44.93 -12.49
N ALA J 260 -5.25 -43.67 -12.78
CA ALA J 260 -4.86 -43.06 -14.04
C ALA J 260 -3.35 -42.87 -14.12
N PHE J 261 -2.72 -42.43 -13.02
CA PHE J 261 -1.29 -42.23 -13.03
C PHE J 261 -0.55 -43.54 -13.25
N TYR J 262 -1.00 -44.62 -12.61
CA TYR J 262 -0.33 -45.89 -12.79
C TYR J 262 -0.43 -46.40 -14.21
N LYS J 263 -1.63 -46.32 -14.80
CA LYS J 263 -1.84 -46.86 -16.13
C LYS J 263 -1.14 -46.05 -17.22
N ALA J 264 -0.65 -44.86 -16.90
CA ALA J 264 -0.03 -43.99 -17.88
C ALA J 264 1.48 -44.06 -17.86
N GLY J 265 2.06 -45.03 -17.16
CA GLY J 265 3.49 -45.18 -17.12
C GLY J 265 4.18 -44.66 -15.87
N GLY J 266 3.42 -44.20 -14.88
CA GLY J 266 4.00 -43.73 -13.65
C GLY J 266 3.92 -44.76 -12.54
N LYS J 267 4.90 -44.71 -11.64
CA LYS J 267 4.92 -45.58 -10.47
C LYS J 267 4.69 -44.74 -9.23
N PRO J 268 3.46 -44.68 -8.72
CA PRO J 268 3.19 -43.77 -7.59
C PRO J 268 4.03 -44.09 -6.36
N TRP J 269 4.26 -45.36 -6.07
CA TRP J 269 5.11 -45.75 -4.95
C TRP J 269 5.59 -47.17 -5.18
N LYS J 270 6.72 -47.49 -4.57
CA LYS J 270 7.27 -48.84 -4.65
C LYS J 270 7.56 -49.34 -3.25
N LEU J 271 7.81 -50.64 -3.16
CA LEU J 271 8.05 -51.29 -1.89
C LEU J 271 9.55 -51.52 -1.68
N SER J 272 9.96 -51.43 -0.43
CA SER J 272 11.36 -51.71 -0.06
C SER J 272 11.51 -52.55 1.19
N ASP J 273 10.46 -52.75 1.98
CA ASP J 273 10.53 -53.53 3.21
C ASP J 273 10.23 -55.00 2.96
N ILE J 274 10.94 -55.60 2.00
CA ILE J 274 10.86 -57.01 1.72
C ILE J 274 12.27 -57.56 1.59
N ARG J 275 12.39 -58.87 1.83
CA ARG J 275 13.70 -59.52 1.79
C ARG J 275 14.18 -59.62 0.35
N SER J 276 15.45 -59.25 0.13
CA SER J 276 16.05 -59.36 -1.19
C SER J 276 16.33 -60.82 -1.52
N GLY J 277 16.42 -61.11 -2.81
CA GLY J 277 16.73 -62.44 -3.27
C GLY J 277 15.57 -63.41 -3.22
N VAL J 278 14.37 -62.96 -2.90
CA VAL J 278 13.20 -63.81 -2.78
C VAL J 278 12.17 -63.38 -3.83
N CYS J 279 11.57 -64.36 -4.49
CA CYS J 279 10.57 -64.13 -5.54
C CYS J 279 9.20 -64.47 -4.97
N TYR J 280 8.54 -63.47 -4.41
CA TYR J 280 7.22 -63.66 -3.84
C TYR J 280 6.22 -63.94 -4.97
N LEU J 281 5.73 -65.17 -5.02
CA LEU J 281 4.99 -65.67 -6.16
C LEU J 281 3.62 -66.13 -5.70
N GLY J 282 2.58 -65.71 -6.41
CA GLY J 282 1.23 -66.05 -6.02
C GLY J 282 0.41 -66.70 -7.11
N LEU J 283 -0.32 -67.76 -6.76
CA LEU J 283 -1.17 -68.50 -7.68
C LEU J 283 -2.64 -68.27 -7.36
N VAL J 284 -3.46 -68.16 -8.39
CA VAL J 284 -4.90 -68.13 -8.25
C VAL J 284 -5.51 -69.06 -9.27
N TYR J 285 -6.50 -69.83 -8.83
CA TYR J 285 -7.23 -70.76 -9.69
C TYR J 285 -8.63 -70.23 -9.96
N LYS J 286 -9.04 -70.28 -11.22
CA LYS J 286 -10.34 -69.79 -11.65
C LYS J 286 -11.09 -70.90 -12.36
N GLN J 287 -12.41 -70.93 -12.16
CA GLN J 287 -13.27 -72.00 -12.67
C GLN J 287 -13.76 -71.68 -14.08
N ILE J 288 -13.72 -72.68 -14.97
CA ILE J 288 -14.32 -72.59 -16.29
C ILE J 288 -15.21 -73.81 -16.46
N GLU J 289 -16.49 -73.57 -16.70
CA GLU J 289 -17.45 -74.66 -16.85
C GLU J 289 -18.05 -74.68 -18.26
N PRO J 294 -15.36 -78.35 -17.10
CA PRO J 294 -14.80 -78.59 -15.77
C PRO J 294 -13.29 -78.37 -15.73
N LYS J 295 -12.87 -77.14 -16.01
CA LYS J 295 -11.45 -76.81 -16.10
C LYS J 295 -11.10 -75.76 -15.06
N ASN J 296 -9.84 -75.77 -14.63
CA ASN J 296 -9.35 -74.72 -13.76
C ASN J 296 -8.15 -74.03 -14.42
N ALA J 297 -8.03 -72.74 -14.21
CA ALA J 297 -6.97 -71.94 -14.80
C ALA J 297 -6.12 -71.34 -13.69
N CYS J 298 -4.81 -71.53 -13.77
CA CYS J 298 -3.89 -71.00 -12.76
C CYS J 298 -3.16 -69.76 -13.27
N CYS J 299 -3.12 -68.70 -12.46
CA CYS J 299 -2.44 -67.48 -12.86
C CYS J 299 -1.38 -67.08 -11.84
N ALA J 300 -0.22 -66.62 -12.30
CA ALA J 300 0.87 -66.30 -11.38
C ALA J 300 1.33 -64.85 -11.40
N ALA J 301 1.49 -64.24 -10.22
CA ALA J 301 2.01 -62.88 -10.14
C ALA J 301 3.25 -62.88 -9.27
N GLN J 302 4.35 -62.28 -9.74
CA GLN J 302 5.60 -62.33 -8.98
C GLN J 302 6.21 -60.97 -8.63
N MET J 303 6.59 -60.79 -7.37
CA MET J 303 7.24 -59.55 -6.95
C MET J 303 8.61 -59.83 -6.37
N PHE J 304 9.64 -59.16 -6.88
CA PHE J 304 10.99 -59.36 -6.36
C PHE J 304 11.89 -58.13 -6.40
N LEU J 305 12.80 -58.01 -5.46
CA LEU J 305 13.76 -56.90 -5.48
C LEU J 305 14.80 -57.13 -6.57
N ASP J 306 15.24 -56.06 -7.23
CA ASP J 306 16.30 -56.19 -8.23
C ASP J 306 17.71 -55.99 -7.66
N ASN J 307 18.69 -55.80 -8.52
CA ASN J 307 20.07 -55.58 -8.08
C ASN J 307 20.14 -54.29 -7.25
N GLY J 308 19.35 -53.30 -7.63
CA GLY J 308 19.33 -52.03 -6.91
C GLY J 308 18.29 -52.09 -5.80
N ASP J 309 17.78 -53.27 -5.50
CA ASP J 309 16.76 -53.45 -4.47
C ASP J 309 15.48 -52.68 -4.76
N GLY J 310 15.07 -52.70 -6.02
CA GLY J 310 13.82 -52.05 -6.40
C GLY J 310 12.82 -53.12 -6.77
N THR J 311 11.62 -53.04 -6.20
CA THR J 311 10.63 -54.07 -6.45
C THR J 311 10.24 -54.12 -7.90
N VAL J 312 10.21 -55.32 -8.47
CA VAL J 312 9.74 -55.46 -9.83
C VAL J 312 8.49 -56.28 -9.64
N PHE J 313 7.34 -55.72 -9.95
CA PHE J 313 6.10 -56.46 -9.83
C PHE J 313 5.59 -56.71 -11.23
N LYS J 314 5.55 -57.98 -11.61
CA LYS J 314 5.08 -58.33 -12.94
C LYS J 314 4.33 -59.63 -12.88
N GLY J 315 3.36 -59.82 -13.77
CA GLY J 315 2.68 -61.09 -13.83
C GLY J 315 3.59 -62.10 -14.48
N GLU J 316 3.41 -63.38 -14.19
CA GLU J 316 4.18 -64.41 -14.89
C GLU J 316 3.14 -65.43 -15.28
N VAL J 317 2.25 -65.08 -16.20
CA VAL J 317 1.17 -65.99 -16.51
C VAL J 317 0.95 -66.37 -17.96
N GLY J 318 0.97 -67.68 -18.24
CA GLY J 318 0.67 -68.14 -19.58
C GLY J 318 -0.59 -68.96 -19.38
N PRO J 319 -1.35 -69.29 -20.46
CA PRO J 319 -2.52 -70.11 -20.13
C PRO J 319 -2.11 -71.46 -19.56
N TRP J 320 -2.72 -71.87 -18.46
CA TRP J 320 -2.39 -73.15 -17.82
C TRP J 320 -3.65 -73.84 -17.40
N TYR J 321 -3.96 -74.98 -18.03
CA TYR J 321 -5.19 -75.68 -17.73
C TYR J 321 -4.91 -77.07 -17.17
N ASN J 322 -5.51 -77.37 -16.02
CA ASN J 322 -5.29 -78.67 -15.40
C ASN J 322 -6.57 -79.46 -15.31
N GLN J 323 -6.52 -80.72 -15.75
CA GLN J 323 -7.69 -81.56 -15.58
C GLN J 323 -7.31 -82.56 -14.52
N GLU J 324 -7.92 -82.45 -13.35
CA GLU J 324 -7.60 -83.34 -12.24
C GLU J 324 -8.86 -83.57 -11.46
N LYS J 325 -8.99 -84.75 -10.85
CA LYS J 325 -10.14 -85.01 -10.00
C LYS J 325 -10.13 -84.05 -8.81
N HIS J 326 -8.96 -83.83 -8.23
CA HIS J 326 -8.86 -82.89 -7.12
C HIS J 326 -9.03 -81.47 -7.65
N GLU J 327 -9.88 -80.68 -6.99
CA GLU J 327 -10.13 -79.32 -7.44
C GLU J 327 -8.99 -78.34 -7.17
N PHE J 328 -8.78 -77.39 -8.07
CA PHE J 328 -7.76 -76.34 -7.87
C PHE J 328 -6.33 -76.81 -7.64
N HIS J 329 -5.89 -77.83 -8.38
CA HIS J 329 -4.51 -78.28 -8.28
C HIS J 329 -3.84 -78.19 -9.64
N LEU J 330 -2.64 -78.74 -9.79
CA LEU J 330 -1.91 -78.64 -11.04
C LEU J 330 -1.20 -79.94 -11.37
N ASN J 331 -1.28 -80.36 -12.62
CA ASN J 331 -0.50 -81.49 -13.09
C ASN J 331 0.98 -81.13 -13.08
N PRO J 332 1.86 -82.13 -13.00
CA PRO J 332 3.30 -81.83 -12.93
C PRO J 332 3.82 -80.99 -14.08
N LYS J 333 3.31 -81.19 -15.29
CA LYS J 333 3.81 -80.42 -16.43
C LYS J 333 3.50 -78.94 -16.28
N GLU J 334 2.26 -78.61 -15.92
CA GLU J 334 1.89 -77.21 -15.74
C GLU J 334 2.69 -76.56 -14.62
N ALA J 335 2.86 -77.27 -13.51
CA ALA J 335 3.64 -76.74 -12.39
C ALA J 335 5.08 -76.49 -12.80
N LYS J 336 5.68 -77.44 -13.51
CA LYS J 336 7.06 -77.26 -13.96
C LYS J 336 7.18 -76.08 -14.90
N ALA J 337 6.24 -75.93 -15.83
CA ALA J 337 6.28 -74.80 -16.74
C ALA J 337 6.16 -73.48 -15.99
N LEU J 338 5.25 -73.42 -15.01
CA LEU J 338 5.05 -72.18 -14.27
C LEU J 338 6.31 -71.80 -13.50
N LEU J 339 6.89 -72.76 -12.79
CA LEU J 339 8.09 -72.45 -12.02
C LEU J 339 9.27 -72.12 -12.93
N THR J 340 9.39 -72.79 -14.07
CA THR J 340 10.45 -72.47 -15.01
C THR J 340 10.29 -71.06 -15.55
N GLN J 341 9.06 -70.66 -15.88
CA GLN J 341 8.82 -69.29 -16.35
C GLN J 341 9.21 -68.29 -15.29
N ALA J 342 8.79 -68.50 -14.04
CA ALA J 342 9.09 -67.54 -12.99
C ALA J 342 10.60 -67.45 -12.74
N LEU J 343 11.26 -68.59 -12.68
CA LEU J 343 12.71 -68.60 -12.43
C LEU J 343 13.46 -67.95 -13.59
N ASN J 344 13.03 -68.18 -14.83
CA ASN J 344 13.69 -67.56 -15.97
C ASN J 344 13.47 -66.06 -15.96
N SER J 345 12.27 -65.63 -15.55
CA SER J 345 12.00 -64.20 -15.44
C SER J 345 12.91 -63.54 -14.41
N TYR J 346 13.05 -64.18 -13.24
CA TYR J 346 13.98 -63.64 -12.25
C TYR J 346 15.41 -63.63 -12.77
N LYS J 347 15.80 -64.68 -13.48
CA LYS J 347 17.16 -64.77 -14.02
C LYS J 347 17.43 -63.65 -15.01
N GLU J 348 16.46 -63.36 -15.89
CA GLU J 348 16.67 -62.32 -16.89
C GLU J 348 16.61 -60.93 -16.26
N GLN J 349 15.85 -60.78 -15.17
CA GLN J 349 15.81 -59.47 -14.52
C GLN J 349 17.06 -59.21 -13.69
N ASN J 350 17.61 -60.23 -13.04
CA ASN J 350 18.71 -60.04 -12.10
C ASN J 350 19.98 -60.82 -12.42
N GLY J 351 19.96 -61.71 -13.40
CA GLY J 351 21.15 -62.49 -13.70
C GLY J 351 21.21 -63.78 -12.92
N VAL J 352 21.37 -63.69 -11.60
CA VAL J 352 21.49 -64.88 -10.77
C VAL J 352 20.10 -65.38 -10.38
N PHE J 353 20.07 -66.62 -9.90
CA PHE J 353 18.82 -67.25 -9.50
C PHE J 353 18.42 -66.80 -8.10
N PRO J 354 17.12 -66.87 -7.78
CA PRO J 354 16.66 -66.46 -6.46
C PRO J 354 17.22 -67.36 -5.36
N LYS J 355 17.36 -66.78 -4.17
CA LYS J 355 17.70 -67.55 -2.98
C LYS J 355 16.49 -68.16 -2.29
N GLU J 356 15.29 -67.86 -2.77
CA GLU J 356 14.07 -68.39 -2.18
C GLU J 356 12.91 -68.13 -3.13
N ILE J 357 12.03 -69.11 -3.26
CA ILE J 357 10.83 -69.00 -4.09
C ILE J 357 9.64 -69.06 -3.14
N PHE J 358 9.18 -67.90 -2.70
CA PHE J 358 8.11 -67.82 -1.71
C PHE J 358 6.77 -67.95 -2.41
N ILE J 359 6.40 -69.19 -2.72
CA ILE J 359 5.13 -69.46 -3.38
C ILE J 359 4.01 -69.37 -2.35
N HIS J 360 3.03 -68.52 -2.61
CA HIS J 360 1.84 -68.44 -1.77
C HIS J 360 0.60 -68.59 -2.64
N ALA J 361 -0.48 -69.06 -2.02
CA ALA J 361 -1.73 -69.26 -2.72
C ALA J 361 -2.85 -69.37 -1.69
N LYS J 362 -4.09 -69.30 -2.18
CA LYS J 362 -5.25 -69.49 -1.32
C LYS J 362 -5.60 -70.95 -1.10
N THR J 363 -4.85 -71.87 -1.72
CA THR J 363 -5.10 -73.30 -1.61
C THR J 363 -3.82 -74.00 -1.18
N LYS J 364 -3.96 -75.25 -0.77
CA LYS J 364 -2.81 -76.05 -0.34
C LYS J 364 -2.31 -76.93 -1.47
N PHE J 365 -0.99 -77.06 -1.55
CA PHE J 365 -0.33 -77.85 -2.58
C PHE J 365 -0.33 -79.32 -2.21
N ASN J 366 -0.48 -80.17 -3.22
CA ASN J 366 -0.34 -81.60 -3.02
C ASN J 366 1.10 -82.02 -3.26
N GLY J 367 1.36 -83.32 -3.07
CA GLY J 367 2.74 -83.79 -3.17
C GLY J 367 3.32 -83.70 -4.56
N GLN J 368 2.54 -84.10 -5.57
CA GLN J 368 3.09 -84.25 -6.92
C GLN J 368 3.57 -82.93 -7.47
N GLU J 369 2.77 -81.88 -7.34
CA GLU J 369 3.15 -80.58 -7.88
C GLU J 369 4.34 -80.01 -7.12
N TRP J 370 4.45 -80.29 -5.82
CA TRP J 370 5.62 -79.84 -5.09
C TRP J 370 6.87 -80.58 -5.53
N ASN J 371 6.76 -81.88 -5.79
CA ASN J 371 7.91 -82.62 -6.30
C ASN J 371 8.34 -82.08 -7.65
N ALA J 372 7.37 -81.75 -8.52
CA ALA J 372 7.71 -81.14 -9.79
C ALA J 372 8.41 -79.80 -9.59
N PHE J 373 7.88 -78.97 -8.68
CA PHE J 373 8.49 -77.69 -8.35
C PHE J 373 9.96 -77.88 -7.94
N GLN J 374 10.21 -78.84 -7.06
CA GLN J 374 11.57 -79.10 -6.61
C GLN J 374 12.43 -79.61 -7.75
N GLU J 375 11.85 -80.44 -8.63
CA GLU J 375 12.62 -81.04 -9.71
C GLU J 375 13.11 -79.97 -10.69
N VAL J 376 12.25 -79.01 -11.04
CA VAL J 376 12.70 -77.94 -11.93
C VAL J 376 13.50 -76.86 -11.22
N THR J 377 13.51 -76.85 -9.90
CA THR J 377 14.27 -75.84 -9.17
C THR J 377 15.75 -76.16 -9.23
N PRO J 378 16.62 -75.18 -9.48
CA PRO J 378 18.06 -75.43 -9.37
C PRO J 378 18.52 -75.62 -7.94
N GLU J 379 19.83 -75.76 -7.74
CA GLU J 379 20.38 -75.95 -6.40
C GLU J 379 20.61 -74.60 -5.72
N GLY J 380 20.60 -74.62 -4.39
CA GLY J 380 20.80 -73.43 -3.61
C GLY J 380 19.58 -72.57 -3.41
N THR J 381 18.43 -72.97 -3.95
CA THR J 381 17.20 -72.20 -3.85
C THR J 381 16.18 -72.99 -3.03
N ASN J 382 15.63 -72.35 -2.01
CA ASN J 382 14.62 -72.98 -1.17
C ASN J 382 13.22 -72.62 -1.65
N LEU J 383 12.28 -73.53 -1.45
CA LEU J 383 10.89 -73.32 -1.83
C LEU J 383 10.04 -73.29 -0.57
N VAL J 384 9.20 -72.27 -0.45
CA VAL J 384 8.28 -72.14 0.66
C VAL J 384 6.88 -71.98 0.09
N GLY J 385 6.01 -72.94 0.40
CA GLY J 385 4.64 -72.88 -0.03
C GLY J 385 3.73 -72.50 1.12
N VAL J 386 3.03 -71.38 0.98
CA VAL J 386 2.24 -70.78 2.04
C VAL J 386 0.79 -70.70 1.59
N THR J 387 -0.13 -71.13 2.44
CA THR J 387 -1.55 -71.06 2.15
C THR J 387 -2.18 -69.98 3.01
N ILE J 388 -2.89 -69.05 2.39
CA ILE J 388 -3.53 -67.94 3.07
C ILE J 388 -5.03 -68.11 2.95
N THR J 389 -5.70 -68.33 4.07
CA THR J 389 -7.12 -68.60 4.11
C THR J 389 -7.83 -67.58 5.00
N LYS J 390 -9.05 -67.22 4.60
CA LYS J 390 -9.81 -66.19 5.27
C LYS J 390 -11.23 -66.67 5.54
N THR J 391 -11.35 -67.87 6.14
CA THR J 391 -12.66 -68.47 6.38
C THR J 391 -12.98 -68.72 7.85
N LYS J 392 -12.01 -69.09 8.67
CA LYS J 392 -12.30 -69.41 10.07
C LYS J 392 -12.54 -68.14 10.86
N PRO J 393 -13.73 -67.93 11.42
CA PRO J 393 -14.00 -66.68 12.12
C PRO J 393 -13.33 -66.62 13.49
N LEU J 394 -12.30 -65.79 13.62
CA LEU J 394 -11.66 -65.52 14.89
C LEU J 394 -11.81 -64.02 15.12
N LYS J 395 -12.96 -63.63 15.66
CA LYS J 395 -13.31 -62.23 15.86
C LYS J 395 -12.90 -61.83 17.27
N LEU J 396 -11.95 -60.91 17.38
CA LEU J 396 -11.46 -60.42 18.65
C LEU J 396 -12.20 -59.13 18.99
N PHE J 397 -12.85 -59.12 20.15
CA PHE J 397 -13.53 -57.94 20.64
C PHE J 397 -12.66 -57.31 21.72
N LYS J 398 -12.43 -56.01 21.64
CA LYS J 398 -11.68 -55.35 22.70
C LYS J 398 -12.56 -55.29 23.95
N SER J 399 -11.93 -55.40 25.11
CA SER J 399 -12.68 -55.50 26.36
C SER J 399 -13.48 -54.22 26.61
N GLU J 400 -12.79 -53.10 26.78
CA GLU J 400 -13.45 -51.82 27.05
C GLU J 400 -13.15 -50.87 25.90
N GLY J 401 -14.18 -50.49 25.16
CA GLY J 401 -14.00 -49.54 24.07
C GLY J 401 -14.97 -49.72 22.92
N ASN J 402 -14.72 -48.99 21.82
CA ASN J 402 -15.66 -48.97 20.71
C ASN J 402 -14.97 -49.01 19.35
N TYR J 403 -13.68 -49.33 19.29
CA TYR J 403 -12.94 -49.35 18.04
C TYR J 403 -12.15 -50.64 17.90
N PRO J 404 -12.14 -51.27 16.74
CA PRO J 404 -11.65 -52.65 16.63
C PRO J 404 -10.17 -52.83 16.93
N ILE J 405 -9.72 -54.08 16.87
CA ILE J 405 -8.33 -54.39 17.13
C ILE J 405 -7.44 -53.70 16.11
N MET J 406 -6.28 -53.24 16.56
CA MET J 406 -5.35 -52.55 15.67
C MET J 406 -4.86 -53.47 14.56
N ARG J 407 -4.72 -52.92 13.37
CA ARG J 407 -4.16 -53.67 12.26
C ARG J 407 -2.69 -54.00 12.52
N GLY J 408 -2.29 -55.20 12.17
CA GLY J 408 -0.92 -55.63 12.36
C GLY J 408 -0.71 -56.60 13.51
N ASN J 409 -1.70 -56.79 14.37
CA ASN J 409 -1.62 -57.80 15.40
C ASN J 409 -1.58 -59.18 14.78
N ALA J 410 -0.81 -60.07 15.39
CA ALA J 410 -0.64 -61.41 14.83
C ALA J 410 -0.71 -62.44 15.94
N PHE J 411 -1.49 -63.49 15.70
CA PHE J 411 -1.63 -64.62 16.63
C PHE J 411 -0.88 -65.81 16.05
N ILE J 412 0.18 -66.24 16.72
CA ILE J 412 0.96 -67.38 16.28
C ILE J 412 0.32 -68.65 16.84
N VAL J 413 -0.22 -69.49 15.96
CA VAL J 413 -0.72 -70.79 16.39
C VAL J 413 0.43 -71.67 16.84
N ASN J 414 1.39 -71.90 15.96
CA ASN J 414 2.53 -72.76 16.22
C ASN J 414 3.64 -72.37 15.25
N GLU J 415 4.63 -73.24 15.13
CA GLU J 415 5.74 -72.99 14.22
C GLU J 415 5.33 -73.04 12.75
N ARG J 416 4.17 -73.60 12.43
CA ARG J 416 3.75 -73.75 11.04
C ARG J 416 2.46 -73.02 10.69
N SER J 417 1.94 -72.16 11.57
CA SER J 417 0.71 -71.44 11.29
C SER J 417 0.69 -70.15 12.08
N ALA J 418 -0.16 -69.23 11.64
CA ALA J 418 -0.36 -67.98 12.35
C ALA J 418 -1.65 -67.33 11.87
N PHE J 419 -2.14 -66.40 12.67
CA PHE J 419 -3.22 -65.50 12.29
C PHE J 419 -2.63 -64.11 12.13
N LEU J 420 -3.00 -63.42 11.05
CA LEU J 420 -2.49 -62.07 10.84
C LEU J 420 -3.67 -61.14 10.58
N TRP J 421 -3.70 -60.01 11.28
CA TRP J 421 -4.77 -59.04 11.12
C TRP J 421 -4.33 -57.99 10.12
N THR J 422 -4.38 -58.36 8.84
CA THR J 422 -4.08 -57.41 7.78
C THR J 422 -5.17 -56.35 7.67
N VAL J 423 -6.33 -56.58 8.27
CA VAL J 423 -7.37 -55.56 8.39
C VAL J 423 -7.56 -55.26 9.87
N GLY J 424 -7.54 -53.99 10.22
CA GLY J 424 -7.77 -53.59 11.61
C GLY J 424 -8.11 -52.13 11.76
N TYR J 425 -7.65 -51.51 12.83
CA TYR J 425 -7.83 -50.08 13.06
C TYR J 425 -6.46 -49.43 12.97
N VAL J 426 -6.27 -48.59 11.96
CA VAL J 426 -4.97 -47.97 11.69
C VAL J 426 -4.98 -46.58 12.30
N PRO J 427 -4.12 -46.30 13.30
CA PRO J 427 -4.10 -44.95 13.88
C PRO J 427 -3.70 -43.87 12.89
N LYS J 428 -2.90 -44.21 11.88
CA LYS J 428 -2.40 -43.22 10.93
C LYS J 428 -3.55 -42.40 10.33
N THR J 429 -4.57 -43.10 9.83
CA THR J 429 -5.75 -42.39 9.36
C THR J 429 -6.82 -42.25 10.44
N GLU J 430 -6.63 -42.86 11.60
CA GLU J 430 -7.63 -42.90 12.67
C GLU J 430 -8.89 -43.64 12.21
N SER J 431 -8.89 -44.12 10.97
CA SER J 431 -10.05 -44.79 10.38
C SER J 431 -9.70 -46.27 10.22
N THR J 432 -10.43 -47.12 10.93
CA THR J 432 -10.27 -48.55 10.77
C THR J 432 -10.65 -48.98 9.35
N LEU J 433 -9.93 -49.96 8.83
CA LEU J 433 -10.22 -50.47 7.49
C LEU J 433 -11.46 -51.34 7.44
N SER J 434 -12.05 -51.70 8.57
CA SER J 434 -13.22 -52.56 8.60
C SER J 434 -14.34 -51.89 9.37
N MET J 435 -15.54 -51.89 8.77
CA MET J 435 -16.72 -51.37 9.45
C MET J 435 -17.06 -52.26 10.64
N GLU J 436 -17.13 -53.57 10.40
CA GLU J 436 -17.42 -54.54 11.45
C GLU J 436 -16.11 -55.10 11.99
N VAL J 437 -16.19 -56.18 12.77
CA VAL J 437 -15.01 -56.82 13.33
C VAL J 437 -14.21 -57.46 12.21
N PRO J 438 -12.92 -57.18 12.08
CA PRO J 438 -12.15 -57.69 10.95
C PRO J 438 -11.69 -59.14 11.13
N ASN J 439 -12.03 -59.98 10.16
CA ASN J 439 -11.56 -61.36 10.19
C ASN J 439 -10.10 -61.42 9.75
N PRO J 440 -9.22 -62.01 10.54
CA PRO J 440 -7.82 -62.13 10.15
C PRO J 440 -7.60 -63.23 9.13
N ILE J 441 -6.47 -63.14 8.44
CA ILE J 441 -6.08 -64.14 7.46
C ILE J 441 -5.23 -65.21 8.13
N PHE J 442 -5.54 -66.47 7.85
CA PHE J 442 -4.80 -67.59 8.40
C PHE J 442 -3.63 -67.93 7.47
N ILE J 443 -2.42 -67.65 7.92
CA ILE J 443 -1.22 -67.89 7.14
C ILE J 443 -0.60 -69.19 7.62
N GLU J 444 -0.61 -70.20 6.75
CA GLU J 444 -0.11 -71.53 7.07
C GLU J 444 1.08 -71.85 6.19
N ILE J 445 2.22 -72.16 6.80
CA ILE J 445 3.38 -72.57 6.02
C ILE J 445 3.16 -74.02 5.62
N ASN J 446 2.55 -74.21 4.44
CA ASN J 446 2.18 -75.56 4.01
C ASN J 446 3.41 -76.42 3.80
N LYS J 447 4.39 -75.91 3.07
CA LYS J 447 5.55 -76.72 2.70
C LYS J 447 6.82 -75.89 2.79
N GLY J 448 7.93 -76.55 3.08
CA GLY J 448 9.21 -75.90 3.20
C GLY J 448 9.48 -75.46 4.63
N GLU J 449 10.60 -74.76 4.80
CA GLU J 449 11.02 -74.25 6.11
C GLU J 449 11.00 -72.74 6.08
N ALA J 450 10.42 -72.13 7.11
CA ALA J 450 10.32 -70.68 7.18
C ALA J 450 10.09 -70.28 8.64
N ASP J 451 10.33 -69.00 8.91
CA ASP J 451 10.07 -68.40 10.21
C ASP J 451 8.67 -67.79 10.20
N ILE J 452 7.80 -68.28 11.09
CA ILE J 452 6.40 -67.88 11.04
C ILE J 452 6.19 -66.39 11.23
N GLU J 453 7.08 -65.70 11.94
CA GLU J 453 7.00 -64.25 12.03
C GLU J 453 7.52 -63.56 10.78
N GLN J 454 8.59 -64.10 10.17
CA GLN J 454 9.10 -63.53 8.93
C GLN J 454 8.06 -63.63 7.82
N VAL J 455 7.32 -64.73 7.77
CA VAL J 455 6.27 -64.87 6.79
C VAL J 455 5.16 -63.86 7.05
N LEU J 456 4.83 -63.62 8.32
CA LEU J 456 3.81 -62.62 8.63
C LEU J 456 4.21 -61.24 8.16
N LYS J 457 5.44 -60.82 8.45
CA LYS J 457 5.88 -59.50 8.02
C LYS J 457 5.97 -59.42 6.50
N ASP J 458 6.36 -60.52 5.85
CA ASP J 458 6.42 -60.53 4.39
C ASP J 458 5.03 -60.38 3.79
N VAL J 459 4.04 -61.09 4.33
CA VAL J 459 2.67 -60.97 3.83
C VAL J 459 2.13 -59.56 4.08
N LEU J 460 2.38 -59.01 5.26
CA LEU J 460 1.93 -57.66 5.55
C LEU J 460 2.57 -56.66 4.58
N ALA J 461 3.84 -56.84 4.26
CA ALA J 461 4.48 -56.00 3.25
C ALA J 461 3.81 -56.16 1.90
N LEU J 462 3.51 -57.39 1.51
CA LEU J 462 2.84 -57.64 0.24
C LEU J 462 1.43 -57.10 0.19
N THR J 463 0.84 -56.74 1.33
CA THR J 463 -0.51 -56.18 1.36
C THR J 463 -0.54 -54.68 1.07
N LYS J 464 0.59 -54.09 0.67
CA LYS J 464 0.70 -52.64 0.56
C LYS J 464 1.05 -52.16 -0.85
N LEU J 465 0.73 -52.94 -1.87
CA LEU J 465 1.11 -52.56 -3.23
C LEU J 465 -0.09 -52.56 -4.18
N ASN J 466 -1.29 -52.32 -3.65
CA ASN J 466 -2.47 -52.24 -4.49
C ASN J 466 -2.48 -50.90 -5.20
N TYR J 467 -2.18 -50.92 -6.50
CA TYR J 467 -2.20 -49.70 -7.29
C TYR J 467 -3.58 -49.37 -7.84
N ASN J 468 -4.52 -50.30 -7.77
CA ASN J 468 -5.88 -50.01 -8.23
C ASN J 468 -6.66 -49.15 -7.25
N ALA J 469 -6.20 -49.05 -6.00
CA ALA J 469 -6.83 -48.19 -5.02
C ALA J 469 -5.75 -47.63 -4.11
N CYS J 470 -5.94 -46.39 -3.68
CA CYS J 470 -4.96 -45.69 -2.86
C CYS J 470 -5.32 -45.77 -1.38
N ILE J 471 -5.87 -46.91 -0.96
CA ILE J 471 -6.22 -47.15 0.43
C ILE J 471 -4.95 -47.34 1.25
N TYR J 472 -5.09 -47.36 2.58
CA TYR J 472 -3.93 -47.54 3.44
C TYR J 472 -3.22 -48.86 3.13
N ALA J 473 -3.97 -49.96 3.09
CA ALA J 473 -3.39 -51.26 2.79
C ALA J 473 -4.50 -52.23 2.42
N ASP J 474 -4.11 -53.30 1.72
CA ASP J 474 -5.04 -54.30 1.24
C ASP J 474 -5.24 -55.39 2.28
N GLY J 475 -6.47 -55.91 2.34
CA GLY J 475 -6.77 -56.97 3.28
C GLY J 475 -6.05 -58.27 2.96
N VAL J 476 -5.96 -58.61 1.68
CA VAL J 476 -5.24 -59.80 1.24
C VAL J 476 -4.00 -59.32 0.49
N PRO J 477 -2.96 -60.14 0.44
CA PRO J 477 -1.73 -59.73 -0.26
C PRO J 477 -2.02 -59.38 -1.71
N VAL J 478 -1.32 -58.37 -2.22
CA VAL J 478 -1.66 -57.80 -3.51
C VAL J 478 -1.39 -58.78 -4.64
N THR J 479 -0.32 -59.56 -4.56
CA THR J 479 -0.03 -60.53 -5.62
C THR J 479 -1.21 -61.45 -5.86
N LEU J 480 -1.84 -61.94 -4.79
CA LEU J 480 -3.00 -62.80 -4.95
C LEU J 480 -4.18 -62.06 -5.57
N ARG J 481 -4.45 -60.82 -5.14
CA ARG J 481 -5.59 -60.11 -5.68
C ARG J 481 -5.39 -59.74 -7.15
N PHE J 482 -4.18 -59.32 -7.51
CA PHE J 482 -3.93 -59.00 -8.92
C PHE J 482 -3.89 -60.24 -9.79
N ALA J 483 -3.39 -61.37 -9.26
CA ALA J 483 -3.50 -62.62 -10.00
C ALA J 483 -4.95 -63.02 -10.18
N ASP J 484 -5.79 -62.74 -9.17
CA ASP J 484 -7.22 -62.97 -9.32
C ASP J 484 -7.81 -62.12 -10.45
N LYS J 485 -7.42 -60.84 -10.51
CA LYS J 485 -7.91 -60.00 -11.59
C LYS J 485 -7.44 -60.52 -12.94
N ILE J 486 -6.18 -60.93 -13.03
CA ILE J 486 -5.67 -61.49 -14.29
C ILE J 486 -6.48 -62.71 -14.69
N GLY J 487 -6.74 -63.61 -13.73
CA GLY J 487 -7.53 -64.79 -14.04
C GLY J 487 -8.94 -64.47 -14.48
N GLU J 488 -9.53 -63.42 -13.89
CA GLU J 488 -10.85 -62.99 -14.34
C GLU J 488 -10.79 -62.44 -15.75
N ILE J 489 -9.68 -61.81 -16.12
CA ILE J 489 -9.58 -61.22 -17.45
C ILE J 489 -9.06 -62.23 -18.46
N LEU J 490 -7.94 -62.89 -18.17
CA LEU J 490 -7.36 -63.82 -19.12
C LEU J 490 -8.35 -64.90 -19.54
N THR J 491 -9.29 -65.21 -18.67
CA THR J 491 -10.26 -66.30 -18.97
C THR J 491 -11.52 -65.71 -19.62
N ALA J 492 -11.70 -64.39 -19.50
CA ALA J 492 -12.87 -63.72 -20.13
C ALA J 492 -12.82 -63.96 -21.65
N SER J 493 -11.65 -63.79 -22.26
CA SER J 493 -11.49 -64.05 -23.71
C SER J 493 -10.89 -65.44 -23.91
N THR J 494 -10.76 -65.89 -25.17
CA THR J 494 -10.13 -67.20 -25.46
C THR J 494 -8.65 -67.14 -25.07
N GLU J 495 -8.02 -68.30 -24.87
CA GLU J 495 -6.59 -68.34 -24.47
C GLU J 495 -5.80 -67.37 -25.36
N LEU J 496 -5.03 -66.46 -24.76
CA LEU J 496 -4.27 -65.47 -25.55
C LEU J 496 -2.79 -65.86 -25.57
N LYS J 497 -2.13 -65.72 -26.72
CA LYS J 497 -0.69 -66.09 -26.84
C LYS J 497 0.15 -65.00 -26.18
N ALA J 498 1.15 -65.39 -25.37
CA ALA J 498 2.00 -64.41 -24.67
C ALA J 498 1.14 -63.29 -24.09
N PRO J 499 0.22 -63.60 -23.13
CA PRO J 499 -0.65 -62.50 -22.66
C PRO J 499 0.12 -61.31 -22.09
N PRO J 500 -0.42 -60.07 -22.20
CA PRO J 500 0.37 -58.99 -21.59
C PRO J 500 0.73 -59.28 -20.14
N LEU J 501 1.99 -59.14 -19.78
CA LEU J 501 2.40 -59.48 -18.44
C LEU J 501 2.42 -58.30 -17.51
N ALA J 502 1.85 -57.16 -17.90
CA ALA J 502 2.01 -55.99 -17.01
C ALA J 502 0.64 -55.58 -16.54
N PHE J 503 0.52 -55.25 -15.26
CA PHE J 503 -0.83 -55.03 -14.73
C PHE J 503 -1.41 -53.78 -15.36
N LYS J 504 -0.59 -53.01 -16.03
CA LYS J 504 -1.10 -51.74 -16.60
C LYS J 504 -2.27 -52.14 -17.48
N TYR J 505 -2.21 -53.34 -18.06
CA TYR J 505 -3.26 -53.72 -19.03
C TYR J 505 -4.41 -54.52 -18.39
N TYR J 506 -4.51 -54.61 -17.07
CA TYR J 506 -5.55 -55.43 -16.46
C TYR J 506 -6.40 -54.69 -15.45
N ILE J 507 -5.76 -54.04 -14.48
CA ILE J 507 -6.49 -53.41 -13.40
C ILE J 507 -7.29 -52.20 -13.85
N ALA M 3 19.08 4.63 -15.81
CA ALA M 3 18.51 5.41 -16.90
C ALA M 3 17.32 4.69 -17.52
N ARG M 4 16.43 5.46 -18.13
CA ARG M 4 15.25 4.88 -18.79
C ARG M 4 15.69 4.14 -20.06
N ASN M 5 15.84 2.83 -19.94
CA ASN M 5 16.23 1.99 -21.07
C ASN M 5 15.44 0.70 -21.06
N LYS M 6 14.15 0.79 -20.75
CA LYS M 6 13.28 -0.36 -20.67
C LYS M 6 12.03 -0.12 -21.51
N ILE M 7 11.58 -1.17 -22.18
CA ILE M 7 10.42 -1.09 -23.06
C ILE M 7 9.22 -1.66 -22.32
N PHE M 8 8.33 -0.78 -21.88
CA PHE M 8 7.13 -1.22 -21.19
C PHE M 8 6.18 -1.88 -22.17
N ILE M 9 5.39 -2.83 -21.66
CA ILE M 9 4.34 -3.48 -22.44
C ILE M 9 3.06 -3.48 -21.62
N SER M 10 2.00 -2.96 -22.20
CA SER M 10 0.67 -3.03 -21.61
C SER M 10 -0.18 -3.99 -22.43
N HIS M 11 -1.08 -4.70 -21.75
CA HIS M 11 -1.93 -5.67 -22.43
C HIS M 11 -3.09 -6.02 -21.50
N ALA M 12 -4.14 -6.59 -22.10
CA ALA M 12 -5.20 -7.18 -21.30
C ALA M 12 -4.63 -8.30 -20.45
N ALA M 13 -5.16 -8.44 -19.24
CA ALA M 13 -4.50 -9.29 -18.25
C ALA M 13 -4.50 -10.77 -18.63
N PRO M 14 -5.65 -11.43 -18.81
CA PRO M 14 -5.64 -12.90 -18.77
C PRO M 14 -5.36 -13.61 -20.09
N ASP M 15 -5.63 -12.97 -21.23
CA ASP M 15 -5.62 -13.72 -22.48
C ASP M 15 -4.54 -13.28 -23.45
N ASP M 16 -4.25 -11.99 -23.51
CA ASP M 16 -3.22 -11.50 -24.43
C ASP M 16 -1.83 -11.88 -23.96
N ASN M 17 -1.75 -12.68 -22.90
CA ASN M 17 -0.45 -13.14 -22.40
C ASN M 17 0.32 -13.89 -23.46
N ASP M 18 -0.38 -14.71 -24.25
CA ASP M 18 0.27 -15.56 -25.24
C ASP M 18 1.05 -14.72 -26.26
N PHE M 19 0.43 -13.65 -26.75
CA PHE M 19 1.14 -12.77 -27.69
C PHE M 19 2.26 -12.02 -26.98
N THR M 20 1.97 -11.44 -25.82
CA THR M 20 2.97 -10.64 -25.12
C THR M 20 4.15 -11.50 -24.68
N LYS M 21 3.88 -12.72 -24.22
CA LYS M 21 4.97 -13.60 -23.82
C LYS M 21 5.92 -13.85 -24.98
N TRP M 22 5.38 -14.17 -26.15
CA TRP M 22 6.24 -14.34 -27.32
C TRP M 22 6.93 -13.02 -27.66
N LEU M 23 6.18 -11.92 -27.61
CA LEU M 23 6.77 -10.62 -27.90
C LEU M 23 7.83 -10.25 -26.88
N ALA M 24 7.58 -10.50 -25.60
CA ALA M 24 8.54 -10.14 -24.56
C ALA M 24 9.83 -10.91 -24.72
N LEU M 25 9.74 -12.22 -24.95
CA LEU M 25 10.95 -13.05 -25.03
C LEU M 25 11.79 -12.69 -26.25
N LYS M 26 11.14 -12.43 -27.40
CA LYS M 26 11.89 -12.07 -28.59
C LYS M 26 12.64 -10.76 -28.39
N LEU M 27 11.98 -9.77 -27.80
CA LEU M 27 12.65 -8.50 -27.54
C LEU M 27 13.81 -8.68 -26.56
N ILE M 28 13.60 -9.49 -25.51
CA ILE M 28 14.69 -9.79 -24.60
C ILE M 28 15.81 -10.52 -25.32
N ALA M 29 15.46 -11.47 -26.19
CA ALA M 29 16.48 -12.22 -26.92
C ALA M 29 17.27 -11.32 -27.85
N LEU M 30 16.66 -10.24 -28.33
CA LEU M 30 17.35 -9.31 -29.21
C LEU M 30 18.26 -8.35 -28.46
N GLY M 31 18.16 -8.28 -27.14
CA GLY M 31 18.97 -7.38 -26.34
C GLY M 31 18.22 -6.21 -25.74
N TYR M 32 16.92 -6.08 -26.00
CA TYR M 32 16.16 -5.05 -25.35
C TYR M 32 15.85 -5.44 -23.90
N GLU M 33 15.60 -4.43 -23.08
CA GLU M 33 15.15 -4.62 -21.71
C GLU M 33 13.66 -4.32 -21.68
N VAL M 34 12.87 -5.33 -21.32
CA VAL M 34 11.42 -5.27 -21.41
C VAL M 34 10.83 -5.50 -20.02
N TRP M 35 9.77 -4.76 -19.71
CA TRP M 35 9.07 -4.91 -18.44
C TRP M 35 7.61 -5.28 -18.74
N CYS M 36 7.25 -6.51 -18.42
CA CYS M 36 5.89 -7.00 -18.58
C CYS M 36 5.22 -7.10 -17.21
N ASP M 37 3.92 -6.76 -17.17
CA ASP M 37 3.23 -6.69 -15.89
C ASP M 37 2.99 -8.06 -15.27
N VAL M 38 3.27 -9.14 -15.99
CA VAL M 38 3.16 -10.48 -15.43
C VAL M 38 4.50 -11.21 -15.39
N LEU M 39 5.46 -10.83 -16.21
CA LEU M 39 6.73 -11.54 -16.29
C LEU M 39 7.83 -10.88 -15.46
N PHE M 40 7.71 -9.59 -15.15
CA PHE M 40 8.72 -8.94 -14.31
C PHE M 40 8.15 -8.31 -13.05
N LEU M 41 6.90 -8.56 -12.70
CA LEU M 41 6.30 -7.97 -11.51
C LEU M 41 6.52 -8.93 -10.33
N ASP M 42 7.27 -8.47 -9.32
CA ASP M 42 7.50 -9.29 -8.15
C ASP M 42 6.21 -9.52 -7.38
N LYS M 43 6.07 -10.69 -6.80
CA LYS M 43 4.89 -11.01 -6.03
C LYS M 43 4.89 -10.25 -4.71
N GLY M 44 3.73 -9.70 -4.39
CA GLY M 44 3.59 -9.02 -3.08
C GLY M 44 3.94 -7.56 -3.12
N ALA M 45 4.34 -7.06 -4.28
CA ALA M 45 4.64 -5.64 -4.39
C ALA M 45 3.35 -4.85 -4.56
N ASP M 46 3.44 -3.55 -4.33
CA ASP M 46 2.37 -2.62 -4.64
C ASP M 46 2.48 -2.30 -6.12
N PHE M 47 1.76 -3.07 -6.94
CA PHE M 47 1.89 -2.93 -8.42
C PHE M 47 1.72 -1.46 -8.86
N TRP M 48 0.61 -0.83 -8.51
CA TRP M 48 0.39 0.55 -9.02
C TRP M 48 1.61 1.43 -8.71
N LYS M 49 2.18 1.25 -7.52
CA LYS M 49 3.37 2.06 -7.12
C LYS M 49 4.51 1.83 -8.11
N VAL M 50 4.90 0.58 -8.34
CA VAL M 50 6.07 0.29 -9.23
C VAL M 50 5.67 0.51 -10.70
N ILE M 51 4.51 -0.01 -11.13
CA ILE M 51 4.13 0.08 -12.57
C ILE M 51 4.15 1.56 -12.99
N ASP M 52 3.41 2.42 -12.27
CA ASP M 52 3.38 3.86 -12.59
C ASP M 52 4.80 4.41 -12.52
N LYS M 53 5.50 4.14 -11.42
CA LYS M 53 6.89 4.66 -11.24
C LYS M 53 7.72 4.31 -12.47
N GLU M 54 7.68 3.05 -12.92
CA GLU M 54 8.55 2.66 -14.02
C GLU M 54 8.08 3.26 -15.34
N ILE M 55 6.79 3.49 -15.51
CA ILE M 55 6.32 4.21 -16.69
C ILE M 55 6.91 5.61 -16.71
N ARG M 56 6.88 6.30 -15.57
CA ARG M 56 7.50 7.62 -15.50
C ARG M 56 9.01 7.53 -15.69
N GLU M 57 9.65 6.58 -15.00
CA GLU M 57 11.09 6.62 -14.83
C GLU M 57 11.86 5.55 -15.60
N GLY M 58 11.34 4.34 -15.68
CA GLY M 58 12.09 3.27 -16.32
C GLY M 58 11.86 3.10 -17.80
N ALA M 59 10.69 3.56 -18.28
CA ALA M 59 10.31 3.28 -19.65
C ALA M 59 10.92 4.29 -20.61
N ILE M 60 11.50 3.79 -21.70
CA ILE M 60 11.91 4.64 -22.82
C ILE M 60 11.04 4.42 -24.04
N LYS M 61 10.35 3.29 -24.15
CA LYS M 61 9.35 3.06 -25.17
C LYS M 61 8.12 2.49 -24.48
N PHE M 62 6.96 2.67 -25.10
CA PHE M 62 5.70 2.16 -24.55
C PHE M 62 5.00 1.39 -25.65
N LEU M 63 4.88 0.07 -25.46
CA LEU M 63 4.25 -0.79 -26.45
C LEU M 63 2.89 -1.24 -25.91
N LEU M 64 1.84 -1.00 -26.68
CA LEU M 64 0.48 -1.37 -26.29
C LEU M 64 -0.01 -2.49 -27.19
N ALA M 65 -0.21 -3.67 -26.61
CA ALA M 65 -0.82 -4.77 -27.35
C ALA M 65 -2.29 -4.45 -27.54
N THR M 66 -2.62 -3.83 -28.66
CA THR M 66 -3.96 -3.31 -28.90
C THR M 66 -4.88 -4.45 -29.33
N SER M 67 -6.02 -4.56 -28.67
CA SER M 67 -6.99 -5.60 -28.97
C SER M 67 -8.36 -5.09 -28.61
N GLU M 68 -9.39 -5.83 -29.02
CA GLU M 68 -10.78 -5.41 -28.80
C GLU M 68 -11.11 -5.30 -27.31
N ILE M 69 -10.37 -5.99 -26.45
CA ILE M 69 -10.57 -5.86 -25.01
C ILE M 69 -9.47 -5.06 -24.34
N ALA M 70 -8.27 -4.97 -24.93
CA ALA M 70 -7.20 -4.20 -24.32
C ALA M 70 -7.48 -2.70 -24.34
N ILE M 71 -8.46 -2.26 -25.13
CA ILE M 71 -8.87 -0.86 -25.12
C ILE M 71 -10.10 -0.63 -24.25
N LYS M 72 -10.74 -1.73 -23.82
CA LYS M 72 -11.89 -1.60 -22.89
C LYS M 72 -11.40 -1.91 -21.47
N ARG M 73 -10.16 -2.39 -21.34
CA ARG M 73 -9.59 -2.74 -20.01
C ARG M 73 -9.22 -1.47 -19.24
N ASP M 74 -9.97 -1.12 -18.20
CA ASP M 74 -9.57 0.02 -17.35
C ASP M 74 -8.10 -0.11 -17.02
N GLY M 75 -7.70 -1.21 -16.39
CA GLY M 75 -6.34 -1.18 -15.90
C GLY M 75 -5.29 -0.88 -16.96
N VAL M 76 -5.64 -1.02 -18.24
CA VAL M 76 -4.70 -0.72 -19.31
C VAL M 76 -4.71 0.76 -19.67
N LEU M 77 -5.91 1.33 -19.83
CA LEU M 77 -6.02 2.76 -20.12
C LEU M 77 -5.30 3.60 -19.07
N LYS M 78 -5.27 3.13 -17.83
CA LYS M 78 -4.52 3.84 -16.79
C LYS M 78 -3.04 3.85 -17.12
N GLU M 79 -2.51 2.75 -17.67
CA GLU M 79 -1.13 2.77 -18.16
C GLU M 79 -1.00 3.65 -19.39
N ILE M 80 -2.05 3.74 -20.20
CA ILE M 80 -2.03 4.65 -21.34
C ILE M 80 -2.05 6.10 -20.84
N ALA M 81 -2.94 6.40 -19.89
CA ALA M 81 -3.11 7.77 -19.43
C ALA M 81 -1.81 8.31 -18.83
N VAL M 82 -1.11 7.51 -18.04
CA VAL M 82 0.19 7.93 -17.54
C VAL M 82 1.21 7.93 -18.67
N ALA M 83 1.06 7.04 -19.66
CA ALA M 83 1.99 7.01 -20.78
C ALA M 83 1.94 8.31 -21.57
N GLU M 84 0.75 8.85 -21.79
CA GLU M 84 0.65 10.13 -22.50
C GLU M 84 1.33 11.23 -21.71
N LYS M 85 1.16 11.24 -20.38
CA LYS M 85 1.75 12.29 -19.56
C LYS M 85 3.28 12.25 -19.61
N VAL M 86 3.86 11.06 -19.45
CA VAL M 86 5.31 10.95 -19.50
C VAL M 86 5.81 11.22 -20.92
N LYS M 87 4.96 10.97 -21.92
CA LYS M 87 5.32 11.33 -23.29
C LYS M 87 5.47 12.83 -23.43
N LYS M 88 4.59 13.60 -22.78
CA LYS M 88 4.62 15.05 -22.91
C LYS M 88 5.93 15.63 -22.39
N GLN M 89 6.36 15.19 -21.21
CA GLN M 89 7.56 15.78 -20.63
C GLN M 89 8.84 15.17 -21.21
N LEU M 90 8.72 14.06 -21.94
CA LEU M 90 9.86 13.52 -22.66
C LEU M 90 9.99 14.05 -24.08
N LYS M 91 9.05 14.92 -24.50
CA LYS M 91 9.03 15.54 -25.83
C LYS M 91 9.33 14.53 -26.95
N ASP M 92 8.88 13.29 -26.77
CA ASP M 92 9.09 12.22 -27.72
C ASP M 92 7.72 11.80 -28.25
N ASP M 93 7.39 12.22 -29.48
CA ASP M 93 6.12 11.83 -30.06
C ASP M 93 6.08 10.35 -30.36
N ASN M 94 7.23 9.75 -30.71
CA ASN M 94 7.31 8.32 -30.97
C ASN M 94 7.61 7.57 -29.66
N PHE M 95 6.62 7.57 -28.78
CA PHE M 95 6.70 6.89 -27.50
C PHE M 95 5.69 5.76 -27.37
N ILE M 96 4.41 6.03 -27.64
CA ILE M 96 3.36 5.04 -27.56
C ILE M 96 3.21 4.39 -28.93
N ILE M 97 3.35 3.08 -28.98
CA ILE M 97 3.30 2.32 -30.23
C ILE M 97 2.18 1.28 -30.13
N PRO M 98 0.96 1.60 -30.54
CA PRO M 98 -0.18 0.69 -30.33
C PRO M 98 -0.22 -0.49 -31.30
N LEU M 99 0.51 -1.56 -30.93
CA LEU M 99 0.55 -2.78 -31.73
C LEU M 99 -0.83 -3.41 -31.84
N ILE M 100 -1.41 -3.41 -33.03
CA ILE M 100 -2.74 -3.95 -33.25
C ILE M 100 -2.61 -5.41 -33.63
N ILE M 101 -3.25 -6.29 -32.85
CA ILE M 101 -3.19 -7.72 -33.07
C ILE M 101 -4.55 -8.31 -33.45
N ASP M 102 -5.62 -7.80 -32.87
CA ASP M 102 -6.94 -8.39 -33.11
C ASP M 102 -7.38 -8.19 -34.55
N GLU M 103 -7.95 -9.24 -35.13
CA GLU M 103 -8.43 -9.18 -36.50
C GLU M 103 -9.60 -8.22 -36.63
N ASN M 104 -10.52 -8.24 -35.67
CA ASN M 104 -11.77 -7.48 -35.78
C ASN M 104 -11.61 -6.02 -35.42
N LEU M 105 -10.47 -5.62 -34.86
CA LEU M 105 -10.21 -4.23 -34.52
C LEU M 105 -9.52 -3.54 -35.70
N SER M 106 -10.23 -2.61 -36.34
CA SER M 106 -9.69 -1.91 -37.51
C SER M 106 -9.88 -0.40 -37.34
N TYR M 107 -8.98 0.22 -36.59
CA TYR M 107 -8.74 1.67 -36.62
C TYR M 107 -9.99 2.53 -36.64
N ASP M 108 -11.10 2.02 -36.10
CA ASP M 108 -12.34 2.78 -36.09
C ASP M 108 -13.09 2.64 -34.77
N ASP M 109 -12.57 1.89 -33.81
CA ASP M 109 -13.06 1.92 -32.44
C ASP M 109 -11.93 2.19 -31.45
N LEU M 110 -10.78 2.64 -31.94
CA LEU M 110 -9.68 2.98 -31.08
C LEU M 110 -10.05 4.15 -30.15
N PRO M 111 -9.54 4.14 -28.92
CA PRO M 111 -9.82 5.24 -28.01
C PRO M 111 -9.05 6.48 -28.42
N PRO M 112 -9.51 7.67 -27.99
CA PRO M 112 -8.89 8.90 -28.49
C PRO M 112 -7.42 9.06 -28.15
N GLU M 113 -6.90 8.38 -27.14
CA GLU M 113 -5.52 8.60 -26.74
C GLU M 113 -4.50 8.03 -27.72
N ILE M 114 -4.90 7.14 -28.61
CA ILE M 114 -3.95 6.51 -29.53
C ILE M 114 -4.35 6.62 -30.99
N ILE M 115 -5.56 7.10 -31.30
CA ILE M 115 -6.01 7.09 -32.69
C ILE M 115 -5.16 8.03 -33.53
N ARG M 116 -4.62 9.07 -32.91
CA ARG M 116 -3.69 9.97 -33.62
C ARG M 116 -2.37 9.29 -33.92
N LEU M 117 -2.07 8.16 -33.30
CA LEU M 117 -0.78 7.52 -33.40
C LEU M 117 -0.76 6.46 -34.50
N ASN M 118 0.43 6.17 -34.99
CA ASN M 118 0.63 5.19 -36.04
C ASN M 118 0.87 3.81 -35.45
N ALA M 119 -0.04 2.88 -35.72
CA ALA M 119 0.04 1.54 -35.18
C ALA M 119 1.02 0.68 -35.98
N VAL M 120 1.34 -0.47 -35.43
CA VAL M 120 2.13 -1.50 -36.10
C VAL M 120 1.25 -2.72 -36.25
N ASP M 121 1.10 -3.21 -37.49
CA ASP M 121 0.09 -4.20 -37.80
C ASP M 121 0.62 -5.60 -37.50
N PHE M 122 -0.11 -6.32 -36.64
CA PHE M 122 0.13 -7.73 -36.37
C PHE M 122 -1.06 -8.59 -36.75
N LYS M 123 -2.13 -8.00 -37.29
CA LYS M 123 -3.38 -8.71 -37.52
C LYS M 123 -3.20 -9.91 -38.44
N LYS M 124 -2.32 -9.83 -39.42
CA LYS M 124 -2.12 -10.89 -40.40
C LYS M 124 -0.95 -11.81 -40.08
N SER M 125 0.15 -11.26 -39.55
CA SER M 125 1.33 -12.06 -39.33
C SER M 125 2.20 -11.40 -38.27
N TRP M 126 2.59 -12.17 -37.27
CA TRP M 126 3.36 -11.62 -36.16
C TRP M 126 4.81 -11.36 -36.55
N ALA M 127 5.37 -12.21 -37.42
CA ALA M 127 6.78 -12.06 -37.78
C ALA M 127 7.01 -10.76 -38.54
N VAL M 128 6.12 -10.44 -39.48
CA VAL M 128 6.26 -9.19 -40.23
C VAL M 128 5.97 -7.99 -39.34
N GLY M 129 4.93 -8.09 -38.51
CA GLY M 129 4.64 -7.01 -37.58
C GLY M 129 5.81 -6.72 -36.67
N LEU M 130 6.49 -7.77 -36.21
CA LEU M 130 7.70 -7.57 -35.40
C LEU M 130 8.83 -7.01 -36.26
N GLN M 131 8.84 -7.35 -37.55
CA GLN M 131 9.81 -6.74 -38.45
C GLN M 131 9.57 -5.24 -38.57
N ASP M 132 8.31 -4.83 -38.57
CA ASP M 132 7.99 -3.40 -38.56
C ASP M 132 8.51 -2.73 -37.31
N LEU M 133 8.34 -3.37 -36.15
CA LEU M 133 8.80 -2.78 -34.90
C LEU M 133 10.31 -2.60 -34.88
N LEU M 134 11.05 -3.61 -35.34
CA LEU M 134 12.50 -3.50 -35.36
C LEU M 134 12.95 -2.34 -36.23
N LYS M 135 12.25 -2.09 -37.32
CA LYS M 135 12.49 -0.89 -38.11
C LYS M 135 12.17 0.36 -37.29
N ALA M 136 11.04 0.34 -36.58
CA ALA M 136 10.65 1.50 -35.79
C ALA M 136 11.61 1.76 -34.65
N LEU M 137 12.05 0.70 -33.97
CA LEU M 137 12.95 0.87 -32.83
C LEU M 137 14.34 1.27 -33.29
N ASP M 138 14.84 0.66 -34.37
CA ASP M 138 16.17 0.99 -34.85
C ASP M 138 16.22 2.40 -35.44
N ASP M 139 15.11 2.84 -36.04
CA ASP M 139 15.05 4.21 -36.56
C ASP M 139 15.26 5.23 -35.45
N GLN M 140 14.67 4.99 -34.29
CA GLN M 140 14.76 5.89 -33.15
C GLN M 140 15.98 5.63 -32.28
N LYS M 141 16.85 4.72 -32.71
CA LYS M 141 18.11 4.45 -32.02
C LYS M 141 17.88 4.03 -30.57
N VAL M 142 16.86 3.20 -30.34
CA VAL M 142 16.64 2.65 -29.01
C VAL M 142 17.76 1.69 -28.67
N GLU M 143 18.49 1.99 -27.60
CA GLU M 143 19.66 1.18 -27.25
C GLU M 143 19.23 -0.22 -26.82
N LYS M 144 20.07 -1.20 -27.16
CA LYS M 144 19.88 -2.57 -26.74
C LYS M 144 21.24 -3.21 -26.55
N ASN M 145 21.43 -3.88 -25.43
CA ASN M 145 22.71 -4.50 -25.14
C ASN M 145 22.81 -5.83 -25.88
N SER M 146 23.90 -6.55 -25.62
CA SER M 146 24.16 -7.84 -26.26
C SER M 146 24.44 -8.88 -25.18
N PRO M 147 23.39 -9.42 -24.56
CA PRO M 147 23.60 -10.49 -23.56
C PRO M 147 24.23 -11.73 -24.18
N ASP M 148 23.63 -12.28 -25.23
CA ASP M 148 24.19 -13.39 -25.98
C ASP M 148 24.29 -12.94 -27.43
N PRO M 149 25.45 -12.42 -27.86
CA PRO M 149 25.52 -11.81 -29.20
C PRO M 149 25.13 -12.73 -30.33
N ASP M 150 25.47 -14.01 -30.24
CA ASP M 150 25.14 -14.94 -31.32
C ASP M 150 23.63 -15.09 -31.48
N LYS M 151 22.90 -15.21 -30.38
CA LYS M 151 21.45 -15.35 -30.46
C LYS M 151 20.81 -14.07 -31.00
N SER M 152 21.34 -12.91 -30.58
CA SER M 152 20.76 -11.64 -31.02
C SER M 152 20.89 -11.47 -32.52
N ASN M 153 22.10 -11.73 -33.06
CA ASN M 153 22.31 -11.57 -34.49
C ASN M 153 21.48 -12.58 -35.28
N ALA M 154 21.50 -13.84 -34.84
CA ALA M 154 20.78 -14.88 -35.58
C ALA M 154 19.28 -14.63 -35.58
N LEU M 155 18.72 -14.33 -34.41
CA LEU M 155 17.28 -14.07 -34.34
C LEU M 155 16.92 -12.82 -35.13
N TYR M 156 17.79 -11.83 -35.13
CA TYR M 156 17.55 -10.63 -35.94
C TYR M 156 17.48 -10.99 -37.41
N GLN M 157 18.40 -11.85 -37.87
CA GLN M 157 18.39 -12.26 -39.27
C GLN M 157 17.14 -13.06 -39.60
N GLN M 158 16.72 -13.95 -38.69
CA GLN M 158 15.52 -14.73 -38.93
C GLN M 158 14.31 -13.84 -39.10
N ILE M 159 14.20 -12.79 -38.26
CA ILE M 159 13.13 -11.82 -38.42
C ILE M 159 13.35 -10.98 -39.67
N PHE M 160 14.60 -10.57 -39.91
CA PHE M 160 14.90 -9.69 -41.04
C PHE M 160 14.52 -10.34 -42.36
N LEU M 161 14.94 -11.58 -42.57
CA LEU M 161 14.68 -12.27 -43.83
C LEU M 161 13.48 -13.20 -43.67
N HIS M 162 12.30 -12.58 -43.55
CA HIS M 162 11.07 -13.34 -43.44
C HIS M 162 10.26 -13.31 -44.74
N ASN M 163 10.00 -12.13 -45.29
CA ASN M 163 9.39 -11.99 -46.60
C ASN M 163 10.33 -11.12 -47.45
N LYS M 164 11.29 -11.78 -48.10
CA LYS M 164 12.26 -11.13 -48.96
C LYS M 164 12.79 -12.16 -49.93
N GLY M 165 13.30 -11.69 -51.07
CA GLY M 165 13.90 -12.55 -52.06
C GLY M 165 13.10 -12.75 -53.32
N ILE M 166 11.92 -12.14 -53.44
CA ILE M 166 11.15 -12.23 -54.67
C ILE M 166 11.10 -10.87 -55.34
N ILE M 167 12.06 -10.62 -56.23
CA ILE M 167 12.12 -9.36 -56.95
C ILE M 167 11.28 -9.47 -58.23
N GLU M 168 10.66 -8.35 -58.60
CA GLU M 168 9.82 -8.28 -59.78
C GLU M 168 10.63 -8.18 -61.08
N ARG M 169 11.95 -8.26 -60.99
CA ARG M 169 12.80 -8.14 -62.15
C ARG M 169 12.57 -9.30 -63.12
N GLU M 170 12.62 -8.96 -64.41
CA GLU M 170 12.43 -9.98 -65.47
C GLU M 170 13.77 -10.68 -65.72
N GLU M 171 13.73 -11.98 -65.99
CA GLU M 171 14.92 -12.79 -66.23
C GLU M 171 14.67 -13.71 -67.41
N ILE M 172 15.73 -13.99 -68.15
CA ILE M 172 15.68 -14.80 -69.37
C ILE M 172 16.35 -16.14 -69.08
N TYR M 173 15.68 -17.23 -69.45
CA TYR M 173 16.19 -18.57 -69.21
C TYR M 173 16.48 -19.25 -70.53
N ASP M 174 17.64 -19.89 -70.63
CA ASP M 174 18.04 -20.65 -71.81
C ASP M 174 17.69 -22.12 -71.59
N SER M 175 16.84 -22.66 -72.45
CA SER M 175 16.42 -24.04 -72.31
C SER M 175 17.34 -24.98 -73.08
N ASN M 176 17.08 -26.27 -72.93
CA ASN M 176 17.70 -27.26 -73.81
C ASN M 176 16.81 -27.59 -74.99
N TRP M 177 15.65 -26.95 -75.10
CA TRP M 177 14.77 -27.11 -76.24
C TRP M 177 15.29 -26.33 -77.43
N PHE M 178 15.31 -26.96 -78.60
CA PHE M 178 15.67 -26.30 -79.85
C PHE M 178 14.54 -26.52 -80.84
N SER M 179 13.71 -25.49 -81.02
CA SER M 179 12.53 -25.60 -81.89
C SER M 179 12.96 -25.76 -83.34
N ILE M 180 12.19 -26.55 -84.09
CA ILE M 180 12.51 -26.80 -85.49
C ILE M 180 12.06 -25.59 -86.30
N LEU M 181 12.93 -25.12 -87.20
CA LEU M 181 12.56 -24.01 -88.06
C LEU M 181 11.87 -24.49 -89.32
N SER M 182 12.46 -25.49 -89.98
CA SER M 182 11.94 -25.97 -91.26
C SER M 182 11.68 -27.47 -91.18
N PHE M 183 10.81 -27.93 -92.08
CA PHE M 183 10.41 -29.31 -92.20
C PHE M 183 9.80 -29.50 -93.58
N PRO M 184 9.88 -30.70 -94.14
CA PRO M 184 9.37 -30.92 -95.50
C PRO M 184 7.88 -30.63 -95.59
N LYS M 185 7.46 -30.13 -96.75
CA LYS M 185 6.05 -29.76 -96.94
C LYS M 185 5.15 -30.98 -97.13
N GLU M 186 5.69 -32.08 -97.66
CA GLU M 186 4.88 -33.24 -98.00
C GLU M 186 5.53 -34.49 -97.43
N LEU M 187 4.71 -35.33 -96.79
CA LEU M 187 5.16 -36.60 -96.23
C LEU M 187 4.56 -37.72 -97.08
N ARG M 188 5.41 -38.65 -97.50
CA ARG M 188 5.09 -39.58 -98.58
C ARG M 188 5.22 -41.02 -98.14
N PHE M 189 4.25 -41.86 -98.53
CA PHE M 189 4.30 -43.30 -98.19
C PHE M 189 4.67 -44.10 -99.46
N HIS M 190 5.97 -44.25 -99.72
CA HIS M 190 6.42 -45.00 -100.92
C HIS M 190 5.97 -46.46 -100.78
N ASP M 191 5.20 -46.96 -101.75
CA ASP M 191 4.77 -48.39 -101.73
C ASP M 191 5.93 -49.25 -102.25
N TYR M 192 7.00 -49.40 -101.47
CA TYR M 192 8.19 -50.15 -101.94
C TYR M 192 8.06 -51.62 -101.60
N GLU M 193 6.94 -52.01 -100.96
CA GLU M 193 6.71 -53.44 -100.66
C GLU M 193 6.81 -54.22 -101.97
N LYS M 194 6.47 -53.58 -103.09
CA LYS M 194 6.53 -54.26 -104.42
C LYS M 194 7.99 -54.58 -104.78
N LEU M 195 8.92 -53.67 -104.46
CA LEU M 195 10.34 -53.88 -104.84
C LEU M 195 11.23 -53.77 -103.60
N MET M 196 10.74 -54.25 -102.45
CA MET M 196 11.52 -54.21 -101.18
C MET M 196 12.59 -55.30 -101.22
N PRO M 197 13.90 -54.95 -101.22
CA PRO M 197 14.97 -55.94 -101.27
C PRO M 197 15.01 -56.74 -99.96
N LYS M 198 15.23 -58.06 -100.06
CA LYS M 198 15.29 -58.93 -98.85
C LYS M 198 16.54 -58.56 -98.04
N GLY M 199 16.37 -58.27 -96.74
CA GLY M 199 17.52 -57.96 -95.87
C GLY M 199 17.89 -56.49 -95.88
N PHE M 200 17.16 -55.66 -96.64
CA PHE M 200 17.46 -54.21 -96.72
C PHE M 200 16.68 -53.47 -95.63
N ASP M 201 17.30 -53.24 -94.46
CA ASP M 201 16.61 -52.56 -93.34
C ASP M 201 16.52 -51.06 -93.63
N VAL M 202 15.54 -50.37 -93.03
CA VAL M 202 15.33 -48.92 -93.31
C VAL M 202 16.55 -48.12 -92.84
N ARG M 203 17.33 -48.69 -91.91
CA ARG M 203 18.55 -47.99 -91.40
C ARG M 203 19.56 -47.81 -92.53
N GLU M 204 19.69 -48.81 -93.43
CA GLU M 204 20.71 -48.73 -94.51
C GLU M 204 20.24 -47.77 -95.61
N LEU M 205 18.95 -47.40 -95.63
CA LEU M 205 18.44 -46.44 -96.63
C LEU M 205 19.20 -45.11 -96.50
N THR M 206 19.52 -44.46 -97.62
CA THR M 206 20.29 -43.20 -97.58
C THR M 206 19.58 -42.18 -96.69
N TYR M 207 18.26 -42.04 -96.87
CA TYR M 207 17.47 -41.06 -96.06
C TYR M 207 16.57 -41.83 -95.09
N PRO M 208 16.18 -41.23 -93.94
CA PRO M 208 15.38 -41.95 -92.94
C PRO M 208 14.00 -42.32 -93.50
N ALA M 209 13.52 -43.48 -93.04
CA ALA M 209 12.18 -43.99 -93.40
C ALA M 209 11.98 -45.25 -92.55
N VAL M 210 10.76 -45.82 -92.54
CA VAL M 210 10.47 -47.07 -91.77
C VAL M 210 9.28 -47.79 -92.42
N ARG M 211 9.05 -49.06 -92.09
CA ARG M 211 8.00 -49.83 -92.79
C ARG M 211 6.66 -49.74 -92.05
N TYR M 212 5.76 -48.86 -92.51
CA TYR M 212 4.40 -48.78 -91.90
C TYR M 212 3.45 -49.49 -92.85
N LYS M 213 2.62 -50.42 -92.33
CA LYS M 213 1.73 -51.21 -93.20
C LYS M 213 2.58 -51.83 -94.32
N ASN M 214 2.28 -51.51 -95.58
CA ASN M 214 3.08 -52.02 -96.72
C ASN M 214 3.74 -50.85 -97.46
N TYR M 215 3.90 -49.70 -96.77
CA TYR M 215 4.47 -48.50 -97.42
C TYR M 215 5.73 -48.05 -96.69
N LEU M 216 6.84 -47.90 -97.40
CA LEU M 216 8.08 -47.39 -96.77
C LEU M 216 7.80 -45.89 -96.55
N CYS M 217 7.66 -45.45 -95.30
CA CYS M 217 7.25 -44.05 -95.02
C CYS M 217 8.47 -43.15 -94.86
N THR M 218 8.51 -42.03 -95.59
CA THR M 218 9.66 -41.11 -95.53
C THR M 218 9.35 -39.74 -96.14
N PHE M 219 10.25 -38.78 -95.95
CA PHE M 219 10.09 -37.44 -96.56
C PHE M 219 10.94 -37.45 -97.83
N ALA M 220 11.69 -38.52 -98.05
CA ALA M 220 12.59 -38.67 -99.22
C ALA M 220 11.75 -38.76 -100.50
N TRP M 221 12.27 -38.23 -101.61
CA TRP M 221 11.58 -38.32 -102.91
C TRP M 221 11.57 -39.78 -103.37
N GLU M 222 10.62 -40.17 -104.23
CA GLU M 222 10.51 -41.60 -104.63
C GLU M 222 11.85 -42.09 -105.18
N TYR M 223 12.38 -41.46 -106.22
CA TYR M 223 13.62 -41.98 -106.86
C TYR M 223 14.84 -41.35 -106.18
N ASP M 224 15.11 -41.78 -104.94
CA ASP M 224 16.29 -41.26 -104.19
C ASP M 224 17.24 -42.43 -103.87
N PHE M 225 16.68 -43.60 -103.54
CA PHE M 225 17.51 -44.74 -103.16
C PHE M 225 17.78 -45.63 -104.37
N MET M 226 18.29 -44.99 -105.43
CA MET M 226 18.60 -45.74 -106.65
C MET M 226 19.71 -46.76 -106.41
N HIS M 227 20.83 -46.30 -105.85
CA HIS M 227 21.95 -47.21 -105.60
C HIS M 227 21.64 -48.18 -104.46
N GLN M 228 21.10 -47.65 -103.36
CA GLN M 228 20.86 -48.49 -102.19
C GLN M 228 19.77 -49.52 -102.45
N LEU M 229 18.67 -49.09 -103.08
CA LEU M 229 17.55 -49.99 -103.35
C LEU M 229 17.43 -50.21 -104.85
N PRO M 230 17.60 -51.44 -105.38
CA PRO M 230 17.59 -51.65 -106.84
C PRO M 230 16.21 -51.37 -107.46
N LYS M 231 16.16 -51.21 -108.78
CA LYS M 231 14.87 -50.96 -109.50
C LYS M 231 14.05 -49.88 -108.78
N THR M 232 14.72 -48.88 -108.21
CA THR M 232 13.97 -47.75 -107.58
C THR M 232 13.25 -46.97 -108.67
N GLU M 233 13.92 -46.73 -109.80
CA GLU M 233 13.33 -45.91 -110.90
C GLU M 233 12.08 -46.63 -111.45
N THR M 234 12.06 -47.96 -111.38
CA THR M 234 10.92 -48.69 -111.94
C THR M 234 9.64 -48.44 -111.16
N TYR M 235 9.77 -47.91 -109.94
CA TYR M 235 8.59 -47.63 -109.09
C TYR M 235 7.71 -46.59 -109.77
N ASN M 236 6.41 -46.58 -109.45
CA ASN M 236 5.50 -45.56 -110.01
C ASN M 236 5.19 -44.54 -108.91
N SER M 237 5.60 -43.28 -109.10
CA SER M 237 5.40 -42.23 -108.06
C SER M 237 3.92 -42.09 -107.72
N SER M 238 3.04 -42.41 -108.67
CA SER M 238 1.57 -42.31 -108.43
C SER M 238 1.20 -43.17 -107.21
N GLN M 239 1.83 -44.34 -107.07
CA GLN M 239 1.54 -45.24 -105.92
C GLN M 239 1.87 -44.52 -104.61
N THR M 240 2.94 -43.72 -104.60
CA THR M 240 3.35 -43.00 -103.36
C THR M 240 2.20 -42.14 -102.85
N ILE M 241 1.95 -42.17 -101.54
CA ILE M 241 0.81 -41.41 -100.94
C ILE M 241 1.33 -40.07 -100.39
N ARG M 242 0.86 -38.95 -100.92
CA ARG M 242 1.29 -37.63 -100.48
C ARG M 242 0.42 -37.15 -99.32
N ILE M 243 1.07 -36.67 -98.26
CA ILE M 243 0.35 -36.09 -97.11
C ILE M 243 0.95 -34.74 -96.75
N PRO M 244 0.13 -33.70 -96.57
CA PRO M 244 0.67 -32.42 -96.09
C PRO M 244 1.18 -32.51 -94.66
N THR M 245 2.47 -32.23 -94.48
CA THR M 245 3.08 -32.38 -93.16
C THR M 245 2.50 -31.38 -92.16
N GLU M 246 2.27 -30.14 -92.58
CA GLU M 246 1.74 -29.13 -91.67
C GLU M 246 0.33 -29.50 -91.21
N GLU M 247 -0.43 -30.18 -92.07
CA GLU M 247 -1.77 -30.64 -91.68
C GLU M 247 -1.67 -31.64 -90.53
N ILE M 248 -0.68 -32.53 -90.57
CA ILE M 248 -0.49 -33.48 -89.48
C ILE M 248 -0.12 -32.75 -88.21
N LEU M 249 0.82 -31.80 -88.30
CA LEU M 249 1.26 -31.08 -87.11
C LEU M 249 0.13 -30.28 -86.49
N SER M 250 -0.85 -29.89 -87.30
CA SER M 250 -2.06 -29.26 -86.79
C SER M 250 -3.04 -30.28 -86.22
N GLY M 251 -2.77 -31.58 -86.39
CA GLY M 251 -3.67 -32.60 -85.89
C GLY M 251 -4.99 -32.68 -86.61
N LYS M 252 -5.00 -32.47 -87.93
CA LYS M 252 -6.23 -32.51 -88.70
C LYS M 252 -6.32 -33.68 -89.66
N TYR M 253 -5.20 -34.34 -89.96
CA TYR M 253 -5.19 -35.45 -90.91
C TYR M 253 -5.59 -36.74 -90.19
N ASP M 254 -6.89 -36.85 -89.94
CA ASP M 254 -7.46 -38.05 -89.32
C ASP M 254 -7.92 -39.06 -90.38
N SER M 255 -7.00 -39.43 -91.26
CA SER M 255 -7.33 -40.40 -92.35
C SER M 255 -7.59 -41.79 -91.74
N PRO M 256 -8.51 -42.60 -92.33
CA PRO M 256 -8.73 -43.97 -91.84
C PRO M 256 -7.47 -44.82 -92.07
N PHE M 257 -6.74 -44.57 -93.16
CA PHE M 257 -5.51 -45.35 -93.47
C PHE M 257 -4.55 -45.25 -92.29
N ILE M 258 -4.26 -44.03 -91.83
CA ILE M 258 -3.37 -43.84 -90.64
C ILE M 258 -3.91 -42.69 -89.79
N GLY M 259 -4.19 -42.96 -88.51
CA GLY M 259 -4.64 -41.89 -87.60
C GLY M 259 -3.54 -40.86 -87.39
N ASN M 260 -3.89 -39.59 -87.24
CA ASN M 260 -2.86 -38.53 -87.12
C ASN M 260 -1.86 -38.95 -86.04
N PHE M 261 -2.34 -39.44 -84.88
CA PHE M 261 -1.44 -39.80 -83.76
C PHE M 261 -0.23 -40.60 -84.27
N GLU M 262 -0.47 -41.69 -84.99
CA GLU M 262 0.66 -42.55 -85.45
C GLU M 262 1.61 -41.74 -86.33
N CYS M 263 1.07 -40.78 -87.11
CA CYS M 263 1.91 -40.04 -88.03
C CYS M 263 3.00 -39.26 -87.31
N GLN M 264 2.63 -38.60 -86.21
CA GLN M 264 3.63 -37.79 -85.45
C GLN M 264 4.73 -38.71 -84.92
N ARG M 265 4.35 -39.88 -84.37
CA ARG M 265 5.33 -40.81 -83.82
C ARG M 265 6.29 -41.29 -84.91
N LEU M 266 5.77 -41.50 -86.12
CA LEU M 266 6.63 -41.79 -87.25
C LEU M 266 7.54 -40.59 -87.56
N ILE M 267 6.98 -39.39 -87.51
CA ILE M 267 7.76 -38.18 -87.78
C ILE M 267 8.90 -38.06 -86.76
N VAL M 268 8.58 -38.28 -85.49
CA VAL M 268 9.61 -38.31 -84.47
C VAL M 268 10.60 -39.44 -84.75
N GLN M 269 10.09 -40.61 -85.13
CA GLN M 269 10.98 -41.71 -85.50
C GLN M 269 11.86 -41.29 -86.66
N LEU M 270 11.28 -40.64 -87.66
CA LEU M 270 12.07 -40.07 -88.74
C LEU M 270 13.01 -39.00 -88.21
N LEU M 271 12.52 -38.16 -87.29
CA LEU M 271 13.31 -37.03 -86.81
C LEU M 271 14.54 -37.50 -86.05
N ASN M 272 14.36 -38.45 -85.14
CA ASN M 272 15.50 -38.96 -84.37
C ASN M 272 16.50 -39.68 -85.27
N LYS M 273 15.98 -40.48 -86.22
CA LYS M 273 16.87 -41.17 -87.15
C LYS M 273 17.65 -40.17 -88.00
N ALA M 274 16.96 -39.14 -88.50
CA ALA M 274 17.62 -38.15 -89.33
C ALA M 274 18.72 -37.43 -88.57
N PHE M 275 18.45 -37.11 -87.30
CA PHE M 275 19.49 -36.50 -86.47
C PHE M 275 20.68 -37.42 -86.33
N GLU M 276 20.42 -38.72 -86.11
CA GLU M 276 21.51 -39.69 -86.02
C GLU M 276 22.26 -39.77 -87.33
N LEU M 277 21.55 -39.77 -88.45
CA LEU M 277 22.19 -39.84 -89.77
C LEU M 277 23.06 -38.61 -90.00
N ARG M 278 22.58 -37.44 -89.57
CA ARG M 278 23.38 -36.22 -89.69
C ARG M 278 24.66 -36.31 -88.87
N MET M 279 24.62 -37.03 -87.75
CA MET M 279 25.79 -37.12 -86.88
C MET M 279 26.95 -37.82 -87.58
N LYS M 280 26.65 -38.89 -88.33
CA LYS M 280 27.69 -39.54 -89.12
C LYS M 280 28.28 -38.58 -90.14
N GLU M 281 27.44 -37.75 -90.75
CA GLU M 281 27.94 -36.71 -91.64
C GLU M 281 28.82 -35.72 -90.87
N LYS M 282 28.39 -35.33 -89.67
CA LYS M 282 29.22 -34.48 -88.83
C LYS M 282 30.37 -35.24 -88.18
N GLY M 283 30.35 -36.56 -88.23
CA GLY M 283 31.45 -37.37 -87.74
C GLY M 283 31.71 -37.24 -86.25
N VAL M 284 30.64 -37.22 -85.45
CA VAL M 284 30.76 -37.18 -84.00
C VAL M 284 30.83 -38.61 -83.49
N ARG M 285 31.73 -38.86 -82.54
CA ARG M 285 31.82 -40.19 -81.96
C ARG M 285 30.62 -40.44 -81.06
N GLU M 286 30.01 -41.61 -81.21
CA GLU M 286 28.78 -41.96 -80.52
C GLU M 286 29.08 -42.85 -79.31
N TYR M 287 28.07 -42.99 -78.46
CA TYR M 287 28.20 -43.80 -77.24
C TYR M 287 26.85 -44.42 -76.91
N PRO M 288 26.74 -45.75 -76.87
CA PRO M 288 25.48 -46.37 -76.44
C PRO M 288 25.18 -46.07 -74.97
N MET M 289 23.90 -46.04 -74.65
CA MET M 289 23.43 -45.73 -73.31
C MET M 289 22.50 -46.85 -72.83
N SER M 290 21.91 -46.62 -71.65
CA SER M 290 20.92 -47.56 -71.14
C SER M 290 19.69 -47.59 -72.02
N ASN M 291 19.20 -46.42 -72.43
CA ASN M 291 18.01 -46.35 -73.28
C ASN M 291 18.13 -45.25 -74.32
N LYS M 292 19.35 -44.86 -74.69
CA LYS M 292 19.51 -43.73 -75.61
C LYS M 292 20.85 -43.88 -76.32
N MET M 293 21.18 -42.88 -77.13
CA MET M 293 22.37 -42.86 -77.96
C MET M 293 23.14 -41.58 -77.69
N GLY M 294 24.42 -41.71 -77.30
CA GLY M 294 25.23 -40.54 -77.00
C GLY M 294 26.03 -40.06 -78.19
N TYR M 295 26.53 -38.83 -78.08
CA TYR M 295 27.32 -38.21 -79.14
C TYR M 295 28.33 -37.25 -78.50
N TRP M 296 29.51 -37.15 -79.10
CA TRP M 296 30.55 -36.24 -78.61
C TRP M 296 31.63 -36.13 -79.68
N PHE M 297 32.65 -35.33 -79.38
CA PHE M 297 33.78 -35.10 -80.28
C PHE M 297 35.01 -35.80 -79.72
N GLU M 298 35.73 -36.51 -80.58
CA GLU M 298 36.94 -37.20 -80.15
C GLU M 298 38.03 -36.20 -79.77
N LYS M 299 38.96 -36.65 -78.92
CA LYS M 299 40.09 -35.83 -78.53
C LYS M 299 40.93 -35.46 -79.74
N GLY M 300 41.24 -34.18 -79.88
CA GLY M 300 42.02 -33.68 -80.98
C GLY M 300 41.21 -33.33 -82.22
N LYS M 301 39.99 -33.85 -82.33
CA LYS M 301 39.13 -33.49 -83.45
C LYS M 301 38.79 -32.00 -83.43
N LEU M 302 38.37 -31.51 -82.27
CA LEU M 302 38.05 -30.09 -82.12
C LEU M 302 39.32 -29.30 -81.80
N GLU M 303 39.38 -28.08 -82.32
CA GLU M 303 40.55 -27.23 -82.14
C GLU M 303 40.82 -27.00 -80.66
N LYS M 304 41.94 -27.54 -80.17
CA LYS M 304 42.27 -27.51 -78.74
C LYS M 304 41.16 -28.13 -77.89
N ASP M 305 40.37 -29.01 -78.51
CA ASP M 305 39.23 -29.65 -77.86
C ASP M 305 38.31 -28.59 -77.24
N LYS M 306 38.12 -27.49 -77.97
CA LYS M 306 37.32 -26.38 -77.47
C LYS M 306 36.75 -25.62 -78.66
N PHE M 307 35.55 -25.07 -78.47
CA PHE M 307 34.86 -24.36 -79.53
C PHE M 307 34.02 -23.26 -78.89
N ASN M 308 33.91 -22.14 -79.60
CA ASN M 308 33.19 -20.96 -79.12
C ASN M 308 33.71 -20.53 -77.74
N LYS M 309 35.03 -20.60 -77.58
CA LYS M 309 35.80 -20.18 -76.41
C LYS M 309 35.61 -21.13 -75.23
N VAL M 310 34.70 -22.10 -75.32
CA VAL M 310 34.36 -22.97 -74.20
C VAL M 310 35.09 -24.30 -74.37
N LEU M 311 35.55 -24.87 -73.26
CA LEU M 311 36.27 -26.14 -73.25
C LEU M 311 35.25 -27.28 -73.20
N LEU M 312 34.98 -27.89 -74.34
CA LEU M 312 34.01 -28.97 -74.40
C LEU M 312 34.61 -30.34 -74.12
N VAL M 313 35.92 -30.50 -74.26
CA VAL M 313 36.60 -31.75 -73.93
C VAL M 313 37.80 -31.41 -73.07
N GLY M 314 37.97 -32.14 -71.97
CA GLY M 314 39.10 -31.90 -71.06
C GLY M 314 39.61 -33.20 -70.44
N LYS M 315 40.40 -33.10 -69.38
CA LYS M 315 40.96 -34.30 -68.70
C LYS M 315 40.61 -34.23 -67.21
N GLN M 316 39.71 -35.10 -66.75
CA GLN M 316 39.39 -35.14 -65.30
C GLN M 316 40.60 -35.72 -64.55
N LYS M 317 40.73 -35.42 -63.26
CA LYS M 317 41.86 -35.96 -62.45
C LYS M 317 41.95 -37.46 -62.67
N ASP M 318 40.80 -38.13 -62.83
CA ASP M 318 40.78 -39.59 -63.09
C ASP M 318 41.17 -39.84 -64.55
N LYS M 319 40.30 -39.48 -65.50
CA LYS M 319 40.57 -39.76 -66.94
C LYS M 319 39.95 -38.66 -67.80
N HIS M 320 40.36 -38.56 -69.08
CA HIS M 320 39.83 -37.52 -70.00
C HIS M 320 38.30 -37.45 -69.88
N TRP M 321 37.77 -36.24 -69.70
CA TRP M 321 36.29 -36.08 -69.63
C TRP M 321 35.80 -35.47 -70.94
N HIS M 322 34.65 -35.96 -71.44
CA HIS M 322 34.09 -35.44 -72.71
C HIS M 322 32.64 -35.02 -72.48
N PHE M 323 32.26 -33.77 -72.77
CA PHE M 323 30.83 -33.40 -72.65
C PHE M 323 30.11 -34.06 -73.81
N GLY M 324 28.85 -34.42 -73.62
CA GLY M 324 28.12 -35.15 -74.68
C GLY M 324 26.64 -34.80 -74.69
N ILE M 325 25.96 -35.12 -75.80
CA ILE M 325 24.51 -34.78 -75.94
C ILE M 325 23.75 -35.98 -76.48
N SER M 326 22.45 -36.07 -76.20
CA SER M 326 21.60 -37.14 -76.77
C SER M 326 20.29 -36.50 -77.26
N ALA M 327 20.40 -35.60 -78.23
CA ALA M 327 19.21 -34.85 -78.71
C ALA M 327 18.09 -35.82 -79.13
N ALA M 328 16.87 -35.61 -78.64
CA ALA M 328 15.72 -36.44 -79.04
C ALA M 328 14.52 -35.52 -79.28
N GLY M 329 13.87 -35.62 -80.44
CA GLY M 329 12.79 -34.67 -80.72
C GLY M 329 11.44 -35.08 -80.19
N LYS M 330 10.48 -34.18 -80.25
CA LYS M 330 9.11 -34.46 -79.80
C LYS M 330 8.26 -33.33 -80.34
N LEU M 331 6.97 -33.55 -80.57
CA LEU M 331 6.18 -32.48 -81.22
C LEU M 331 5.06 -31.99 -80.31
N TYR M 332 5.16 -32.23 -79.01
CA TYR M 332 4.13 -31.65 -78.12
C TYR M 332 4.76 -30.66 -77.15
N PRO M 333 4.20 -29.44 -77.01
CA PRO M 333 3.23 -28.92 -77.98
C PRO M 333 3.93 -28.30 -79.20
N PHE M 334 5.12 -27.73 -78.97
CA PHE M 334 5.90 -27.12 -80.07
C PHE M 334 6.88 -28.16 -80.61
N PRO M 335 6.81 -28.57 -81.89
CA PRO M 335 7.80 -29.49 -82.44
C PRO M 335 9.17 -28.96 -82.01
N VAL M 336 9.88 -29.71 -81.16
CA VAL M 336 11.16 -29.18 -80.61
C VAL M 336 12.19 -30.32 -80.50
N LEU M 337 13.48 -29.98 -80.42
CA LEU M 337 14.53 -31.01 -80.25
C LEU M 337 15.03 -30.94 -78.80
N MET M 338 14.62 -31.90 -77.96
CA MET M 338 14.99 -31.87 -76.52
C MET M 338 16.41 -32.42 -76.35
N ILE M 339 17.42 -31.58 -76.61
CA ILE M 339 18.85 -32.01 -76.46
C ILE M 339 19.14 -32.23 -74.98
N SER M 340 19.95 -33.24 -74.65
CA SER M 340 20.28 -33.53 -73.22
C SER M 340 21.78 -33.29 -72.98
N SER M 341 22.18 -33.16 -71.72
CA SER M 341 23.61 -32.89 -71.38
C SER M 341 24.20 -34.10 -70.67
N HIS M 342 25.39 -34.56 -71.11
CA HIS M 342 26.01 -35.77 -70.52
C HIS M 342 27.53 -35.57 -70.41
N ILE M 343 28.18 -36.37 -69.56
CA ILE M 343 29.66 -36.29 -69.43
C ILE M 343 30.25 -37.70 -69.60
N PHE M 344 30.79 -38.02 -70.78
CA PHE M 344 31.42 -39.31 -70.98
C PHE M 344 32.90 -39.25 -70.63
N PHE M 345 33.50 -40.41 -70.39
CA PHE M 345 34.93 -40.41 -69.96
C PHE M 345 35.75 -41.39 -70.82
N THR M 346 36.99 -41.01 -71.14
CA THR M 346 37.88 -41.89 -71.95
C THR M 346 39.23 -41.98 -71.26
N LYS M 347 39.87 -43.15 -71.31
CA LYS M 347 41.18 -43.34 -70.64
C LYS M 347 42.24 -42.45 -71.31
N ASP M 348 42.25 -42.39 -72.63
CA ASP M 348 43.31 -41.62 -73.35
C ASP M 348 42.69 -40.45 -74.13
N GLY M 349 41.36 -40.39 -74.22
CA GLY M 349 40.71 -39.34 -75.02
C GLY M 349 40.03 -39.93 -76.25
N LYS M 350 40.31 -41.20 -76.56
CA LYS M 350 39.74 -41.84 -77.73
C LYS M 350 38.73 -42.94 -77.42
N GLU M 351 39.08 -43.87 -76.53
CA GLU M 351 38.21 -45.00 -76.20
C GLU M 351 37.76 -44.89 -74.75
N LEU M 352 36.49 -45.18 -74.51
CA LEU M 352 35.87 -44.87 -73.23
C LEU M 352 36.15 -45.95 -72.20
N ILE M 353 35.80 -45.65 -70.95
CA ILE M 353 35.77 -46.68 -69.92
C ILE M 353 34.58 -47.59 -70.19
N GLU M 354 34.86 -48.87 -70.42
CA GLU M 354 33.79 -49.82 -70.61
C GLU M 354 33.03 -50.08 -69.31
N SER M 355 33.74 -50.02 -68.18
CA SER M 355 33.10 -50.23 -66.88
C SER M 355 32.07 -49.15 -66.63
N LYS M 356 30.80 -49.56 -66.56
CA LYS M 356 29.72 -48.60 -66.31
C LYS M 356 29.86 -47.99 -64.92
N LYS M 357 30.39 -48.76 -63.97
CA LYS M 357 30.58 -48.24 -62.62
C LYS M 357 31.56 -47.07 -62.61
N ILE M 358 32.68 -47.22 -63.33
CA ILE M 358 33.71 -46.18 -63.30
C ILE M 358 33.20 -44.91 -63.96
N GLN M 359 32.52 -45.04 -65.09
CA GLN M 359 31.99 -43.87 -65.78
C GLN M 359 30.96 -43.15 -64.92
N HIS M 360 30.02 -43.90 -64.32
CA HIS M 360 28.98 -43.28 -63.52
C HIS M 360 29.57 -42.58 -62.30
N ALA M 361 30.52 -43.22 -61.64
CA ALA M 361 31.23 -42.57 -60.54
C ALA M 361 31.96 -41.34 -61.05
N ALA M 362 32.59 -41.45 -62.22
CA ALA M 362 33.28 -40.30 -62.81
C ALA M 362 32.32 -39.20 -63.18
N ARG M 363 31.14 -39.57 -63.69
CA ARG M 363 30.17 -38.57 -64.12
C ARG M 363 29.76 -37.67 -62.97
N ARG M 364 29.54 -38.28 -61.80
CA ARG M 364 29.14 -37.49 -60.63
C ARG M 364 30.28 -36.57 -60.19
N ARG M 365 31.52 -37.07 -60.21
CA ARG M 365 32.64 -36.25 -59.76
C ARG M 365 32.83 -35.04 -60.67
N GLN M 366 32.72 -35.23 -61.97
CA GLN M 366 32.79 -34.10 -62.89
C GLN M 366 31.61 -33.16 -62.69
N GLY M 367 30.42 -33.71 -62.45
CA GLY M 367 29.23 -32.88 -62.34
C GLY M 367 29.27 -31.93 -61.15
N LYS M 368 29.90 -32.35 -60.06
CA LYS M 368 29.87 -31.53 -58.85
C LYS M 368 30.57 -30.19 -59.05
N ASN M 369 31.67 -30.18 -59.81
CA ASN M 369 32.41 -28.94 -60.00
C ASN M 369 31.64 -27.96 -60.88
N TRP M 370 30.93 -28.46 -61.90
CA TRP M 370 30.26 -27.57 -62.81
C TRP M 370 28.98 -27.02 -62.17
N TRP M 371 28.57 -25.84 -62.63
CA TRP M 371 27.42 -25.14 -62.07
C TRP M 371 26.45 -24.80 -63.20
N ASN M 372 25.39 -24.08 -62.85
CA ASN M 372 24.35 -23.74 -63.83
C ASN M 372 24.92 -23.06 -65.05
N ASP M 373 25.73 -22.02 -64.84
CA ASP M 373 26.28 -21.26 -65.97
C ASP M 373 27.17 -22.14 -66.82
N ASP M 374 27.98 -22.99 -66.19
CA ASP M 374 28.88 -23.86 -66.93
C ASP M 374 28.11 -24.81 -67.84
N TRP M 375 27.03 -25.41 -67.33
CA TRP M 375 26.24 -26.32 -68.15
C TRP M 375 25.64 -25.60 -69.35
N ARG M 376 25.19 -24.37 -69.14
CA ARG M 376 24.67 -23.58 -70.25
C ARG M 376 25.75 -23.34 -71.30
N ASN M 377 26.94 -22.95 -70.86
CA ASN M 377 28.03 -22.67 -71.81
C ASN M 377 28.41 -23.92 -72.58
N LYS M 378 28.50 -25.06 -71.90
CA LYS M 378 28.92 -26.28 -72.58
C LYS M 378 27.90 -26.70 -73.63
N LEU M 379 26.61 -26.68 -73.28
CA LEU M 379 25.59 -27.16 -74.20
C LEU M 379 25.48 -26.26 -75.42
N LEU M 380 25.42 -24.95 -75.20
CA LEU M 380 25.21 -24.03 -76.31
C LEU M 380 26.40 -24.01 -77.24
N ALA M 381 27.61 -24.20 -76.70
CA ALA M 381 28.78 -24.31 -77.56
C ALA M 381 28.72 -25.58 -78.41
N PHE M 382 28.18 -26.66 -77.85
CA PHE M 382 28.12 -27.92 -78.59
C PHE M 382 27.22 -27.79 -79.82
N VAL M 383 26.01 -27.27 -79.63
CA VAL M 383 25.09 -27.13 -80.75
C VAL M 383 25.61 -26.11 -81.75
N LYS M 384 26.32 -25.09 -81.26
CA LYS M 384 26.89 -24.09 -82.16
C LYS M 384 27.89 -24.73 -83.11
N TYR M 385 28.68 -25.70 -82.62
CA TYR M 385 29.56 -26.43 -83.50
C TYR M 385 28.78 -27.24 -84.53
N LEU M 386 27.59 -27.70 -84.15
CA LEU M 386 26.74 -28.46 -85.04
C LEU M 386 25.89 -27.58 -85.96
N SER M 387 26.00 -26.27 -85.83
CA SER M 387 25.24 -25.36 -86.69
C SER M 387 25.74 -25.44 -88.13
N ASP M 388 24.89 -25.96 -89.01
CA ASP M 388 25.20 -25.97 -90.43
C ASP M 388 25.15 -24.55 -90.97
N ASP M 389 23.97 -23.95 -90.91
CA ASP M 389 23.80 -22.54 -91.21
C ASP M 389 24.22 -21.71 -90.00
N GLU M 390 24.39 -20.41 -90.22
CA GLU M 390 24.73 -19.52 -89.12
C GLU M 390 23.56 -19.27 -88.19
N ASN M 391 22.35 -19.70 -88.57
CA ASN M 391 21.17 -19.50 -87.74
C ASN M 391 20.36 -20.79 -87.55
N SER M 392 20.85 -21.92 -88.05
CA SER M 392 20.15 -23.19 -87.91
C SER M 392 21.08 -24.31 -88.37
N PHE M 393 20.59 -25.54 -88.25
CA PHE M 393 21.27 -26.72 -88.76
C PHE M 393 20.22 -27.64 -89.37
N TYR M 394 20.53 -28.20 -90.54
CA TYR M 394 19.53 -28.94 -91.28
C TYR M 394 19.58 -30.43 -90.96
N LEU M 395 18.50 -31.13 -91.33
CA LEU M 395 18.40 -32.58 -91.22
C LEU M 395 17.97 -33.11 -92.59
N GLU M 396 18.90 -33.73 -93.31
CA GLU M 396 18.59 -34.27 -94.62
C GLU M 396 17.72 -35.51 -94.51
N VAL M 397 16.49 -35.42 -95.00
CA VAL M 397 15.58 -36.54 -95.06
C VAL M 397 15.22 -36.93 -96.48
N GLY M 398 15.94 -36.43 -97.47
CA GLY M 398 15.66 -36.76 -98.86
C GLY M 398 16.67 -36.08 -99.76
N SER M 399 16.49 -36.27 -101.07
CA SER M 399 17.37 -35.63 -102.03
C SER M 399 17.25 -34.11 -101.95
N GLU M 400 16.02 -33.59 -101.87
CA GLU M 400 15.77 -32.16 -101.81
C GLU M 400 14.91 -31.77 -100.61
N GLU M 401 14.79 -32.65 -99.63
CA GLU M 401 13.99 -32.38 -98.44
C GLU M 401 14.91 -32.24 -97.24
N LYS M 402 14.69 -31.18 -96.45
CA LYS M 402 15.59 -30.84 -95.37
C LYS M 402 14.78 -30.36 -94.17
N ILE M 403 15.39 -30.43 -93.00
CA ILE M 403 14.76 -30.01 -91.74
C ILE M 403 15.73 -29.06 -91.05
N TYR M 404 15.59 -27.76 -91.29
CA TYR M 404 16.35 -26.78 -90.53
C TYR M 404 15.77 -26.64 -89.13
N ILE M 405 16.66 -26.64 -88.14
CA ILE M 405 16.28 -26.48 -86.74
C ILE M 405 17.14 -25.37 -86.13
N SER M 406 16.50 -24.47 -85.41
CA SER M 406 17.20 -23.33 -84.80
C SER M 406 18.38 -23.79 -83.97
N ASN M 407 19.57 -23.28 -84.31
CA ASN M 407 20.77 -23.64 -83.56
C ASN M 407 20.83 -22.95 -82.20
N GLU M 408 19.96 -21.98 -81.97
CA GLU M 408 19.89 -21.39 -80.65
C GLU M 408 18.73 -22.00 -79.86
N PRO M 409 18.89 -22.19 -78.56
CA PRO M 409 17.84 -22.80 -77.76
C PRO M 409 16.65 -21.88 -77.57
N VAL M 410 15.49 -22.51 -77.34
CA VAL M 410 14.29 -21.75 -77.03
C VAL M 410 14.47 -21.02 -75.72
N GLN M 411 14.06 -19.76 -75.68
CA GLN M 411 14.29 -18.88 -74.54
C GLN M 411 12.99 -18.61 -73.82
N PHE M 412 13.00 -18.82 -72.50
CA PHE M 412 11.85 -18.56 -71.65
C PHE M 412 12.09 -17.29 -70.85
N VAL M 413 11.00 -16.57 -70.58
CA VAL M 413 11.06 -15.29 -69.87
C VAL M 413 10.22 -15.39 -68.60
N GLY M 414 10.78 -14.96 -67.49
CA GLY M 414 10.06 -14.96 -66.23
C GLY M 414 10.02 -13.58 -65.60
N LYS M 415 8.98 -13.31 -64.82
CA LYS M 415 8.77 -11.98 -64.24
C LYS M 415 9.17 -11.90 -62.78
N VAL M 416 9.80 -12.93 -62.23
CA VAL M 416 10.28 -12.92 -60.85
C VAL M 416 11.71 -13.44 -60.82
N SER M 417 12.57 -12.74 -60.06
CA SER M 417 13.98 -13.16 -59.92
C SER M 417 14.38 -13.06 -58.45
N TYR M 418 15.69 -13.05 -58.17
CA TYR M 418 16.16 -12.89 -56.76
C TYR M 418 17.48 -12.12 -56.73
N ASN M 419 17.81 -11.52 -55.59
CA ASN M 419 19.08 -10.76 -55.46
C ASN M 419 20.23 -11.74 -55.23
N MET M 420 20.71 -12.39 -56.30
CA MET M 420 21.82 -13.37 -56.19
C MET M 420 22.55 -13.19 -54.84
N MET N 1 9.43 -15.93 -77.30
CA MET N 1 9.49 -15.81 -75.85
C MET N 1 8.26 -16.46 -75.19
N LYS N 2 8.50 -17.51 -74.41
CA LYS N 2 7.46 -18.16 -73.63
C LYS N 2 7.49 -17.62 -72.22
N GLU N 3 6.33 -17.23 -71.71
CA GLU N 3 6.21 -16.57 -70.42
C GLU N 3 5.97 -17.61 -69.32
N LEU N 4 6.72 -17.49 -68.24
CA LEU N 4 6.59 -18.37 -67.09
C LEU N 4 5.79 -17.66 -66.00
N ILE N 5 4.72 -18.28 -65.54
CA ILE N 5 3.99 -17.77 -64.41
C ILE N 5 4.71 -18.19 -63.13
N TYR N 6 4.49 -17.44 -62.06
CA TYR N 6 5.09 -17.74 -60.77
C TYR N 6 4.00 -18.15 -59.79
N ILE N 7 4.23 -19.26 -59.09
CA ILE N 7 3.30 -19.79 -58.11
C ILE N 7 3.77 -19.35 -56.72
N HIS N 8 2.92 -18.62 -56.01
CA HIS N 8 3.27 -18.15 -54.68
C HIS N 8 3.39 -19.32 -53.72
N GLU N 9 4.33 -19.20 -52.79
CA GLU N 9 4.60 -20.29 -51.86
C GLU N 9 3.48 -20.38 -50.82
N PRO N 10 2.82 -21.52 -50.69
CA PRO N 10 1.80 -21.67 -49.65
C PRO N 10 2.42 -21.66 -48.27
N ASN N 11 1.59 -21.28 -47.29
CA ASN N 11 2.03 -21.10 -45.92
C ASN N 11 1.61 -22.28 -45.06
N ILE N 12 2.50 -22.68 -44.15
CA ILE N 12 2.26 -23.77 -43.23
C ILE N 12 2.07 -23.21 -41.82
N LEU N 13 1.00 -23.64 -41.16
CA LEU N 13 0.65 -23.10 -39.86
C LEU N 13 1.67 -23.49 -38.80
N PHE N 14 1.67 -22.73 -37.71
CA PHE N 14 2.47 -23.02 -36.53
C PHE N 14 1.69 -22.63 -35.29
N ALA N 15 2.38 -22.48 -34.16
CA ALA N 15 1.70 -22.09 -32.94
C ALA N 15 1.08 -20.71 -33.08
N ASN N 16 -0.06 -20.52 -32.41
CA ASN N 16 -0.80 -19.25 -32.36
C ASN N 16 -1.39 -18.87 -33.72
N GLY N 17 -1.58 -19.83 -34.61
CA GLY N 17 -2.07 -19.52 -35.94
C GLY N 17 -1.10 -18.77 -36.80
N GLN N 18 0.16 -18.64 -36.38
CA GLN N 18 1.14 -17.90 -37.15
C GLN N 18 1.63 -18.71 -38.33
N LYS N 19 1.97 -18.02 -39.42
CA LYS N 19 2.31 -18.64 -40.68
C LYS N 19 3.71 -18.23 -41.09
N CYS N 20 4.50 -19.20 -41.55
CA CYS N 20 5.79 -18.93 -42.14
C CYS N 20 5.99 -19.93 -43.28
N ALA N 21 6.86 -19.56 -44.23
CA ALA N 21 7.07 -20.40 -45.39
C ALA N 21 8.11 -21.48 -45.19
N ASP N 22 8.93 -21.39 -44.15
CA ASP N 22 9.95 -22.38 -43.86
C ASP N 22 9.61 -23.09 -42.57
N PRO N 23 9.50 -24.41 -42.55
CA PRO N 23 9.30 -25.10 -41.28
C PRO N 23 10.40 -24.85 -40.28
N ARG N 24 11.65 -24.73 -40.74
CA ARG N 24 12.75 -24.45 -39.82
C ARG N 24 12.65 -23.06 -39.19
N ASP N 25 11.90 -22.15 -39.81
CA ASP N 25 11.74 -20.81 -39.27
C ASP N 25 10.49 -20.72 -38.40
N GLY N 26 9.36 -21.20 -38.92
CA GLY N 26 8.14 -21.17 -38.14
C GLY N 26 8.22 -21.98 -36.87
N LEU N 27 9.00 -23.06 -36.89
CA LEU N 27 9.26 -23.79 -35.66
C LEU N 27 10.14 -22.99 -34.71
N ALA N 28 11.25 -22.45 -35.23
CA ALA N 28 12.19 -21.72 -34.38
C ALA N 28 11.58 -20.46 -33.80
N LEU N 29 10.79 -19.73 -34.59
CA LEU N 29 10.22 -18.48 -34.12
C LEU N 29 8.95 -18.70 -33.32
N PHE N 30 8.11 -19.63 -33.74
CA PHE N 30 6.77 -19.76 -33.18
C PHE N 30 6.50 -21.09 -32.50
N GLY N 31 7.15 -22.17 -32.93
CA GLY N 31 6.98 -23.45 -32.28
C GLY N 31 5.98 -24.34 -32.97
N PRO N 32 5.84 -25.58 -32.49
CA PRO N 32 4.95 -26.53 -33.15
C PRO N 32 3.48 -26.15 -33.02
N PHE N 33 2.68 -26.66 -33.94
CA PHE N 33 1.26 -26.37 -33.95
C PHE N 33 0.58 -26.89 -32.69
N THR N 34 0.87 -28.14 -32.32
CA THR N 34 0.41 -28.70 -31.06
C THR N 34 1.59 -29.30 -30.31
N LYS N 35 1.64 -29.06 -29.01
CA LYS N 35 2.76 -29.48 -28.18
C LYS N 35 2.41 -30.77 -27.46
N ILE N 36 3.43 -31.59 -27.22
CA ILE N 36 3.30 -32.75 -26.39
C ILE N 36 4.01 -32.47 -25.07
N TYR N 37 3.68 -33.24 -24.04
CA TYR N 37 4.28 -33.03 -22.73
C TYR N 37 5.76 -33.36 -22.73
N GLY N 38 6.13 -34.45 -23.40
CA GLY N 38 7.53 -34.84 -23.45
C GLY N 38 7.64 -36.17 -24.17
N ILE N 39 8.88 -36.56 -24.42
CA ILE N 39 9.19 -37.79 -25.14
C ILE N 39 9.98 -38.71 -24.24
N LYS N 40 9.48 -39.93 -24.04
CA LYS N 40 10.17 -40.95 -23.27
C LYS N 40 10.88 -41.88 -24.24
N SER N 41 12.20 -41.74 -24.33
CA SER N 41 12.96 -42.50 -25.31
C SER N 41 13.03 -43.97 -24.94
N GLY N 42 13.31 -44.78 -25.95
CA GLY N 42 13.57 -46.20 -25.75
C GLY N 42 14.61 -46.67 -26.74
N VAL N 43 15.69 -47.26 -26.24
CA VAL N 43 16.85 -47.60 -27.06
C VAL N 43 17.01 -49.11 -27.08
N VAL N 44 17.16 -49.67 -28.27
CA VAL N 44 17.39 -51.09 -28.47
C VAL N 44 18.68 -51.22 -29.25
N GLY N 45 19.79 -51.37 -28.55
CA GLY N 45 21.07 -51.47 -29.21
C GLY N 45 22.16 -51.89 -28.25
N THR N 46 23.39 -51.87 -28.76
CA THR N 46 24.54 -52.25 -27.95
C THR N 46 24.85 -51.18 -26.92
N GLN N 47 25.78 -51.49 -26.02
CA GLN N 47 26.20 -50.52 -25.03
C GLN N 47 26.83 -49.30 -25.69
N TYR N 48 27.55 -49.51 -26.78
CA TYR N 48 28.10 -48.39 -27.54
C TYR N 48 26.99 -47.49 -28.08
N GLY N 49 25.93 -48.11 -28.61
CA GLY N 49 24.84 -47.32 -29.17
C GLY N 49 24.12 -46.48 -28.12
N LEU N 50 23.86 -47.06 -26.96
CA LEU N 50 23.17 -46.32 -25.90
C LEU N 50 23.97 -45.11 -25.46
N SER N 51 25.29 -45.26 -25.32
CA SER N 51 26.13 -44.13 -24.95
C SER N 51 26.09 -43.05 -26.00
N ILE N 52 26.13 -43.44 -27.28
CA ILE N 52 26.05 -42.46 -28.37
C ILE N 52 24.71 -41.76 -28.36
N PHE N 53 23.62 -42.53 -28.23
CA PHE N 53 22.29 -41.94 -28.22
C PHE N 53 22.12 -41.00 -27.04
N LYS N 54 22.56 -41.41 -25.86
CA LYS N 54 22.50 -40.52 -24.71
C LYS N 54 23.35 -39.28 -24.94
N ASN N 55 24.48 -39.44 -25.62
CA ASN N 55 25.30 -38.28 -25.95
C ASN N 55 24.59 -37.34 -26.89
N TYR N 56 23.93 -37.88 -27.92
CA TYR N 56 23.34 -37.03 -28.95
C TYR N 56 22.11 -36.29 -28.43
N ILE N 57 21.22 -36.99 -27.71
CA ILE N 57 20.02 -36.35 -27.20
C ILE N 57 20.39 -35.21 -26.26
N ASN N 58 21.40 -35.43 -25.40
CA ASN N 58 21.88 -34.35 -24.56
C ASN N 58 22.54 -33.26 -25.38
N HIS N 59 23.13 -33.63 -26.52
CA HIS N 59 23.78 -32.63 -27.37
C HIS N 59 22.78 -31.65 -27.96
N ILE N 60 21.60 -32.14 -28.38
CA ILE N 60 20.67 -31.28 -29.11
C ILE N 60 19.72 -30.49 -28.22
N GLN N 61 19.86 -30.60 -26.90
CA GLN N 61 19.08 -29.74 -26.02
C GLN N 61 19.51 -28.29 -26.14
N LYS N 62 20.79 -28.05 -26.27
CA LYS N 62 21.40 -26.73 -26.36
C LYS N 62 21.48 -26.29 -27.82
N PRO N 63 21.56 -24.98 -28.07
CA PRO N 63 21.64 -24.51 -29.47
C PRO N 63 22.86 -25.06 -30.18
N ILE N 64 22.69 -25.33 -31.48
CA ILE N 64 23.72 -25.91 -32.31
C ILE N 64 24.10 -24.93 -33.40
N TYR N 65 25.41 -24.77 -33.60
CA TYR N 65 25.97 -23.87 -34.60
C TYR N 65 26.55 -24.68 -35.74
N ASN N 66 26.09 -24.41 -36.95
CA ASN N 66 26.72 -24.92 -38.16
C ASN N 66 27.54 -23.81 -38.79
N ALA N 67 28.47 -24.18 -39.67
CA ALA N 67 29.40 -23.21 -40.23
C ALA N 67 28.68 -22.11 -40.98
N ASN N 68 27.68 -22.47 -41.78
CA ASN N 68 26.94 -21.51 -42.59
C ASN N 68 25.63 -21.15 -41.90
N ASN N 69 25.76 -20.35 -40.83
CA ASN N 69 24.59 -19.91 -40.08
C ASN N 69 23.69 -18.97 -40.89
N ILE N 70 24.25 -18.28 -41.89
CA ILE N 70 23.47 -17.31 -42.65
C ILE N 70 22.41 -18.02 -43.50
N THR N 71 22.82 -19.07 -44.21
CA THR N 71 21.92 -19.67 -45.20
C THR N 71 20.89 -20.57 -44.53
N ARG N 72 21.34 -21.68 -43.94
CA ARG N 72 20.44 -22.60 -43.28
C ARG N 72 20.36 -22.27 -41.79
N PRO N 73 19.16 -22.08 -41.25
CA PRO N 73 19.04 -21.59 -39.88
C PRO N 73 19.65 -22.53 -38.86
N MET N 74 20.14 -21.95 -37.77
CA MET N 74 20.68 -22.71 -36.65
C MET N 74 19.58 -23.47 -35.93
N PHE N 75 19.99 -24.40 -35.07
CA PHE N 75 19.06 -25.14 -34.24
C PHE N 75 19.04 -24.52 -32.86
N PRO N 76 17.94 -23.90 -32.43
CA PRO N 76 17.90 -23.32 -31.08
C PRO N 76 18.05 -24.34 -29.95
N GLY N 77 17.62 -25.57 -30.15
CA GLY N 77 17.63 -26.59 -29.11
C GLY N 77 16.26 -27.22 -29.03
N PHE N 78 16.22 -28.49 -28.64
CA PHE N 78 14.98 -29.25 -28.73
C PHE N 78 13.89 -28.65 -27.86
N GLU N 79 14.17 -28.44 -26.58
CA GLU N 79 13.17 -27.86 -25.70
C GLU N 79 12.88 -26.42 -26.05
N ALA N 80 13.84 -25.74 -26.69
CA ALA N 80 13.64 -24.36 -27.09
C ALA N 80 12.71 -24.22 -28.27
N VAL N 81 12.69 -25.20 -29.17
CA VAL N 81 11.88 -25.13 -30.37
C VAL N 81 10.50 -25.71 -30.11
N PHE N 82 10.47 -26.93 -29.58
CA PHE N 82 9.24 -27.70 -29.47
C PHE N 82 8.53 -27.49 -28.14
N GLY N 83 9.24 -27.05 -27.11
CA GLY N 83 8.65 -26.77 -25.83
C GLY N 83 8.56 -27.96 -24.90
N CYS N 84 8.72 -29.16 -25.41
CA CYS N 84 8.66 -30.36 -24.59
C CYS N 84 10.05 -30.80 -24.17
N LYS N 85 10.10 -31.78 -23.27
CA LYS N 85 11.34 -32.33 -22.76
C LYS N 85 11.66 -33.64 -23.46
N TRP N 86 12.92 -33.81 -23.83
CA TRP N 86 13.41 -35.05 -24.41
C TRP N 86 14.72 -35.39 -23.68
N ASP N 87 14.60 -36.13 -22.58
CA ASP N 87 15.73 -36.37 -21.70
C ASP N 87 16.39 -37.71 -22.02
N ALA N 88 17.73 -37.70 -22.01
CA ALA N 88 18.51 -38.91 -22.23
C ALA N 88 18.68 -39.75 -20.98
N ASP N 89 18.19 -39.28 -19.83
CA ASP N 89 18.24 -40.03 -18.59
C ASP N 89 16.96 -40.81 -18.32
N ASN N 90 15.99 -40.76 -19.22
CA ASN N 90 14.73 -41.47 -19.09
C ASN N 90 14.65 -42.62 -20.09
N VAL N 91 15.80 -43.14 -20.49
CA VAL N 91 15.91 -44.13 -21.55
C VAL N 91 15.55 -45.49 -20.99
N VAL N 92 14.56 -46.14 -21.59
CA VAL N 92 14.21 -47.52 -21.24
C VAL N 92 15.08 -48.41 -22.13
N PHE N 93 16.32 -48.61 -21.71
CA PHE N 93 17.30 -49.30 -22.54
C PHE N 93 17.04 -50.79 -22.55
N LYS N 94 17.09 -51.38 -23.74
CA LYS N 94 16.96 -52.83 -23.93
C LYS N 94 18.22 -53.28 -24.66
N GLU N 95 19.15 -53.89 -23.94
CA GLU N 95 20.44 -54.23 -24.50
C GLU N 95 20.32 -55.34 -25.55
N VAL N 96 21.05 -55.18 -26.65
CA VAL N 96 21.26 -56.24 -27.62
C VAL N 96 22.76 -56.48 -27.67
N THR N 97 23.19 -57.67 -27.26
CA THR N 97 24.60 -57.97 -27.15
C THR N 97 25.22 -58.15 -28.53
N LYS N 98 26.44 -57.63 -28.70
CA LYS N 98 27.11 -57.72 -29.98
C LYS N 98 27.33 -59.18 -30.38
N GLU N 99 27.61 -60.05 -29.42
CA GLU N 99 27.77 -61.46 -29.72
C GLU N 99 26.49 -62.07 -30.25
N GLU N 100 25.33 -61.62 -29.74
CA GLU N 100 24.06 -62.12 -30.25
C GLU N 100 23.90 -61.83 -31.73
N ILE N 101 24.50 -60.73 -32.20
CA ILE N 101 24.47 -60.42 -33.62
C ILE N 101 25.24 -61.47 -34.41
N GLU N 102 26.38 -61.92 -33.86
CA GLU N 102 27.28 -62.80 -34.61
C GLU N 102 26.60 -64.11 -34.99
N LYS N 103 25.93 -64.76 -34.04
CA LYS N 103 25.33 -66.06 -34.32
C LYS N 103 24.25 -65.96 -35.40
N ILE N 104 23.43 -64.91 -35.34
CA ILE N 104 22.48 -64.68 -36.42
C ILE N 104 23.20 -64.29 -37.70
N LEU N 105 24.32 -63.57 -37.58
CA LEU N 105 25.05 -63.11 -38.76
C LEU N 105 25.55 -64.27 -39.61
N TYR N 106 25.96 -65.37 -38.98
CA TYR N 106 26.58 -66.49 -39.70
C TYR N 106 25.59 -67.43 -40.37
N THR N 107 24.28 -67.19 -40.34
CA THR N 107 23.34 -68.07 -41.01
C THR N 107 23.53 -68.00 -42.53
N GLU N 108 23.46 -69.17 -43.17
CA GLU N 108 23.74 -69.24 -44.61
C GLU N 108 22.67 -68.49 -45.42
N SER N 109 21.40 -68.77 -45.16
CA SER N 109 20.33 -68.24 -45.98
C SER N 109 20.10 -66.76 -45.68
N ASN N 110 20.04 -65.95 -46.73
CA ASN N 110 19.80 -64.52 -46.57
C ASN N 110 18.42 -64.26 -45.99
N HIS N 111 17.43 -65.06 -46.38
CA HIS N 111 16.09 -64.93 -45.82
C HIS N 111 16.10 -65.17 -44.31
N LYS N 112 16.84 -66.18 -43.86
CA LYS N 112 16.93 -66.42 -42.43
C LYS N 112 17.76 -65.34 -41.74
N ARG N 113 18.73 -64.75 -42.44
CA ARG N 113 19.57 -63.73 -41.83
C ARG N 113 18.77 -62.46 -41.53
N THR N 114 18.03 -61.95 -42.52
CA THR N 114 17.31 -60.71 -42.31
C THR N 114 16.11 -60.90 -41.39
N TYR N 115 15.47 -62.07 -41.45
CA TYR N 115 14.29 -62.29 -40.63
C TYR N 115 14.66 -62.41 -39.16
N ASP N 116 15.77 -63.10 -38.87
CA ASP N 116 16.17 -63.26 -37.47
C ASP N 116 16.60 -61.93 -36.87
N LEU N 117 17.32 -61.11 -37.63
CA LEU N 117 17.71 -59.78 -37.14
C LEU N 117 16.47 -58.92 -36.87
N VAL N 118 15.49 -58.96 -37.77
CA VAL N 118 14.26 -58.23 -37.52
C VAL N 118 13.56 -58.79 -36.29
N SER N 119 13.48 -60.11 -36.17
CA SER N 119 12.86 -60.71 -35.00
C SER N 119 13.65 -60.42 -33.73
N LEU N 120 14.96 -60.20 -33.86
CA LEU N 120 15.77 -59.85 -32.71
C LEU N 120 15.32 -58.52 -32.10
N PHE N 121 15.23 -57.47 -32.93
CA PHE N 121 14.93 -56.15 -32.41
C PHE N 121 13.47 -56.04 -31.99
N ILE N 122 12.55 -56.50 -32.83
CA ILE N 122 11.14 -56.26 -32.57
C ILE N 122 10.67 -57.04 -31.34
N ASN N 123 11.21 -58.24 -31.13
CA ASN N 123 10.79 -59.03 -29.98
C ASN N 123 11.10 -58.31 -28.68
N LYS N 124 12.29 -57.73 -28.57
CA LYS N 124 12.63 -56.97 -27.37
C LYS N 124 11.70 -55.77 -27.21
N ILE N 125 11.35 -55.22 -28.34
CA ILE N 125 10.48 -54.04 -28.32
C ILE N 125 9.10 -54.60 -28.08
N ILE N 126 8.83 -55.83 -28.50
CA ILE N 126 7.41 -56.28 -28.38
C ILE N 126 7.08 -56.66 -26.94
N THR N 127 8.06 -57.20 -26.20
CA THR N 127 7.84 -57.59 -24.79
C THR N 127 7.76 -56.33 -23.96
N ALA N 128 8.74 -55.47 -24.10
CA ALA N 128 8.75 -54.29 -23.24
C ALA N 128 7.50 -53.49 -23.50
N ASN N 129 6.81 -53.78 -24.61
CA ASN N 129 5.53 -53.10 -24.92
C ASN N 129 4.38 -53.81 -24.20
N LYS N 130 4.64 -55.00 -23.63
CA LYS N 130 3.58 -55.78 -22.96
C LYS N 130 3.98 -56.14 -21.53
N ASN N 131 5.28 -56.12 -21.22
CA ASN N 131 5.74 -56.55 -19.88
C ASN N 131 6.12 -55.34 -19.02
N GLU N 132 6.71 -54.30 -19.63
CA GLU N 132 7.17 -53.12 -18.86
C GLU N 132 5.96 -52.24 -18.48
N ASP N 133 5.97 -51.69 -17.27
CA ASP N 133 4.87 -50.78 -16.83
C ASP N 133 5.22 -49.35 -17.24
N GLU N 134 6.35 -49.17 -17.92
CA GLU N 134 6.78 -47.82 -18.40
C GLU N 134 6.05 -47.50 -19.71
N LYS N 135 5.97 -46.22 -20.07
CA LYS N 135 5.29 -45.81 -21.33
C LYS N 135 6.35 -45.22 -22.28
N VAL N 136 6.89 -46.05 -23.18
CA VAL N 136 7.92 -45.60 -24.10
C VAL N 136 7.24 -44.95 -25.28
N ASP N 137 7.57 -43.69 -25.55
CA ASP N 137 6.90 -42.93 -26.59
C ASP N 137 7.36 -43.35 -27.98
N VAL N 138 8.66 -43.24 -28.24
CA VAL N 138 9.26 -43.63 -29.52
C VAL N 138 10.40 -44.58 -29.23
N TRP N 139 10.42 -45.71 -29.93
CA TRP N 139 11.46 -46.71 -29.78
C TRP N 139 12.56 -46.44 -30.79
N PHE N 140 13.74 -46.05 -30.31
CA PHE N 140 14.87 -45.70 -31.16
C PHE N 140 15.80 -46.90 -31.26
N LEU N 141 15.96 -47.42 -32.47
CA LEU N 141 16.75 -48.62 -32.71
C LEU N 141 18.10 -48.18 -33.26
N VAL N 142 19.08 -47.99 -32.37
CA VAL N 142 20.41 -47.58 -32.79
C VAL N 142 21.10 -48.83 -33.32
N ILE N 143 20.93 -49.09 -34.62
CA ILE N 143 21.41 -50.33 -35.23
C ILE N 143 22.91 -50.22 -35.52
N PRO N 144 23.70 -51.22 -35.17
CA PRO N 144 25.13 -51.20 -35.51
C PRO N 144 25.33 -51.30 -37.01
N ASP N 145 26.48 -50.78 -37.46
CA ASP N 145 26.71 -50.66 -38.90
C ASP N 145 26.87 -52.03 -39.56
N GLU N 146 27.27 -53.05 -38.81
CA GLU N 146 27.36 -54.39 -39.39
C GLU N 146 25.99 -54.87 -39.86
N ILE N 147 24.93 -54.43 -39.18
CA ILE N 147 23.58 -54.83 -39.57
C ILE N 147 23.25 -54.32 -40.96
N TYR N 148 23.69 -53.10 -41.27
CA TYR N 148 23.30 -52.48 -42.54
C TYR N 148 23.84 -53.24 -43.75
N GLN N 149 25.14 -53.51 -43.76
CA GLN N 149 25.76 -53.92 -45.02
C GLN N 149 26.06 -55.42 -45.08
N TYR N 150 26.37 -56.06 -43.95
CA TYR N 150 26.41 -57.52 -43.92
C TYR N 150 25.06 -58.11 -44.28
N CYS N 151 23.99 -57.56 -43.71
CA CYS N 151 22.63 -57.98 -44.05
C CYS N 151 22.19 -57.17 -45.27
N ARG N 152 22.43 -57.71 -46.45
CA ARG N 152 22.10 -57.02 -47.70
C ARG N 152 21.99 -58.02 -48.85
N ALA N 204 12.72 -58.03 -48.38
CA ALA N 204 14.05 -58.60 -48.18
C ALA N 204 15.02 -57.53 -47.69
N GLN N 205 14.47 -56.46 -47.12
CA GLN N 205 15.25 -55.38 -46.54
C GLN N 205 15.01 -55.33 -45.04
N PHE N 206 16.09 -55.11 -44.29
CA PHE N 206 15.99 -55.05 -42.83
C PHE N 206 15.03 -53.93 -42.42
N HIS N 207 15.25 -52.71 -42.92
CA HIS N 207 14.43 -51.58 -42.51
C HIS N 207 12.97 -51.79 -42.89
N ASP N 208 12.73 -52.28 -44.10
CA ASP N 208 11.36 -52.43 -44.56
C ASP N 208 10.65 -53.56 -43.83
N GLN N 209 11.35 -54.66 -43.57
CA GLN N 209 10.75 -55.78 -42.85
C GLN N 209 10.37 -55.37 -41.44
N LEU N 210 11.23 -54.62 -40.76
CA LEU N 210 11.02 -54.30 -39.36
C LEU N 210 9.74 -53.49 -39.16
N LYS N 211 9.51 -52.50 -40.01
CA LYS N 211 8.35 -51.63 -39.81
C LYS N 211 7.05 -52.36 -40.05
N ALA N 212 7.01 -53.29 -41.01
CA ALA N 212 5.76 -53.97 -41.33
C ALA N 212 5.34 -54.94 -40.22
N ARG N 213 6.31 -55.61 -39.61
CA ARG N 213 5.98 -56.56 -38.55
C ARG N 213 5.56 -55.88 -37.26
N LEU N 214 5.94 -54.62 -37.06
CA LEU N 214 5.50 -53.87 -35.89
C LEU N 214 4.16 -53.17 -36.11
N LEU N 215 3.61 -53.27 -37.32
CA LEU N 215 2.34 -52.60 -37.61
C LEU N 215 1.20 -53.22 -36.82
N GLU N 216 1.23 -54.54 -36.62
CA GLU N 216 0.19 -55.22 -35.87
C GLU N 216 0.18 -54.86 -34.39
N HIS N 217 1.23 -54.22 -33.89
CA HIS N 217 1.28 -53.78 -32.51
C HIS N 217 1.18 -52.28 -32.35
N THR N 218 1.28 -51.51 -33.44
CA THR N 218 1.22 -50.05 -33.43
C THR N 218 2.25 -49.46 -32.48
N ILE N 219 3.52 -49.68 -32.83
CA ILE N 219 4.64 -49.17 -32.05
C ILE N 219 5.45 -48.20 -32.90
N PRO N 220 5.42 -46.90 -32.61
CA PRO N 220 6.28 -45.96 -33.34
C PRO N 220 7.74 -46.28 -33.10
N THR N 221 8.51 -46.28 -34.18
CA THR N 221 9.94 -46.55 -34.11
C THR N 221 10.69 -45.54 -34.96
N GLN N 222 11.93 -45.28 -34.59
CA GLN N 222 12.79 -44.36 -35.32
C GLN N 222 14.18 -45.00 -35.41
N ILE N 223 14.47 -45.62 -36.54
CA ILE N 223 15.75 -46.29 -36.73
C ILE N 223 16.83 -45.25 -36.96
N LEU N 224 17.90 -45.32 -36.18
CA LEU N 224 19.02 -44.40 -36.28
C LEU N 224 20.29 -45.22 -36.43
N ARG N 225 20.92 -45.16 -37.59
CA ARG N 225 22.19 -45.85 -37.77
C ARG N 225 23.26 -45.21 -36.90
N GLU N 226 24.07 -46.05 -36.25
CA GLU N 226 25.13 -45.54 -35.38
C GLU N 226 26.11 -44.66 -36.13
N SER N 227 26.28 -44.88 -37.44
CA SER N 227 27.15 -44.02 -38.22
C SER N 227 26.62 -42.60 -38.33
N THR N 228 25.33 -42.40 -38.03
CA THR N 228 24.74 -41.07 -38.10
C THR N 228 24.93 -40.29 -36.80
N LEU N 229 24.60 -40.90 -35.67
CA LEU N 229 24.66 -40.18 -34.40
C LEU N 229 26.10 -39.92 -33.95
N ALA N 230 27.03 -40.78 -34.34
CA ALA N 230 28.45 -40.66 -34.00
C ALA N 230 29.29 -40.44 -35.24
N TRP N 231 28.83 -39.56 -36.13
CA TRP N 231 29.50 -39.35 -37.41
C TRP N 231 30.96 -38.92 -37.24
N ARG N 232 31.27 -38.25 -36.13
CA ARG N 232 32.66 -37.87 -35.88
C ARG N 232 33.53 -39.09 -35.64
N ASP N 233 32.94 -40.20 -35.20
CA ASP N 233 33.68 -41.37 -34.76
C ASP N 233 33.63 -42.52 -35.77
N PHE N 234 33.34 -42.23 -37.04
CA PHE N 234 33.32 -43.24 -38.09
C PHE N 234 34.01 -42.66 -39.34
N LYS N 235 35.21 -43.16 -39.63
CA LYS N 235 36.04 -42.65 -40.71
C LYS N 235 36.47 -43.80 -41.60
N ASN N 236 36.65 -43.50 -42.90
CA ASN N 236 37.08 -44.51 -43.87
C ASN N 236 38.59 -44.54 -44.01
N LYS N 237 39.26 -44.70 -42.87
CA LYS N 237 40.70 -44.93 -42.80
C LYS N 237 41.51 -43.72 -43.26
N PHE N 238 40.81 -42.66 -43.71
CA PHE N 238 41.48 -41.44 -44.13
C PHE N 238 41.63 -40.50 -42.95
N GLY N 239 40.81 -40.68 -41.93
CA GLY N 239 40.71 -39.77 -40.81
C GLY N 239 39.57 -38.77 -40.91
N ALA N 240 38.91 -38.69 -42.07
CA ALA N 240 37.76 -37.83 -42.24
C ALA N 240 36.50 -38.67 -42.18
N PRO N 241 35.39 -38.14 -41.65
CA PRO N 241 34.19 -38.97 -41.46
C PRO N 241 33.66 -39.55 -42.76
N LYS N 242 33.04 -40.73 -42.68
CA LYS N 242 32.45 -41.34 -43.86
C LYS N 242 31.45 -40.41 -44.52
N ARG N 243 30.68 -39.68 -43.71
CA ARG N 243 29.85 -38.59 -44.18
C ARG N 243 30.09 -37.40 -43.27
N ASP N 244 30.33 -36.24 -43.87
CA ASP N 244 30.62 -35.04 -43.10
C ASP N 244 29.38 -34.21 -42.79
N PHE N 245 28.95 -34.26 -41.54
CA PHE N 245 27.78 -33.50 -41.10
C PHE N 245 28.16 -32.15 -40.49
N SER N 246 29.43 -31.78 -40.54
CA SER N 246 29.89 -30.55 -39.88
C SER N 246 29.10 -29.30 -40.25
N LYS N 247 28.94 -29.05 -41.53
CA LYS N 247 28.24 -27.84 -41.96
C LYS N 247 26.74 -27.98 -41.89
N ILE N 248 26.25 -29.18 -41.59
CA ILE N 248 24.81 -29.40 -41.59
C ILE N 248 24.35 -29.97 -40.26
N GLU N 249 25.08 -29.67 -39.19
CA GLU N 249 24.70 -30.19 -37.87
C GLU N 249 23.29 -29.77 -37.50
N GLY N 250 22.97 -28.48 -37.65
CA GLY N 250 21.61 -28.04 -37.38
C GLY N 250 20.60 -28.67 -38.30
N HIS N 251 20.98 -28.88 -39.56
CA HIS N 251 20.10 -29.57 -40.49
C HIS N 251 19.82 -31.00 -40.02
N LEU N 252 20.85 -31.69 -39.54
CA LEU N 252 20.65 -33.02 -38.99
C LEU N 252 19.76 -32.98 -37.75
N ALA N 253 20.08 -32.08 -36.82
CA ALA N 253 19.32 -32.01 -35.57
C ALA N 253 17.87 -31.60 -35.82
N TRP N 254 17.64 -30.74 -36.81
CA TRP N 254 16.28 -30.34 -37.15
C TRP N 254 15.46 -31.54 -37.60
N THR N 255 16.06 -32.40 -38.44
CA THR N 255 15.31 -33.48 -39.05
C THR N 255 14.96 -34.57 -38.05
N ILE N 256 15.94 -34.97 -37.22
CA ILE N 256 15.69 -36.02 -36.24
C ILE N 256 14.67 -35.55 -35.21
N SER N 257 14.81 -34.31 -34.75
CA SER N 257 13.95 -33.80 -33.71
C SER N 257 12.49 -33.76 -34.14
N THR N 258 12.22 -33.22 -35.33
CA THR N 258 10.83 -33.15 -35.79
C THR N 258 10.29 -34.54 -36.11
N ALA N 259 11.16 -35.45 -36.55
CA ALA N 259 10.72 -36.83 -36.73
C ALA N 259 10.35 -37.46 -35.40
N ALA N 260 11.22 -37.33 -34.40
CA ALA N 260 10.90 -37.83 -33.07
C ALA N 260 9.70 -37.10 -32.49
N PHE N 261 9.62 -35.79 -32.69
CA PHE N 261 8.47 -35.02 -32.22
C PHE N 261 7.20 -35.50 -32.88
N TYR N 262 7.25 -35.79 -34.18
CA TYR N 262 6.05 -36.22 -34.88
C TYR N 262 5.62 -37.62 -34.43
N LYS N 263 6.58 -38.54 -34.33
CA LYS N 263 6.25 -39.90 -33.96
C LYS N 263 5.77 -40.04 -32.53
N ALA N 264 6.00 -39.03 -31.69
CA ALA N 264 5.56 -39.05 -30.31
C ALA N 264 4.20 -38.42 -30.11
N GLY N 265 3.48 -38.15 -31.20
CA GLY N 265 2.17 -37.54 -31.12
C GLY N 265 2.15 -36.05 -31.34
N GLY N 266 3.26 -35.44 -31.70
CA GLY N 266 3.31 -34.01 -31.96
C GLY N 266 3.01 -33.69 -33.41
N LYS N 267 2.51 -32.48 -33.62
CA LYS N 267 2.23 -31.97 -34.97
C LYS N 267 3.10 -30.75 -35.21
N PRO N 268 4.29 -30.92 -35.79
CA PRO N 268 5.20 -29.77 -35.91
C PRO N 268 4.63 -28.62 -36.72
N TRP N 269 3.84 -28.91 -37.75
CA TRP N 269 3.18 -27.88 -38.54
C TRP N 269 2.06 -28.53 -39.33
N LYS N 270 1.15 -27.69 -39.81
CA LYS N 270 0.08 -28.16 -40.67
C LYS N 270 -0.16 -27.13 -41.77
N LEU N 271 -0.85 -27.57 -42.81
CA LEU N 271 -1.07 -26.73 -43.98
C LEU N 271 -2.43 -26.07 -43.90
N SER N 272 -2.51 -24.86 -44.47
CA SER N 272 -3.78 -24.14 -44.55
C SER N 272 -4.08 -23.58 -45.93
N ASP N 273 -3.16 -23.68 -46.89
CA ASP N 273 -3.36 -23.12 -48.22
C ASP N 273 -3.87 -24.17 -49.21
N ILE N 274 -5.02 -24.77 -48.92
CA ILE N 274 -5.69 -25.64 -49.86
C ILE N 274 -7.15 -25.24 -49.95
N ARG N 275 -7.76 -25.57 -51.07
CA ARG N 275 -9.18 -25.37 -51.25
C ARG N 275 -9.95 -26.30 -50.33
N SER N 276 -10.90 -25.75 -49.59
CA SER N 276 -11.70 -26.57 -48.69
C SER N 276 -12.63 -27.47 -49.48
N GLY N 277 -13.03 -28.58 -48.86
CA GLY N 277 -13.91 -29.52 -49.50
C GLY N 277 -13.27 -30.40 -50.54
N VAL N 278 -11.94 -30.46 -50.58
CA VAL N 278 -11.21 -31.26 -51.55
C VAL N 278 -10.48 -32.37 -50.82
N CYS N 279 -10.54 -33.58 -51.37
CA CYS N 279 -9.89 -34.75 -50.82
C CYS N 279 -8.71 -35.11 -51.73
N TYR N 280 -7.53 -34.59 -51.39
CA TYR N 280 -6.34 -34.81 -52.19
C TYR N 280 -5.83 -36.23 -51.96
N LEU N 281 -6.11 -37.13 -52.90
CA LEU N 281 -5.78 -38.54 -52.77
C LEU N 281 -4.66 -38.89 -53.73
N GLY N 282 -3.61 -39.53 -53.24
CA GLY N 282 -2.46 -39.86 -54.06
C GLY N 282 -2.24 -41.35 -54.19
N LEU N 283 -2.00 -41.82 -55.41
CA LEU N 283 -1.91 -43.24 -55.70
C LEU N 283 -0.52 -43.60 -56.18
N VAL N 284 0.05 -44.66 -55.61
CA VAL N 284 1.36 -45.16 -55.99
C VAL N 284 1.30 -46.67 -56.15
N TYR N 285 1.85 -47.18 -57.25
CA TYR N 285 1.85 -48.61 -57.52
C TYR N 285 3.23 -49.19 -57.29
N LYS N 286 3.27 -50.36 -56.66
CA LYS N 286 4.51 -51.03 -56.33
C LYS N 286 4.56 -52.40 -56.99
N GLN N 287 5.72 -52.76 -57.53
CA GLN N 287 5.91 -54.05 -58.17
C GLN N 287 6.12 -55.12 -57.12
N ILE N 288 5.39 -56.22 -57.25
CA ILE N 288 5.52 -57.39 -56.38
C ILE N 288 5.85 -58.58 -57.26
N GLU N 289 6.93 -59.29 -56.92
CA GLU N 289 7.33 -60.47 -57.68
C GLU N 289 7.45 -61.68 -56.76
N PRO N 294 3.93 -60.97 -60.95
CA PRO N 294 3.35 -59.90 -61.77
C PRO N 294 2.30 -59.12 -61.01
N LYS N 295 2.55 -58.84 -59.74
CA LYS N 295 1.58 -58.23 -58.86
C LYS N 295 1.91 -56.77 -58.62
N ASN N 296 0.87 -55.92 -58.66
CA ASN N 296 1.07 -54.49 -58.43
C ASN N 296 0.22 -54.07 -57.25
N ALA N 297 0.82 -53.34 -56.31
CA ALA N 297 0.10 -52.94 -55.11
C ALA N 297 -0.15 -51.45 -55.09
N CYS N 298 -1.40 -51.05 -54.88
CA CYS N 298 -1.73 -49.62 -54.92
C CYS N 298 -2.00 -49.07 -53.53
N CYS N 299 -1.34 -47.96 -53.20
CA CYS N 299 -1.51 -47.36 -51.88
C CYS N 299 -1.99 -45.92 -51.99
N ALA N 300 -2.93 -45.52 -51.13
CA ALA N 300 -3.49 -44.18 -51.22
C ALA N 300 -3.23 -43.30 -50.00
N ALA N 301 -2.88 -42.04 -50.23
CA ALA N 301 -2.68 -41.11 -49.10
C ALA N 301 -3.64 -39.94 -49.26
N GLN N 302 -4.39 -39.59 -48.22
CA GLN N 302 -5.39 -38.53 -48.34
C GLN N 302 -5.16 -37.31 -47.45
N MET N 303 -5.26 -36.13 -48.04
CA MET N 303 -5.08 -34.90 -47.27
C MET N 303 -6.28 -33.96 -47.47
N PHE N 304 -6.91 -33.50 -46.39
CA PHE N 304 -8.05 -32.59 -46.49
C PHE N 304 -8.33 -31.71 -45.28
N LEU N 305 -8.99 -30.57 -45.47
CA LEU N 305 -9.38 -29.72 -44.34
C LEU N 305 -10.53 -30.33 -43.55
N ASP N 306 -10.51 -30.20 -42.23
CA ASP N 306 -11.63 -30.68 -41.42
C ASP N 306 -12.71 -29.63 -41.13
N ASN N 307 -13.63 -29.95 -40.21
CA ASN N 307 -14.71 -29.02 -39.85
C ASN N 307 -14.15 -27.72 -39.27
N GLY N 308 -13.05 -27.83 -38.53
CA GLY N 308 -12.43 -26.65 -37.94
C GLY N 308 -11.44 -26.06 -38.92
N ASP N 309 -11.49 -26.49 -40.18
CA ASP N 309 -10.58 -26.02 -41.22
C ASP N 309 -9.14 -26.36 -40.92
N GLY N 310 -8.92 -27.55 -40.38
CA GLY N 310 -7.57 -28.00 -40.12
C GLY N 310 -7.24 -29.21 -40.97
N THR N 311 -6.12 -29.16 -41.68
CA THR N 311 -5.76 -30.27 -42.56
C THR N 311 -5.51 -31.55 -41.80
N VAL N 312 -6.03 -32.65 -42.32
CA VAL N 312 -5.77 -33.93 -41.70
C VAL N 312 -4.97 -34.72 -42.71
N PHE N 313 -3.78 -35.16 -42.33
CA PHE N 313 -2.99 -35.97 -43.23
C PHE N 313 -2.96 -37.38 -42.70
N LYS N 314 -3.53 -38.31 -43.47
CA LYS N 314 -3.53 -39.70 -43.05
C LYS N 314 -3.52 -40.57 -44.30
N GLY N 315 -3.04 -41.79 -44.15
CA GLY N 315 -3.07 -42.71 -45.28
C GLY N 315 -4.45 -43.27 -45.48
N GLU N 316 -4.75 -43.81 -46.65
CA GLU N 316 -6.02 -44.50 -46.87
C GLU N 316 -5.60 -45.78 -47.55
N VAL N 317 -4.99 -46.69 -46.81
CA VAL N 317 -4.45 -47.89 -47.43
C VAL N 317 -5.13 -49.21 -47.10
N GLY N 318 -5.37 -50.02 -48.13
CA GLY N 318 -5.96 -51.33 -47.94
C GLY N 318 -5.14 -52.20 -48.86
N PRO N 319 -5.15 -53.52 -48.66
CA PRO N 319 -4.30 -54.27 -49.60
C PRO N 319 -5.03 -54.51 -50.91
N TRP N 320 -4.54 -53.91 -51.99
CA TRP N 320 -5.13 -54.13 -53.30
C TRP N 320 -4.04 -54.64 -54.22
N TYR N 321 -4.29 -55.76 -54.89
CA TYR N 321 -3.27 -56.35 -55.76
C TYR N 321 -3.77 -56.53 -57.18
N ASN N 322 -2.94 -56.15 -58.14
CA ASN N 322 -3.33 -56.28 -59.53
C ASN N 322 -2.54 -57.41 -60.17
N GLN N 323 -3.25 -58.41 -60.69
CA GLN N 323 -2.59 -59.53 -61.34
C GLN N 323 -2.94 -59.50 -62.81
N GLU N 324 -2.60 -58.41 -63.49
CA GLU N 324 -2.98 -58.25 -64.92
C GLU N 324 -1.72 -58.20 -65.79
N LYS N 325 -1.83 -58.56 -67.07
CA LYS N 325 -0.69 -58.46 -68.00
C LYS N 325 -0.29 -56.98 -68.07
N HIS N 326 -1.28 -56.09 -68.24
CA HIS N 326 -0.99 -54.63 -68.22
C HIS N 326 -0.74 -54.24 -66.76
N GLU N 327 0.24 -53.39 -66.50
CA GLU N 327 0.60 -53.05 -65.09
C GLU N 327 0.32 -51.59 -64.72
N PHE N 328 0.39 -51.27 -63.42
CA PHE N 328 0.22 -49.88 -62.92
C PHE N 328 -1.22 -49.37 -63.08
N HIS N 329 -2.21 -50.26 -63.05
CA HIS N 329 -3.64 -49.81 -63.12
C HIS N 329 -4.48 -50.59 -62.10
N LEU N 330 -5.80 -50.40 -62.12
CA LEU N 330 -6.67 -51.03 -61.13
C LEU N 330 -7.89 -51.65 -61.80
N ASN N 331 -8.26 -52.84 -61.35
CA ASN N 331 -9.48 -53.47 -61.82
C ASN N 331 -10.69 -52.69 -61.32
N PRO N 332 -11.84 -52.84 -61.99
CA PRO N 332 -13.06 -52.16 -61.52
C PRO N 332 -13.41 -52.52 -60.08
N LYS N 333 -13.20 -53.77 -59.67
CA LYS N 333 -13.51 -54.15 -58.30
C LYS N 333 -12.59 -53.44 -57.30
N GLU N 334 -11.28 -53.51 -57.54
CA GLU N 334 -10.33 -52.91 -56.61
C GLU N 334 -10.45 -51.39 -56.57
N ALA N 335 -10.63 -50.78 -57.74
CA ALA N 335 -10.67 -49.31 -57.81
C ALA N 335 -11.87 -48.76 -57.06
N LYS N 336 -13.01 -49.44 -57.13
CA LYS N 336 -14.20 -48.98 -56.42
C LYS N 336 -13.97 -48.97 -54.91
N ALA N 337 -13.33 -50.01 -54.39
CA ALA N 337 -13.06 -50.06 -52.95
C ALA N 337 -12.13 -48.94 -52.51
N LEU N 338 -11.12 -48.65 -53.33
CA LEU N 338 -10.13 -47.64 -52.95
C LEU N 338 -10.79 -46.27 -52.78
N LEU N 339 -11.56 -45.84 -53.78
CA LEU N 339 -12.18 -44.53 -53.70
C LEU N 339 -13.29 -44.49 -52.65
N THR N 340 -14.00 -45.62 -52.47
CA THR N 340 -15.04 -45.67 -51.46
C THR N 340 -14.46 -45.47 -50.06
N GLN N 341 -13.29 -46.07 -49.79
CA GLN N 341 -12.66 -45.90 -48.49
C GLN N 341 -12.37 -44.44 -48.19
N ALA N 342 -11.74 -43.75 -49.13
CA ALA N 342 -11.41 -42.34 -48.91
C ALA N 342 -12.68 -41.50 -48.79
N LEU N 343 -13.72 -41.85 -49.55
CA LEU N 343 -14.97 -41.12 -49.44
C LEU N 343 -15.59 -41.28 -48.06
N ASN N 344 -15.58 -42.49 -47.51
CA ASN N 344 -16.10 -42.70 -46.18
C ASN N 344 -15.26 -41.98 -45.14
N SER N 345 -13.93 -42.03 -45.30
CA SER N 345 -13.04 -41.39 -44.35
C SER N 345 -13.30 -39.89 -44.28
N TYR N 346 -13.47 -39.24 -45.44
CA TYR N 346 -13.88 -37.85 -45.44
C TYR N 346 -15.28 -37.70 -44.88
N LYS N 347 -16.17 -38.65 -45.18
CA LYS N 347 -17.53 -38.59 -44.70
C LYS N 347 -17.59 -38.59 -43.18
N GLU N 348 -16.81 -39.47 -42.54
CA GLU N 348 -16.79 -39.51 -41.09
C GLU N 348 -16.01 -38.36 -40.49
N GLN N 349 -14.96 -37.91 -41.18
CA GLN N 349 -14.12 -36.84 -40.63
C GLN N 349 -14.80 -35.48 -40.72
N ASN N 350 -15.72 -35.31 -41.67
CA ASN N 350 -16.36 -34.01 -41.87
C ASN N 350 -17.87 -34.02 -41.88
N GLY N 351 -18.52 -35.18 -41.97
CA GLY N 351 -19.96 -35.22 -42.00
C GLY N 351 -20.53 -35.19 -43.40
N VAL N 352 -20.08 -34.22 -44.21
CA VAL N 352 -20.52 -34.14 -45.59
C VAL N 352 -19.50 -34.80 -46.51
N PHE N 353 -19.95 -35.15 -47.72
CA PHE N 353 -19.06 -35.70 -48.72
C PHE N 353 -18.22 -34.62 -49.36
N PRO N 354 -17.06 -34.98 -49.93
CA PRO N 354 -16.28 -34.00 -50.69
C PRO N 354 -17.06 -33.52 -51.90
N LYS N 355 -16.87 -32.25 -52.25
CA LYS N 355 -17.46 -31.72 -53.47
C LYS N 355 -16.56 -31.90 -54.68
N GLU N 356 -15.30 -32.27 -54.50
CA GLU N 356 -14.48 -32.82 -55.58
C GLU N 356 -13.34 -33.61 -54.95
N ILE N 357 -12.82 -34.59 -55.69
CA ILE N 357 -11.74 -35.44 -55.23
C ILE N 357 -10.56 -35.22 -56.17
N PHE N 358 -9.44 -34.75 -55.61
CA PHE N 358 -8.24 -34.42 -56.37
C PHE N 358 -7.33 -35.65 -56.39
N ILE N 359 -7.62 -36.58 -57.30
CA ILE N 359 -6.84 -37.81 -57.40
C ILE N 359 -5.59 -37.51 -58.23
N HIS N 360 -4.42 -37.71 -57.65
CA HIS N 360 -3.16 -37.51 -58.34
C HIS N 360 -2.33 -38.79 -58.26
N ALA N 361 -1.46 -38.97 -59.24
CA ALA N 361 -0.63 -40.17 -59.31
C ALA N 361 0.55 -39.89 -60.22
N LYS N 362 1.47 -40.85 -60.27
CA LYS N 362 2.61 -40.77 -61.17
C LYS N 362 2.36 -41.48 -62.50
N THR N 363 1.16 -42.00 -62.72
CA THR N 363 0.86 -42.81 -63.90
C THR N 363 -0.41 -42.31 -64.57
N LYS N 364 -0.62 -42.72 -65.83
CA LYS N 364 -1.83 -42.27 -66.56
C LYS N 364 -3.01 -43.17 -66.15
N PHE N 365 -4.24 -42.67 -66.30
CA PHE N 365 -5.43 -43.46 -65.90
C PHE N 365 -6.16 -43.96 -67.15
N ASN N 366 -6.57 -45.24 -67.15
CA ASN N 366 -7.36 -45.77 -68.25
C ASN N 366 -8.85 -45.64 -67.93
N GLY N 367 -9.68 -45.89 -68.94
CA GLY N 367 -11.09 -45.56 -68.82
C GLY N 367 -11.82 -46.38 -67.78
N GLN N 368 -11.58 -47.70 -67.75
CA GLN N 368 -12.40 -48.57 -66.91
C GLN N 368 -12.22 -48.26 -65.43
N GLU N 369 -10.99 -48.00 -65.00
CA GLU N 369 -10.79 -47.65 -63.59
C GLU N 369 -11.37 -46.28 -63.29
N TRP N 370 -11.26 -45.34 -64.25
CA TRP N 370 -11.91 -44.05 -64.08
C TRP N 370 -13.42 -44.19 -64.06
N ASN N 371 -13.96 -45.07 -64.90
CA ASN N 371 -15.40 -45.32 -64.89
C ASN N 371 -15.84 -45.84 -63.53
N ALA N 372 -15.05 -46.74 -62.94
CA ALA N 372 -15.37 -47.25 -61.62
C ALA N 372 -15.44 -46.12 -60.60
N PHE N 373 -14.52 -45.16 -60.69
CA PHE N 373 -14.56 -44.01 -59.80
C PHE N 373 -15.85 -43.23 -59.99
N GLN N 374 -16.26 -43.05 -61.26
CA GLN N 374 -17.49 -42.32 -61.54
C GLN N 374 -18.70 -43.04 -60.97
N GLU N 375 -18.71 -44.37 -61.06
CA GLU N 375 -19.87 -45.15 -60.61
C GLU N 375 -20.08 -45.01 -59.11
N VAL N 376 -18.98 -45.05 -58.34
CA VAL N 376 -19.08 -44.95 -56.88
C VAL N 376 -19.11 -43.52 -56.39
N THR N 377 -18.74 -42.56 -57.23
CA THR N 377 -18.70 -41.17 -56.79
C THR N 377 -20.11 -40.66 -56.54
N PRO N 378 -20.37 -40.00 -55.41
CA PRO N 378 -21.71 -39.44 -55.18
C PRO N 378 -21.97 -38.24 -56.06
N GLU N 379 -23.20 -37.72 -56.00
CA GLU N 379 -23.59 -36.60 -56.83
C GLU N 379 -22.99 -35.31 -56.30
N GLY N 380 -22.67 -34.39 -57.20
CA GLY N 380 -22.10 -33.12 -56.83
C GLY N 380 -20.61 -33.15 -56.57
N THR N 381 -19.96 -34.30 -56.68
CA THR N 381 -18.54 -34.44 -56.44
C THR N 381 -17.81 -34.57 -57.78
N ASN N 382 -16.85 -33.69 -58.01
CA ASN N 382 -16.06 -33.73 -59.22
C ASN N 382 -14.84 -34.63 -59.03
N LEU N 383 -14.25 -35.04 -60.15
CA LEU N 383 -13.00 -35.80 -60.13
C LEU N 383 -11.96 -35.01 -60.90
N VAL N 384 -10.73 -35.02 -60.39
CA VAL N 384 -9.58 -34.47 -61.08
C VAL N 384 -8.49 -35.51 -61.08
N GLY N 385 -8.03 -35.91 -62.26
CA GLY N 385 -6.93 -36.84 -62.34
C GLY N 385 -5.66 -36.13 -62.79
N VAL N 386 -4.63 -36.14 -61.95
CA VAL N 386 -3.40 -35.41 -62.22
C VAL N 386 -2.25 -36.40 -62.27
N THR N 387 -1.46 -36.32 -63.33
CA THR N 387 -0.28 -37.17 -63.49
C THR N 387 0.97 -36.33 -63.29
N ILE N 388 1.75 -36.66 -62.28
CA ILE N 388 2.93 -35.90 -61.90
C ILE N 388 4.14 -36.78 -62.13
N THR N 389 4.94 -36.45 -63.14
CA THR N 389 6.11 -37.23 -63.50
C THR N 389 7.35 -36.34 -63.44
N LYS N 390 8.49 -36.99 -63.25
CA LYS N 390 9.77 -36.30 -63.09
C LYS N 390 10.77 -36.84 -64.10
N THR N 391 10.35 -36.95 -65.36
CA THR N 391 11.16 -37.56 -66.40
C THR N 391 11.47 -36.64 -67.58
N LYS N 392 10.57 -35.75 -67.97
CA LYS N 392 10.77 -34.97 -69.19
C LYS N 392 11.86 -33.94 -68.97
N PRO N 393 12.95 -33.97 -69.75
CA PRO N 393 14.04 -33.02 -69.53
C PRO N 393 13.71 -31.64 -70.09
N LEU N 394 13.45 -30.68 -69.19
CA LEU N 394 13.23 -29.28 -69.57
C LEU N 394 14.11 -28.45 -68.66
N LYS N 395 15.38 -28.30 -69.02
CA LYS N 395 16.38 -27.60 -68.23
C LYS N 395 16.42 -26.15 -68.68
N LEU N 396 16.05 -25.23 -67.79
CA LEU N 396 16.12 -23.80 -68.08
C LEU N 396 17.34 -23.22 -67.38
N PHE N 397 18.45 -23.11 -68.12
CA PHE N 397 19.66 -22.47 -67.62
C PHE N 397 19.42 -20.97 -67.50
N LYS N 398 19.85 -20.39 -66.39
CA LYS N 398 19.74 -18.94 -66.24
C LYS N 398 20.67 -18.25 -67.22
N SER N 399 20.29 -17.05 -67.66
CA SER N 399 21.08 -16.32 -68.65
C SER N 399 22.45 -15.98 -68.11
N GLU N 400 22.52 -15.13 -67.08
CA GLU N 400 23.77 -14.69 -66.49
C GLU N 400 23.71 -14.94 -64.98
N GLY N 401 24.71 -15.63 -64.45
CA GLY N 401 24.75 -15.92 -63.04
C GLY N 401 25.17 -17.35 -62.74
N ASN N 402 25.07 -17.76 -61.47
CA ASN N 402 25.52 -19.09 -61.09
C ASN N 402 24.53 -19.81 -60.18
N TYR N 403 23.39 -19.21 -59.88
CA TYR N 403 22.40 -19.82 -59.01
C TYR N 403 21.20 -20.26 -59.83
N PRO N 404 20.83 -21.54 -59.80
CA PRO N 404 19.83 -22.05 -60.74
C PRO N 404 18.47 -21.38 -60.65
N ILE N 405 17.57 -21.76 -61.56
CA ILE N 405 16.25 -21.15 -61.62
C ILE N 405 15.57 -21.24 -60.26
N MET N 406 14.87 -20.16 -59.89
CA MET N 406 14.23 -20.10 -58.60
C MET N 406 13.02 -21.02 -58.55
N ARG N 407 12.81 -21.64 -57.39
CA ARG N 407 11.66 -22.51 -57.20
C ARG N 407 10.36 -21.71 -57.32
N GLY N 408 9.36 -22.34 -57.91
CA GLY N 408 8.05 -21.73 -58.04
C GLY N 408 7.69 -21.29 -59.44
N ASN N 409 8.66 -21.21 -60.35
CA ASN N 409 8.36 -20.89 -61.73
C ASN N 409 7.55 -22.01 -62.37
N ALA N 410 6.62 -21.64 -63.23
CA ALA N 410 5.74 -22.61 -63.86
C ALA N 410 5.55 -22.24 -65.32
N PHE N 411 5.64 -23.24 -66.19
CA PHE N 411 5.39 -23.06 -67.62
C PHE N 411 4.06 -23.71 -67.97
N ILE N 412 3.07 -22.89 -68.30
CA ILE N 412 1.76 -23.40 -68.73
C ILE N 412 1.91 -23.85 -70.17
N VAL N 413 2.06 -25.16 -70.37
CA VAL N 413 2.14 -25.70 -71.72
C VAL N 413 0.83 -25.47 -72.46
N ASN N 414 -0.26 -25.83 -71.79
CA ASN N 414 -1.59 -25.62 -72.40
C ASN N 414 -2.63 -25.58 -71.28
N GLU N 415 -3.89 -25.70 -71.65
CA GLU N 415 -4.99 -25.65 -70.68
C GLU N 415 -5.06 -26.90 -69.80
N ARG N 416 -4.39 -27.99 -70.19
CA ARG N 416 -4.47 -29.23 -69.45
C ARG N 416 -3.13 -29.78 -68.99
N SER N 417 -2.06 -28.99 -69.08
CA SER N 417 -0.73 -29.45 -68.67
C SER N 417 0.10 -28.25 -68.26
N ALA N 418 1.23 -28.52 -67.61
CA ALA N 418 2.16 -27.48 -67.18
C ALA N 418 3.46 -28.12 -66.74
N PHE N 419 4.50 -27.29 -66.67
CA PHE N 419 5.77 -27.67 -66.06
C PHE N 419 6.01 -26.78 -64.85
N LEU N 420 6.14 -27.39 -63.68
CA LEU N 420 6.25 -26.67 -62.42
C LEU N 420 7.59 -26.96 -61.78
N TRP N 421 8.26 -25.91 -61.31
CA TRP N 421 9.59 -26.05 -60.72
C TRP N 421 9.45 -26.13 -59.20
N THR N 422 9.26 -27.36 -58.71
CA THR N 422 9.22 -27.55 -57.27
C THR N 422 10.60 -27.50 -56.64
N VAL N 423 11.62 -27.95 -57.37
CA VAL N 423 13.01 -27.87 -56.92
C VAL N 423 13.71 -26.79 -57.73
N GLY N 424 14.45 -25.93 -57.05
CA GLY N 424 15.18 -24.87 -57.71
C GLY N 424 16.10 -24.16 -56.74
N TYR N 425 16.15 -22.83 -56.83
CA TYR N 425 16.85 -22.01 -55.86
C TYR N 425 15.81 -21.40 -54.93
N VAL N 426 15.98 -21.61 -53.64
CA VAL N 426 15.09 -21.05 -52.62
C VAL N 426 15.79 -19.84 -52.00
N PRO N 427 15.20 -18.65 -52.09
CA PRO N 427 15.92 -17.45 -51.59
C PRO N 427 16.13 -17.47 -50.09
N LYS N 428 15.10 -17.81 -49.30
CA LYS N 428 15.18 -17.70 -47.85
C LYS N 428 16.27 -18.59 -47.28
N THR N 429 16.32 -19.84 -47.74
CA THR N 429 17.36 -20.76 -47.28
C THR N 429 18.73 -20.36 -47.79
N GLU N 430 18.80 -19.53 -48.84
CA GLU N 430 20.06 -19.01 -49.37
C GLU N 430 21.01 -20.12 -49.81
N SER N 431 20.50 -21.34 -49.95
CA SER N 431 21.31 -22.48 -50.37
C SER N 431 20.34 -23.52 -50.92
N THR N 432 20.47 -23.82 -52.22
CA THR N 432 19.58 -24.77 -52.88
C THR N 432 19.59 -26.11 -52.17
N LEU N 433 18.39 -26.69 -52.00
CA LEU N 433 18.34 -28.10 -51.61
C LEU N 433 18.93 -28.98 -52.70
N SER N 434 18.93 -28.50 -53.93
CA SER N 434 19.60 -29.17 -55.04
C SER N 434 21.02 -28.62 -55.18
N MET N 435 21.71 -29.00 -56.24
CA MET N 435 23.05 -28.53 -56.54
C MET N 435 23.19 -27.99 -57.96
N GLU N 436 22.46 -28.56 -58.91
CA GLU N 436 22.63 -28.22 -60.32
C GLU N 436 21.27 -27.78 -60.86
N VAL N 437 21.19 -27.66 -62.19
CA VAL N 437 19.95 -27.29 -62.86
C VAL N 437 18.86 -28.28 -62.49
N PRO N 438 17.74 -27.83 -61.98
CA PRO N 438 16.71 -28.76 -61.51
C PRO N 438 15.70 -29.13 -62.58
N ASN N 439 15.41 -30.42 -62.70
CA ASN N 439 14.36 -30.84 -63.61
C ASN N 439 12.99 -30.55 -63.01
N PRO N 440 12.13 -29.86 -63.75
CA PRO N 440 10.76 -29.65 -63.26
C PRO N 440 9.94 -30.92 -63.36
N ILE N 441 8.77 -30.87 -62.74
CA ILE N 441 7.84 -31.99 -62.80
C ILE N 441 6.71 -31.64 -63.75
N PHE N 442 6.39 -32.57 -64.65
CA PHE N 442 5.31 -32.38 -65.61
C PHE N 442 3.98 -32.71 -64.93
N ILE N 443 3.07 -31.75 -64.92
CA ILE N 443 1.77 -31.89 -64.27
C ILE N 443 0.70 -31.81 -65.34
N GLU N 444 -0.11 -32.86 -65.45
CA GLU N 444 -1.14 -32.97 -66.47
C GLU N 444 -2.48 -33.28 -65.81
N ILE N 445 -3.52 -32.55 -66.19
CA ILE N 445 -4.88 -32.89 -65.68
C ILE N 445 -5.41 -34.02 -66.57
N ASN N 446 -4.99 -35.27 -66.29
CA ASN N 446 -5.39 -36.41 -67.16
C ASN N 446 -6.89 -36.38 -67.41
N LYS N 447 -7.69 -36.39 -66.33
CA LYS N 447 -9.16 -36.48 -66.50
C LYS N 447 -9.87 -35.49 -65.58
N GLY N 448 -11.11 -35.13 -65.92
CA GLY N 448 -11.89 -34.21 -65.12
C GLY N 448 -11.63 -32.78 -65.53
N GLU N 449 -12.48 -31.89 -65.03
CA GLU N 449 -12.43 -30.47 -65.37
C GLU N 449 -11.86 -29.70 -64.19
N ALA N 450 -10.68 -29.13 -64.37
CA ALA N 450 -10.02 -28.37 -63.31
C ALA N 450 -9.16 -27.31 -63.96
N ASP N 451 -8.88 -26.25 -63.19
CA ASP N 451 -8.08 -25.13 -63.65
C ASP N 451 -6.61 -25.49 -63.57
N ILE N 452 -5.91 -25.33 -64.71
CA ILE N 452 -4.49 -25.69 -64.75
C ILE N 452 -3.64 -24.80 -63.85
N GLU N 453 -4.11 -23.60 -63.53
CA GLU N 453 -3.39 -22.76 -62.58
C GLU N 453 -3.71 -23.09 -61.14
N GLN N 454 -4.96 -23.44 -60.84
CA GLN N 454 -5.33 -23.83 -59.48
C GLN N 454 -4.71 -25.17 -59.10
N VAL N 455 -4.60 -26.08 -60.06
CA VAL N 455 -3.96 -27.36 -59.79
C VAL N 455 -2.49 -27.16 -59.46
N LEU N 456 -1.82 -26.25 -60.17
CA LEU N 456 -0.41 -26.00 -59.91
C LEU N 456 -0.20 -25.51 -58.47
N LYS N 457 -1.07 -24.63 -58.00
CA LYS N 457 -0.97 -24.15 -56.62
C LYS N 457 -1.16 -25.30 -55.63
N ASP N 458 -2.14 -26.16 -55.88
CA ASP N 458 -2.40 -27.26 -54.96
C ASP N 458 -1.25 -28.26 -54.96
N VAL N 459 -0.69 -28.55 -56.13
CA VAL N 459 0.45 -29.47 -56.20
C VAL N 459 1.64 -28.93 -55.42
N LEU N 460 1.92 -27.63 -55.59
CA LEU N 460 2.98 -27.03 -54.79
C LEU N 460 2.61 -27.01 -53.32
N ALA N 461 1.31 -26.91 -53.00
CA ALA N 461 0.88 -26.91 -51.62
C ALA N 461 1.16 -28.26 -50.96
N LEU N 462 0.94 -29.36 -51.68
CA LEU N 462 1.13 -30.67 -51.11
C LEU N 462 2.59 -31.00 -50.84
N THR N 463 3.52 -30.19 -51.33
CA THR N 463 4.94 -30.41 -51.09
C THR N 463 5.41 -29.85 -49.76
N LYS N 464 4.49 -29.45 -48.89
CA LYS N 464 4.84 -28.79 -47.63
C LYS N 464 4.42 -29.62 -46.41
N LEU N 465 4.20 -30.92 -46.58
CA LEU N 465 3.78 -31.77 -45.47
C LEU N 465 4.74 -32.93 -45.26
N ASN N 466 6.02 -32.73 -45.58
CA ASN N 466 7.02 -33.75 -45.33
C ASN N 466 7.45 -33.66 -43.87
N TYR N 467 7.02 -34.64 -43.07
CA TYR N 467 7.44 -34.70 -41.67
C TYR N 467 8.68 -35.54 -41.48
N ASN N 468 8.99 -36.44 -42.41
CA ASN N 468 10.22 -37.22 -42.33
C ASN N 468 11.47 -36.38 -42.50
N ALA N 469 11.32 -35.13 -42.95
CA ALA N 469 12.43 -34.19 -43.00
C ALA N 469 11.86 -32.80 -42.87
N CYS N 470 12.66 -31.89 -42.31
CA CYS N 470 12.23 -30.52 -42.07
C CYS N 470 12.80 -29.59 -43.13
N ILE N 471 12.90 -30.06 -44.37
CA ILE N 471 13.46 -29.28 -45.46
C ILE N 471 12.48 -28.19 -45.87
N TYR N 472 12.95 -27.25 -46.69
CA TYR N 472 12.09 -26.17 -47.16
C TYR N 472 10.87 -26.72 -47.88
N ALA N 473 11.09 -27.60 -48.86
CA ALA N 473 10.01 -28.26 -49.57
C ALA N 473 10.57 -29.47 -50.30
N ASP N 474 9.68 -30.40 -50.64
CA ASP N 474 10.07 -31.61 -51.32
C ASP N 474 9.81 -31.49 -52.82
N GLY N 475 10.61 -32.21 -53.60
CA GLY N 475 10.47 -32.12 -55.05
C GLY N 475 9.13 -32.62 -55.55
N VAL N 476 8.68 -33.76 -55.05
CA VAL N 476 7.40 -34.33 -55.46
C VAL N 476 6.42 -34.08 -54.33
N PRO N 477 5.13 -34.05 -54.62
CA PRO N 477 4.13 -33.94 -53.54
C PRO N 477 4.31 -35.07 -52.54
N VAL N 478 4.20 -34.75 -51.26
CA VAL N 478 4.49 -35.73 -50.22
C VAL N 478 3.49 -36.86 -50.25
N THR N 479 2.23 -36.57 -50.58
CA THR N 479 1.23 -37.63 -50.66
C THR N 479 1.64 -38.71 -51.64
N LEU N 480 2.37 -38.33 -52.70
CA LEU N 480 2.94 -39.33 -53.59
C LEU N 480 4.22 -39.93 -53.02
N ARG N 481 4.85 -39.26 -52.04
CA ARG N 481 6.04 -39.83 -51.44
C ARG N 481 5.70 -40.70 -50.24
N PHE N 482 4.75 -40.27 -49.42
CA PHE N 482 4.37 -41.09 -48.27
C PHE N 482 3.67 -42.36 -48.68
N ALA N 483 2.81 -42.30 -49.70
CA ALA N 483 2.19 -43.51 -50.21
C ALA N 483 3.24 -44.44 -50.81
N ASP N 484 4.33 -43.89 -51.31
CA ASP N 484 5.44 -44.72 -51.75
C ASP N 484 6.08 -45.44 -50.56
N LYS N 485 6.28 -44.73 -49.46
CA LYS N 485 6.86 -45.35 -48.27
C LYS N 485 5.93 -46.42 -47.71
N ILE N 486 4.63 -46.15 -47.71
CA ILE N 486 3.67 -47.12 -47.18
C ILE N 486 3.70 -48.40 -47.98
N GLY N 487 3.63 -48.29 -49.30
CA GLY N 487 3.67 -49.49 -50.13
C GLY N 487 4.96 -50.26 -49.98
N GLU N 488 6.06 -49.53 -49.81
CA GLU N 488 7.38 -50.18 -49.63
C GLU N 488 7.36 -51.02 -48.34
N ILE N 489 6.61 -50.55 -47.33
CA ILE N 489 6.55 -51.25 -46.01
C ILE N 489 5.44 -52.30 -46.03
N LEU N 490 4.21 -51.88 -46.35
CA LEU N 490 3.05 -52.82 -46.31
C LEU N 490 3.39 -54.09 -47.08
N THR N 491 4.01 -53.97 -48.25
CA THR N 491 4.28 -55.16 -49.10
C THR N 491 5.64 -55.77 -48.77
N ALA N 492 5.95 -55.95 -47.48
CA ALA N 492 7.21 -56.63 -47.15
C ALA N 492 6.93 -57.74 -46.15
N SER N 493 5.66 -58.00 -45.89
CA SER N 493 5.35 -59.17 -45.04
C SER N 493 3.90 -59.59 -45.26
N THR N 494 3.40 -60.44 -44.38
CA THR N 494 2.00 -60.94 -44.50
C THR N 494 1.04 -59.75 -44.52
N GLU N 495 -0.13 -59.93 -45.14
CA GLU N 495 -1.16 -58.86 -45.14
C GLU N 495 -1.72 -58.69 -43.73
N LEU N 496 -1.80 -57.45 -43.24
CA LEU N 496 -2.31 -57.20 -41.86
C LEU N 496 -3.71 -56.59 -41.94
N LYS N 497 -4.58 -57.17 -42.78
CA LYS N 497 -5.98 -56.68 -42.91
C LYS N 497 -5.96 -55.16 -43.12
N ALA N 498 -6.64 -54.40 -42.27
CA ALA N 498 -6.63 -52.93 -42.39
C ALA N 498 -5.39 -52.37 -41.66
N PRO N 499 -4.39 -51.84 -42.39
CA PRO N 499 -3.16 -51.34 -41.78
C PRO N 499 -3.42 -50.04 -41.00
N PRO N 500 -2.60 -49.72 -39.96
CA PRO N 500 -2.77 -48.46 -39.23
C PRO N 500 -2.68 -47.27 -40.21
N LEU N 501 -3.57 -46.29 -40.09
CA LEU N 501 -3.58 -45.18 -41.08
C LEU N 501 -2.70 -44.01 -40.60
N ALA N 502 -2.27 -44.03 -39.33
CA ALA N 502 -1.35 -42.98 -38.84
C ALA N 502 0.03 -43.19 -39.48
N PHE N 503 0.61 -42.14 -40.04
CA PHE N 503 1.93 -42.26 -40.72
C PHE N 503 3.05 -42.35 -39.68
N LYS N 504 2.72 -42.36 -38.38
CA LYS N 504 3.83 -42.30 -37.41
C LYS N 504 4.44 -43.70 -37.40
N TYR N 505 3.73 -44.67 -37.97
CA TYR N 505 4.22 -46.07 -37.88
C TYR N 505 5.06 -46.43 -39.09
N TYR N 506 5.09 -45.62 -40.16
CA TYR N 506 5.79 -45.96 -41.38
C TYR N 506 7.02 -45.09 -41.61
N ILE N 507 6.87 -43.78 -41.51
CA ILE N 507 7.95 -42.86 -41.85
C ILE N 507 9.08 -42.95 -40.83
#